data_8RMM
#
_entry.id   8RMM
#
_cell.length_a   1.00
_cell.length_b   1.00
_cell.length_c   1.00
_cell.angle_alpha   90.00
_cell.angle_beta   90.00
_cell.angle_gamma   90.00
#
_symmetry.space_group_name_H-M   'P 1'
#
loop_
_entity.id
_entity.type
_entity.pdbx_description
1 polymer 'Calcium homeostasis modulator protein 4'
2 polymer 'Synthetic nanobody SbC4'
3 polymer 'Calcium homeostasis modulator protein 2'
4 polymer 'Synthetic nanobody SbC2'
5 non-polymer 'DIUNDECYL PHOSPHATIDYL CHOLINE'
#
loop_
_entity_poly.entity_id
_entity_poly.type
_entity_poly.pdbx_seq_one_letter_code
_entity_poly.pdbx_strand_id
1 'polypeptide(L)'
;MSCPTLNNIVSSLQRNGIFINSLIAALTIGGQQLFSSSTFSCPCQVGKNFYYGSAFLVIPALILLVAGFALRSQMWTITG
EYCCSCAPPYRRISPLECKLACLRFFSITGRAVIAPLTWLAVTLLTGTYYECAASEFASVDHYPMFDNVSASKREEILAG
FPCCRSAPSDVILVRDEIALLHRYQSQMLGWILITLATIAALVSCCVAKCCSPLTSLQHCYWTSHLQNERELFEQAAEQH
SRLLMMHRIKKLFGFIPGSEDVKHIRIPSCQDWKDISVPTLLCMGDDLQGHYSFLGNRVDEDNEEDRSRGIELKPALEVL
FQ
;
A,B,K
2 'polypeptide(L)'
;QGPSQVQLVESGGGLVQAGGSLRLSCAASGFPVYYTHMRWYRQAPGKEREWVAAIYSKGAGTHYADSVKGRFTISRDNAK
NTVYLQMNSLKPEDTAVYYCFVGVGNSYIGQGTQVTVSA
;
L,M,U
3 'polypeptide(L)'
;MSAALIAENFRFLSLFFKSKDVMIFNGLVALGTVGSQELFSVVAFHCPCSPARNYLYGLAAIGVPALVLFIIGIILNNHT
WNLVAECQHRRTKNCSAAPTFLLLSSILGRAAVAPVTWSVISLLRGEAYVCALSEFVDPSSLTAREEHFPSAHATEILAR
FPCKENPDNLSDFREEVSRRLRYESQLFGWLLIGVVAILVFLTKCLKHYCSPLSYRQEAYWAQYRANEDQLFQRTAEVHS
RVLAANNVRRFFGFVALNKDDEELIANFPVEGTQPRPQWNAITGVYLYRENQGLPLYSRLHKWAQGLAGNGAAPDNVEMA
LLPSALEVLFQ
;
C,D,E,F,G,H,I,J
4 'polypeptide(L)'
;QGPSQVQLVESGGGSVQAGGSLRLSCAASGNIRNISYLGWFRQAPGKEREGVAALWTTQGQTYYADSVKGRFTVSLDNAK
NTVYLQMNSLKPEDTALYYCAAATSGQYNPLRGYHYNEYWGQGTQVTVSA
;
O,P,Q,R,S,T,N
#
loop_
_chem_comp.id
_chem_comp.type
_chem_comp.name
_chem_comp.formula
PLC non-polymer 'DIUNDECYL PHOSPHATIDYL CHOLINE' 'C32 H65 N O8 P 1'
#
# COMPACT_ATOMS: atom_id res chain seq x y z
N LEU A 6 19.85 4.56 21.09
CA LEU A 6 19.17 3.73 22.08
C LEU A 6 20.14 2.73 22.70
N ASN A 7 21.03 2.18 21.87
CA ASN A 7 22.06 1.27 22.37
C ASN A 7 23.01 1.99 23.32
N ASN A 8 23.36 3.24 22.99
CA ASN A 8 24.21 4.03 23.88
C ASN A 8 23.52 4.27 25.22
N ILE A 9 22.21 4.52 25.20
CA ILE A 9 21.46 4.69 26.44
C ILE A 9 21.50 3.40 27.26
N VAL A 10 21.35 2.24 26.59
CA VAL A 10 21.40 0.96 27.29
C VAL A 10 22.77 0.76 27.93
N SER A 11 23.83 1.09 27.20
CA SER A 11 25.18 0.97 27.75
C SER A 11 25.37 1.88 28.96
N SER A 12 24.84 3.10 28.89
CA SER A 12 24.92 4.02 30.04
C SER A 12 24.16 3.45 31.23
N LEU A 13 23.00 2.85 31.00
CA LEU A 13 22.28 2.20 32.08
C LEU A 13 23.07 1.03 32.64
N GLN A 14 23.77 0.29 31.78
CA GLN A 14 24.60 -0.82 32.25
C GLN A 14 25.74 -0.32 33.13
N ARG A 15 26.37 0.79 32.74
CA ARG A 15 27.37 1.45 33.58
C ARG A 15 26.85 1.67 35.00
N ASN A 16 25.63 2.21 35.11
CA ASN A 16 25.01 2.37 36.42
C ASN A 16 24.70 1.00 37.00
N GLY A 17 25.01 0.82 38.27
CA GLY A 17 24.79 -0.49 38.86
C GLY A 17 23.35 -0.83 39.14
N ILE A 18 22.48 0.17 39.28
CA ILE A 18 21.12 -0.05 39.77
C ILE A 18 20.35 -0.98 38.84
N PHE A 19 20.44 -0.73 37.54
CA PHE A 19 19.75 -1.59 36.57
C PHE A 19 20.30 -3.00 36.63
N ILE A 20 21.62 -3.14 36.83
CA ILE A 20 22.23 -4.47 36.88
C ILE A 20 21.74 -5.24 38.11
N ASN A 21 21.70 -4.59 39.27
CA ASN A 21 21.19 -5.29 40.47
C ASN A 21 19.72 -5.62 40.31
N SER A 22 18.94 -4.72 39.70
CA SER A 22 17.53 -5.02 39.47
C SER A 22 17.36 -6.23 38.56
N LEU A 23 18.17 -6.31 37.49
CA LEU A 23 18.10 -7.46 36.59
C LEU A 23 18.51 -8.73 37.30
N ILE A 24 19.55 -8.67 38.13
CA ILE A 24 19.98 -9.84 38.89
C ILE A 24 18.89 -10.30 39.84
N ALA A 25 18.25 -9.35 40.53
CA ALA A 25 17.15 -9.71 41.43
C ALA A 25 15.99 -10.33 40.69
N ALA A 26 15.64 -9.78 39.51
CA ALA A 26 14.56 -10.34 38.72
C ALA A 26 14.89 -11.75 38.25
N LEU A 27 16.14 -11.98 37.83
CA LEU A 27 16.55 -13.32 37.42
C LEU A 27 16.48 -14.30 38.59
N THR A 28 16.91 -13.87 39.77
CA THR A 28 16.82 -14.74 40.94
C THR A 28 15.36 -15.05 41.29
N ILE A 29 14.48 -14.05 41.19
CA ILE A 29 13.07 -14.29 41.46
C ILE A 29 12.49 -15.31 40.48
N GLY A 30 12.79 -15.13 39.19
CA GLY A 30 12.32 -16.08 38.20
C GLY A 30 12.85 -17.48 38.42
N GLY A 31 14.13 -17.58 38.77
CA GLY A 31 14.70 -18.88 39.06
C GLY A 31 14.07 -19.55 40.27
N GLN A 32 13.82 -18.77 41.31
CA GLN A 32 13.15 -19.31 42.49
C GLN A 32 11.75 -19.82 42.15
N GLN A 33 10.98 -19.03 41.41
CA GLN A 33 9.64 -19.47 41.04
C GLN A 33 9.69 -20.73 40.19
N LEU A 34 10.61 -20.78 39.21
CA LEU A 34 10.71 -21.96 38.36
C LEU A 34 11.12 -23.19 39.16
N PHE A 35 12.10 -23.05 40.05
CA PHE A 35 12.54 -24.20 40.85
C PHE A 35 11.45 -24.67 41.80
N SER A 36 10.73 -23.74 42.42
CA SER A 36 9.63 -24.12 43.30
C SER A 36 8.53 -24.82 42.54
N SER A 37 8.21 -24.34 41.33
CA SER A 37 7.18 -25.00 40.53
C SER A 37 7.63 -26.37 40.07
N SER A 38 8.90 -26.53 39.72
CA SER A 38 9.36 -27.77 39.11
C SER A 38 9.66 -28.84 40.18
N THR A 39 10.65 -28.57 41.05
CA THR A 39 11.17 -29.60 41.95
C THR A 39 11.18 -29.07 43.39
N PHE A 40 10.04 -29.19 44.07
CA PHE A 40 10.00 -29.14 45.53
C PHE A 40 9.51 -30.45 46.11
N SER A 41 8.29 -30.86 45.75
CA SER A 41 7.70 -32.15 46.10
C SER A 41 7.44 -32.29 47.59
N CYS A 42 7.99 -31.36 48.38
CA CYS A 42 7.81 -31.37 49.86
C CYS A 42 7.64 -32.79 50.42
N PRO A 43 8.73 -33.57 50.60
CA PRO A 43 8.62 -34.91 51.20
C PRO A 43 8.19 -34.89 52.67
N CYS A 44 7.74 -36.03 53.19
CA CYS A 44 7.28 -36.12 54.61
C CYS A 44 8.32 -36.85 55.48
N GLN A 45 9.34 -37.43 54.86
CA GLN A 45 10.40 -38.17 55.59
C GLN A 45 10.27 -37.92 57.09
N VAL A 46 9.69 -38.88 57.82
CA VAL A 46 9.52 -38.72 59.26
C VAL A 46 10.85 -38.38 59.92
N GLY A 47 11.91 -39.07 59.51
CA GLY A 47 13.20 -38.90 60.14
C GLY A 47 13.89 -37.61 59.80
N LYS A 48 14.16 -37.39 58.52
CA LYS A 48 14.95 -36.25 58.06
C LYS A 48 14.13 -35.41 57.09
N ASN A 49 13.49 -34.36 57.61
CA ASN A 49 12.73 -33.41 56.80
C ASN A 49 13.13 -31.95 57.01
N PHE A 50 13.52 -31.56 58.22
CA PHE A 50 14.05 -30.21 58.42
C PHE A 50 15.28 -29.96 57.55
N TYR A 51 16.10 -31.00 57.36
CA TYR A 51 17.30 -30.88 56.57
C TYR A 51 17.00 -30.61 55.09
N TYR A 52 15.91 -31.21 54.57
CA TYR A 52 15.54 -30.94 53.18
C TYR A 52 15.26 -29.46 52.95
N GLY A 53 14.38 -28.89 53.77
CA GLY A 53 14.04 -27.48 53.61
C GLY A 53 15.21 -26.57 53.95
N SER A 54 15.99 -26.94 54.96
CA SER A 54 17.15 -26.13 55.33
C SER A 54 18.17 -26.08 54.18
N ALA A 55 18.41 -27.22 53.53
CA ALA A 55 19.29 -27.23 52.37
C ALA A 55 18.70 -26.37 51.25
N PHE A 56 17.45 -26.60 50.89
CA PHE A 56 16.83 -25.84 49.82
C PHE A 56 16.74 -24.34 50.11
N LEU A 57 16.84 -23.95 51.38
CA LEU A 57 16.82 -22.54 51.73
C LEU A 57 18.23 -21.94 51.74
N VAL A 58 19.21 -22.66 52.27
CA VAL A 58 20.53 -22.10 52.53
C VAL A 58 21.49 -22.35 51.36
N ILE A 59 21.56 -23.59 50.87
CA ILE A 59 22.56 -23.93 49.86
C ILE A 59 22.45 -23.06 48.61
N PRO A 60 21.26 -22.85 48.01
CA PRO A 60 21.23 -21.96 46.84
C PRO A 60 21.74 -20.57 47.13
N ALA A 61 21.52 -20.06 48.34
CA ALA A 61 22.07 -18.76 48.72
C ALA A 61 23.60 -18.80 48.70
N LEU A 62 24.19 -19.88 49.20
CA LEU A 62 25.65 -19.99 49.18
C LEU A 62 26.18 -20.12 47.77
N ILE A 63 25.50 -20.89 46.91
CA ILE A 63 25.98 -21.00 45.53
C ILE A 63 25.89 -19.65 44.83
N LEU A 64 24.83 -18.89 45.09
CA LEU A 64 24.72 -17.56 44.50
C LEU A 64 25.82 -16.62 45.04
N LEU A 65 26.10 -16.69 46.35
CA LEU A 65 27.16 -15.86 46.91
C LEU A 65 28.51 -16.19 46.28
N VAL A 66 28.84 -17.47 46.20
CA VAL A 66 30.15 -17.87 45.69
C VAL A 66 30.26 -17.56 44.20
N ALA A 67 29.19 -17.79 43.44
CA ALA A 67 29.21 -17.45 42.03
C ALA A 67 29.37 -15.95 41.82
N GLY A 68 28.69 -15.13 42.62
CA GLY A 68 28.81 -13.70 42.49
C GLY A 68 30.20 -13.20 42.84
N PHE A 69 30.78 -13.72 43.92
CA PHE A 69 32.09 -13.22 44.35
C PHE A 69 33.22 -13.73 43.46
N ALA A 70 33.15 -15.00 43.03
CA ALA A 70 34.22 -15.57 42.24
C ALA A 70 34.23 -15.05 40.81
N LEU A 71 33.08 -14.62 40.30
CA LEU A 71 32.98 -14.20 38.90
C LEU A 71 33.62 -12.84 38.65
N ARG A 72 33.99 -12.11 39.70
CA ARG A 72 34.59 -10.78 39.55
C ARG A 72 36.10 -10.90 39.66
N SER A 73 36.81 -10.46 38.62
CA SER A 73 38.27 -10.54 38.60
C SER A 73 38.92 -9.57 39.58
N GLN A 74 38.19 -8.56 40.05
CA GLN A 74 38.76 -7.64 41.03
C GLN A 74 39.09 -8.37 42.34
N MET A 75 38.23 -9.30 42.74
CA MET A 75 38.51 -10.08 43.95
C MET A 75 39.76 -10.94 43.74
N TRP A 76 39.93 -11.51 42.55
CA TRP A 76 41.16 -12.24 42.24
C TRP A 76 42.39 -11.34 42.32
N THR A 77 42.31 -10.14 41.76
CA THR A 77 43.46 -9.24 41.80
C THR A 77 43.79 -8.85 43.24
N ILE A 78 42.76 -8.61 44.05
CA ILE A 78 42.98 -8.25 45.45
C ILE A 78 43.64 -9.41 46.20
N THR A 79 43.15 -10.64 45.99
CA THR A 79 43.76 -11.79 46.64
C THR A 79 45.20 -12.00 46.19
N GLY A 80 45.47 -11.81 44.89
CA GLY A 80 46.83 -11.94 44.40
C GLY A 80 47.76 -10.90 45.00
N GLU A 81 47.28 -9.65 45.14
CA GLU A 81 48.08 -8.63 45.79
C GLU A 81 48.34 -8.98 47.25
N TYR A 82 47.32 -9.46 47.95
CA TYR A 82 47.49 -9.86 49.34
C TYR A 82 48.42 -11.06 49.47
N CYS A 83 48.29 -12.03 48.55
CA CYS A 83 49.13 -13.22 48.58
C CYS A 83 50.57 -12.89 48.14
N PRO A 95 48.35 0.04 55.48
CA PRO A 95 48.67 1.38 54.99
C PRO A 95 47.68 1.86 53.93
N LEU A 96 48.16 2.67 52.99
CA LEU A 96 47.31 3.10 51.88
C LEU A 96 46.90 1.93 51.01
N GLU A 97 47.84 1.01 50.74
CA GLU A 97 47.55 -0.13 49.87
C GLU A 97 46.47 -1.04 50.48
N CYS A 98 46.56 -1.31 51.78
CA CYS A 98 45.54 -2.12 52.43
C CYS A 98 44.18 -1.47 52.32
N LYS A 99 44.11 -0.16 52.55
CA LYS A 99 42.84 0.55 52.50
C LYS A 99 42.25 0.54 51.09
N LEU A 100 43.07 0.81 50.06
CA LEU A 100 42.53 0.79 48.70
C LEU A 100 42.09 -0.60 48.30
N ALA A 101 42.85 -1.63 48.70
CA ALA A 101 42.44 -2.99 48.39
C ALA A 101 41.13 -3.36 49.08
N CYS A 102 40.97 -2.96 50.34
CA CYS A 102 39.71 -3.24 51.05
C CYS A 102 38.54 -2.52 50.39
N LEU A 103 38.73 -1.25 50.00
CA LEU A 103 37.67 -0.51 49.33
C LEU A 103 37.33 -1.15 47.99
N ARG A 104 38.34 -1.57 47.23
CA ARG A 104 38.09 -2.21 45.94
C ARG A 104 37.32 -3.51 46.10
N PHE A 105 37.69 -4.31 47.10
CA PHE A 105 36.95 -5.55 47.34
C PHE A 105 35.51 -5.26 47.78
N PHE A 106 35.32 -4.25 48.63
CA PHE A 106 34.00 -3.91 49.11
C PHE A 106 33.11 -3.30 48.03
N SER A 107 33.72 -2.72 46.98
CA SER A 107 32.94 -2.04 45.96
C SER A 107 31.96 -2.99 45.26
N ILE A 108 32.42 -4.20 44.91
CA ILE A 108 31.57 -5.16 44.21
C ILE A 108 30.83 -6.10 45.17
N THR A 109 31.01 -5.92 46.47
CA THR A 109 30.37 -6.81 47.44
C THR A 109 28.85 -6.75 47.33
N GLY A 110 28.30 -5.55 47.15
CA GLY A 110 26.85 -5.42 47.09
C GLY A 110 26.25 -6.18 45.91
N ARG A 111 26.85 -6.03 44.72
CA ARG A 111 26.40 -6.79 43.57
C ARG A 111 26.62 -8.28 43.78
N ALA A 112 27.69 -8.66 44.51
CA ALA A 112 27.92 -10.07 44.78
C ALA A 112 26.81 -10.66 45.64
N VAL A 113 26.34 -9.92 46.66
CA VAL A 113 25.43 -10.49 47.64
C VAL A 113 23.96 -10.18 47.31
N ILE A 114 23.71 -9.32 46.31
CA ILE A 114 22.33 -8.95 46.00
C ILE A 114 21.51 -10.15 45.52
N ALA A 115 22.16 -11.14 44.90
CA ALA A 115 21.44 -12.29 44.37
C ALA A 115 20.99 -13.24 45.48
N PRO A 116 21.90 -13.71 46.37
CA PRO A 116 21.43 -14.59 47.45
C PRO A 116 20.44 -13.93 48.41
N LEU A 117 20.59 -12.64 48.69
CA LEU A 117 19.62 -11.97 49.54
C LEU A 117 18.24 -11.93 48.89
N THR A 118 18.19 -11.67 47.58
CA THR A 118 16.92 -11.71 46.87
C THR A 118 16.34 -13.13 46.91
N TRP A 119 17.19 -14.13 46.73
CA TRP A 119 16.76 -15.53 46.82
C TRP A 119 16.11 -15.79 48.17
N LEU A 120 16.81 -15.41 49.24
CA LEU A 120 16.34 -15.69 50.60
C LEU A 120 15.04 -14.95 50.89
N ALA A 121 14.96 -13.68 50.48
CA ALA A 121 13.74 -12.90 50.72
C ALA A 121 12.56 -13.50 49.98
N VAL A 122 12.75 -13.91 48.73
CA VAL A 122 11.65 -14.50 47.97
C VAL A 122 11.22 -15.83 48.59
N THR A 123 12.19 -16.66 49.00
CA THR A 123 11.84 -17.94 49.60
C THR A 123 11.10 -17.75 50.92
N LEU A 124 11.53 -16.80 51.74
CA LEU A 124 10.85 -16.56 53.01
C LEU A 124 9.47 -15.96 52.80
N LEU A 125 9.31 -15.09 51.79
CA LEU A 125 7.99 -14.56 51.48
C LEU A 125 7.05 -15.66 50.99
N THR A 126 7.55 -16.58 50.17
CA THR A 126 6.71 -17.69 49.71
C THR A 126 6.29 -18.58 50.88
N GLY A 127 7.22 -18.89 51.77
CA GLY A 127 6.91 -19.62 52.98
C GLY A 127 6.80 -21.12 52.83
N THR A 128 6.78 -21.64 51.59
CA THR A 128 6.68 -23.09 51.42
C THR A 128 7.93 -23.80 51.89
N TYR A 129 9.11 -23.21 51.67
CA TYR A 129 10.34 -23.80 52.19
C TYR A 129 10.33 -23.78 53.72
N TYR A 130 9.90 -22.66 54.31
CA TYR A 130 9.79 -22.59 55.77
C TYR A 130 8.73 -23.57 56.29
N GLU A 131 7.69 -23.81 55.50
CA GLU A 131 6.64 -24.74 55.92
C GLU A 131 7.14 -26.18 55.90
N CYS A 132 7.81 -26.58 54.83
CA CYS A 132 8.32 -27.94 54.72
C CYS A 132 9.62 -28.15 55.50
N ALA A 133 10.19 -27.08 56.07
CA ALA A 133 11.41 -27.17 56.86
C ALA A 133 11.16 -27.11 58.36
N ALA A 134 10.22 -26.29 58.81
CA ALA A 134 9.99 -26.08 60.24
C ALA A 134 8.70 -26.72 60.73
N SER A 135 8.18 -27.71 60.00
CA SER A 135 6.95 -28.36 60.43
C SER A 135 7.19 -29.30 61.60
N GLU A 136 8.30 -30.04 61.58
CA GLU A 136 8.59 -30.98 62.65
C GLU A 136 8.97 -30.31 63.96
N PHE A 137 9.21 -28.99 63.96
CA PHE A 137 9.52 -28.25 65.17
C PHE A 137 8.31 -27.53 65.75
N ALA A 138 7.10 -27.89 65.30
CA ALA A 138 5.90 -27.26 65.80
C ALA A 138 5.63 -27.69 67.24
N SER A 139 4.77 -26.92 67.92
CA SER A 139 4.43 -27.15 69.31
C SER A 139 3.13 -27.92 69.42
N VAL A 140 3.10 -28.91 70.31
CA VAL A 140 1.93 -29.75 70.50
C VAL A 140 1.37 -29.68 71.92
N ASP A 141 2.06 -29.02 72.84
CA ASP A 141 1.57 -28.94 74.22
C ASP A 141 0.25 -28.18 74.32
N HIS A 142 0.04 -27.21 73.43
CA HIS A 142 -1.20 -26.44 73.46
C HIS A 142 -2.39 -27.28 73.01
N TYR A 143 -2.19 -28.21 72.07
CA TYR A 143 -3.27 -29.03 71.56
C TYR A 143 -3.43 -30.30 72.40
N PRO A 144 -4.55 -30.47 73.10
CA PRO A 144 -4.77 -31.73 73.82
C PRO A 144 -4.97 -32.93 72.92
N MET A 145 -5.42 -32.73 71.68
CA MET A 145 -5.63 -33.85 70.78
C MET A 145 -4.30 -34.47 70.34
N PHE A 146 -3.22 -33.69 70.37
CA PHE A 146 -1.90 -34.17 70.01
C PHE A 146 -1.09 -34.65 71.21
N ASP A 147 -1.74 -35.18 72.25
CA ASP A 147 -1.02 -35.73 73.39
C ASP A 147 -0.11 -36.88 72.94
N ASN A 148 -0.70 -37.95 72.43
CA ASN A 148 0.02 -39.09 71.86
C ASN A 148 1.03 -39.63 72.87
N VAL A 149 0.48 -40.17 73.96
CA VAL A 149 1.25 -40.62 75.12
C VAL A 149 2.31 -41.65 74.74
N SER A 150 2.13 -42.30 73.57
CA SER A 150 3.12 -43.24 73.09
C SER A 150 4.47 -42.59 72.80
N ALA A 151 4.48 -41.26 72.62
CA ALA A 151 5.68 -40.48 72.32
C ALA A 151 6.34 -40.87 71.01
N SER A 152 5.65 -41.66 70.18
CA SER A 152 6.18 -42.09 68.90
C SER A 152 5.31 -41.70 67.72
N LYS A 153 3.99 -41.94 67.80
CA LYS A 153 3.10 -41.60 66.70
C LYS A 153 3.00 -40.10 66.50
N ARG A 154 3.28 -39.33 67.56
CA ARG A 154 3.19 -37.87 67.47
C ARG A 154 4.16 -37.32 66.43
N GLU A 155 5.43 -37.76 66.47
CA GLU A 155 6.39 -37.21 65.51
C GLU A 155 6.12 -37.68 64.09
N GLU A 156 5.70 -38.94 63.90
CA GLU A 156 5.41 -39.37 62.53
C GLU A 156 4.24 -38.59 61.94
N ILE A 157 3.17 -38.39 62.72
CA ILE A 157 2.06 -37.63 62.17
C ILE A 157 2.46 -36.17 61.97
N LEU A 158 3.28 -35.61 62.87
CA LEU A 158 3.74 -34.24 62.75
C LEU A 158 4.54 -34.04 61.47
N ALA A 159 5.41 -35.00 61.14
CA ALA A 159 6.22 -34.91 59.92
C ALA A 159 5.42 -35.25 58.68
N GLY A 160 4.38 -36.09 58.81
CA GLY A 160 3.67 -36.57 57.64
C GLY A 160 2.48 -35.75 57.20
N PHE A 161 1.86 -34.99 58.10
CA PHE A 161 0.69 -34.23 57.67
C PHE A 161 1.01 -33.08 56.72
N PRO A 162 2.12 -32.32 56.91
CA PRO A 162 2.32 -31.14 56.04
C PRO A 162 2.54 -31.48 54.58
N CYS A 163 2.94 -32.72 54.25
CA CYS A 163 3.39 -33.00 52.89
C CYS A 163 2.24 -33.22 51.91
N CYS A 164 1.53 -34.34 52.05
CA CYS A 164 0.34 -34.59 51.22
C CYS A 164 -0.76 -35.30 51.99
N ARG A 165 -0.52 -35.64 53.25
CA ARG A 165 -1.44 -36.48 54.02
C ARG A 165 -2.54 -35.58 54.58
N SER A 166 -3.58 -35.36 53.77
CA SER A 166 -4.71 -34.57 54.24
C SER A 166 -5.39 -35.24 55.41
N ALA A 167 -5.93 -36.44 55.19
CA ALA A 167 -6.60 -37.25 56.20
C ALA A 167 -7.68 -36.44 56.92
N PRO A 168 -8.80 -36.13 56.26
CA PRO A 168 -9.85 -35.35 56.90
C PRO A 168 -10.53 -36.11 58.03
N SER A 169 -9.85 -36.26 59.16
CA SER A 169 -10.38 -37.00 60.30
C SER A 169 -10.46 -36.10 61.52
N ASP A 170 -11.05 -34.91 61.36
CA ASP A 170 -11.21 -33.95 62.49
C ASP A 170 -9.82 -33.45 62.93
N VAL A 171 -8.81 -33.62 62.08
CA VAL A 171 -7.47 -33.14 62.38
C VAL A 171 -7.07 -31.97 61.48
N ILE A 172 -7.63 -31.89 60.26
CA ILE A 172 -7.15 -30.94 59.27
C ILE A 172 -7.23 -29.52 59.79
N LEU A 173 -8.36 -29.15 60.40
CA LEU A 173 -8.49 -27.80 60.93
C LEU A 173 -7.31 -27.46 61.84
N VAL A 174 -6.98 -28.37 62.77
CA VAL A 174 -5.83 -28.16 63.63
C VAL A 174 -4.59 -27.92 62.80
N ARG A 175 -4.30 -28.82 61.85
CA ARG A 175 -3.08 -28.67 61.08
C ARG A 175 -3.11 -27.37 60.29
N ASP A 176 -4.29 -26.99 59.79
CA ASP A 176 -4.41 -25.74 59.05
C ASP A 176 -3.88 -24.61 59.91
N GLU A 177 -4.33 -24.55 61.16
CA GLU A 177 -3.90 -23.49 62.06
C GLU A 177 -2.39 -23.42 62.13
N ILE A 178 -1.74 -24.58 62.38
CA ILE A 178 -0.29 -24.56 62.54
C ILE A 178 0.36 -24.01 61.28
N ALA A 179 -0.12 -24.45 60.11
CA ALA A 179 0.41 -23.92 58.86
C ALA A 179 0.34 -22.40 58.86
N LEU A 180 -0.84 -21.86 59.16
CA LEU A 180 -0.99 -20.41 59.22
C LEU A 180 0.06 -19.79 60.11
N LEU A 181 0.22 -20.34 61.33
CA LEU A 181 1.20 -19.79 62.25
C LEU A 181 2.57 -19.75 61.60
N HIS A 182 3.02 -20.89 61.06
CA HIS A 182 4.32 -20.92 60.41
C HIS A 182 4.38 -19.88 59.30
N ARG A 183 3.35 -19.83 58.46
CA ARG A 183 3.33 -18.83 57.39
C ARG A 183 3.53 -17.45 57.98
N TYR A 184 2.73 -17.10 59.00
CA TYR A 184 2.89 -15.82 59.65
C TYR A 184 4.32 -15.64 60.12
N GLN A 185 4.82 -16.63 60.88
CA GLN A 185 6.19 -16.54 61.37
C GLN A 185 7.15 -16.39 60.21
N SER A 186 6.96 -17.18 59.16
CA SER A 186 7.84 -17.09 58.00
C SER A 186 7.94 -15.66 57.52
N GLN A 187 6.78 -15.02 57.31
CA GLN A 187 6.78 -13.66 56.81
C GLN A 187 7.63 -12.77 57.70
N MET A 188 7.39 -12.84 59.02
CA MET A 188 8.14 -12.01 59.95
C MET A 188 9.63 -12.20 59.73
N LEU A 189 10.08 -13.46 59.69
CA LEU A 189 11.49 -13.72 59.53
C LEU A 189 12.01 -13.00 58.30
N GLY A 190 11.34 -13.20 57.16
CA GLY A 190 11.78 -12.54 55.95
C GLY A 190 11.87 -11.04 56.13
N TRP A 191 10.78 -10.45 56.65
CA TRP A 191 10.77 -9.02 56.88
C TRP A 191 11.97 -8.61 57.72
N ILE A 192 12.16 -9.31 58.85
CA ILE A 192 13.25 -8.96 59.74
C ILE A 192 14.56 -8.96 58.98
N LEU A 193 14.80 -10.04 58.22
CA LEU A 193 16.05 -10.16 57.48
C LEU A 193 16.25 -8.93 56.61
N ILE A 194 15.23 -8.57 55.84
CA ILE A 194 15.36 -7.44 54.93
C ILE A 194 15.78 -6.21 55.71
N THR A 195 15.08 -5.93 56.82
CA THR A 195 15.42 -4.77 57.62
C THR A 195 16.88 -4.81 58.02
N LEU A 196 17.32 -5.93 58.60
CA LEU A 196 18.70 -6.03 59.02
C LEU A 196 19.63 -5.79 57.85
N ALA A 197 19.33 -6.44 56.72
CA ALA A 197 20.17 -6.27 55.53
C ALA A 197 20.32 -4.79 55.22
N THR A 198 19.19 -4.08 55.15
CA THR A 198 19.23 -2.66 54.85
C THR A 198 20.15 -1.94 55.82
N ILE A 199 19.95 -2.17 57.12
CA ILE A 199 20.78 -1.50 58.13
C ILE A 199 22.25 -1.80 57.86
N ALA A 200 22.58 -3.08 57.63
CA ALA A 200 23.96 -3.45 57.36
C ALA A 200 24.50 -2.63 56.20
N ALA A 201 23.75 -2.58 55.10
CA ALA A 201 24.18 -1.80 53.94
C ALA A 201 24.54 -0.38 54.36
N LEU A 202 23.63 0.27 55.09
CA LEU A 202 23.88 1.64 55.51
C LEU A 202 25.19 1.72 56.28
N VAL A 203 25.36 0.86 57.30
CA VAL A 203 26.56 0.97 58.11
C VAL A 203 27.78 0.66 57.26
N SER A 204 27.64 -0.27 56.30
CA SER A 204 28.76 -0.54 55.40
C SER A 204 29.14 0.71 54.64
N CYS A 205 28.15 1.41 54.09
CA CYS A 205 28.44 2.67 53.42
C CYS A 205 29.09 3.66 54.38
N CYS A 206 28.64 3.65 55.64
CA CYS A 206 29.27 4.53 56.62
C CYS A 206 30.75 4.22 56.75
N VAL A 207 31.10 2.93 56.79
CA VAL A 207 32.51 2.56 56.80
C VAL A 207 33.19 3.04 55.53
N ALA A 208 32.51 2.87 54.39
CA ALA A 208 33.05 3.36 53.13
C ALA A 208 33.19 4.88 53.12
N LYS A 209 32.48 5.56 54.02
CA LYS A 209 32.60 7.01 54.14
C LYS A 209 33.33 7.42 55.42
N CYS A 210 33.92 6.46 56.13
CA CYS A 210 34.68 6.77 57.34
C CYS A 210 36.12 6.27 57.28
N CYS A 211 36.34 5.07 56.75
CA CYS A 211 37.67 4.50 56.66
C CYS A 211 38.34 4.76 55.30
N SER A 212 37.66 5.45 54.40
CA SER A 212 38.21 5.70 53.07
C SER A 212 39.19 6.86 53.12
N PRO A 213 40.46 6.66 52.75
CA PRO A 213 41.39 7.80 52.66
C PRO A 213 41.02 8.78 51.57
N LEU A 214 40.28 8.34 50.56
CA LEU A 214 39.95 9.19 49.43
C LEU A 214 38.88 10.22 49.83
N THR A 215 38.97 11.40 49.21
CA THR A 215 37.98 12.43 49.44
C THR A 215 36.74 12.16 48.58
N SER A 216 35.84 13.13 48.48
CA SER A 216 34.63 12.96 47.70
C SER A 216 34.89 12.86 46.20
N LEU A 217 36.09 13.23 45.74
CA LEU A 217 36.41 13.21 44.33
C LEU A 217 37.41 12.12 43.92
N GLN A 218 38.22 11.63 44.85
CA GLN A 218 39.29 10.72 44.50
C GLN A 218 38.80 9.30 44.20
N HIS A 219 37.68 8.89 44.78
CA HIS A 219 37.20 7.52 44.60
C HIS A 219 36.79 7.26 43.15
N CYS A 220 35.95 8.13 42.59
CA CYS A 220 35.51 7.95 41.21
C CYS A 220 36.68 8.05 40.25
N TYR A 221 37.60 8.99 40.50
CA TYR A 221 38.78 9.11 39.66
C TYR A 221 39.63 7.85 39.70
N TRP A 222 39.80 7.28 40.90
CA TRP A 222 40.60 6.06 41.03
C TRP A 222 39.95 4.89 40.30
N THR A 223 38.63 4.73 40.45
CA THR A 223 37.94 3.64 39.78
C THR A 223 38.00 3.79 38.27
N SER A 224 37.78 5.01 37.77
CA SER A 224 37.88 5.26 36.35
C SER A 224 39.30 5.00 35.84
N HIS A 225 40.31 5.38 36.64
CA HIS A 225 41.68 5.11 36.25
C HIS A 225 41.93 3.61 36.12
N LEU A 226 41.46 2.83 37.10
CA LEU A 226 41.69 1.39 37.04
C LEU A 226 41.01 0.77 35.82
N GLN A 227 39.74 1.12 35.58
CA GLN A 227 39.02 0.54 34.45
C GLN A 227 39.63 0.96 33.12
N ASN A 228 39.92 2.25 32.97
CA ASN A 228 40.52 2.74 31.74
C ASN A 228 41.89 2.12 31.51
N GLU A 229 42.69 1.99 32.57
CA GLU A 229 44.03 1.45 32.40
C GLU A 229 44.00 -0.01 32.02
N ARG A 230 43.08 -0.79 32.62
CA ARG A 230 42.98 -2.19 32.24
C ARG A 230 42.56 -2.32 30.78
N GLU A 231 41.60 -1.49 30.33
CA GLU A 231 41.13 -1.56 28.95
C GLU A 231 42.22 -1.18 27.96
N LEU A 232 42.88 -0.05 28.20
CA LEU A 232 43.93 0.36 27.26
C LEU A 232 45.11 -0.58 27.29
N PHE A 233 45.43 -1.15 28.46
CA PHE A 233 46.52 -2.11 28.51
C PHE A 233 46.20 -3.36 27.71
N GLU A 234 44.98 -3.90 27.84
CA GLU A 234 44.66 -5.10 27.08
C GLU A 234 44.66 -4.81 25.58
N GLN A 235 44.10 -3.65 25.17
CA GLN A 235 44.09 -3.32 23.75
C GLN A 235 45.51 -3.13 23.20
N ALA A 236 46.36 -2.42 23.95
CA ALA A 236 47.74 -2.21 23.50
C ALA A 236 48.51 -3.51 23.47
N ALA A 237 48.26 -4.41 24.43
CA ALA A 237 48.92 -5.71 24.43
C ALA A 237 48.51 -6.53 23.20
N GLU A 238 47.22 -6.53 22.87
CA GLU A 238 46.76 -7.22 21.67
C GLU A 238 47.43 -6.65 20.43
N GLN A 239 47.47 -5.32 20.32
CA GLN A 239 48.09 -4.69 19.17
C GLN A 239 49.57 -5.04 19.06
N HIS A 240 50.29 -4.97 20.18
CA HIS A 240 51.71 -5.27 20.16
C HIS A 240 51.98 -6.72 19.82
N SER A 241 51.14 -7.64 20.31
CA SER A 241 51.30 -9.05 19.95
C SER A 241 51.08 -9.26 18.47
N ARG A 242 50.03 -8.65 17.91
CA ARG A 242 49.77 -8.78 16.48
C ARG A 242 50.93 -8.23 15.66
N LEU A 243 51.49 -7.10 16.10
CA LEU A 243 52.58 -6.46 15.37
C LEU A 243 53.86 -7.29 15.45
N LEU A 244 54.16 -7.83 16.63
CA LEU A 244 55.32 -8.70 16.77
C LEU A 244 55.18 -9.91 15.86
N MET A 245 53.97 -10.48 15.77
CA MET A 245 53.84 -11.64 14.89
C MET A 245 53.81 -11.25 13.42
N MET A 246 53.36 -10.05 13.04
CA MET A 246 53.47 -9.73 11.62
C MET A 246 54.95 -9.74 11.27
N HIS A 247 55.78 -9.21 12.17
CA HIS A 247 57.22 -9.20 11.92
C HIS A 247 57.80 -10.61 11.89
N ARG A 248 57.34 -11.47 12.80
CA ARG A 248 57.83 -12.84 12.81
C ARG A 248 57.49 -13.57 11.51
N ILE A 249 56.25 -13.40 11.04
CA ILE A 249 55.83 -14.02 9.78
C ILE A 249 56.55 -13.38 8.60
N LYS A 250 56.83 -12.07 8.66
CA LYS A 250 57.59 -11.43 7.60
C LYS A 250 58.99 -12.03 7.49
N LYS A 251 59.63 -12.28 8.63
CA LYS A 251 60.91 -13.00 8.60
C LYS A 251 60.70 -14.41 8.07
N LEU A 252 59.58 -15.04 8.44
CA LEU A 252 59.36 -16.45 8.16
C LEU A 252 59.14 -16.71 6.67
N PHE A 253 58.02 -16.20 6.13
CA PHE A 253 57.62 -16.48 4.75
C PHE A 253 58.13 -15.43 3.77
N GLY A 254 58.86 -14.42 4.23
CA GLY A 254 59.43 -13.42 3.35
C GLY A 254 58.51 -12.30 2.95
N PHE A 255 57.24 -12.31 3.38
CA PHE A 255 56.32 -11.24 3.05
C PHE A 255 55.51 -10.85 4.28
N ILE A 256 55.08 -9.60 4.30
CA ILE A 256 54.35 -9.06 5.45
C ILE A 256 52.92 -9.55 5.41
N PRO A 257 52.37 -10.06 6.51
CA PRO A 257 50.94 -10.42 6.54
C PRO A 257 50.07 -9.20 6.29
N GLY A 258 48.97 -9.41 5.58
CA GLY A 258 48.08 -8.33 5.23
C GLY A 258 48.57 -7.44 4.11
N SER A 259 49.66 -7.81 3.44
CA SER A 259 50.23 -7.04 2.35
C SER A 259 50.19 -7.87 1.07
N GLU A 260 50.80 -7.33 0.03
CA GLU A 260 50.90 -8.01 -1.27
C GLU A 260 52.26 -8.67 -1.39
N ASP A 261 52.28 -9.95 -1.74
CA ASP A 261 53.50 -10.73 -1.81
C ASP A 261 53.87 -11.10 -3.25
N VAL A 262 53.67 -10.17 -4.18
CA VAL A 262 54.13 -10.38 -5.56
C VAL A 262 55.60 -10.08 -5.72
N LYS A 263 56.31 -9.75 -4.64
CA LYS A 263 57.73 -9.39 -4.72
C LYS A 263 58.63 -10.59 -4.44
N HIS A 264 58.56 -11.14 -3.21
CA HIS A 264 59.46 -12.21 -2.80
C HIS A 264 58.69 -13.29 -2.06
N ILE A 265 59.13 -14.53 -2.23
CA ILE A 265 58.57 -15.68 -1.52
C ILE A 265 59.72 -16.53 -1.00
N ARG A 266 59.64 -16.90 0.28
CA ARG A 266 60.75 -17.56 0.94
C ARG A 266 60.89 -19.02 0.49
N ILE A 267 59.77 -19.71 0.34
CA ILE A 267 59.73 -21.15 0.07
C ILE A 267 60.53 -21.85 1.16
N PRO A 268 60.01 -21.93 2.38
CA PRO A 268 60.83 -22.42 3.50
C PRO A 268 61.12 -23.91 3.39
N SER A 269 62.22 -24.31 4.03
CA SER A 269 62.61 -25.71 4.10
C SER A 269 61.90 -26.38 5.28
N CYS A 270 62.14 -27.69 5.44
CA CYS A 270 61.49 -28.45 6.49
C CYS A 270 62.00 -28.07 7.87
N GLN A 271 63.29 -27.76 7.98
CA GLN A 271 63.86 -27.40 9.27
C GLN A 271 63.34 -26.07 9.81
N ASP A 272 62.74 -25.24 8.95
CA ASP A 272 62.32 -23.92 9.39
C ASP A 272 61.06 -24.02 10.26
N TRP A 273 60.17 -24.98 9.95
CA TRP A 273 58.89 -25.08 10.65
C TRP A 273 59.09 -25.26 12.16
N LYS A 274 60.15 -25.96 12.55
CA LYS A 274 60.42 -26.18 13.97
C LYS A 274 60.90 -24.91 14.67
N ASP A 275 61.37 -23.91 13.92
CA ASP A 275 61.86 -22.68 14.55
C ASP A 275 60.73 -21.91 15.22
N ILE A 276 59.55 -21.87 14.60
CA ILE A 276 58.42 -21.12 15.13
C ILE A 276 57.64 -21.99 16.11
N SER A 277 58.17 -23.16 16.43
CA SER A 277 57.54 -24.08 17.37
C SER A 277 57.97 -23.85 18.80
N VAL A 278 58.85 -22.87 19.05
CA VAL A 278 59.24 -22.56 20.43
C VAL A 278 58.04 -22.14 21.28
N PRO A 279 57.15 -21.25 20.82
CA PRO A 279 56.01 -20.92 21.69
C PRO A 279 54.77 -21.77 21.39
N GLN B 5 -1.38 -50.92 84.00
CA GLN B 5 -2.32 -51.80 84.68
C GLN B 5 -3.75 -51.50 84.24
N VAL B 6 -3.90 -50.46 83.43
CA VAL B 6 -5.23 -50.03 82.97
C VAL B 6 -5.67 -50.94 81.84
N GLN B 7 -6.85 -51.55 82.01
CA GLN B 7 -7.41 -52.46 81.02
C GLN B 7 -8.68 -51.86 80.44
N LEU B 8 -8.81 -51.93 79.12
CA LEU B 8 -9.97 -51.41 78.40
C LEU B 8 -10.74 -52.56 77.79
N VAL B 9 -12.04 -52.64 78.11
CA VAL B 9 -12.92 -53.68 77.58
C VAL B 9 -14.13 -53.02 76.96
N GLU B 10 -14.50 -53.46 75.76
CA GLU B 10 -15.63 -52.89 75.04
C GLU B 10 -16.88 -53.72 75.33
N SER B 11 -17.94 -53.03 75.75
CA SER B 11 -19.20 -53.69 76.10
C SER B 11 -20.36 -52.92 75.49
N GLY B 12 -21.47 -53.63 75.29
CA GLY B 12 -22.66 -53.05 74.71
C GLY B 12 -22.83 -53.27 73.23
N GLY B 13 -21.99 -54.07 72.60
CA GLY B 13 -22.09 -54.33 71.18
C GLY B 13 -23.11 -55.41 70.85
N GLY B 14 -23.13 -55.80 69.60
CA GLY B 14 -24.03 -56.82 69.10
C GLY B 14 -24.51 -56.47 67.72
N LEU B 15 -25.65 -57.04 67.33
CA LEU B 15 -26.25 -56.82 66.03
C LEU B 15 -27.57 -56.07 66.23
N VAL B 16 -27.69 -54.92 65.58
CA VAL B 16 -28.90 -54.12 65.59
C VAL B 16 -29.25 -53.76 64.16
N GLN B 17 -30.51 -53.91 63.78
CA GLN B 17 -30.95 -53.61 62.43
C GLN B 17 -31.01 -52.10 62.21
N ALA B 18 -31.37 -51.72 61.00
CA ALA B 18 -31.46 -50.30 60.65
C ALA B 18 -32.59 -49.63 61.41
N GLY B 19 -32.34 -48.38 61.84
CA GLY B 19 -33.30 -47.63 62.60
C GLY B 19 -33.22 -47.81 64.10
N GLY B 20 -32.40 -48.73 64.59
CA GLY B 20 -32.26 -48.99 66.00
C GLY B 20 -31.23 -48.08 66.65
N SER B 21 -30.99 -48.34 67.94
CA SER B 21 -30.02 -47.62 68.72
C SER B 21 -29.09 -48.59 69.42
N LEU B 22 -27.84 -48.16 69.62
CA LEU B 22 -26.84 -48.99 70.29
C LEU B 22 -26.03 -48.15 71.27
N ARG B 23 -25.61 -48.77 72.36
CA ARG B 23 -24.86 -48.12 73.43
C ARG B 23 -23.55 -48.85 73.62
N LEU B 24 -22.44 -48.13 73.54
CA LEU B 24 -21.11 -48.69 73.68
C LEU B 24 -20.49 -48.21 74.99
N SER B 25 -20.05 -49.15 75.82
CA SER B 25 -19.50 -48.85 77.13
C SER B 25 -18.11 -49.46 77.25
N CYS B 26 -17.15 -48.64 77.68
CA CYS B 26 -15.78 -49.10 77.91
C CYS B 26 -15.36 -48.74 79.31
N ALA B 27 -14.78 -49.71 80.03
CA ALA B 27 -14.35 -49.52 81.40
C ALA B 27 -12.85 -49.26 81.43
N ALA B 28 -12.46 -48.18 82.09
CA ALA B 28 -11.05 -47.82 82.27
C ALA B 28 -10.72 -47.85 83.76
N SER B 29 -9.66 -48.58 84.11
CA SER B 29 -9.25 -48.71 85.50
C SER B 29 -8.09 -47.78 85.82
N HIS B 37 -9.49 -37.88 78.79
CA HIS B 37 -9.23 -37.72 77.38
C HIS B 37 -9.33 -39.06 76.65
N MET B 38 -10.56 -39.46 76.33
CA MET B 38 -10.82 -40.74 75.70
C MET B 38 -11.05 -40.56 74.21
N ARG B 39 -10.86 -41.65 73.46
CA ARG B 39 -11.09 -41.65 72.01
C ARG B 39 -11.84 -42.90 71.60
N TRP B 40 -12.64 -42.77 70.54
CA TRP B 40 -13.43 -43.86 69.98
C TRP B 40 -13.05 -44.03 68.51
N TYR B 41 -12.91 -45.28 68.08
CA TYR B 41 -12.47 -45.61 66.73
C TYR B 41 -13.22 -46.83 66.19
N ARG B 42 -13.24 -46.93 64.85
CA ARG B 42 -13.90 -48.03 64.14
C ARG B 42 -13.05 -48.46 62.96
N GLN B 43 -13.25 -49.70 62.52
CA GLN B 43 -12.52 -50.26 61.38
C GLN B 43 -13.42 -51.16 60.53
N ARG B 49 -8.66 -48.50 60.32
CA ARG B 49 -9.14 -47.87 61.54
C ARG B 49 -9.53 -46.42 61.29
N GLU B 50 -10.74 -46.05 61.69
CA GLU B 50 -11.30 -44.73 61.45
C GLU B 50 -11.60 -44.04 62.78
N TRP B 51 -11.15 -42.79 62.91
CA TRP B 51 -11.45 -42.02 64.11
C TRP B 51 -12.94 -41.73 64.19
N VAL B 52 -13.50 -41.87 65.39
CA VAL B 52 -14.93 -41.73 65.61
C VAL B 52 -15.24 -40.50 66.47
N ALA B 53 -14.81 -40.51 67.72
CA ALA B 53 -15.14 -39.41 68.63
C ALA B 53 -14.07 -39.34 69.72
N ALA B 54 -14.00 -38.18 70.36
CA ALA B 54 -13.05 -37.96 71.44
C ALA B 54 -13.69 -37.05 72.48
N ILE B 55 -13.18 -37.16 73.71
CA ILE B 55 -13.69 -36.38 74.83
C ILE B 55 -12.50 -35.81 75.61
N TYR B 56 -12.78 -34.83 76.47
CA TYR B 56 -11.71 -34.21 77.29
C TYR B 56 -11.67 -34.88 78.66
N ALA B 60 -15.62 -32.58 79.74
CA ALA B 60 -16.92 -32.84 79.12
C ALA B 60 -16.95 -32.40 77.67
N GLY B 61 -15.92 -31.67 77.24
CA GLY B 61 -15.83 -31.24 75.86
C GLY B 61 -15.76 -32.42 74.92
N THR B 62 -16.49 -32.34 73.82
CA THR B 62 -16.70 -33.47 72.93
C THR B 62 -16.48 -33.09 71.47
N HIS B 63 -16.03 -34.08 70.69
CA HIS B 63 -15.77 -33.93 69.26
C HIS B 63 -16.41 -35.08 68.50
N TYR B 64 -16.90 -34.80 67.28
CA TYR B 64 -17.49 -35.82 66.42
C TYR B 64 -16.93 -35.70 65.01
N ALA B 65 -16.70 -36.85 64.38
CA ALA B 65 -16.25 -36.86 62.99
C ALA B 65 -17.39 -36.43 62.07
N ASP B 66 -17.00 -35.87 60.91
CA ASP B 66 -17.99 -35.40 59.95
C ASP B 66 -18.80 -36.56 59.38
N SER B 67 -18.16 -37.71 59.14
CA SER B 67 -18.87 -38.85 58.56
C SER B 67 -19.94 -39.39 59.50
N VAL B 68 -19.76 -39.23 60.81
CA VAL B 68 -20.71 -39.72 61.79
C VAL B 68 -21.38 -38.57 62.56
N LYS B 69 -21.27 -37.35 62.04
CA LYS B 69 -21.88 -36.19 62.68
C LYS B 69 -23.40 -36.26 62.57
N GLY B 70 -24.08 -35.78 63.60
CA GLY B 70 -25.53 -35.81 63.63
C GLY B 70 -26.13 -37.12 64.07
N ARG B 71 -25.29 -38.08 64.46
CA ARG B 71 -25.77 -39.42 64.77
C ARG B 71 -25.19 -39.98 66.05
N PHE B 72 -23.99 -39.53 66.44
CA PHE B 72 -23.25 -40.20 67.47
C PHE B 72 -23.27 -39.32 68.71
N THR B 73 -23.20 -39.92 69.90
CA THR B 73 -23.06 -39.14 71.13
C THR B 73 -22.21 -39.90 72.14
N ILE B 74 -21.22 -39.23 72.70
CA ILE B 74 -20.27 -39.80 73.64
C ILE B 74 -20.31 -39.02 74.95
N SER B 75 -20.40 -39.74 76.07
CA SER B 75 -20.35 -39.14 77.39
C SER B 75 -19.57 -40.04 78.32
N ARG B 76 -18.97 -39.45 79.35
CA ARG B 76 -18.19 -40.21 80.33
C ARG B 76 -18.50 -39.69 81.73
N ASP B 77 -18.46 -40.60 82.70
CA ASP B 77 -18.65 -40.26 84.10
C ASP B 77 -17.46 -40.74 84.90
N ASN B 78 -16.89 -39.86 85.73
CA ASN B 78 -15.69 -40.19 86.47
C ASN B 78 -15.96 -41.13 87.63
N ALA B 79 -17.19 -41.13 88.16
CA ALA B 79 -17.50 -41.97 89.31
C ALA B 79 -17.39 -43.45 88.96
N LYS B 80 -17.93 -43.85 87.81
CA LYS B 80 -17.88 -45.25 87.39
C LYS B 80 -16.65 -45.57 86.55
N ASN B 81 -15.87 -44.57 86.16
CA ASN B 81 -14.69 -44.75 85.31
C ASN B 81 -15.04 -45.46 84.00
N THR B 82 -16.20 -45.11 83.43
CA THR B 82 -16.68 -45.70 82.20
C THR B 82 -17.08 -44.60 81.23
N VAL B 83 -16.94 -44.90 79.94
CA VAL B 83 -17.28 -43.97 78.87
C VAL B 83 -18.42 -44.56 78.05
N TYR B 84 -19.48 -43.79 77.88
CA TYR B 84 -20.69 -44.24 77.21
C TYR B 84 -20.80 -43.56 75.86
N LEU B 85 -21.13 -44.33 74.83
CA LEU B 85 -21.33 -43.81 73.49
C LEU B 85 -22.78 -44.06 73.08
N GLN B 86 -23.51 -42.98 72.78
CA GLN B 86 -24.92 -43.04 72.40
C GLN B 86 -25.02 -43.04 70.89
N MET B 87 -25.79 -43.97 70.35
CA MET B 87 -25.90 -44.17 68.92
C MET B 87 -27.36 -44.31 68.54
N ASN B 88 -27.81 -43.51 67.56
CA ASN B 88 -29.22 -43.41 67.22
C ASN B 88 -29.41 -43.59 65.71
N SER B 89 -30.47 -44.31 65.34
CA SER B 89 -30.86 -44.51 63.95
C SER B 89 -29.69 -45.06 63.12
N LEU B 90 -29.26 -46.26 63.50
CA LEU B 90 -28.10 -46.87 62.88
C LEU B 90 -28.44 -47.38 61.48
N LYS B 91 -27.43 -47.44 60.62
CA LYS B 91 -27.58 -47.87 59.24
C LYS B 91 -26.51 -48.91 58.90
N PRO B 92 -26.75 -49.72 57.85
CA PRO B 92 -25.74 -50.74 57.48
C PRO B 92 -24.41 -50.15 57.03
N GLU B 93 -24.37 -48.86 56.68
CA GLU B 93 -23.12 -48.25 56.24
C GLU B 93 -22.07 -48.23 57.33
N ASP B 94 -22.47 -48.32 58.60
CA ASP B 94 -21.55 -48.30 59.73
C ASP B 94 -21.28 -49.69 60.30
N THR B 95 -21.28 -50.71 59.45
CA THR B 95 -21.02 -52.08 59.88
C THR B 95 -19.51 -52.26 60.07
N ALA B 96 -19.06 -52.17 61.32
CA ALA B 96 -17.63 -52.28 61.60
C ALA B 96 -17.41 -52.58 63.08
N VAL B 97 -16.18 -52.98 63.39
CA VAL B 97 -15.75 -53.22 64.77
C VAL B 97 -15.26 -51.92 65.37
N TYR B 98 -15.72 -51.62 66.59
CA TYR B 98 -15.40 -50.36 67.27
C TYR B 98 -14.33 -50.61 68.32
N TYR B 99 -13.28 -49.80 68.30
CA TYR B 99 -12.17 -49.89 69.26
C TYR B 99 -12.16 -48.67 70.17
N CYS B 100 -11.40 -48.76 71.26
CA CYS B 100 -11.31 -47.69 72.25
C CYS B 100 -9.86 -47.28 72.45
N PHE B 101 -9.65 -45.99 72.69
CA PHE B 101 -8.32 -45.39 72.73
C PHE B 101 -8.27 -44.26 73.74
N VAL B 102 -7.06 -43.99 74.22
CA VAL B 102 -6.83 -42.95 75.22
C VAL B 102 -5.64 -42.08 74.84
N TYR B 108 -1.91 -47.72 74.45
CA TYR B 108 -3.00 -48.44 75.12
C TYR B 108 -4.21 -48.53 74.20
N ILE B 109 -4.54 -49.75 73.81
CA ILE B 109 -5.57 -50.01 72.80
C ILE B 109 -6.55 -51.03 73.37
N GLY B 110 -7.84 -50.77 73.19
CA GLY B 110 -8.86 -51.69 73.66
C GLY B 110 -8.96 -52.91 72.77
N GLN B 111 -9.67 -53.92 73.31
CA GLN B 111 -9.84 -55.17 72.57
C GLN B 111 -10.67 -54.96 71.29
N GLY B 112 -11.74 -54.18 71.39
CA GLY B 112 -12.61 -53.93 70.25
C GLY B 112 -13.63 -55.02 70.04
N THR B 113 -14.88 -54.64 69.78
CA THR B 113 -15.97 -55.58 69.59
C THR B 113 -16.67 -55.30 68.26
N GLN B 114 -17.00 -56.36 67.54
CA GLN B 114 -17.62 -56.24 66.23
C GLN B 114 -19.11 -55.93 66.36
N VAL B 115 -19.56 -54.93 65.62
CA VAL B 115 -20.96 -54.54 65.58
C VAL B 115 -21.41 -54.53 64.13
N THR B 116 -22.50 -55.26 63.84
CA THR B 116 -23.00 -55.41 62.48
C THR B 116 -24.45 -54.93 62.40
N VAL B 117 -24.76 -54.25 61.30
CA VAL B 117 -26.12 -53.75 61.04
C VAL B 117 -26.59 -54.33 59.72
N SER B 118 -27.77 -54.96 59.74
CA SER B 118 -28.34 -55.55 58.53
C SER B 118 -29.76 -55.07 58.30
N LEU C 6 12.42 13.30 19.20
CA LEU C 6 11.57 12.64 20.18
C LEU C 6 12.39 12.23 21.42
N ASN C 7 13.58 11.70 21.19
CA ASN C 7 14.46 11.35 22.30
C ASN C 7 14.91 12.59 23.06
N ASN C 8 15.18 13.69 22.34
CA ASN C 8 15.54 14.94 22.99
C ASN C 8 14.38 15.45 23.85
N ILE C 9 13.15 15.32 23.34
CA ILE C 9 11.98 15.70 24.13
C ILE C 9 11.89 14.85 25.39
N VAL C 10 12.14 13.54 25.27
CA VAL C 10 12.16 12.66 26.43
C VAL C 10 13.24 13.09 27.42
N SER C 11 14.44 13.37 26.89
CA SER C 11 15.53 13.84 27.74
C SER C 11 15.19 15.19 28.37
N SER C 12 14.41 16.01 27.68
CA SER C 12 13.89 17.23 28.31
C SER C 12 12.93 16.89 29.44
N LEU C 13 12.03 15.93 29.22
CA LEU C 13 11.04 15.57 30.23
C LEU C 13 11.70 14.96 31.46
N GLN C 14 12.75 14.15 31.27
CA GLN C 14 13.44 13.57 32.41
C GLN C 14 14.09 14.65 33.26
N ARG C 15 14.54 15.73 32.62
CA ARG C 15 15.06 16.87 33.37
C ARG C 15 13.99 17.44 34.29
N ASN C 16 12.73 17.45 33.85
CA ASN C 16 11.62 17.90 34.68
C ASN C 16 11.38 16.88 35.78
N GLY C 17 11.29 17.37 37.03
CA GLY C 17 11.06 16.47 38.15
C GLY C 17 9.65 15.92 38.24
N ILE C 18 8.68 16.61 37.63
CA ILE C 18 7.29 16.18 37.76
C ILE C 18 7.07 14.83 37.09
N PHE C 19 7.63 14.63 35.89
CA PHE C 19 7.46 13.36 35.19
C PHE C 19 8.13 12.24 35.97
N ILE C 20 9.28 12.50 36.57
CA ILE C 20 9.99 11.49 37.36
C ILE C 20 9.19 11.13 38.61
N ASN C 21 8.67 12.15 39.31
CA ASN C 21 7.86 11.87 40.49
C ASN C 21 6.62 11.06 40.09
N SER C 22 6.05 11.35 38.93
CA SER C 22 4.88 10.61 38.48
C SER C 22 5.21 9.17 38.15
N LEU C 23 6.35 8.95 37.48
CA LEU C 23 6.78 7.57 37.12
C LEU C 23 6.99 6.78 38.41
N ILE C 24 7.66 7.39 39.40
CA ILE C 24 7.89 6.74 40.68
C ILE C 24 6.57 6.41 41.37
N ALA C 25 5.63 7.35 41.36
CA ALA C 25 4.32 7.09 41.97
C ALA C 25 3.61 5.94 41.28
N ALA C 26 3.65 5.91 39.94
CA ALA C 26 2.99 4.84 39.21
C ALA C 26 3.63 3.48 39.52
N LEU C 27 4.97 3.43 39.56
CA LEU C 27 5.64 2.16 39.87
C LEU C 27 5.30 1.71 41.28
N THR C 28 5.25 2.63 42.23
CA THR C 28 4.89 2.27 43.60
C THR C 28 3.46 1.76 43.68
N ILE C 29 2.54 2.40 42.97
CA ILE C 29 1.14 1.96 43.00
C ILE C 29 1.01 0.56 42.40
N GLY C 30 1.67 0.34 41.25
CA GLY C 30 1.62 -0.98 40.64
C GLY C 30 2.23 -2.06 41.51
N GLY C 31 3.39 -1.75 42.11
CA GLY C 31 4.01 -2.72 43.02
C GLY C 31 3.15 -3.02 44.22
N GLN C 32 2.51 -1.99 44.79
CA GLN C 32 1.61 -2.21 45.92
C GLN C 32 0.44 -3.09 45.52
N GLN C 33 -0.14 -2.84 44.35
CA GLN C 33 -1.26 -3.65 43.90
C GLN C 33 -0.86 -5.11 43.73
N LEU C 34 0.29 -5.34 43.06
CA LEU C 34 0.74 -6.70 42.85
C LEU C 34 1.07 -7.39 44.17
N PHE C 35 1.75 -6.69 45.08
CA PHE C 35 2.12 -7.28 46.36
C PHE C 35 0.89 -7.64 47.18
N SER C 36 -0.09 -6.73 47.23
CA SER C 36 -1.32 -7.01 47.98
C SER C 36 -2.09 -8.16 47.36
N SER C 37 -2.15 -8.24 46.03
CA SER C 37 -2.88 -9.32 45.39
C SER C 37 -2.16 -10.65 45.49
N SER C 38 -0.84 -10.65 45.68
CA SER C 38 -0.07 -11.88 45.66
C SER C 38 0.28 -12.40 47.05
N THR C 39 0.98 -11.61 47.86
CA THR C 39 1.65 -12.12 49.07
C THR C 39 1.18 -11.37 50.31
N PHE C 40 -0.14 -11.28 50.51
CA PHE C 40 -0.68 -10.73 51.76
C PHE C 40 -1.43 -11.78 52.56
N SER C 41 -2.49 -12.35 51.99
CA SER C 41 -3.17 -13.53 52.50
C SER C 41 -3.90 -13.31 53.83
N CYS C 42 -3.72 -12.12 54.44
CA CYS C 42 -4.40 -11.69 55.66
C CYS C 42 -4.44 -12.81 56.71
N PRO C 43 -3.33 -13.12 57.37
CA PRO C 43 -3.32 -14.22 58.33
C PRO C 43 -4.27 -13.95 59.50
N CYS C 44 -4.82 -15.04 60.04
CA CYS C 44 -5.80 -14.98 61.13
C CYS C 44 -5.20 -15.40 62.46
N GLN C 45 -3.94 -15.03 62.70
CA GLN C 45 -3.29 -15.33 63.97
C GLN C 45 -3.97 -14.53 65.09
N VAL C 46 -4.68 -15.24 65.98
CA VAL C 46 -5.40 -14.56 67.05
C VAL C 46 -4.44 -13.84 67.99
N GLY C 47 -3.34 -14.50 68.35
CA GLY C 47 -2.39 -13.93 69.29
C GLY C 47 -1.73 -12.66 68.79
N LYS C 48 -1.14 -12.72 67.61
CA LYS C 48 -0.42 -11.59 67.01
C LYS C 48 -0.91 -11.41 65.58
N ASN C 49 -1.91 -10.56 65.41
CA ASN C 49 -2.38 -10.17 64.08
C ASN C 49 -2.10 -8.72 63.75
N PHE C 50 -1.96 -7.86 64.75
CA PHE C 50 -1.59 -6.46 64.50
C PHE C 50 -0.18 -6.35 63.95
N TYR C 51 0.71 -7.26 64.34
CA TYR C 51 2.10 -7.16 63.88
C TYR C 51 2.20 -7.31 62.37
N TYR C 52 1.45 -8.26 61.80
CA TYR C 52 1.50 -8.49 60.35
C TYR C 52 1.05 -7.24 59.59
N GLY C 53 -0.10 -6.70 59.96
CA GLY C 53 -0.60 -5.52 59.28
C GLY C 53 0.29 -4.30 59.48
N SER C 54 0.78 -4.11 60.70
CA SER C 54 1.67 -3.00 60.97
C SER C 54 2.95 -3.10 60.15
N ALA C 55 3.52 -4.29 60.06
CA ALA C 55 4.72 -4.48 59.24
C ALA C 55 4.42 -4.19 57.77
N PHE C 56 3.39 -4.84 57.22
CA PHE C 56 3.04 -4.66 55.82
C PHE C 56 2.68 -3.22 55.49
N LEU C 57 2.25 -2.43 56.49
CA LEU C 57 1.88 -1.05 56.26
C LEU C 57 3.05 -0.09 56.38
N VAL C 58 3.94 -0.32 57.34
CA VAL C 58 4.97 0.66 57.70
C VAL C 58 6.32 0.29 57.11
N ILE C 59 6.75 -0.97 57.26
CA ILE C 59 8.13 -1.34 56.90
C ILE C 59 8.45 -1.06 55.45
N PRO C 60 7.61 -1.44 54.47
CA PRO C 60 7.95 -1.08 53.08
C PRO C 60 8.10 0.40 52.85
N ALA C 61 7.34 1.23 53.56
CA ALA C 61 7.52 2.67 53.44
C ALA C 61 8.93 3.09 53.86
N LEU C 62 9.40 2.54 54.99
CA LEU C 62 10.75 2.86 55.45
C LEU C 62 11.81 2.32 54.49
N ILE C 63 11.60 1.12 53.95
CA ILE C 63 12.56 0.57 52.99
C ILE C 63 12.65 1.45 51.75
N LEU C 64 11.50 1.88 51.22
CA LEU C 64 11.50 2.77 50.06
C LEU C 64 12.14 4.11 50.39
N LEU C 65 11.88 4.62 51.60
CA LEU C 65 12.48 5.89 52.02
C LEU C 65 14.00 5.80 52.09
N VAL C 66 14.50 4.74 52.72
CA VAL C 66 15.95 4.54 52.85
C VAL C 66 16.58 4.35 51.48
N ALA C 67 15.89 3.63 50.58
CA ALA C 67 16.39 3.50 49.21
C ALA C 67 16.43 4.87 48.52
N GLY C 68 15.37 5.66 48.66
CA GLY C 68 15.34 6.95 48.00
C GLY C 68 16.46 7.86 48.45
N PHE C 69 16.79 7.81 49.74
CA PHE C 69 17.99 8.52 50.20
C PHE C 69 19.27 7.89 49.66
N ALA C 70 19.38 6.57 49.73
CA ALA C 70 20.69 5.92 49.56
C ALA C 70 21.19 5.97 48.12
N LEU C 71 20.34 5.62 47.14
CA LEU C 71 20.82 5.56 45.77
C LEU C 71 21.15 6.93 45.18
N ARG C 72 20.86 8.01 45.88
CA ARG C 72 21.29 9.33 45.44
C ARG C 72 22.74 9.57 45.87
N SER C 73 23.60 9.79 44.89
CA SER C 73 25.04 9.89 45.16
C SER C 73 25.38 11.12 45.99
N GLN C 74 24.65 12.22 45.80
CA GLN C 74 24.96 13.47 46.48
C GLN C 74 24.74 13.39 47.99
N MET C 75 23.97 12.41 48.46
CA MET C 75 23.77 12.26 49.90
C MET C 75 25.07 11.97 50.63
N TRP C 76 25.92 11.10 50.06
CA TRP C 76 27.19 10.79 50.70
C TRP C 76 28.09 12.01 50.76
N THR C 77 28.09 12.81 49.68
CA THR C 77 28.86 14.05 49.68
C THR C 77 28.36 15.02 50.74
N ILE C 78 27.03 15.15 50.86
CA ILE C 78 26.47 16.06 51.85
C ILE C 78 26.84 15.62 53.26
N THR C 79 26.73 14.32 53.53
CA THR C 79 27.10 13.81 54.85
C THR C 79 28.58 14.01 55.12
N GLY C 80 29.43 13.81 54.10
CA GLY C 80 30.85 14.05 54.29
C GLY C 80 31.18 15.49 54.60
N GLU C 81 30.51 16.43 53.91
CA GLU C 81 30.70 17.85 54.25
C GLU C 81 30.22 18.14 55.66
N TYR C 82 29.10 17.55 56.08
CA TYR C 82 28.64 17.75 57.45
C TYR C 82 29.53 17.02 58.45
N CYS C 83 30.11 15.89 58.05
CA CYS C 83 31.01 15.15 58.93
C CYS C 83 32.37 15.83 59.02
N PRO C 95 27.41 28.86 58.27
CA PRO C 95 27.64 29.88 57.25
C PRO C 95 26.92 29.57 55.94
N LEU C 96 27.42 30.16 54.84
CA LEU C 96 26.78 29.94 53.55
C LEU C 96 26.93 28.50 53.06
N GLU C 97 28.07 27.86 53.37
CA GLU C 97 28.26 26.47 52.98
C GLU C 97 27.25 25.57 53.65
N CYS C 98 26.97 25.81 54.94
CA CYS C 98 25.96 25.03 55.65
C CYS C 98 24.58 25.24 55.03
N LYS C 99 24.25 26.47 54.66
CA LYS C 99 22.97 26.74 54.01
C LYS C 99 22.87 26.01 52.68
N LEU C 100 23.95 26.02 51.89
CA LEU C 100 23.93 25.32 50.61
C LEU C 100 23.77 23.82 50.80
N ALA C 101 24.48 23.24 51.77
CA ALA C 101 24.35 21.80 52.02
C ALA C 101 22.95 21.44 52.49
N CYS C 102 22.37 22.25 53.39
CA CYS C 102 21.01 22.01 53.85
C CYS C 102 20.02 22.12 52.70
N LEU C 103 20.22 23.10 51.81
CA LEU C 103 19.31 23.29 50.69
C LEU C 103 19.40 22.15 49.70
N ARG C 104 20.61 21.63 49.45
CA ARG C 104 20.77 20.44 48.61
C ARG C 104 20.09 19.22 49.24
N PHE C 105 20.24 19.05 50.54
CA PHE C 105 19.57 17.93 51.22
C PHE C 105 18.05 18.09 51.14
N PHE C 106 17.56 19.32 51.29
CA PHE C 106 16.13 19.56 51.15
C PHE C 106 15.65 19.24 49.74
N SER C 107 16.44 19.61 48.73
CA SER C 107 16.06 19.34 47.34
C SER C 107 15.98 17.84 47.09
N ILE C 108 16.94 17.07 47.60
CA ILE C 108 16.89 15.63 47.40
C ILE C 108 15.81 14.99 48.25
N THR C 109 15.42 15.66 49.35
CA THR C 109 14.38 15.12 50.22
C THR C 109 13.06 14.93 49.48
N GLY C 110 12.74 15.81 48.52
CA GLY C 110 11.49 15.66 47.80
C GLY C 110 11.40 14.34 47.07
N ARG C 111 12.45 13.98 46.32
CA ARG C 111 12.44 12.70 45.62
C ARG C 111 12.60 11.53 46.58
N ALA C 112 13.31 11.72 47.70
CA ALA C 112 13.44 10.64 48.66
C ALA C 112 12.10 10.30 49.31
N VAL C 113 11.27 11.31 49.57
CA VAL C 113 10.05 11.13 50.35
C VAL C 113 8.79 11.08 49.49
N ILE C 114 8.89 11.29 48.17
CA ILE C 114 7.69 11.19 47.33
C ILE C 114 7.15 9.76 47.32
N ALA C 115 8.03 8.76 47.34
CA ALA C 115 7.60 7.37 47.16
C ALA C 115 6.95 6.77 48.41
N PRO C 116 7.56 6.84 49.59
CA PRO C 116 6.93 6.21 50.77
C PRO C 116 5.57 6.79 51.12
N LEU C 117 5.36 8.10 50.93
CA LEU C 117 4.04 8.67 51.15
C LEU C 117 3.02 8.15 50.14
N THR C 118 3.45 7.97 48.88
CA THR C 118 2.54 7.36 47.92
C THR C 118 2.16 5.95 48.35
N TRP C 119 3.15 5.18 48.83
CA TRP C 119 2.86 3.84 49.33
C TRP C 119 1.88 3.87 50.48
N LEU C 120 2.14 4.72 51.47
CA LEU C 120 1.27 4.79 52.64
C LEU C 120 -0.14 5.23 52.26
N ALA C 121 -0.26 6.24 51.39
CA ALA C 121 -1.56 6.73 50.98
C ALA C 121 -2.34 5.65 50.24
N VAL C 122 -1.70 4.96 49.31
CA VAL C 122 -2.40 3.92 48.55
C VAL C 122 -2.81 2.77 49.47
N THR C 123 -1.93 2.36 50.38
CA THR C 123 -2.27 1.27 51.29
C THR C 123 -3.44 1.66 52.20
N LEU C 124 -3.43 2.90 52.72
CA LEU C 124 -4.52 3.32 53.60
C LEU C 124 -5.83 3.48 52.84
N LEU C 125 -5.78 4.00 51.61
CA LEU C 125 -7.00 4.16 50.82
C LEU C 125 -7.57 2.81 50.40
N THR C 126 -6.71 1.84 50.08
CA THR C 126 -7.21 0.50 49.77
C THR C 126 -7.93 -0.11 50.97
N GLY C 127 -7.33 0.01 52.15
CA GLY C 127 -7.97 -0.34 53.39
C GLY C 127 -7.76 -1.77 53.86
N THR C 128 -7.37 -2.68 52.96
CA THR C 128 -7.26 -4.09 53.35
C THR C 128 -6.18 -4.29 54.41
N TYR C 129 -5.06 -3.58 54.29
CA TYR C 129 -4.00 -3.69 55.28
C TYR C 129 -4.48 -3.22 56.64
N TYR C 130 -5.20 -2.09 56.68
CA TYR C 130 -5.73 -1.61 57.95
C TYR C 130 -6.83 -2.51 58.49
N GLU C 131 -7.65 -3.08 57.60
CA GLU C 131 -8.67 -4.01 58.05
C GLU C 131 -8.05 -5.23 58.72
N CYS C 132 -6.99 -5.77 58.12
CA CYS C 132 -6.34 -6.94 58.67
C CYS C 132 -5.33 -6.59 59.76
N ALA C 133 -5.12 -5.30 60.04
CA ALA C 133 -4.15 -4.89 61.05
C ALA C 133 -4.79 -4.69 62.42
N ALA C 134 -5.76 -3.78 62.52
CA ALA C 134 -6.34 -3.39 63.80
C ALA C 134 -7.69 -4.05 64.05
N SER C 135 -7.88 -5.29 63.60
CA SER C 135 -9.16 -5.96 63.80
C SER C 135 -9.39 -6.30 65.27
N GLU C 136 -8.36 -6.84 65.94
CA GLU C 136 -8.52 -7.28 67.32
C GLU C 136 -8.64 -6.12 68.31
N PHE C 137 -8.42 -4.88 67.87
CA PHE C 137 -8.58 -3.72 68.72
C PHE C 137 -9.99 -3.16 68.71
N ALA C 138 -10.91 -3.81 68.00
CA ALA C 138 -12.27 -3.31 67.89
C ALA C 138 -13.01 -3.44 69.21
N SER C 139 -14.13 -2.72 69.31
CA SER C 139 -14.97 -2.71 70.51
C SER C 139 -16.23 -3.51 70.25
N VAL C 140 -16.65 -4.28 71.26
CA VAL C 140 -17.83 -5.12 71.16
C VAL C 140 -18.96 -4.66 72.07
N ASP C 141 -18.76 -3.57 72.81
CA ASP C 141 -19.82 -3.10 73.71
C ASP C 141 -21.06 -2.67 72.94
N HIS C 142 -20.89 -2.25 71.68
CA HIS C 142 -22.05 -1.88 70.86
C HIS C 142 -22.96 -3.09 70.63
N TYR C 143 -22.37 -4.25 70.38
CA TYR C 143 -23.14 -5.44 70.03
C TYR C 143 -23.32 -6.32 71.26
N PRO C 144 -24.55 -6.52 71.74
CA PRO C 144 -24.75 -7.41 72.89
C PRO C 144 -24.47 -8.87 72.60
N MET C 145 -24.36 -9.28 71.33
CA MET C 145 -24.14 -10.69 71.02
C MET C 145 -22.78 -11.15 71.49
N PHE C 146 -21.75 -10.31 71.36
CA PHE C 146 -20.40 -10.64 71.80
C PHE C 146 -20.24 -10.40 73.31
N ASP C 147 -21.08 -11.09 74.09
CA ASP C 147 -20.95 -11.03 75.55
C ASP C 147 -19.62 -11.62 75.99
N ASN C 148 -19.48 -12.94 75.85
CA ASN C 148 -18.26 -13.67 76.21
C ASN C 148 -17.71 -13.33 77.60
N VAL C 149 -18.49 -13.75 78.61
CA VAL C 149 -18.02 -13.63 79.99
C VAL C 149 -16.67 -14.29 80.21
N SER C 150 -16.31 -15.29 79.40
CA SER C 150 -15.06 -16.01 79.58
C SER C 150 -13.83 -15.18 79.22
N ALA C 151 -14.01 -14.14 78.39
CA ALA C 151 -12.93 -13.24 77.96
C ALA C 151 -11.86 -13.95 77.12
N SER C 152 -12.19 -15.06 76.47
CA SER C 152 -11.25 -15.75 75.60
C SER C 152 -11.75 -15.96 74.18
N LYS C 153 -12.98 -16.46 74.01
CA LYS C 153 -13.50 -16.73 72.67
C LYS C 153 -13.78 -15.44 71.90
N ARG C 154 -13.99 -14.33 72.60
CA ARG C 154 -14.27 -13.06 71.94
C ARG C 154 -13.09 -12.63 71.06
N GLU C 155 -11.88 -12.62 71.62
CA GLU C 155 -10.72 -12.28 70.80
C GLU C 155 -10.51 -13.31 69.70
N GLU C 156 -10.80 -14.59 69.98
CA GLU C 156 -10.68 -15.61 68.95
C GLU C 156 -11.55 -15.27 67.74
N ILE C 157 -12.84 -15.05 67.96
CA ILE C 157 -13.74 -14.76 66.84
C ILE C 157 -13.43 -13.40 66.24
N LEU C 158 -13.02 -12.44 67.07
CA LEU C 158 -12.75 -11.09 66.57
C LEU C 158 -11.56 -11.08 65.62
N ALA C 159 -10.50 -11.83 65.96
CA ALA C 159 -9.37 -11.96 65.05
C ALA C 159 -9.62 -12.97 63.94
N GLY C 160 -10.65 -13.80 64.07
CA GLY C 160 -10.94 -14.79 63.05
C GLY C 160 -11.81 -14.31 61.92
N PHE C 161 -12.85 -13.54 62.22
CA PHE C 161 -13.79 -13.16 61.15
C PHE C 161 -13.15 -12.34 60.03
N PRO C 162 -12.31 -11.32 60.29
CA PRO C 162 -11.94 -10.41 59.18
C PRO C 162 -11.22 -11.08 58.04
N CYS C 163 -10.42 -12.12 58.29
CA CYS C 163 -9.53 -12.62 57.24
C CYS C 163 -10.26 -13.46 56.21
N CYS C 164 -10.72 -14.64 56.61
CA CYS C 164 -11.45 -15.51 55.69
C CYS C 164 -12.61 -16.26 56.34
N ARG C 165 -12.82 -16.12 57.64
CA ARG C 165 -13.83 -16.92 58.35
C ARG C 165 -15.14 -16.14 58.35
N SER C 166 -15.91 -16.30 57.27
CA SER C 166 -17.21 -15.65 57.19
C SER C 166 -18.14 -16.18 58.28
N ALA C 167 -18.28 -17.51 58.37
CA ALA C 167 -19.13 -18.18 59.35
C ALA C 167 -20.54 -17.60 59.31
N PRO C 168 -21.32 -17.88 58.26
CA PRO C 168 -22.66 -17.27 58.16
C PRO C 168 -23.61 -17.81 59.22
N SER C 169 -23.44 -17.35 60.47
CA SER C 169 -24.30 -17.78 61.56
C SER C 169 -24.97 -16.57 62.20
N ASP C 170 -25.50 -15.67 61.38
CA ASP C 170 -26.22 -14.49 61.84
C ASP C 170 -25.29 -13.54 62.62
N VAL C 171 -23.99 -13.73 62.46
CA VAL C 171 -23.01 -12.79 63.00
C VAL C 171 -22.37 -11.92 61.92
N ILE C 172 -22.47 -12.31 60.64
CA ILE C 172 -21.73 -11.65 59.58
C ILE C 172 -22.07 -10.17 59.52
N LEU C 173 -23.35 -9.82 59.71
CA LEU C 173 -23.73 -8.42 59.67
C LEU C 173 -22.84 -7.60 60.61
N VAL C 174 -22.68 -8.06 61.84
CA VAL C 174 -21.82 -7.36 62.79
C VAL C 174 -20.41 -7.26 62.24
N ARG C 175 -19.87 -8.40 61.78
CA ARG C 175 -18.52 -8.39 61.17
C ARG C 175 -18.49 -7.33 60.07
N ASP C 176 -19.51 -7.33 59.21
CA ASP C 176 -19.55 -6.37 58.11
C ASP C 176 -19.43 -4.96 58.65
N GLU C 177 -20.27 -4.62 59.64
CA GLU C 177 -20.21 -3.30 60.25
C GLU C 177 -18.79 -2.99 60.68
N ILE C 178 -18.17 -3.92 61.42
CA ILE C 178 -16.83 -3.68 61.92
C ILE C 178 -15.90 -3.34 60.77
N ALA C 179 -15.94 -4.17 59.71
CA ALA C 179 -15.09 -3.92 58.56
C ALA C 179 -15.29 -2.49 58.06
N LEU C 180 -16.55 -2.13 57.81
CA LEU C 180 -16.84 -0.79 57.31
C LEU C 180 -16.21 0.26 58.22
N LEU C 181 -16.46 0.13 59.53
CA LEU C 181 -15.91 1.11 60.46
C LEU C 181 -14.41 1.24 60.26
N HIS C 182 -13.70 0.10 60.31
CA HIS C 182 -12.26 0.15 60.15
C HIS C 182 -11.90 0.79 58.82
N ARG C 183 -12.56 0.37 57.75
CA ARG C 183 -12.26 0.95 56.44
C ARG C 183 -12.41 2.45 56.49
N TYR C 184 -13.52 2.92 57.06
CA TYR C 184 -13.74 4.36 57.17
C TYR C 184 -12.55 5.02 57.86
N GLN C 185 -12.18 4.51 59.04
CA GLN C 185 -11.07 5.08 59.76
C GLN C 185 -9.83 5.09 58.89
N SER C 186 -9.54 3.95 58.25
CA SER C 186 -8.38 3.86 57.38
C SER C 186 -8.39 4.99 56.37
N GLN C 187 -9.53 5.15 55.68
CA GLN C 187 -9.62 6.19 54.66
C GLN C 187 -9.23 7.53 55.24
N MET C 188 -9.81 7.89 56.39
CA MET C 188 -9.50 9.17 57.00
C MET C 188 -8.00 9.34 57.18
N LEU C 189 -7.35 8.34 57.78
CA LEU C 189 -5.91 8.43 58.01
C LEU C 189 -5.20 8.80 56.72
N GLY C 190 -5.50 8.05 55.65
CA GLY C 190 -4.85 8.31 54.37
C GLY C 190 -4.99 9.75 54.01
N TRP C 191 -6.23 10.24 53.94
CA TRP C 191 -6.45 11.63 53.55
C TRP C 191 -5.72 12.56 54.51
N ILE C 192 -5.85 12.31 55.82
CA ILE C 192 -5.17 13.15 56.79
C ILE C 192 -3.68 13.18 56.48
N LEU C 193 -3.09 11.99 56.28
CA LEU C 193 -1.67 11.92 55.95
C LEU C 193 -1.40 12.79 54.74
N ILE C 194 -2.16 12.58 53.66
CA ILE C 194 -2.01 13.40 52.46
C ILE C 194 -2.02 14.87 52.85
N THR C 195 -3.11 15.28 53.51
CA THR C 195 -3.24 16.69 53.89
C THR C 195 -2.00 17.13 54.66
N LEU C 196 -1.63 16.37 55.70
CA LEU C 196 -0.49 16.76 56.50
C LEU C 196 0.73 16.94 55.62
N ALA C 197 1.06 15.92 54.81
CA ALA C 197 2.22 16.00 53.95
C ALA C 197 2.16 17.25 53.11
N THR C 198 1.00 17.49 52.50
CA THR C 198 0.83 18.65 51.64
C THR C 198 1.21 19.92 52.38
N ILE C 199 0.61 20.15 53.56
CA ILE C 199 0.94 21.35 54.32
C ILE C 199 2.42 21.40 54.58
N ALA C 200 2.99 20.29 55.07
CA ALA C 200 4.42 20.24 55.32
C ALA C 200 5.17 20.65 54.07
N ALA C 201 4.84 20.01 52.95
CA ALA C 201 5.53 20.32 51.70
C ALA C 201 5.50 21.82 51.46
N LEU C 202 4.31 22.42 51.54
CA LEU C 202 4.17 23.86 51.34
C LEU C 202 5.17 24.60 52.21
N VAL C 203 5.05 24.45 53.53
CA VAL C 203 5.90 25.25 54.41
C VAL C 203 7.35 24.90 54.17
N SER C 204 7.63 23.62 53.87
CA SER C 204 9.00 23.23 53.59
C SER C 204 9.55 24.03 52.44
N CYS C 205 8.81 24.08 51.32
CA CYS C 205 9.29 24.87 50.18
C CYS C 205 9.39 26.33 50.57
N CYS C 206 8.47 26.82 51.39
CA CYS C 206 8.53 28.20 51.83
C CYS C 206 9.84 28.47 52.55
N VAL C 207 10.29 27.54 53.38
CA VAL C 207 11.57 27.71 54.06
C VAL C 207 12.69 27.81 53.04
N ALA C 208 12.65 26.97 52.01
CA ALA C 208 13.68 27.02 50.98
C ALA C 208 13.67 28.35 50.22
N LYS C 209 12.57 29.08 50.28
CA LYS C 209 12.49 30.38 49.63
C LYS C 209 12.71 31.54 50.59
N CYS C 210 12.98 31.26 51.86
CA CYS C 210 13.24 32.31 52.84
C CYS C 210 14.63 32.23 53.44
N CYS C 211 15.05 31.04 53.88
CA CYS C 211 16.37 30.90 54.49
C CYS C 211 17.48 30.94 53.45
N SER C 212 17.19 30.52 52.22
CA SER C 212 18.22 30.47 51.19
C SER C 212 18.69 31.88 50.84
N PRO C 213 20.00 32.09 50.65
CA PRO C 213 20.49 33.43 50.31
C PRO C 213 20.33 33.75 48.83
N LEU C 214 20.34 32.73 47.99
CA LEU C 214 20.25 32.94 46.55
C LEU C 214 18.84 33.36 46.14
N THR C 215 18.75 34.00 44.98
CA THR C 215 17.47 34.43 44.45
C THR C 215 16.77 33.27 43.76
N SER C 216 15.59 33.56 43.22
CA SER C 216 14.81 32.52 42.53
C SER C 216 15.54 32.02 41.29
N LEU C 217 16.13 32.93 40.52
CA LEU C 217 16.84 32.53 39.30
C LEU C 217 18.26 32.06 39.59
N GLN C 218 18.87 32.55 40.66
CA GLN C 218 20.24 32.15 40.97
C GLN C 218 20.32 30.68 41.38
N HIS C 219 19.28 30.16 42.04
CA HIS C 219 19.31 28.76 42.48
C HIS C 219 19.29 27.80 41.30
N CYS C 220 18.45 28.04 40.30
CA CYS C 220 18.39 27.13 39.16
C CYS C 220 19.69 27.12 38.39
N TYR C 221 20.28 28.30 38.17
CA TYR C 221 21.57 28.38 37.52
C TYR C 221 22.63 27.66 38.37
N TRP C 222 22.58 27.83 39.69
CA TRP C 222 23.57 27.21 40.56
C TRP C 222 23.48 25.68 40.51
N THR C 223 22.27 25.14 40.50
CA THR C 223 22.10 23.69 40.38
C THR C 223 22.58 23.19 39.01
N SER C 224 22.25 23.94 37.94
CA SER C 224 22.73 23.55 36.62
C SER C 224 24.25 23.55 36.57
N HIS C 225 24.87 24.57 37.17
CA HIS C 225 26.32 24.64 37.22
C HIS C 225 26.90 23.46 37.99
N LEU C 226 26.27 23.09 39.11
CA LEU C 226 26.74 21.94 39.87
C LEU C 226 26.72 20.67 39.02
N GLN C 227 25.59 20.41 38.36
CA GLN C 227 25.48 19.19 37.56
C GLN C 227 26.51 19.21 36.43
N ASN C 228 26.67 20.35 35.77
CA ASN C 228 27.62 20.45 34.66
C ASN C 228 29.04 20.24 35.13
N GLU C 229 29.44 20.86 36.26
CA GLU C 229 30.82 20.70 36.69
C GLU C 229 31.07 19.27 37.16
N ARG C 230 30.07 18.63 37.77
CA ARG C 230 30.24 17.25 38.20
C ARG C 230 30.44 16.33 37.00
N GLU C 231 29.56 16.43 36.00
CA GLU C 231 29.69 15.56 34.83
C GLU C 231 30.98 15.84 34.07
N LEU C 232 31.33 17.12 33.90
CA LEU C 232 32.54 17.46 33.17
C LEU C 232 33.78 17.03 33.93
N PHE C 233 33.76 17.14 35.26
CA PHE C 233 34.88 16.68 36.06
C PHE C 233 35.05 15.17 35.98
N GLU C 234 33.93 14.43 35.99
CA GLU C 234 34.04 12.98 35.86
C GLU C 234 34.61 12.59 34.50
N GLN C 235 34.11 13.23 33.43
CA GLN C 235 34.61 12.92 32.10
C GLN C 235 36.07 13.33 31.94
N ALA C 236 36.45 14.47 32.52
CA ALA C 236 37.84 14.91 32.45
C ALA C 236 38.76 13.99 33.25
N ALA C 237 38.29 13.48 34.39
CA ALA C 237 39.08 12.52 35.15
C ALA C 237 39.28 11.23 34.36
N GLU C 238 38.23 10.73 33.71
CA GLU C 238 38.37 9.54 32.88
C GLU C 238 39.33 9.80 31.72
N GLN C 239 39.23 10.97 31.08
CA GLN C 239 40.10 11.28 29.96
C GLN C 239 41.55 11.43 30.41
N HIS C 240 41.78 12.06 31.57
CA HIS C 240 43.12 12.18 32.11
C HIS C 240 43.71 10.82 32.45
N SER C 241 42.88 9.93 33.01
CA SER C 241 43.34 8.56 33.22
C SER C 241 43.77 7.92 31.91
N ARG C 242 42.98 8.13 30.85
CA ARG C 242 43.33 7.54 29.55
C ARG C 242 44.65 8.11 29.02
N LEU C 243 44.85 9.42 29.15
CA LEU C 243 46.10 10.03 28.70
C LEU C 243 47.29 9.51 29.50
N LEU C 244 47.14 9.39 30.82
CA LEU C 244 48.22 8.83 31.63
C LEU C 244 48.54 7.41 31.22
N MET C 245 47.49 6.59 31.08
CA MET C 245 47.71 5.15 30.76
C MET C 245 48.44 5.06 29.42
N MET C 246 47.92 5.74 28.41
CA MET C 246 48.54 5.73 27.09
C MET C 246 49.98 6.23 27.14
N HIS C 247 50.26 7.23 27.99
CA HIS C 247 51.64 7.68 28.14
C HIS C 247 52.51 6.55 28.71
N ARG C 248 51.96 5.80 29.66
CA ARG C 248 52.69 4.66 30.21
C ARG C 248 52.99 3.62 29.13
N ILE C 249 52.03 3.37 28.23
CA ILE C 249 52.30 2.44 27.12
C ILE C 249 53.37 2.98 26.19
N LYS C 250 53.30 4.26 25.79
CA LYS C 250 54.31 4.74 24.84
C LYS C 250 55.69 4.73 25.48
N LYS C 251 55.75 4.92 26.80
CA LYS C 251 57.03 4.78 27.49
C LYS C 251 57.51 3.33 27.53
N LEU C 252 56.60 2.39 27.79
CA LEU C 252 57.02 1.00 27.98
C LEU C 252 57.26 0.29 26.65
N PHE C 253 56.23 0.14 25.83
CA PHE C 253 56.33 -0.59 24.58
C PHE C 253 56.87 0.25 23.43
N GLY C 254 56.98 1.56 23.60
CA GLY C 254 57.55 2.42 22.58
C GLY C 254 56.59 2.86 21.49
N PHE C 255 55.28 2.66 21.66
CA PHE C 255 54.33 3.08 20.65
C PHE C 255 53.05 3.57 21.32
N ILE C 256 52.31 4.39 20.59
CA ILE C 256 51.03 4.91 21.07
C ILE C 256 49.94 3.87 20.84
N PRO C 257 49.15 3.51 21.85
CA PRO C 257 48.08 2.54 21.64
C PRO C 257 47.07 3.03 20.62
N GLY C 258 46.54 2.10 19.83
CA GLY C 258 45.54 2.43 18.85
C GLY C 258 46.04 3.24 17.68
N SER C 259 47.35 3.21 17.40
CA SER C 259 47.96 3.97 16.32
C SER C 259 48.78 3.03 15.44
N GLU C 260 49.29 3.57 14.34
CA GLU C 260 50.15 2.82 13.43
C GLU C 260 51.51 2.61 14.08
N ASP C 261 51.68 1.47 14.73
CA ASP C 261 52.93 1.14 15.42
C ASP C 261 53.83 0.22 14.60
N VAL C 262 53.86 0.41 13.29
CA VAL C 262 54.76 -0.36 12.42
C VAL C 262 56.18 0.19 12.44
N LYS C 263 56.46 1.20 13.25
CA LYS C 263 57.77 1.85 13.23
C LYS C 263 58.80 1.05 14.03
N HIS C 264 58.57 0.89 15.34
CA HIS C 264 59.51 0.22 16.21
C HIS C 264 58.77 -0.71 17.15
N ILE C 265 59.47 -1.77 17.58
CA ILE C 265 58.93 -2.75 18.53
C ILE C 265 59.94 -2.88 19.67
N ARG C 266 59.48 -2.64 20.89
CA ARG C 266 60.39 -2.67 22.04
C ARG C 266 60.82 -4.08 22.40
N ILE C 267 59.87 -5.02 22.44
CA ILE C 267 60.07 -6.37 22.98
C ILE C 267 60.64 -6.24 24.38
N PRO C 268 59.83 -5.84 25.36
CA PRO C 268 60.36 -5.64 26.72
C PRO C 268 60.77 -6.95 27.38
N SER C 269 61.69 -6.85 28.33
CA SER C 269 62.21 -8.01 29.04
C SER C 269 61.25 -8.42 30.16
N CYS C 270 61.65 -9.45 30.91
CA CYS C 270 60.81 -9.99 31.97
C CYS C 270 60.61 -8.98 33.08
N GLN C 271 61.65 -8.21 33.42
CA GLN C 271 61.56 -7.25 34.51
C GLN C 271 60.59 -6.11 34.19
N ASP C 272 60.40 -5.78 32.91
CA ASP C 272 59.55 -4.67 32.53
C ASP C 272 58.08 -4.89 32.88
N TRP C 273 57.63 -6.15 32.97
CA TRP C 273 56.26 -6.41 33.37
C TRP C 273 56.02 -6.04 34.83
N LYS C 274 57.03 -6.17 35.68
CA LYS C 274 56.90 -5.75 37.07
C LYS C 274 56.82 -4.23 37.22
N ASP C 275 57.29 -3.47 36.22
CA ASP C 275 57.29 -2.02 36.33
C ASP C 275 55.86 -1.46 36.33
N ILE C 276 54.98 -2.06 35.53
CA ILE C 276 53.61 -1.56 35.42
C ILE C 276 52.73 -2.21 36.48
N SER C 277 53.35 -2.95 37.39
CA SER C 277 52.62 -3.59 38.48
C SER C 277 52.46 -2.69 39.70
N VAL C 278 53.08 -1.51 39.69
CA VAL C 278 52.96 -0.61 40.85
C VAL C 278 51.52 -0.15 41.06
N PRO C 279 50.78 0.32 40.04
CA PRO C 279 49.39 0.71 40.35
C PRO C 279 48.39 -0.38 39.99
N GLN D 5 -22.38 -24.20 89.39
CA GLN D 5 -23.57 -24.76 90.02
C GLN D 5 -24.79 -24.60 89.12
N VAL D 6 -24.56 -24.05 87.93
CA VAL D 6 -25.62 -23.78 86.97
C VAL D 6 -25.65 -24.90 85.95
N GLN D 7 -26.81 -25.52 85.75
CA GLN D 7 -26.96 -26.63 84.82
C GLN D 7 -28.10 -26.33 83.86
N LEU D 8 -27.93 -26.76 82.61
CA LEU D 8 -28.91 -26.55 81.55
C LEU D 8 -29.41 -27.91 81.07
N VAL D 9 -30.73 -28.11 81.13
CA VAL D 9 -31.37 -29.34 80.69
C VAL D 9 -32.52 -28.99 79.77
N GLU D 10 -32.64 -29.69 78.65
CA GLU D 10 -33.66 -29.42 77.65
C GLU D 10 -34.86 -30.34 77.82
N SER D 11 -36.03 -29.81 77.48
CA SER D 11 -37.27 -30.57 77.56
C SER D 11 -38.27 -29.99 76.59
N GLY D 12 -39.29 -30.80 76.27
CA GLY D 12 -40.34 -30.38 75.36
C GLY D 12 -40.21 -30.90 73.94
N GLY D 13 -39.15 -31.66 73.64
CA GLY D 13 -38.98 -32.23 72.33
C GLY D 13 -39.78 -33.52 72.15
N GLY D 14 -39.58 -34.14 71.00
CA GLY D 14 -40.27 -35.37 70.66
C GLY D 14 -40.42 -35.50 69.17
N LEU D 15 -41.42 -36.27 68.75
CA LEU D 15 -41.75 -36.46 67.35
C LEU D 15 -43.06 -35.75 67.07
N VAL D 16 -43.04 -34.82 66.11
CA VAL D 16 -44.20 -34.03 65.74
C VAL D 16 -44.36 -34.06 64.23
N GLN D 17 -45.60 -34.23 63.77
CA GLN D 17 -45.87 -34.30 62.35
C GLN D 17 -45.69 -32.92 61.70
N ALA D 18 -45.64 -32.92 60.38
CA ALA D 18 -45.43 -31.69 59.63
C ALA D 18 -46.62 -30.75 59.80
N GLY D 19 -46.34 -29.45 59.89
CA GLY D 19 -47.35 -28.44 60.05
C GLY D 19 -47.79 -28.17 61.47
N GLY D 20 -47.28 -28.92 62.44
CA GLY D 20 -47.64 -28.75 63.83
C GLY D 20 -46.74 -27.76 64.54
N SER D 21 -46.93 -27.66 65.86
CA SER D 21 -46.16 -26.77 66.70
C SER D 21 -45.63 -27.53 67.91
N LEU D 22 -44.44 -27.15 68.35
CA LEU D 22 -43.80 -27.79 69.49
C LEU D 22 -43.12 -26.73 70.36
N ARG D 23 -43.01 -27.02 71.65
CA ARG D 23 -42.47 -26.12 72.64
C ARG D 23 -41.18 -26.69 73.20
N LEU D 24 -40.13 -25.88 73.23
CA LEU D 24 -38.87 -26.24 73.87
C LEU D 24 -38.75 -25.52 75.20
N SER D 25 -38.51 -26.29 76.26
CA SER D 25 -38.33 -25.76 77.61
C SER D 25 -36.95 -26.16 78.11
N CYS D 26 -36.18 -25.18 78.56
CA CYS D 26 -34.86 -25.43 79.10
C CYS D 26 -34.77 -24.84 80.50
N ALA D 27 -34.21 -25.62 81.42
CA ALA D 27 -34.08 -25.21 82.81
C ALA D 27 -32.66 -24.75 83.09
N ALA D 28 -32.52 -23.52 83.56
CA ALA D 28 -31.26 -22.95 84.00
C ALA D 28 -31.35 -22.75 85.51
N SER D 29 -30.22 -22.89 86.19
CA SER D 29 -30.20 -22.68 87.64
C SER D 29 -29.15 -21.65 88.04
N HIS D 37 -30.25 -13.58 78.50
CA HIS D 37 -29.29 -13.72 77.42
C HIS D 37 -28.99 -15.18 77.11
N MET D 38 -29.89 -15.83 76.38
CA MET D 38 -29.74 -17.23 76.00
C MET D 38 -29.90 -17.35 74.49
N ARG D 39 -29.19 -18.32 73.91
CA ARG D 39 -29.20 -18.55 72.47
C ARG D 39 -29.56 -20.00 72.20
N TRP D 40 -30.09 -20.25 71.00
CA TRP D 40 -30.51 -21.58 70.57
C TRP D 40 -29.63 -22.07 69.42
N TYR D 41 -29.25 -23.34 69.49
CA TYR D 41 -28.47 -24.00 68.45
C TYR D 41 -29.04 -25.37 68.13
N ARG D 42 -29.05 -25.69 66.85
CA ARG D 42 -29.45 -26.99 66.32
C ARG D 42 -28.28 -27.56 65.55
N GLN D 43 -28.19 -28.89 65.44
CA GLN D 43 -27.01 -29.48 64.81
C GLN D 43 -27.35 -30.59 63.82
N ARG D 49 -23.54 -27.82 64.08
CA ARG D 49 -24.22 -26.90 64.99
C ARG D 49 -24.53 -25.57 64.31
N GLU D 50 -25.81 -25.28 64.12
CA GLU D 50 -26.26 -24.06 63.47
C GLU D 50 -27.01 -23.19 64.48
N TRP D 51 -26.68 -21.91 64.50
CA TRP D 51 -27.34 -20.95 65.37
C TRP D 51 -28.79 -20.77 64.95
N VAL D 52 -29.69 -20.64 65.94
CA VAL D 52 -31.12 -20.58 65.67
C VAL D 52 -31.70 -19.22 66.07
N ALA D 53 -31.63 -18.89 67.35
CA ALA D 53 -32.25 -17.67 67.86
C ALA D 53 -31.51 -17.19 69.09
N ALA D 54 -31.73 -15.91 69.42
CA ALA D 54 -31.11 -15.28 70.58
C ALA D 54 -32.15 -14.44 71.31
N ILE D 55 -31.91 -14.23 72.60
CA ILE D 55 -32.78 -13.43 73.45
C ILE D 55 -31.92 -12.52 74.33
N TYR D 56 -32.53 -11.47 74.84
CA TYR D 56 -31.84 -10.54 75.73
C TYR D 56 -32.07 -10.98 77.18
N ALA D 60 -35.71 -8.20 76.57
CA ALA D 60 -36.45 -9.33 76.01
C ALA D 60 -36.42 -9.31 74.49
N GLY D 61 -35.58 -8.45 73.93
CA GLY D 61 -35.42 -8.40 72.49
C GLY D 61 -34.78 -9.66 71.96
N THR D 62 -35.22 -10.07 70.77
CA THR D 62 -34.85 -11.36 70.21
C THR D 62 -34.34 -11.18 68.78
N HIS D 63 -33.41 -12.05 68.39
CA HIS D 63 -32.84 -12.05 67.05
C HIS D 63 -32.92 -13.46 66.47
N TYR D 64 -33.32 -13.56 65.20
CA TYR D 64 -33.56 -14.82 64.53
C TYR D 64 -32.79 -14.88 63.22
N ALA D 65 -32.48 -16.11 62.80
CA ALA D 65 -31.82 -16.35 61.52
C ALA D 65 -32.84 -16.41 60.39
N ASP D 66 -32.41 -16.03 59.19
CA ASP D 66 -33.31 -15.95 58.06
C ASP D 66 -33.89 -17.31 57.69
N SER D 67 -33.07 -18.36 57.79
CA SER D 67 -33.54 -19.70 57.41
C SER D 67 -34.71 -20.15 58.27
N VAL D 68 -34.80 -19.66 59.50
CA VAL D 68 -35.89 -20.03 60.41
C VAL D 68 -36.70 -18.81 60.83
N LYS D 69 -36.49 -17.66 60.20
CA LYS D 69 -37.23 -16.46 60.55
C LYS D 69 -38.69 -16.60 60.14
N GLY D 70 -39.58 -16.04 60.95
CA GLY D 70 -41.01 -16.14 60.71
C GLY D 70 -41.65 -17.42 61.20
N ARG D 71 -40.88 -18.33 61.77
CA ARG D 71 -41.39 -19.60 62.28
C ARG D 71 -41.09 -19.82 63.75
N PHE D 72 -40.02 -19.23 64.28
CA PHE D 72 -39.56 -19.46 65.63
C PHE D 72 -39.68 -18.19 66.46
N THR D 73 -40.22 -18.32 67.67
CA THR D 73 -40.33 -17.22 68.61
C THR D 73 -39.85 -17.69 69.98
N ILE D 74 -38.94 -16.95 70.59
CA ILE D 74 -38.30 -17.32 71.85
C ILE D 74 -38.65 -16.27 72.90
N SER D 75 -39.10 -16.74 74.06
CA SER D 75 -39.41 -15.88 75.20
C SER D 75 -38.84 -16.49 76.46
N ARG D 76 -38.45 -15.64 77.41
CA ARG D 76 -37.91 -16.08 78.69
C ARG D 76 -38.67 -15.42 79.81
N ASP D 77 -38.73 -16.10 80.96
CA ASP D 77 -39.33 -15.57 82.17
C ASP D 77 -38.34 -15.71 83.32
N ASN D 78 -38.09 -14.61 84.02
CA ASN D 78 -37.14 -14.63 85.12
C ASN D 78 -37.70 -15.34 86.36
N ALA D 79 -39.02 -15.35 86.52
CA ALA D 79 -39.63 -16.00 87.67
C ALA D 79 -39.36 -17.50 87.66
N LYS D 80 -39.57 -18.14 86.51
CA LYS D 80 -39.29 -19.57 86.36
C LYS D 80 -37.83 -19.83 86.04
N ASN D 81 -37.08 -18.80 85.65
CA ASN D 81 -35.67 -18.88 85.29
C ASN D 81 -35.53 -20.03 84.26
N THR D 82 -36.33 -19.92 83.19
CA THR D 82 -36.36 -20.87 82.10
C THR D 82 -36.58 -20.10 80.79
N VAL D 83 -36.18 -20.72 79.69
CA VAL D 83 -36.36 -20.12 78.36
C VAL D 83 -37.23 -21.04 77.52
N TYR D 84 -38.21 -20.46 76.83
CA TYR D 84 -39.14 -21.18 75.98
C TYR D 84 -39.07 -20.65 74.56
N LEU D 85 -38.94 -21.57 73.60
CA LEU D 85 -38.93 -21.23 72.18
C LEU D 85 -40.14 -21.85 71.51
N GLN D 86 -40.93 -21.02 70.84
CA GLN D 86 -42.09 -21.46 70.08
C GLN D 86 -41.65 -21.71 68.64
N MET D 87 -41.81 -22.96 68.18
CA MET D 87 -41.54 -23.30 66.79
C MET D 87 -42.86 -23.62 66.09
N ASN D 88 -43.10 -22.96 64.96
CA ASN D 88 -44.36 -23.07 64.24
C ASN D 88 -44.12 -23.63 62.84
N SER D 89 -45.09 -24.39 62.35
CA SER D 89 -45.08 -24.96 60.99
C SER D 89 -43.82 -25.77 60.75
N LEU D 90 -43.54 -26.68 61.69
CA LEU D 90 -42.35 -27.52 61.60
C LEU D 90 -42.44 -28.46 60.40
N LYS D 91 -41.29 -28.72 59.79
CA LYS D 91 -41.19 -29.56 58.61
C LYS D 91 -40.02 -30.52 58.78
N PRO D 92 -40.05 -31.66 58.07
CA PRO D 92 -38.95 -32.64 58.22
C PRO D 92 -37.60 -32.11 57.77
N GLU D 93 -37.55 -31.03 56.96
CA GLU D 93 -36.29 -30.51 56.48
C GLU D 93 -35.41 -29.98 57.60
N ASP D 94 -35.98 -29.65 58.76
CA ASP D 94 -35.22 -29.12 59.89
C ASP D 94 -35.08 -30.14 61.02
N THR D 95 -35.08 -31.43 60.68
CA THR D 95 -34.93 -32.49 61.67
C THR D 95 -33.52 -32.46 62.26
N ALA D 96 -33.40 -32.00 63.50
CA ALA D 96 -32.10 -31.90 64.15
C ALA D 96 -32.30 -31.86 65.66
N VAL D 97 -31.21 -32.08 66.39
CA VAL D 97 -31.21 -31.97 67.84
C VAL D 97 -30.83 -30.54 68.22
N TYR D 98 -31.61 -29.95 69.11
CA TYR D 98 -31.48 -28.54 69.45
C TYR D 98 -30.76 -28.39 70.80
N TYR D 99 -29.74 -27.54 70.84
CA TYR D 99 -28.97 -27.30 72.04
C TYR D 99 -29.18 -25.87 72.54
N CYS D 100 -28.85 -25.66 73.81
CA CYS D 100 -28.98 -24.37 74.47
C CYS D 100 -27.61 -23.86 74.86
N PHE D 101 -27.35 -22.58 74.57
CA PHE D 101 -26.09 -21.94 74.95
C PHE D 101 -26.41 -20.64 75.66
N VAL D 102 -25.68 -20.35 76.73
CA VAL D 102 -25.91 -19.15 77.51
C VAL D 102 -25.06 -17.97 77.01
N TYR D 108 -20.42 -23.08 78.38
CA TYR D 108 -21.51 -23.96 78.78
C TYR D 108 -22.39 -24.36 77.60
N ILE D 109 -22.64 -25.65 77.46
CA ILE D 109 -23.48 -26.18 76.39
C ILE D 109 -24.48 -27.15 76.98
N GLY D 110 -25.75 -27.01 76.58
CA GLY D 110 -26.78 -27.91 77.07
C GLY D 110 -26.70 -29.28 76.42
N GLN D 111 -27.28 -30.26 77.11
CA GLN D 111 -27.27 -31.63 76.61
C GLN D 111 -28.07 -31.76 75.33
N GLY D 112 -29.23 -31.12 75.26
CA GLY D 112 -30.04 -31.09 74.05
C GLY D 112 -30.97 -32.28 73.93
N THR D 113 -31.98 -32.12 73.07
CA THR D 113 -32.96 -33.15 72.80
C THR D 113 -33.16 -33.28 71.30
N GLN D 114 -33.45 -34.50 70.86
CA GLN D 114 -33.58 -34.83 69.44
C GLN D 114 -35.03 -34.67 69.01
N VAL D 115 -35.25 -33.96 67.90
CA VAL D 115 -36.58 -33.74 67.35
C VAL D 115 -36.61 -34.31 65.94
N THR D 116 -37.63 -35.11 65.65
CA THR D 116 -37.81 -35.72 64.35
C THR D 116 -39.22 -35.43 63.83
N VAL D 117 -39.31 -35.00 62.57
CA VAL D 117 -40.57 -34.69 61.93
C VAL D 117 -40.74 -35.60 60.73
N SER D 118 -41.89 -36.26 60.65
CA SER D 118 -42.17 -37.16 59.53
C SER D 118 -42.89 -36.42 58.41
N LYS E 20 -4.39 28.56 22.53
CA LYS E 20 -2.95 28.78 22.57
C LYS E 20 -2.27 27.77 23.47
N ASP E 21 -1.10 28.12 24.00
CA ASP E 21 -0.40 27.23 24.92
C ASP E 21 -1.13 27.11 26.25
N VAL E 22 -1.88 28.14 26.64
CA VAL E 22 -2.62 28.09 27.91
C VAL E 22 -3.68 27.01 27.85
N MET E 23 -4.41 26.92 26.73
CA MET E 23 -5.46 25.90 26.61
C MET E 23 -4.87 24.49 26.60
N ILE E 24 -3.66 24.32 26.08
CA ILE E 24 -3.02 23.01 26.10
C ILE E 24 -2.76 22.56 27.54
N PHE E 25 -2.25 23.47 28.37
CA PHE E 25 -1.97 23.12 29.76
C PHE E 25 -3.25 22.98 30.56
N ASN E 26 -4.19 23.91 30.40
CA ASN E 26 -5.44 23.84 31.14
C ASN E 26 -6.28 22.64 30.71
N GLY E 27 -6.29 22.34 29.41
CA GLY E 27 -7.07 21.21 28.92
C GLY E 27 -6.59 19.89 29.49
N LEU E 28 -5.27 19.70 29.56
CA LEU E 28 -4.73 18.47 30.13
C LEU E 28 -5.06 18.36 31.61
N VAL E 29 -4.92 19.47 32.36
CA VAL E 29 -5.22 19.44 33.78
C VAL E 29 -6.70 19.18 34.03
N ALA E 30 -7.57 19.83 33.25
CA ALA E 30 -9.01 19.63 33.42
C ALA E 30 -9.39 18.19 33.10
N LEU E 31 -8.84 17.62 32.03
CA LEU E 31 -9.14 16.24 31.67
C LEU E 31 -8.57 15.26 32.69
N GLY E 32 -7.35 15.51 33.17
CA GLY E 32 -6.72 14.58 34.09
C GLY E 32 -7.46 14.48 35.42
N THR E 33 -7.94 15.60 35.93
CA THR E 33 -8.69 15.59 37.19
C THR E 33 -9.97 14.78 37.06
N VAL E 34 -10.67 14.92 35.94
CA VAL E 34 -11.89 14.14 35.72
C VAL E 34 -11.56 12.66 35.66
N GLY E 35 -10.48 12.31 34.96
CA GLY E 35 -10.06 10.91 34.89
C GLY E 35 -9.71 10.34 36.25
N SER E 36 -8.98 11.12 37.06
CA SER E 36 -8.66 10.67 38.41
C SER E 36 -9.93 10.55 39.25
N GLN E 37 -10.85 11.50 39.12
CA GLN E 37 -12.11 11.44 39.88
C GLN E 37 -12.91 10.21 39.49
N GLU E 38 -13.00 9.91 38.19
CA GLU E 38 -13.70 8.71 37.76
C GLU E 38 -12.99 7.45 38.27
N LEU E 39 -11.66 7.43 38.20
CA LEU E 39 -10.91 6.30 38.74
C LEU E 39 -11.08 6.21 40.25
N PHE E 40 -11.03 7.34 40.96
CA PHE E 40 -11.19 7.33 42.41
C PHE E 40 -12.55 6.78 42.81
N SER E 41 -13.59 7.13 42.05
CA SER E 41 -14.96 6.71 42.46
C SER E 41 -15.18 5.21 42.23
N VAL E 42 -14.52 4.60 41.25
CA VAL E 42 -14.81 3.20 40.96
C VAL E 42 -13.95 2.25 41.77
N VAL E 43 -12.76 2.68 42.21
CA VAL E 43 -11.85 1.80 42.93
C VAL E 43 -11.80 2.13 44.42
N ALA E 44 -11.88 3.42 44.79
CA ALA E 44 -11.78 3.80 46.20
C ALA E 44 -12.86 4.83 46.54
N PHE E 45 -14.06 4.33 46.84
CA PHE E 45 -15.11 5.16 47.45
C PHE E 45 -16.14 4.22 48.04
N HIS E 46 -16.31 4.25 49.36
CA HIS E 46 -17.29 3.42 50.04
C HIS E 46 -17.88 4.22 51.20
N CYS E 47 -19.19 4.43 51.15
CA CYS E 47 -19.86 5.24 52.15
C CYS E 47 -19.93 4.48 53.47
N PRO E 48 -19.38 5.02 54.57
CA PRO E 48 -19.53 4.36 55.87
C PRO E 48 -20.94 4.55 56.42
N CYS E 49 -21.87 3.70 55.99
CA CYS E 49 -23.29 3.94 56.23
C CYS E 49 -23.58 3.83 57.72
N SER E 50 -23.61 4.98 58.39
CA SER E 50 -23.84 5.11 59.82
C SER E 50 -23.87 6.60 60.15
N PRO E 51 -24.62 7.03 61.17
CA PRO E 51 -24.72 8.46 61.46
C PRO E 51 -23.38 9.06 61.88
N ALA E 52 -23.19 10.32 61.51
CA ALA E 52 -22.05 11.14 61.92
C ALA E 52 -20.71 10.63 61.37
N ARG E 53 -20.75 9.60 60.53
CA ARG E 53 -19.54 9.08 59.91
C ARG E 53 -19.49 9.32 58.41
N ASN E 54 -20.57 9.02 57.69
CA ASN E 54 -20.58 9.23 56.24
C ASN E 54 -20.60 10.69 55.88
N TYR E 55 -21.21 11.54 56.72
CA TYR E 55 -21.22 12.98 56.45
C TYR E 55 -19.80 13.53 56.44
N LEU E 56 -18.99 13.15 57.42
CA LEU E 56 -17.58 13.56 57.42
C LEU E 56 -16.83 12.92 56.25
N TYR E 57 -17.13 11.66 55.95
CA TYR E 57 -16.47 10.98 54.83
C TYR E 57 -16.81 11.66 53.51
N GLY E 58 -18.08 11.99 53.30
CA GLY E 58 -18.47 12.65 52.07
C GLY E 58 -17.87 14.03 51.93
N LEU E 59 -17.83 14.80 53.03
CA LEU E 59 -17.21 16.10 53.00
C LEU E 59 -15.71 16.01 52.71
N ALA E 60 -15.04 15.01 53.31
CA ALA E 60 -13.62 14.82 53.07
C ALA E 60 -13.32 14.25 51.69
N ALA E 61 -14.34 13.81 50.95
CA ALA E 61 -14.15 13.30 49.60
C ALA E 61 -14.23 14.38 48.54
N ILE E 62 -14.51 15.63 48.93
CA ILE E 62 -14.59 16.74 47.99
C ILE E 62 -13.58 17.81 48.39
N GLY E 63 -13.71 18.34 49.60
CA GLY E 63 -12.86 19.44 50.02
C GLY E 63 -11.40 19.06 50.12
N VAL E 64 -11.11 17.91 50.72
CA VAL E 64 -9.71 17.49 50.90
C VAL E 64 -9.00 17.28 49.56
N PRO E 65 -9.56 16.54 48.58
CA PRO E 65 -8.87 16.46 47.29
C PRO E 65 -8.73 17.81 46.60
N ALA E 66 -9.71 18.70 46.75
CA ALA E 66 -9.62 20.02 46.16
C ALA E 66 -8.54 20.86 46.84
N LEU E 67 -8.44 20.78 48.16
CA LEU E 67 -7.46 21.57 48.90
C LEU E 67 -6.03 21.16 48.52
N VAL E 68 -5.80 19.86 48.36
CA VAL E 68 -4.47 19.38 47.97
C VAL E 68 -4.09 19.93 46.60
N LEU E 69 -5.02 19.89 45.65
CA LEU E 69 -4.74 20.41 44.32
C LEU E 69 -4.49 21.92 44.36
N PHE E 70 -5.23 22.63 45.22
CA PHE E 70 -5.03 24.08 45.34
C PHE E 70 -3.63 24.40 45.86
N ILE E 71 -3.17 23.69 46.88
CA ILE E 71 -1.82 23.92 47.40
C ILE E 71 -0.78 23.48 46.36
N ILE E 72 -1.01 22.33 45.73
CA ILE E 72 -0.08 21.84 44.71
C ILE E 72 0.01 22.82 43.55
N GLY E 73 -1.13 23.34 43.10
CA GLY E 73 -1.10 24.28 41.99
C GLY E 73 -0.30 25.52 42.29
N ILE E 74 -0.32 25.98 43.55
CA ILE E 74 0.48 27.13 43.94
C ILE E 74 1.97 26.80 43.90
N ILE E 75 2.35 25.63 44.41
CA ILE E 75 3.77 25.32 44.57
C ILE E 75 4.47 25.23 43.22
N LEU E 76 3.86 24.55 42.25
CA LEU E 76 4.49 24.43 40.93
C LEU E 76 4.52 25.75 40.16
N ASN E 77 3.72 26.74 40.55
CA ASN E 77 3.77 28.02 39.85
C ASN E 77 5.07 28.74 40.20
N ASN E 78 5.73 29.29 39.17
CA ASN E 78 6.98 29.99 39.40
C ASN E 78 6.77 31.38 39.99
N HIS E 79 5.64 32.03 39.68
CA HIS E 79 5.46 33.43 40.05
C HIS E 79 5.24 33.61 41.56
N THR E 80 4.70 32.60 42.24
CA THR E 80 4.44 32.75 43.67
C THR E 80 5.74 32.91 44.45
N TRP E 81 6.75 32.10 44.12
CA TRP E 81 8.03 32.18 44.82
C TRP E 81 8.74 33.49 44.50
N ASN E 82 8.55 34.02 43.30
CA ASN E 82 9.03 35.36 42.99
C ASN E 82 8.34 36.40 43.87
N LEU E 83 7.03 36.22 44.09
CA LEU E 83 6.30 37.14 44.97
C LEU E 83 6.81 37.07 46.40
N VAL E 84 7.11 35.86 46.88
CA VAL E 84 7.62 35.70 48.24
C VAL E 84 8.96 36.38 48.40
N ALA E 85 9.85 36.21 47.42
CA ALA E 85 11.16 36.84 47.48
C ALA E 85 11.05 38.36 47.49
N GLU E 86 10.15 38.91 46.66
CA GLU E 86 9.95 40.36 46.65
C GLU E 86 9.42 40.84 47.99
N CYS E 87 8.43 40.13 48.55
CA CYS E 87 7.90 40.50 49.86
C CYS E 87 8.96 40.38 50.95
N GLN E 88 9.83 39.39 50.85
CA GLN E 88 10.92 39.25 51.80
C GLN E 88 11.90 40.43 51.70
N HIS E 89 12.24 40.85 50.47
CA HIS E 89 13.06 42.02 50.29
C HIS E 89 12.33 43.32 50.59
N ARG E 90 11.00 43.31 50.59
CA ARG E 90 10.23 44.51 50.86
C ARG E 90 10.20 44.82 52.35
N ALA E 97 -0.01 47.21 44.15
CA ALA E 97 -1.41 46.94 43.83
C ALA E 97 -1.55 46.29 42.47
N ALA E 98 -1.40 47.09 41.41
CA ALA E 98 -1.63 46.60 40.05
C ALA E 98 -0.77 45.40 39.68
N PRO E 99 0.54 45.37 39.97
CA PRO E 99 1.29 44.12 39.70
C PRO E 99 0.76 42.92 40.46
N THR E 100 0.26 43.12 41.69
CA THR E 100 -0.30 42.01 42.45
C THR E 100 -1.63 41.54 41.88
N PHE E 101 -2.37 42.43 41.21
CA PHE E 101 -3.63 42.03 40.59
C PHE E 101 -3.40 41.00 39.48
N LEU E 102 -2.36 41.18 38.68
CA LEU E 102 -2.13 40.31 37.54
C LEU E 102 -1.77 38.89 38.00
N LEU E 103 -0.83 38.78 38.95
CA LEU E 103 -0.36 37.46 39.37
C LEU E 103 -1.48 36.67 40.03
N LEU E 104 -2.24 37.30 40.93
CA LEU E 104 -3.35 36.61 41.57
C LEU E 104 -4.42 36.22 40.57
N SER E 105 -4.58 37.00 39.51
CA SER E 105 -5.47 36.61 38.41
C SER E 105 -4.82 35.57 37.51
N SER E 106 -3.51 35.39 37.60
CA SER E 106 -2.78 34.42 36.78
C SER E 106 -2.50 33.11 37.51
N ILE E 107 -2.02 33.18 38.76
CA ILE E 107 -1.74 31.96 39.50
C ILE E 107 -3.02 31.19 39.79
N LEU E 108 -4.07 31.90 40.22
CA LEU E 108 -5.35 31.23 40.47
C LEU E 108 -5.97 30.72 39.19
N GLY E 109 -5.84 31.48 38.09
CA GLY E 109 -6.32 31.01 36.82
C GLY E 109 -5.60 29.77 36.31
N ARG E 110 -4.44 29.45 36.89
CA ARG E 110 -3.69 28.26 36.55
C ARG E 110 -3.62 27.24 37.66
N ALA E 111 -3.88 27.64 38.91
CA ALA E 111 -3.85 26.72 40.04
C ALA E 111 -5.23 26.39 40.60
N ALA E 112 -6.17 27.31 40.53
CA ALA E 112 -7.53 27.03 41.01
C ALA E 112 -8.35 26.26 39.98
N VAL E 113 -7.81 26.00 38.78
CA VAL E 113 -8.50 25.14 37.84
C VAL E 113 -8.65 23.73 38.41
N ALA E 114 -7.56 23.19 38.97
CA ALA E 114 -7.58 21.79 39.44
C ALA E 114 -8.59 21.55 40.54
N PRO E 115 -8.70 22.37 41.60
CA PRO E 115 -9.75 22.11 42.59
C PRO E 115 -11.15 22.28 42.03
N VAL E 116 -11.37 23.30 41.19
CA VAL E 116 -12.71 23.59 40.70
C VAL E 116 -13.24 22.44 39.86
N THR E 117 -12.41 21.91 38.95
CA THR E 117 -12.89 20.80 38.12
C THR E 117 -13.17 19.56 38.97
N TRP E 118 -12.30 19.28 39.95
CA TRP E 118 -12.58 18.17 40.86
C TRP E 118 -13.85 18.41 41.65
N SER E 119 -14.06 19.64 42.10
CA SER E 119 -15.24 19.96 42.89
C SER E 119 -16.52 19.79 42.08
N VAL E 120 -16.52 20.25 40.82
CA VAL E 120 -17.76 20.24 40.04
C VAL E 120 -18.11 18.81 39.60
N ILE E 121 -17.11 18.03 39.17
CA ILE E 121 -17.40 16.64 38.76
C ILE E 121 -17.93 15.83 39.93
N SER E 122 -17.37 16.03 41.13
CA SER E 122 -17.87 15.30 42.29
C SER E 122 -19.32 15.66 42.58
N LEU E 123 -19.67 16.95 42.49
CA LEU E 123 -21.05 17.36 42.70
C LEU E 123 -21.95 16.88 41.57
N LEU E 124 -21.49 16.97 40.32
CA LEU E 124 -22.30 16.52 39.19
C LEU E 124 -22.50 15.01 39.23
N ARG E 125 -21.49 14.27 39.67
CA ARG E 125 -21.64 12.82 39.82
C ARG E 125 -22.69 12.49 40.87
N GLY E 126 -22.69 13.22 41.99
CA GLY E 126 -23.68 13.06 43.02
C GLY E 126 -23.38 11.98 44.04
N GLU E 127 -22.31 11.20 43.84
CA GLU E 127 -22.01 10.13 44.78
C GLU E 127 -21.61 10.68 46.15
N ALA E 128 -20.78 11.73 46.17
CA ALA E 128 -20.25 12.23 47.44
C ALA E 128 -21.30 12.96 48.25
N TYR E 129 -22.18 13.71 47.61
CA TYR E 129 -23.15 14.51 48.35
C TYR E 129 -24.21 13.62 49.02
N VAL E 130 -24.74 12.65 48.28
CA VAL E 130 -25.70 11.73 48.89
C VAL E 130 -25.00 10.87 49.94
N CYS E 131 -23.70 10.63 49.79
CA CYS E 131 -22.92 9.98 50.83
C CYS E 131 -22.83 10.82 52.10
N ALA E 132 -23.06 12.13 52.00
CA ALA E 132 -22.88 13.04 53.11
C ALA E 132 -24.18 13.44 53.79
N LEU E 133 -25.19 13.85 53.01
CA LEU E 133 -26.42 14.38 53.56
C LEU E 133 -27.52 13.34 53.72
N SER E 134 -27.21 12.05 53.52
CA SER E 134 -28.21 11.02 53.75
C SER E 134 -28.58 10.94 55.23
N GLU E 135 -27.69 11.34 56.12
CA GLU E 135 -27.98 11.30 57.55
C GLU E 135 -29.04 12.32 57.94
N PHE E 136 -29.02 13.50 57.31
CA PHE E 136 -29.91 14.59 57.69
C PHE E 136 -31.23 14.59 56.95
N VAL E 137 -31.54 13.52 56.19
CA VAL E 137 -32.80 13.45 55.48
C VAL E 137 -33.96 13.40 56.47
N ASP E 138 -35.00 14.18 56.18
CA ASP E 138 -36.17 14.23 57.06
C ASP E 138 -37.05 13.02 56.76
N PRO E 139 -37.30 12.14 57.72
CA PRO E 139 -38.17 10.98 57.45
C PRO E 139 -39.58 11.36 57.04
N SER E 140 -40.12 12.45 57.58
CA SER E 140 -41.50 12.84 57.31
C SER E 140 -41.67 13.61 55.99
N SER E 141 -40.57 13.93 55.32
CA SER E 141 -40.63 14.70 54.08
C SER E 141 -40.80 13.82 52.84
N LEU E 142 -40.82 12.50 52.99
CA LEU E 142 -40.96 11.62 51.85
C LEU E 142 -42.43 11.51 51.44
N THR E 143 -42.65 10.98 50.23
CA THR E 143 -44.00 10.89 49.67
C THR E 143 -44.30 9.47 49.18
N ALA E 144 -45.41 9.33 48.45
CA ALA E 144 -45.92 8.10 47.85
C ALA E 144 -46.41 7.09 48.87
N ARG E 145 -46.28 7.36 50.16
CA ARG E 145 -46.75 6.47 51.22
C ARG E 145 -46.66 7.22 52.54
N GLU E 146 -47.27 6.63 53.57
CA GLU E 146 -47.18 7.19 54.90
C GLU E 146 -45.76 7.04 55.45
N GLU E 147 -45.40 7.93 56.36
CA GLU E 147 -44.07 7.90 56.95
C GLU E 147 -43.88 6.61 57.75
N HIS E 148 -42.86 5.84 57.40
CA HIS E 148 -42.57 4.54 58.01
C HIS E 148 -41.11 4.53 58.46
N PHE E 149 -40.86 5.03 59.66
CA PHE E 149 -39.52 5.05 60.23
C PHE E 149 -39.61 4.98 61.74
N PRO E 150 -38.80 4.14 62.38
CA PRO E 150 -38.83 4.07 63.86
C PRO E 150 -38.30 5.34 64.49
N SER E 151 -38.76 5.60 65.72
CA SER E 151 -38.36 6.81 66.42
C SER E 151 -36.87 6.82 66.73
N ALA E 152 -36.31 5.67 67.11
CA ALA E 152 -34.91 5.59 67.51
C ALA E 152 -33.97 5.34 66.34
N HIS E 153 -34.34 4.42 65.43
CA HIS E 153 -33.50 4.05 64.30
C HIS E 153 -33.84 4.84 63.03
N ALA E 154 -34.36 6.06 63.17
CA ALA E 154 -34.71 6.85 62.00
C ALA E 154 -33.47 7.18 61.17
N THR E 155 -32.44 7.73 61.83
CA THR E 155 -31.23 8.10 61.11
C THR E 155 -30.44 6.87 60.67
N GLU E 156 -30.47 5.80 61.48
CA GLU E 156 -29.71 4.60 61.15
C GLU E 156 -30.20 3.98 59.84
N ILE E 157 -31.51 3.91 59.65
CA ILE E 157 -32.06 3.37 58.41
C ILE E 157 -31.73 4.30 57.24
N LEU E 158 -31.89 5.60 57.44
CA LEU E 158 -31.61 6.56 56.36
C LEU E 158 -30.15 6.56 55.98
N ALA E 159 -29.25 6.46 56.96
CA ALA E 159 -27.82 6.49 56.68
C ALA E 159 -27.36 5.29 55.87
N ARG E 160 -28.13 4.20 55.88
CA ARG E 160 -27.77 3.00 55.15
C ARG E 160 -28.33 2.97 53.73
N PHE E 161 -29.07 4.00 53.32
CA PHE E 161 -29.62 4.03 51.97
C PHE E 161 -28.54 4.04 50.88
N PRO E 162 -27.50 4.88 50.94
CA PRO E 162 -26.53 4.89 49.82
C PRO E 162 -25.82 3.57 49.60
N CYS E 163 -25.59 2.78 50.66
CA CYS E 163 -24.90 1.51 50.51
C CYS E 163 -25.73 0.46 49.79
N LYS E 164 -27.02 0.71 49.59
CA LYS E 164 -27.94 -0.22 48.93
C LYS E 164 -28.02 -1.57 49.62
N GLU E 165 -27.71 -1.61 50.92
CA GLU E 165 -27.81 -2.83 51.71
C GLU E 165 -29.15 -2.96 52.43
N ASN E 166 -30.03 -1.96 52.30
CA ASN E 166 -31.31 -2.00 52.96
C ASN E 166 -32.20 -3.09 52.34
N PRO E 167 -33.15 -3.63 53.11
CA PRO E 167 -34.07 -4.62 52.54
C PRO E 167 -34.91 -4.02 51.43
N ASP E 168 -35.32 -4.89 50.50
CA ASP E 168 -36.10 -4.45 49.34
C ASP E 168 -37.44 -3.87 49.73
N ASN E 169 -37.92 -4.12 50.95
CA ASN E 169 -39.19 -3.55 51.39
C ASN E 169 -39.12 -2.04 51.48
N LEU E 170 -37.92 -1.49 51.70
CA LEU E 170 -37.73 -0.05 51.80
C LEU E 170 -37.26 0.58 50.49
N SER E 171 -37.18 -0.21 49.41
CA SER E 171 -36.71 0.33 48.14
C SER E 171 -37.66 1.39 47.58
N ASP E 172 -38.94 1.35 47.94
CA ASP E 172 -39.86 2.38 47.52
C ASP E 172 -39.44 3.73 48.11
N PHE E 173 -39.13 3.76 49.40
CA PHE E 173 -38.71 4.99 50.05
C PHE E 173 -37.26 5.34 49.72
N ARG E 174 -36.41 4.34 49.53
CA ARG E 174 -34.99 4.60 49.29
C ARG E 174 -34.77 5.32 47.97
N GLU E 175 -35.56 4.98 46.95
CA GLU E 175 -35.37 5.59 45.64
C GLU E 175 -35.64 7.08 45.67
N GLU E 176 -36.66 7.51 46.42
CA GLU E 176 -36.97 8.92 46.53
C GLU E 176 -35.82 9.69 47.17
N VAL E 177 -35.27 9.16 48.26
CA VAL E 177 -34.17 9.84 48.95
C VAL E 177 -32.91 9.79 48.10
N SER E 178 -32.59 8.64 47.51
CA SER E 178 -31.39 8.51 46.71
C SER E 178 -31.43 9.32 45.43
N ARG E 179 -32.60 9.85 45.05
CA ARG E 179 -32.72 10.71 43.88
C ARG E 179 -32.96 12.17 44.24
N ARG E 180 -33.54 12.44 45.42
CA ARG E 180 -33.68 13.81 45.87
C ARG E 180 -32.33 14.46 46.15
N LEU E 181 -31.48 13.78 46.93
CA LEU E 181 -30.16 14.31 47.22
C LEU E 181 -29.28 14.33 45.97
N ARG E 182 -29.49 13.38 45.06
CA ARG E 182 -28.77 13.41 43.78
C ARG E 182 -29.15 14.66 42.99
N TYR E 183 -30.41 15.07 43.05
CA TYR E 183 -30.82 16.33 42.44
C TYR E 183 -30.12 17.51 43.09
N GLU E 184 -30.04 17.53 44.42
CA GLU E 184 -29.40 18.64 45.11
C GLU E 184 -27.91 18.70 44.82
N SER E 185 -27.26 17.55 44.65
CA SER E 185 -25.84 17.55 44.32
C SER E 185 -25.58 18.20 42.97
N GLN E 186 -26.31 17.75 41.95
CA GLN E 186 -26.09 18.29 40.61
C GLN E 186 -26.54 19.74 40.49
N LEU E 187 -27.56 20.13 41.25
CA LEU E 187 -27.97 21.54 41.25
C LEU E 187 -26.86 22.43 41.79
N PHE E 188 -26.19 22.00 42.87
CA PHE E 188 -25.06 22.75 43.37
C PHE E 188 -23.88 22.72 42.41
N GLY E 189 -23.74 21.63 41.65
CA GLY E 189 -22.66 21.56 40.67
C GLY E 189 -22.80 22.59 39.56
N TRP E 190 -24.03 22.79 39.08
CA TRP E 190 -24.25 23.77 38.03
C TRP E 190 -24.16 25.19 38.55
N LEU E 191 -24.68 25.44 39.75
CA LEU E 191 -24.61 26.78 40.32
C LEU E 191 -23.17 27.19 40.60
N LEU E 192 -22.31 26.23 40.96
CA LEU E 192 -20.89 26.53 41.12
C LEU E 192 -20.27 26.93 39.79
N ILE E 193 -20.61 26.22 38.71
CA ILE E 193 -20.10 26.58 37.39
C ILE E 193 -20.61 27.96 36.99
N GLY E 194 -21.89 28.24 37.23
CA GLY E 194 -22.42 29.55 36.92
C GLY E 194 -21.74 30.65 37.71
N VAL E 195 -21.45 30.41 38.99
CA VAL E 195 -20.74 31.39 39.80
C VAL E 195 -19.32 31.58 39.29
N VAL E 196 -18.63 30.48 38.97
CA VAL E 196 -17.26 30.57 38.49
C VAL E 196 -17.21 31.27 37.13
N ALA E 197 -18.15 30.94 36.24
CA ALA E 197 -18.15 31.56 34.92
C ALA E 197 -18.36 33.07 35.01
N ILE E 198 -19.22 33.51 35.93
CA ILE E 198 -19.41 34.94 36.13
C ILE E 198 -18.14 35.59 36.68
N LEU E 199 -17.49 34.93 37.64
CA LEU E 199 -16.29 35.48 38.25
C LEU E 199 -15.16 35.61 37.24
N VAL E 200 -15.00 34.61 36.37
CA VAL E 200 -13.97 34.68 35.34
C VAL E 200 -14.25 35.84 34.40
N PHE E 201 -15.51 36.05 34.04
CA PHE E 201 -15.88 37.21 33.23
C PHE E 201 -15.58 38.52 33.96
N LEU E 202 -15.93 38.59 35.25
CA LEU E 202 -15.68 39.81 36.01
C LEU E 202 -14.19 40.06 36.20
N THR E 203 -13.42 39.00 36.42
CA THR E 203 -11.97 39.16 36.53
C THR E 203 -11.37 39.69 35.23
N LYS E 204 -11.85 39.19 34.09
CA LYS E 204 -11.37 39.67 32.80
C LYS E 204 -11.67 41.15 32.62
N CYS E 205 -12.89 41.58 32.99
CA CYS E 205 -13.26 42.98 32.85
C CYS E 205 -12.43 43.87 33.77
N LEU E 206 -12.27 43.46 35.03
CA LEU E 206 -11.50 44.27 35.98
C LEU E 206 -10.03 44.36 35.57
N LYS E 207 -9.47 43.25 35.07
CA LYS E 207 -8.07 43.27 34.66
C LYS E 207 -7.83 44.26 33.54
N HIS E 208 -8.71 44.28 32.53
CA HIS E 208 -8.55 45.21 31.42
C HIS E 208 -8.94 46.64 31.79
N TYR E 209 -10.02 46.81 32.54
CA TYR E 209 -10.53 48.15 32.83
C TYR E 209 -9.61 48.89 33.79
N CYS E 210 -9.09 48.21 34.81
CA CYS E 210 -8.25 48.85 35.81
C CYS E 210 -6.78 48.87 35.43
N SER E 211 -6.42 48.27 34.31
CA SER E 211 -5.03 48.25 33.89
C SER E 211 -4.63 49.61 33.33
N PRO E 212 -3.39 50.05 33.55
CA PRO E 212 -2.95 51.34 33.01
C PRO E 212 -2.59 51.32 31.55
N LEU E 213 -2.35 50.14 30.96
CA LEU E 213 -1.92 50.02 29.58
C LEU E 213 -2.98 49.30 28.77
N SER E 214 -3.03 49.61 27.47
CA SER E 214 -4.03 49.04 26.59
C SER E 214 -3.81 47.53 26.43
N TYR E 215 -4.89 46.84 26.05
CA TYR E 215 -4.84 45.39 25.96
C TYR E 215 -3.96 44.92 24.79
N ARG E 216 -3.82 45.76 23.75
CA ARG E 216 -2.89 45.43 22.68
C ARG E 216 -1.45 45.41 23.18
N GLN E 217 -1.09 46.37 24.03
CA GLN E 217 0.24 46.37 24.63
C GLN E 217 0.37 45.27 25.67
N GLU E 218 -0.70 44.99 26.41
CA GLU E 218 -0.67 43.92 27.40
C GLU E 218 -0.41 42.57 26.74
N ALA E 219 -1.06 42.31 25.60
CA ALA E 219 -0.77 41.09 24.86
C ALA E 219 0.67 41.06 24.40
N TYR E 220 1.20 42.22 23.98
CA TYR E 220 2.62 42.31 23.65
C TYR E 220 3.48 42.10 24.88
N TRP E 221 3.06 42.65 26.03
CA TRP E 221 3.83 42.49 27.26
C TRP E 221 3.90 41.01 27.67
N ALA E 222 2.78 40.31 27.58
CA ALA E 222 2.77 38.89 27.93
C ALA E 222 3.64 38.08 26.98
N GLN E 223 3.63 38.43 25.69
CA GLN E 223 4.48 37.75 24.73
C GLN E 223 5.96 37.97 25.03
N TYR E 224 6.33 39.20 25.43
CA TYR E 224 7.73 39.47 25.75
C TYR E 224 8.19 38.67 26.96
N ARG E 225 7.36 38.57 27.99
CA ARG E 225 7.76 37.82 29.19
C ARG E 225 8.00 36.36 28.87
N ALA E 226 7.11 35.74 28.08
CA ALA E 226 7.30 34.35 27.70
C ALA E 226 8.56 34.18 26.87
N ASN E 227 8.82 35.10 25.94
CA ASN E 227 10.00 35.01 25.11
C ASN E 227 11.28 35.21 25.91
N GLU E 228 11.26 36.14 26.88
CA GLU E 228 12.45 36.38 27.69
C GLU E 228 12.81 35.16 28.53
N ASP E 229 11.82 34.53 29.16
CA ASP E 229 12.11 33.35 29.97
C ASP E 229 12.56 32.16 29.14
N GLN E 230 12.04 32.04 27.91
CA GLN E 230 12.50 30.96 27.04
C GLN E 230 13.97 31.15 26.69
N LEU E 231 14.37 32.38 26.36
CA LEU E 231 15.77 32.62 26.03
C LEU E 231 16.65 32.64 27.28
N PHE E 232 16.15 33.19 28.38
CA PHE E 232 16.94 33.23 29.61
C PHE E 232 17.26 31.83 30.11
N GLN E 233 16.27 30.93 30.09
CA GLN E 233 16.53 29.55 30.50
C GLN E 233 17.52 28.88 29.55
N ARG E 234 17.38 29.11 28.24
CA ARG E 234 18.26 28.47 27.29
C ARG E 234 19.69 29.00 27.43
N THR E 235 19.82 30.32 27.62
CA THR E 235 21.16 30.91 27.74
C THR E 235 21.83 30.52 29.06
N ALA E 236 21.05 30.47 30.15
CA ALA E 236 21.63 30.14 31.45
C ALA E 236 22.20 28.72 31.45
N GLU E 237 21.47 27.77 30.86
CA GLU E 237 21.99 26.41 30.76
C GLU E 237 23.25 26.36 29.90
N VAL E 238 23.25 27.09 28.79
CA VAL E 238 24.44 27.14 27.93
C VAL E 238 25.59 27.82 28.68
N HIS E 239 25.31 28.92 29.37
CA HIS E 239 26.38 29.66 30.04
C HIS E 239 26.97 28.82 31.17
N SER E 240 26.14 28.06 31.88
CA SER E 240 26.65 27.18 32.93
C SER E 240 27.58 26.12 32.38
N ARG E 241 27.20 25.50 31.26
CA ARG E 241 28.05 24.47 30.66
C ARG E 241 29.38 25.06 30.19
N VAL E 242 29.34 26.23 29.57
CA VAL E 242 30.57 26.88 29.15
C VAL E 242 31.42 27.27 30.34
N LEU E 243 30.80 27.84 31.39
CA LEU E 243 31.55 28.22 32.58
C LEU E 243 32.14 26.99 33.25
N ALA E 244 31.37 25.90 33.33
CA ALA E 244 31.90 24.66 33.89
C ALA E 244 33.02 24.10 33.02
N ALA E 245 32.89 24.19 31.70
CA ALA E 245 33.95 23.71 30.81
C ALA E 245 35.23 24.50 31.01
N ASN E 246 35.12 25.82 31.19
CA ASN E 246 36.30 26.65 31.39
C ASN E 246 37.01 26.24 32.68
N ASN E 247 36.25 25.98 33.75
CA ASN E 247 36.85 25.54 35.01
C ASN E 247 37.58 24.20 34.83
N VAL E 248 37.02 23.32 33.99
CA VAL E 248 37.70 22.05 33.70
C VAL E 248 39.03 22.31 33.00
N ARG E 249 39.03 23.23 32.03
CA ARG E 249 40.27 23.61 31.36
C ARG E 249 41.26 24.23 32.35
N ARG E 250 40.78 25.11 33.23
CA ARG E 250 41.67 25.72 34.21
C ARG E 250 42.24 24.68 35.17
N PHE E 251 41.40 23.73 35.60
CA PHE E 251 41.84 22.74 36.57
C PHE E 251 42.71 21.65 35.94
N PHE E 252 42.40 21.24 34.70
CA PHE E 252 43.09 20.11 34.08
C PHE E 252 43.97 20.47 32.91
N GLY E 253 43.79 21.64 32.30
CA GLY E 253 44.56 22.02 31.13
C GLY E 253 43.99 21.53 29.81
N PHE E 254 42.88 20.80 29.83
CA PHE E 254 42.25 20.32 28.60
C PHE E 254 40.79 20.05 28.87
N VAL E 255 40.01 19.99 27.80
CA VAL E 255 38.58 19.70 27.87
C VAL E 255 38.23 18.65 26.83
N ALA E 256 37.37 17.72 27.21
CA ALA E 256 36.86 16.69 26.31
C ALA E 256 35.41 17.04 26.00
N LEU E 257 35.22 17.84 24.96
CA LEU E 257 33.90 18.32 24.56
C LEU E 257 33.57 17.84 23.15
N ASN E 258 32.28 17.74 22.88
CA ASN E 258 31.80 17.42 21.54
C ASN E 258 31.89 18.67 20.65
N LYS E 259 31.50 18.50 19.39
CA LYS E 259 31.62 19.60 18.43
C LYS E 259 30.78 20.79 18.84
N ASP E 260 29.55 20.55 19.31
CA ASP E 260 28.68 21.65 19.71
C ASP E 260 29.21 22.36 20.95
N ASP E 261 29.62 21.60 21.96
CA ASP E 261 30.14 22.21 23.18
C ASP E 261 31.43 22.97 22.92
N GLU E 262 32.32 22.39 22.11
CA GLU E 262 33.56 23.08 21.76
C GLU E 262 33.28 24.36 20.98
N GLU E 263 32.23 24.36 20.15
CA GLU E 263 31.85 25.59 19.47
C GLU E 263 31.32 26.63 20.45
N LEU E 264 30.50 26.20 21.42
CA LEU E 264 29.81 27.15 22.29
C LEU E 264 30.79 28.06 23.01
N ILE E 265 31.83 27.48 23.61
CA ILE E 265 32.87 28.30 24.20
C ILE E 265 33.59 29.12 23.14
N ALA E 266 33.81 28.53 21.95
CA ALA E 266 34.47 29.25 20.87
C ALA E 266 33.66 30.44 20.38
N ASN E 267 32.33 30.38 20.46
CA ASN E 267 31.51 31.53 20.11
C ASN E 267 31.13 32.38 21.32
N PHE E 268 31.10 31.82 22.52
CA PHE E 268 30.63 32.58 23.67
C PHE E 268 31.78 32.84 24.63
N PRO E 269 32.41 34.03 24.58
CA PRO E 269 33.43 34.37 25.56
C PRO E 269 32.79 34.38 26.95
N VAL E 270 33.59 34.13 27.97
CA VAL E 270 33.15 34.08 29.35
C VAL E 270 32.99 35.52 29.87
N GLU E 271 31.76 35.89 30.21
CA GLU E 271 31.52 37.21 30.76
C GLU E 271 32.11 37.34 32.16
N GLY E 272 31.94 36.32 32.99
CA GLY E 272 32.43 36.37 34.36
C GLY E 272 31.32 36.15 35.38
N THR E 273 31.53 36.60 36.60
CA THR E 273 30.56 36.47 37.68
C THR E 273 29.80 37.77 37.83
N GLN E 274 28.47 37.70 37.70
CA GLN E 274 27.66 38.89 37.88
C GLN E 274 27.71 39.35 39.35
N PRO E 275 27.75 40.65 39.59
CA PRO E 275 27.73 41.13 40.97
C PRO E 275 26.43 40.73 41.67
N ARG E 276 26.54 40.53 42.98
CA ARG E 276 25.37 40.14 43.78
C ARG E 276 24.18 41.08 43.62
N PRO E 277 24.33 42.41 43.69
CA PRO E 277 23.17 43.29 43.46
C PRO E 277 22.54 43.12 42.09
N GLN E 278 23.34 42.83 41.05
CA GLN E 278 22.80 42.72 39.70
C GLN E 278 21.81 41.57 39.59
N TRP E 279 22.14 40.41 40.18
CA TRP E 279 21.16 39.34 40.25
C TRP E 279 19.94 39.75 41.07
N ASN E 280 20.17 40.46 42.17
CA ASN E 280 19.05 41.02 42.93
C ASN E 280 18.32 42.12 42.17
N ALA E 281 18.98 42.73 41.19
CA ALA E 281 18.33 43.77 40.39
C ALA E 281 17.33 43.19 39.40
N ILE E 282 17.53 41.95 38.97
CA ILE E 282 16.65 41.32 37.98
C ILE E 282 15.64 40.39 38.61
N THR E 283 15.53 40.39 39.94
CA THR E 283 14.56 39.57 40.65
C THR E 283 13.58 40.47 41.39
N GLY E 284 12.37 39.95 41.59
CA GLY E 284 11.32 40.71 42.24
C GLY E 284 10.08 40.86 41.39
N VAL E 285 9.29 41.89 41.65
CA VAL E 285 8.06 42.12 40.91
C VAL E 285 8.25 43.37 40.04
N TYR E 286 7.46 43.44 38.99
CA TYR E 286 7.52 44.53 38.02
C TYR E 286 6.28 45.41 38.14
N LEU E 287 6.50 46.72 38.17
CA LEU E 287 5.42 47.69 38.28
C LEU E 287 5.14 48.42 36.98
N TYR E 288 5.81 48.03 35.89
CA TYR E 288 5.73 48.70 34.59
C TYR E 288 6.05 50.20 34.74
N ARG E 289 7.32 50.44 35.07
CA ARG E 289 7.86 51.79 35.13
C ARG E 289 8.62 52.05 33.83
N GLU E 290 8.28 53.15 33.15
CA GLU E 290 8.94 53.52 31.91
C GLU E 290 9.94 54.64 32.14
N ASN E 291 10.98 54.67 31.30
CA ASN E 291 12.06 55.63 31.42
C ASN E 291 11.99 56.59 30.24
N GLN E 292 11.35 57.74 30.45
CA GLN E 292 11.27 58.83 29.47
C GLN E 292 10.66 58.34 28.16
N GLY E 293 9.41 57.91 28.24
CA GLY E 293 8.67 57.52 27.05
C GLY E 293 8.78 56.05 26.71
N LEU E 294 9.99 55.59 26.45
CA LEU E 294 10.20 54.19 26.06
C LEU E 294 9.83 53.28 27.23
N PRO E 295 8.91 52.34 27.06
CA PRO E 295 8.53 51.46 28.17
C PRO E 295 9.62 50.44 28.45
N LEU E 296 9.62 49.96 29.69
CA LEU E 296 10.39 48.78 30.07
C LEU E 296 9.43 47.74 30.65
N TYR E 297 9.48 46.54 30.08
CA TYR E 297 8.48 45.51 30.34
C TYR E 297 8.92 44.50 31.40
N SER E 298 10.18 44.54 31.84
CA SER E 298 10.66 43.56 32.80
C SER E 298 11.84 44.15 33.57
N ARG E 299 12.16 43.50 34.69
CA ARG E 299 13.30 43.94 35.49
C ARG E 299 14.61 43.78 34.73
N LEU E 300 14.75 42.69 33.97
CA LEU E 300 15.93 42.52 33.14
C LEU E 300 16.01 43.61 32.08
N HIS E 301 14.88 43.96 31.47
CA HIS E 301 14.88 45.06 30.51
C HIS E 301 15.15 46.39 31.21
N LYS E 302 14.66 46.54 32.45
CA LYS E 302 14.97 47.73 33.22
C LYS E 302 16.46 47.83 33.52
N TRP E 303 17.08 46.71 33.89
CA TRP E 303 18.51 46.70 34.18
C TRP E 303 19.33 46.94 32.91
N ALA E 304 18.96 46.27 31.82
CA ALA E 304 19.71 46.41 30.58
C ALA E 304 19.63 47.83 30.04
N GLN E 305 18.44 48.43 30.06
CA GLN E 305 18.30 49.80 29.60
C GLN E 305 18.87 50.80 30.61
N GLY E 306 18.77 50.48 31.91
CA GLY E 306 19.27 51.39 32.91
C GLY E 306 20.76 51.63 32.80
N LEU E 307 21.53 50.57 32.53
CA LEU E 307 22.97 50.71 32.37
C LEU E 307 23.40 50.28 30.97
N GLU F 38 -16.75 9.38 29.58
CA GLU F 38 -16.01 10.64 29.58
C GLU F 38 -16.82 11.72 30.31
N LEU F 39 -16.74 12.96 29.81
CA LEU F 39 -17.50 14.04 30.41
C LEU F 39 -19.00 13.84 30.25
N PHE F 40 -19.42 13.28 29.11
CA PHE F 40 -20.84 13.08 28.84
C PHE F 40 -21.48 12.18 29.90
N SER F 41 -20.73 11.23 30.46
CA SER F 41 -21.26 10.41 31.54
C SER F 41 -21.54 11.25 32.78
N VAL F 42 -20.63 12.18 33.10
CA VAL F 42 -20.82 13.03 34.28
C VAL F 42 -21.94 14.04 34.05
N VAL F 43 -21.96 14.66 32.87
CA VAL F 43 -22.89 15.76 32.61
C VAL F 43 -24.18 15.22 32.00
N ALA F 44 -24.36 13.90 32.08
CA ALA F 44 -25.57 13.29 31.55
C ALA F 44 -26.80 13.80 32.31
N PHE F 45 -27.87 14.06 31.56
CA PHE F 45 -29.10 14.57 32.16
C PHE F 45 -29.78 13.46 32.96
N HIS F 46 -30.16 13.79 34.20
CA HIS F 46 -30.86 12.86 35.08
C HIS F 46 -32.05 13.59 35.69
N CYS F 47 -33.25 13.20 35.29
CA CYS F 47 -34.45 13.90 35.72
C CYS F 47 -34.82 13.52 37.14
N PRO F 48 -34.87 14.46 38.08
CA PRO F 48 -35.39 14.17 39.42
C PRO F 48 -36.91 14.18 39.42
N CYS F 49 -37.51 13.00 39.51
CA CYS F 49 -38.97 12.88 39.45
C CYS F 49 -39.55 13.29 40.80
N SER F 50 -39.66 14.60 40.99
CA SER F 50 -40.25 15.18 42.18
C SER F 50 -40.99 16.44 41.73
N PRO F 51 -42.24 16.62 42.15
CA PRO F 51 -43.01 17.79 41.68
C PRO F 51 -42.42 19.09 42.16
N ALA F 52 -42.57 20.12 41.33
CA ALA F 52 -42.07 21.48 41.60
C ALA F 52 -40.57 21.50 41.84
N ARG F 53 -39.85 20.48 41.40
CA ARG F 53 -38.43 20.36 41.68
C ARG F 53 -37.65 20.01 40.41
N ASN F 54 -38.31 19.33 39.47
CA ASN F 54 -37.62 18.87 38.27
C ASN F 54 -37.34 20.02 37.32
N TYR F 55 -38.29 20.94 37.15
CA TYR F 55 -38.08 22.05 36.22
C TYR F 55 -36.98 22.98 36.70
N LEU F 56 -36.77 23.07 38.02
CA LEU F 56 -35.63 23.80 38.53
C LEU F 56 -34.32 23.15 38.09
N TYR F 57 -34.27 21.81 38.11
CA TYR F 57 -33.12 21.10 37.58
C TYR F 57 -32.98 21.31 36.08
N GLY F 58 -34.10 21.26 35.35
CA GLY F 58 -34.05 21.52 33.92
C GLY F 58 -33.57 22.92 33.60
N LEU F 59 -33.98 23.90 34.42
CA LEU F 59 -33.47 25.25 34.25
C LEU F 59 -31.97 25.31 34.50
N ALA F 60 -31.49 24.59 35.51
CA ALA F 60 -30.07 24.60 35.83
C ALA F 60 -29.25 23.78 34.84
N ALA F 61 -29.80 22.65 34.38
CA ALA F 61 -29.07 21.79 33.47
C ALA F 61 -29.02 22.33 32.04
N ILE F 62 -29.83 23.34 31.73
CA ILE F 62 -29.89 23.92 30.39
C ILE F 62 -29.50 25.40 30.41
N GLY F 63 -30.03 26.16 31.38
CA GLY F 63 -29.76 27.58 31.44
C GLY F 63 -28.35 27.93 31.85
N VAL F 64 -27.66 27.03 32.55
CA VAL F 64 -26.28 27.28 32.96
C VAL F 64 -25.33 27.04 31.79
N PRO F 65 -25.41 25.91 31.07
CA PRO F 65 -24.57 25.78 29.87
C PRO F 65 -24.85 26.84 28.83
N ALA F 66 -26.10 27.31 28.73
CA ALA F 66 -26.40 28.44 27.85
C ALA F 66 -25.73 29.71 28.34
N LEU F 67 -25.63 29.89 29.65
CA LEU F 67 -24.96 31.06 30.19
C LEU F 67 -23.45 30.97 29.98
N VAL F 68 -22.87 29.79 30.24
CA VAL F 68 -21.42 29.63 30.10
C VAL F 68 -20.99 29.85 28.66
N LEU F 69 -21.72 29.24 27.71
CA LEU F 69 -21.40 29.45 26.30
C LEU F 69 -21.64 30.89 25.89
N PHE F 70 -22.53 31.60 26.58
CA PHE F 70 -22.71 33.02 26.31
C PHE F 70 -21.54 33.83 26.87
N ILE F 71 -21.00 33.43 28.01
CA ILE F 71 -19.86 34.14 28.58
C ILE F 71 -18.61 33.90 27.75
N ILE F 72 -18.40 32.66 27.30
CA ILE F 72 -17.21 32.34 26.52
C ILE F 72 -17.20 33.13 25.21
N GLY F 73 -18.37 33.26 24.58
CA GLY F 73 -18.44 34.05 23.35
C GLY F 73 -18.07 35.50 23.55
N ILE F 74 -18.42 36.06 24.71
CA ILE F 74 -18.03 37.44 25.01
C ILE F 74 -16.52 37.53 25.21
N ILE F 75 -15.95 36.60 25.98
CA ILE F 75 -14.53 36.69 26.34
C ILE F 75 -13.66 36.55 25.11
N LEU F 76 -13.96 35.57 24.25
CA LEU F 76 -13.11 35.32 23.09
C LEU F 76 -13.22 36.43 22.06
N ASN F 77 -14.34 37.15 22.02
CA ASN F 77 -14.56 38.19 21.01
C ASN F 77 -13.74 39.42 21.39
N ASN F 78 -12.72 39.73 20.58
CA ASN F 78 -11.88 40.88 20.85
C ASN F 78 -12.64 42.20 20.74
N HIS F 79 -13.77 42.20 20.04
CA HIS F 79 -14.56 43.43 19.91
C HIS F 79 -15.17 43.89 21.22
N THR F 80 -15.20 43.04 22.25
CA THR F 80 -15.71 43.46 23.54
C THR F 80 -14.63 44.09 24.42
N TRP F 81 -13.35 43.97 24.05
CA TRP F 81 -12.29 44.52 24.86
C TRP F 81 -11.88 45.91 24.40
N ASN F 82 -11.80 46.14 23.09
CA ASN F 82 -11.55 47.49 22.60
C ASN F 82 -12.73 48.41 22.86
N LEU F 83 -13.94 47.86 23.01
CA LEU F 83 -15.06 48.65 23.51
C LEU F 83 -14.81 49.09 24.94
N VAL F 84 -14.27 48.19 25.77
CA VAL F 84 -13.88 48.56 27.13
C VAL F 84 -12.75 49.57 27.09
N ALA F 85 -11.77 49.36 26.20
CA ALA F 85 -10.66 50.30 26.08
C ALA F 85 -11.15 51.68 25.65
N GLU F 86 -12.18 51.74 24.81
CA GLU F 86 -12.76 53.03 24.43
C GLU F 86 -13.35 53.72 25.66
N CYS F 87 -14.07 52.98 26.50
CA CYS F 87 -14.60 53.58 27.72
C CYS F 87 -13.50 53.88 28.72
N GLN F 88 -12.37 53.16 28.64
CA GLN F 88 -11.30 53.36 29.60
C GLN F 88 -10.65 54.73 29.45
N HIS F 89 -10.37 55.15 28.21
CA HIS F 89 -9.65 56.39 28.01
C HIS F 89 -10.55 57.63 28.10
N ARG F 90 -11.80 57.53 27.68
CA ARG F 90 -12.67 58.71 27.66
C ARG F 90 -13.10 59.12 29.06
N ARG F 91 -13.52 58.15 29.88
CA ARG F 91 -13.89 58.36 31.29
C ARG F 91 -14.97 59.43 31.48
N THR F 92 -15.68 59.81 30.42
CA THR F 92 -16.67 60.86 30.54
C THR F 92 -17.93 60.56 29.73
N LYS F 93 -18.08 59.31 29.24
CA LYS F 93 -19.24 58.92 28.43
C LYS F 93 -19.40 59.83 27.21
N ASN F 94 -18.28 60.16 26.58
CA ASN F 94 -18.31 61.09 25.46
C ASN F 94 -19.08 60.52 24.27
N CYS F 95 -18.89 59.25 23.97
CA CYS F 95 -19.53 58.65 22.81
C CYS F 95 -21.04 58.54 23.01
N SER F 96 -21.78 58.71 21.92
CA SER F 96 -23.22 58.63 21.95
C SER F 96 -23.67 57.17 21.96
N ALA F 97 -24.99 56.97 22.04
CA ALA F 97 -25.54 55.62 22.05
C ALA F 97 -25.41 54.95 20.69
N ALA F 98 -25.53 55.71 19.61
CA ALA F 98 -25.52 55.12 18.27
C ALA F 98 -24.24 54.35 17.96
N PRO F 99 -23.04 54.90 18.19
CA PRO F 99 -21.83 54.06 17.97
C PRO F 99 -21.77 52.86 18.90
N THR F 100 -22.27 53.00 20.14
CA THR F 100 -22.23 51.89 21.08
C THR F 100 -23.29 50.84 20.76
N PHE F 101 -24.47 51.27 20.32
CA PHE F 101 -25.57 50.33 20.08
C PHE F 101 -25.20 49.31 19.02
N LEU F 102 -24.61 49.75 17.91
CA LEU F 102 -24.17 48.80 16.89
C LEU F 102 -22.99 47.98 17.37
N LEU F 103 -22.07 48.59 18.12
CA LEU F 103 -20.93 47.84 18.65
C LEU F 103 -21.38 46.80 19.65
N LEU F 104 -22.29 47.16 20.55
CA LEU F 104 -22.76 46.20 21.55
C LEU F 104 -23.59 45.10 20.90
N SER F 105 -24.36 45.44 19.86
CA SER F 105 -25.17 44.44 19.18
C SER F 105 -24.31 43.37 18.52
N SER F 106 -23.21 43.79 17.88
CA SER F 106 -22.34 42.84 17.19
C SER F 106 -21.68 41.87 18.18
N ILE F 107 -21.37 42.34 19.39
CA ILE F 107 -20.75 41.47 20.38
C ILE F 107 -21.72 40.38 20.82
N LEU F 108 -22.96 40.76 21.12
CA LEU F 108 -23.95 39.79 21.55
C LEU F 108 -24.32 38.84 20.42
N GLY F 109 -24.53 39.37 19.21
CA GLY F 109 -24.95 38.53 18.10
C GLY F 109 -23.91 37.47 17.75
N ARG F 110 -22.64 37.84 17.74
CA ARG F 110 -21.58 36.88 17.47
C ARG F 110 -21.36 35.91 18.62
N ALA F 111 -21.91 36.19 19.80
CA ALA F 111 -21.77 35.32 20.96
C ALA F 111 -23.04 34.56 21.31
N ALA F 112 -24.20 35.05 20.89
CA ALA F 112 -25.46 34.36 21.18
C ALA F 112 -25.67 33.13 20.33
N VAL F 113 -24.81 32.87 19.35
CA VAL F 113 -24.95 31.69 18.51
C VAL F 113 -24.78 30.42 19.32
N ALA F 114 -23.78 30.38 20.19
CA ALA F 114 -23.51 29.18 20.98
C ALA F 114 -24.67 28.80 21.91
N PRO F 115 -25.28 29.72 22.66
CA PRO F 115 -26.47 29.32 23.43
C PRO F 115 -27.61 28.82 22.58
N VAL F 116 -27.81 29.41 21.39
CA VAL F 116 -28.94 29.02 20.54
C VAL F 116 -28.75 27.62 20.01
N THR F 117 -27.56 27.31 19.49
CA THR F 117 -27.28 25.96 19.00
C THR F 117 -27.24 24.94 20.14
N TRP F 118 -27.19 25.40 21.39
CA TRP F 118 -27.34 24.52 22.54
C TRP F 118 -28.79 24.44 23.01
N SER F 119 -29.48 25.58 23.03
CA SER F 119 -30.89 25.58 23.41
C SER F 119 -31.73 24.81 22.41
N VAL F 120 -31.39 24.88 21.12
CA VAL F 120 -32.13 24.15 20.10
C VAL F 120 -31.95 22.65 20.29
N ILE F 121 -30.71 22.20 20.46
CA ILE F 121 -30.45 20.77 20.61
C ILE F 121 -31.11 20.24 21.88
N SER F 122 -31.03 20.99 22.97
CA SER F 122 -31.66 20.57 24.21
C SER F 122 -33.18 20.56 24.10
N LEU F 123 -33.75 21.29 23.14
CA LEU F 123 -35.19 21.27 22.92
C LEU F 123 -35.61 20.17 21.95
N LEU F 124 -34.79 19.87 20.94
CA LEU F 124 -35.12 18.79 20.02
C LEU F 124 -34.89 17.43 20.63
N ARG F 125 -33.99 17.32 21.60
CA ARG F 125 -33.82 16.07 22.33
C ARG F 125 -35.10 15.70 23.07
N GLY F 126 -35.73 16.67 23.71
CA GLY F 126 -36.98 16.47 24.41
C GLY F 126 -36.84 16.06 25.85
N GLU F 127 -35.66 15.59 26.27
CA GLU F 127 -35.49 15.14 27.65
C GLU F 127 -35.67 16.29 28.64
N ALA F 128 -35.11 17.46 28.33
CA ALA F 128 -35.13 18.57 29.26
C ALA F 128 -36.50 19.24 29.38
N TYR F 129 -37.42 18.96 28.47
CA TYR F 129 -38.75 19.57 28.50
C TYR F 129 -39.81 18.63 29.04
N VAL F 130 -39.73 17.33 28.73
CA VAL F 130 -40.67 16.39 29.32
C VAL F 130 -40.47 16.31 30.83
N CYS F 131 -39.21 16.43 31.28
CA CYS F 131 -38.93 16.43 32.71
C CYS F 131 -39.48 17.68 33.38
N ALA F 132 -39.37 18.83 32.71
CA ALA F 132 -39.74 20.10 33.35
C ALA F 132 -41.25 20.26 33.43
N LEU F 133 -41.97 19.88 32.38
CA LEU F 133 -43.41 20.12 32.31
C LEU F 133 -44.24 18.88 32.62
N SER F 134 -43.64 17.83 33.16
CA SER F 134 -44.38 16.60 33.42
C SER F 134 -45.49 16.81 34.43
N GLU F 135 -45.20 17.53 35.51
CA GLU F 135 -46.18 17.69 36.59
C GLU F 135 -47.31 18.65 36.23
N PHE F 136 -47.13 19.49 35.22
CA PHE F 136 -48.15 20.44 34.81
C PHE F 136 -49.19 19.83 33.88
N VAL F 137 -49.03 18.57 33.49
CA VAL F 137 -49.99 17.92 32.59
C VAL F 137 -51.30 17.73 33.32
N ASP F 138 -52.39 18.14 32.69
CA ASP F 138 -53.71 18.01 33.30
C ASP F 138 -54.24 16.59 33.11
N PRO F 139 -54.52 15.84 34.17
CA PRO F 139 -55.13 14.52 34.00
C PRO F 139 -56.51 14.56 33.38
N SER F 140 -57.20 15.71 33.43
CA SER F 140 -58.53 15.81 32.87
C SER F 140 -58.52 15.62 31.36
N SER F 141 -57.53 16.20 30.67
CA SER F 141 -57.46 16.15 29.21
C SER F 141 -56.77 14.91 28.68
N LEU F 142 -56.29 14.02 29.56
CA LEU F 142 -55.60 12.83 29.12
C LEU F 142 -56.56 11.88 28.40
N THR F 143 -56.02 11.17 27.40
CA THR F 143 -56.80 10.26 26.57
C THR F 143 -55.97 9.01 26.33
N ALA F 144 -56.37 8.23 25.32
CA ALA F 144 -55.73 6.97 24.93
C ALA F 144 -55.86 5.90 26.00
N ARG F 145 -56.78 6.07 26.93
CA ARG F 145 -57.04 5.13 28.02
C ARG F 145 -58.28 5.62 28.76
N GLU F 146 -59.02 4.67 29.34
CA GLU F 146 -60.17 5.05 30.13
C GLU F 146 -59.73 5.80 31.38
N GLU F 147 -60.68 6.47 32.02
CA GLU F 147 -60.37 7.36 33.13
C GLU F 147 -60.03 6.59 34.40
N HIS F 148 -58.86 5.94 34.42
CA HIS F 148 -58.36 5.28 35.63
C HIS F 148 -57.36 6.12 36.40
N PHE F 149 -57.18 7.39 36.06
CA PHE F 149 -56.13 8.16 36.70
C PHE F 149 -56.50 8.46 38.15
N PRO F 150 -55.69 8.05 39.12
CA PRO F 150 -56.02 8.34 40.53
C PRO F 150 -55.97 9.83 40.81
N SER F 151 -56.83 10.27 41.73
CA SER F 151 -56.90 11.67 42.12
C SER F 151 -56.29 11.94 43.49
N ALA F 152 -55.87 10.89 44.21
CA ALA F 152 -55.28 11.09 45.53
C ALA F 152 -53.97 11.87 45.43
N HIS F 153 -53.10 11.48 44.50
CA HIS F 153 -51.84 12.18 44.24
C HIS F 153 -51.69 12.31 42.73
N ALA F 154 -52.23 13.40 42.18
CA ALA F 154 -52.15 13.62 40.74
C ALA F 154 -50.77 14.12 40.34
N THR F 155 -50.33 15.23 40.94
CA THR F 155 -49.06 15.83 40.58
C THR F 155 -47.89 14.89 40.90
N GLU F 156 -47.96 14.18 42.03
CA GLU F 156 -46.89 13.28 42.41
C GLU F 156 -46.70 12.17 41.39
N ILE F 157 -47.80 11.59 40.91
CA ILE F 157 -47.70 10.52 39.93
C ILE F 157 -47.25 11.06 38.59
N LEU F 158 -47.80 12.21 38.17
CA LEU F 158 -47.43 12.78 36.88
C LEU F 158 -45.94 13.12 36.83
N ALA F 159 -45.40 13.66 37.91
CA ALA F 159 -43.99 14.03 37.95
C ALA F 159 -43.07 12.82 37.90
N ARG F 160 -43.58 11.61 38.13
CA ARG F 160 -42.77 10.41 38.12
C ARG F 160 -42.72 9.72 36.76
N PHE F 161 -43.43 10.26 35.76
CA PHE F 161 -43.41 9.65 34.44
C PHE F 161 -42.02 9.61 33.79
N PRO F 162 -41.19 10.65 33.84
CA PRO F 162 -39.88 10.56 33.16
C PRO F 162 -38.98 9.45 33.67
N CYS F 163 -39.13 9.04 34.92
CA CYS F 163 -38.26 8.02 35.50
C CYS F 163 -38.82 6.60 35.39
N LYS F 164 -39.95 6.43 34.72
CA LYS F 164 -40.61 5.13 34.55
C LYS F 164 -41.02 4.52 35.89
N GLU F 165 -41.13 5.33 36.94
CA GLU F 165 -41.58 4.85 38.24
C GLU F 165 -43.10 5.00 38.37
N ASN F 166 -43.79 4.33 37.45
CA ASN F 166 -45.24 4.45 37.34
C ASN F 166 -45.90 3.07 37.38
N PRO F 167 -47.05 2.95 38.03
CA PRO F 167 -47.76 1.67 38.04
C PRO F 167 -48.16 1.23 36.63
N ASP F 168 -48.16 -0.08 36.42
CA ASP F 168 -48.46 -0.63 35.10
C ASP F 168 -49.90 -0.36 34.68
N ASN F 169 -50.82 -0.16 35.62
CA ASN F 169 -52.18 0.21 35.27
C ASN F 169 -52.24 1.60 34.64
N LEU F 170 -51.21 2.42 34.85
CA LEU F 170 -51.13 3.77 34.33
C LEU F 170 -50.15 3.86 33.16
N SER F 171 -49.63 2.73 32.69
CA SER F 171 -48.56 2.72 31.69
C SER F 171 -49.05 3.24 30.34
N ASP F 172 -50.35 3.11 30.06
CA ASP F 172 -50.89 3.66 28.82
C ASP F 172 -50.77 5.18 28.80
N PHE F 173 -50.91 5.83 29.96
CA PHE F 173 -50.73 7.27 30.03
C PHE F 173 -49.25 7.67 30.04
N ARG F 174 -48.35 6.78 30.48
CA ARG F 174 -46.94 7.15 30.50
C ARG F 174 -46.41 7.45 29.11
N GLU F 175 -46.78 6.62 28.13
CA GLU F 175 -46.41 6.90 26.75
C GLU F 175 -47.28 7.99 26.14
N GLU F 176 -48.51 8.15 26.64
CA GLU F 176 -49.38 9.22 26.13
C GLU F 176 -48.87 10.59 26.58
N VAL F 177 -48.48 10.73 27.84
CA VAL F 177 -47.96 12.00 28.32
C VAL F 177 -46.60 12.30 27.72
N SER F 178 -45.75 11.27 27.58
CA SER F 178 -44.40 11.48 27.06
C SER F 178 -44.44 12.00 25.63
N ARG F 179 -45.32 11.46 24.79
CA ARG F 179 -45.38 11.90 23.41
C ARG F 179 -45.95 13.31 23.28
N ARG F 180 -46.89 13.68 24.15
CA ARG F 180 -47.46 15.03 24.09
C ARG F 180 -46.41 16.08 24.43
N LEU F 181 -45.65 15.85 25.50
CA LEU F 181 -44.66 16.84 25.93
C LEU F 181 -43.47 16.87 24.98
N ARG F 182 -42.99 15.69 24.55
CA ARG F 182 -41.87 15.65 23.63
C ARG F 182 -42.21 16.30 22.29
N TYR F 183 -43.48 16.28 21.91
CA TYR F 183 -43.91 16.99 20.70
C TYR F 183 -43.76 18.50 20.87
N GLU F 184 -44.21 19.03 22.01
CA GLU F 184 -44.08 20.45 22.27
C GLU F 184 -42.61 20.86 22.41
N SER F 185 -41.78 19.97 22.93
CA SER F 185 -40.35 20.25 23.02
C SER F 185 -39.75 20.40 21.62
N GLN F 186 -40.09 19.50 20.71
CA GLN F 186 -39.57 19.57 19.35
C GLN F 186 -40.26 20.65 18.54
N LEU F 187 -41.53 20.93 18.82
CA LEU F 187 -42.21 22.02 18.12
C LEU F 187 -41.56 23.36 18.45
N PHE F 188 -41.21 23.57 19.72
CA PHE F 188 -40.51 24.79 20.10
C PHE F 188 -39.11 24.84 19.50
N GLY F 189 -38.46 23.69 19.34
CA GLY F 189 -37.13 23.67 18.75
C GLY F 189 -37.12 24.14 17.31
N TRP F 190 -38.10 23.67 16.51
CA TRP F 190 -38.16 24.09 15.11
C TRP F 190 -38.57 25.54 14.97
N LEU F 191 -39.46 26.03 15.84
CA LEU F 191 -39.79 27.45 15.82
C LEU F 191 -38.61 28.31 16.22
N LEU F 192 -37.78 27.85 17.15
CA LEU F 192 -36.58 28.59 17.52
C LEU F 192 -35.61 28.65 16.35
N ILE F 193 -35.46 27.55 15.61
CA ILE F 193 -34.62 27.56 14.42
C ILE F 193 -35.20 28.51 13.37
N GLY F 194 -36.52 28.46 13.17
CA GLY F 194 -37.13 29.33 12.18
C GLY F 194 -37.00 30.79 12.53
N VAL F 195 -37.24 31.15 13.78
CA VAL F 195 -37.12 32.54 14.21
C VAL F 195 -35.67 33.02 14.09
N VAL F 196 -34.73 32.18 14.51
CA VAL F 196 -33.32 32.54 14.40
C VAL F 196 -32.91 32.69 12.93
N ALA F 197 -33.36 31.76 12.08
CA ALA F 197 -33.03 31.82 10.67
C ALA F 197 -33.66 33.01 9.95
N ILE F 198 -34.62 33.67 10.57
CA ILE F 198 -35.20 34.90 10.03
C ILE F 198 -34.51 36.14 10.58
N LEU F 199 -34.16 36.11 11.88
CA LEU F 199 -33.42 37.22 12.45
C LEU F 199 -32.06 37.37 11.80
N VAL F 200 -31.41 36.25 11.47
CA VAL F 200 -30.15 36.32 10.74
C VAL F 200 -30.36 36.94 9.36
N PHE F 201 -31.44 36.57 8.68
CA PHE F 201 -31.74 37.13 7.38
C PHE F 201 -32.08 38.62 7.49
N LEU F 202 -32.91 38.99 8.46
CA LEU F 202 -33.29 40.39 8.61
C LEU F 202 -32.11 41.24 9.08
N THR F 203 -31.23 40.69 9.91
CA THR F 203 -30.05 41.44 10.33
C THR F 203 -29.12 41.71 9.16
N LYS F 204 -28.80 40.68 8.38
CA LYS F 204 -27.89 40.86 7.26
C LYS F 204 -28.49 41.79 6.21
N CYS F 205 -29.78 41.67 5.95
CA CYS F 205 -30.43 42.56 4.98
C CYS F 205 -30.40 44.00 5.45
N LEU F 206 -30.65 44.23 6.75
CA LEU F 206 -30.61 45.59 7.28
C LEU F 206 -29.19 46.12 7.37
N LYS F 207 -28.21 45.24 7.64
CA LYS F 207 -26.83 45.68 7.72
C LYS F 207 -26.35 46.26 6.39
N HIS F 208 -26.67 45.58 5.29
CA HIS F 208 -26.22 46.06 3.98
C HIS F 208 -26.98 47.33 3.57
N TYR F 209 -28.30 47.35 3.80
CA TYR F 209 -29.10 48.47 3.33
C TYR F 209 -28.75 49.77 4.05
N CYS F 210 -28.51 49.70 5.36
CA CYS F 210 -28.22 50.88 6.15
C CYS F 210 -26.74 51.23 6.18
N SER F 211 -25.87 50.38 5.65
CA SER F 211 -24.45 50.69 5.64
C SER F 211 -24.15 51.80 4.62
N PRO F 212 -23.15 52.64 4.88
CA PRO F 212 -22.77 53.66 3.91
C PRO F 212 -21.86 53.15 2.81
N LEU F 213 -21.41 51.90 2.89
CA LEU F 213 -20.50 51.33 1.92
C LEU F 213 -21.18 50.22 1.14
N SER F 214 -20.66 49.96 -0.05
CA SER F 214 -21.13 48.84 -0.84
C SER F 214 -20.68 47.53 -0.20
N TYR F 215 -21.38 46.45 -0.54
CA TYR F 215 -21.06 45.15 0.04
C TYR F 215 -19.71 44.63 -0.42
N ARG F 216 -19.16 45.19 -1.51
CA ARG F 216 -17.84 44.76 -1.97
C ARG F 216 -16.73 45.46 -1.21
N GLN F 217 -16.91 46.75 -0.90
CA GLN F 217 -15.90 47.46 -0.10
C GLN F 217 -15.83 46.90 1.31
N GLU F 218 -16.99 46.59 1.91
CA GLU F 218 -16.98 45.94 3.21
C GLU F 218 -16.34 44.56 3.13
N ALA F 219 -16.50 43.86 2.00
CA ALA F 219 -15.79 42.61 1.80
C ALA F 219 -14.28 42.84 1.76
N TYR F 220 -13.85 43.88 1.05
CA TYR F 220 -12.43 44.23 1.05
C TYR F 220 -11.98 44.70 2.43
N TRP F 221 -12.82 45.47 3.11
CA TRP F 221 -12.49 45.93 4.46
C TRP F 221 -12.32 44.75 5.41
N ALA F 222 -13.20 43.75 5.31
CA ALA F 222 -13.08 42.57 6.14
C ALA F 222 -11.80 41.80 5.83
N GLN F 223 -11.44 41.71 4.56
CA GLN F 223 -10.20 41.04 4.18
C GLN F 223 -8.96 41.82 4.63
N TYR F 224 -9.12 43.10 4.95
CA TYR F 224 -7.99 43.88 5.44
C TYR F 224 -7.77 43.67 6.93
N ARG F 225 -8.86 43.70 7.72
CA ARG F 225 -8.72 43.57 9.16
C ARG F 225 -8.16 42.20 9.54
N ALA F 226 -8.60 41.15 8.84
CA ALA F 226 -8.05 39.82 9.10
C ALA F 226 -6.56 39.77 8.76
N ASN F 227 -6.17 40.42 7.66
CA ASN F 227 -4.75 40.43 7.29
C ASN F 227 -3.93 41.28 8.24
N GLU F 228 -4.49 42.39 8.75
CA GLU F 228 -3.74 43.23 9.68
C GLU F 228 -3.53 42.52 11.00
N ASP F 229 -4.57 41.88 11.53
CA ASP F 229 -4.46 41.22 12.82
C ASP F 229 -3.45 40.08 12.78
N GLN F 230 -3.47 39.29 11.70
CA GLN F 230 -2.51 38.21 11.57
C GLN F 230 -1.08 38.74 11.49
N LEU F 231 -0.87 39.81 10.72
CA LEU F 231 0.47 40.38 10.59
C LEU F 231 0.89 41.09 11.87
N PHE F 232 -0.01 41.85 12.48
CA PHE F 232 0.36 42.65 13.66
C PHE F 232 0.74 41.75 14.83
N GLN F 233 -0.02 40.68 15.08
CA GLN F 233 0.31 39.78 16.17
C GLN F 233 1.60 39.02 15.90
N ARG F 234 1.84 38.68 14.64
CA ARG F 234 3.00 37.86 14.28
C ARG F 234 4.30 38.65 14.39
N THR F 235 4.28 39.94 14.02
CA THR F 235 5.45 40.77 14.27
C THR F 235 5.62 41.10 15.75
N ALA F 236 4.51 41.24 16.48
CA ALA F 236 4.61 41.48 17.92
C ALA F 236 5.30 40.33 18.64
N GLU F 237 5.16 39.11 18.13
CA GLU F 237 5.89 37.98 18.69
C GLU F 237 7.36 38.04 18.30
N VAL F 238 7.65 38.37 17.04
CA VAL F 238 9.04 38.48 16.59
C VAL F 238 9.74 39.65 17.26
N HIS F 239 9.04 40.79 17.38
CA HIS F 239 9.64 41.96 18.01
C HIS F 239 10.01 41.68 19.46
N SER F 240 9.15 40.98 20.18
CA SER F 240 9.45 40.62 21.57
C SER F 240 10.66 39.71 21.65
N ARG F 241 10.74 38.71 20.77
CA ARG F 241 11.87 37.78 20.80
C ARG F 241 13.18 38.49 20.50
N VAL F 242 13.18 39.37 19.50
CA VAL F 242 14.40 40.12 19.19
C VAL F 242 14.76 41.06 20.34
N LEU F 243 13.77 41.74 20.91
CA LEU F 243 14.03 42.60 22.05
C LEU F 243 14.51 41.79 23.25
N ALA F 244 13.90 40.62 23.49
CA ALA F 244 14.32 39.78 24.61
C ALA F 244 15.75 39.28 24.42
N ALA F 245 16.13 38.97 23.19
CA ALA F 245 17.48 38.48 22.93
C ALA F 245 18.52 39.54 23.29
N ASN F 246 18.26 40.80 22.94
CA ASN F 246 19.19 41.87 23.28
C ASN F 246 19.34 42.01 24.79
N ASN F 247 18.23 41.89 25.53
CA ASN F 247 18.31 41.94 26.98
C ASN F 247 19.11 40.77 27.53
N VAL F 248 18.91 39.57 26.96
CA VAL F 248 19.70 38.41 27.37
C VAL F 248 21.17 38.61 27.03
N ARG F 249 21.46 39.14 25.84
CA ARG F 249 22.84 39.40 25.45
C ARG F 249 23.50 40.40 26.38
N ARG F 250 22.77 41.44 26.80
CA ARG F 250 23.31 42.41 27.72
C ARG F 250 23.63 41.81 29.08
N PHE F 251 23.03 40.67 29.43
CA PHE F 251 23.23 40.05 30.73
C PHE F 251 24.31 38.98 30.70
N PHE F 252 24.14 37.95 29.88
CA PHE F 252 25.10 36.86 29.82
C PHE F 252 26.25 37.11 28.84
N GLY F 253 26.18 38.18 28.04
CA GLY F 253 27.16 38.42 27.01
C GLY F 253 26.93 37.68 25.72
N PHE F 254 25.95 36.78 25.68
CA PHE F 254 25.62 36.03 24.47
C PHE F 254 24.22 35.47 24.63
N VAL F 255 23.64 35.06 23.49
CA VAL F 255 22.31 34.45 23.46
C VAL F 255 22.39 33.11 22.74
N ALA F 256 21.67 32.13 23.27
CA ALA F 256 21.60 30.80 22.66
C ALA F 256 20.38 30.74 21.75
N LEU F 257 20.60 30.94 20.46
CA LEU F 257 19.51 30.95 19.48
C LEU F 257 19.58 29.69 18.63
N ASN F 258 18.42 29.24 18.16
CA ASN F 258 18.38 28.16 17.20
C ASN F 258 18.75 28.68 15.81
N LYS F 259 18.66 27.80 14.81
CA LYS F 259 18.99 28.20 13.45
C LYS F 259 18.07 29.29 12.94
N ASP F 260 16.76 29.15 13.18
CA ASP F 260 15.81 30.12 12.68
C ASP F 260 15.80 31.41 13.51
N ASP F 261 16.05 31.31 14.82
CA ASP F 261 16.07 32.51 15.65
C ASP F 261 17.21 33.44 15.25
N GLU F 262 18.37 32.89 14.89
CA GLU F 262 19.47 33.71 14.44
C GLU F 262 19.10 34.51 13.20
N GLU F 263 18.28 33.93 12.32
CA GLU F 263 17.78 34.67 11.17
C GLU F 263 16.90 35.83 11.62
N LEU F 264 16.05 35.60 12.63
CA LEU F 264 15.18 36.67 13.12
C LEU F 264 15.99 37.84 13.65
N ILE F 265 17.06 37.56 14.40
CA ILE F 265 17.91 38.63 14.92
C ILE F 265 18.63 39.34 13.78
N ALA F 266 19.16 38.56 12.83
CA ALA F 266 19.90 39.16 11.72
C ALA F 266 18.98 39.95 10.80
N ASN F 267 17.84 39.37 10.43
CA ASN F 267 16.96 40.03 9.47
C ASN F 267 16.27 41.25 10.07
N PHE F 268 15.82 41.14 11.32
CA PHE F 268 15.00 42.18 11.96
C PHE F 268 15.72 42.74 13.17
N PRO F 269 16.51 43.80 13.03
CA PRO F 269 17.12 44.43 14.19
C PRO F 269 16.24 45.52 14.78
N VAL F 270 16.00 45.45 16.09
CA VAL F 270 15.15 46.43 16.77
C VAL F 270 16.01 47.59 17.24
N GLU F 271 15.46 48.80 17.14
CA GLU F 271 16.16 50.00 17.56
C GLU F 271 15.62 50.60 18.85
N GLY F 272 14.43 50.19 19.30
CA GLY F 272 13.85 50.72 20.52
C GLY F 272 12.51 50.09 20.86
N THR F 273 11.67 50.84 21.57
CA THR F 273 10.35 50.37 21.95
C THR F 273 9.32 51.46 21.68
N GLN F 274 8.08 51.03 21.45
CA GLN F 274 6.99 51.93 21.08
C GLN F 274 6.39 52.56 22.34
N PRO F 275 6.20 53.88 22.36
CA PRO F 275 5.64 54.52 23.55
C PRO F 275 4.21 54.09 23.82
N ARG F 276 3.82 54.20 25.09
CA ARG F 276 2.46 53.85 25.48
C ARG F 276 1.40 54.67 24.76
N PRO F 277 1.52 55.99 24.60
CA PRO F 277 0.53 56.71 23.79
C PRO F 277 0.48 56.23 22.35
N GLN F 278 1.61 55.80 21.80
CA GLN F 278 1.60 55.22 20.46
C GLN F 278 0.76 53.95 20.42
N TRP F 279 0.91 53.09 21.44
CA TRP F 279 0.06 51.91 21.53
C TRP F 279 -1.40 52.31 21.72
N ASN F 280 -1.67 53.32 22.56
CA ASN F 280 -3.03 53.75 22.82
C ASN F 280 -3.70 54.38 21.60
N ALA F 281 -2.95 54.73 20.58
CA ALA F 281 -3.52 55.33 19.38
C ALA F 281 -4.12 54.30 18.43
N ILE F 282 -3.89 53.01 18.67
CA ILE F 282 -4.39 51.96 17.80
C ILE F 282 -5.33 51.00 18.52
N THR F 283 -5.73 51.34 19.74
CA THR F 283 -6.65 50.52 20.52
C THR F 283 -7.97 51.25 20.70
N GLY F 284 -9.07 50.54 20.49
CA GLY F 284 -10.40 51.09 20.63
C GLY F 284 -11.27 50.66 19.47
N VAL F 285 -12.37 51.40 19.28
CA VAL F 285 -13.31 51.13 18.21
C VAL F 285 -13.07 52.15 17.10
N TYR F 286 -13.44 51.76 15.87
CA TYR F 286 -13.22 52.60 14.71
C TYR F 286 -14.39 52.44 13.76
N LEU F 287 -14.90 53.55 13.23
CA LEU F 287 -16.04 53.52 12.29
C LEU F 287 -15.71 54.33 11.03
N TYR F 288 -14.97 53.69 10.13
CA TYR F 288 -14.76 54.13 8.74
C TYR F 288 -14.71 55.65 8.58
N ARG F 289 -13.72 56.26 9.23
CA ARG F 289 -13.44 57.66 8.97
C ARG F 289 -12.63 57.80 7.68
N GLU F 290 -13.08 58.69 6.80
CA GLU F 290 -12.49 58.87 5.48
C GLU F 290 -11.71 60.17 5.45
N ASN F 291 -10.49 60.12 4.89
CA ASN F 291 -9.60 61.27 4.86
C ASN F 291 -9.30 61.65 3.42
N GLN F 292 -9.68 62.88 3.05
CA GLN F 292 -9.35 63.45 1.75
C GLN F 292 -9.80 62.55 0.60
N GLY F 293 -10.98 61.94 0.75
CA GLY F 293 -11.52 61.06 -0.26
C GLY F 293 -10.90 59.68 -0.31
N LEU F 294 -9.88 59.41 0.49
CA LEU F 294 -9.25 58.11 0.54
C LEU F 294 -9.65 57.38 1.81
N PRO F 295 -10.19 56.17 1.71
CA PRO F 295 -10.68 55.48 2.90
C PRO F 295 -9.55 55.09 3.86
N LEU F 296 -9.91 55.04 5.14
CA LEU F 296 -9.07 54.48 6.18
C LEU F 296 -9.79 53.27 6.75
N TYR F 297 -9.07 52.17 6.91
CA TYR F 297 -9.70 50.90 7.26
C TYR F 297 -9.44 50.43 8.68
N SER F 298 -8.53 51.08 9.43
CA SER F 298 -8.28 50.69 10.80
C SER F 298 -7.60 51.85 11.53
N ARG F 299 -7.60 51.76 12.87
CA ARG F 299 -6.90 52.76 13.66
C ARG F 299 -5.40 52.73 13.39
N LEU F 300 -4.84 51.54 13.18
CA LEU F 300 -3.45 51.45 12.77
C LEU F 300 -3.24 52.12 11.42
N HIS F 301 -4.16 51.92 10.48
CA HIS F 301 -4.11 52.64 9.22
C HIS F 301 -4.35 54.13 9.45
N LYS F 302 -5.23 54.47 10.39
CA LYS F 302 -5.43 55.87 10.77
C LYS F 302 -4.17 56.45 11.38
N TRP F 303 -3.47 55.66 12.19
CA TRP F 303 -2.22 56.12 12.79
C TRP F 303 -1.08 56.15 11.78
N ALA F 304 -1.03 55.18 10.86
CA ALA F 304 0.06 55.12 9.90
C ALA F 304 0.07 56.35 8.99
N GLN F 305 -1.12 56.85 8.63
CA GLN F 305 -1.22 58.06 7.83
C GLN F 305 -0.79 59.30 8.58
N GLY F 306 -0.60 59.22 9.89
CA GLY F 306 -0.23 60.37 10.69
C GLY F 306 -1.39 61.20 11.18
N LEU F 307 -2.60 60.65 11.18
CA LEU F 307 -3.79 61.38 11.59
C LEU F 307 -4.18 61.13 13.03
N ALA F 308 -3.41 60.32 13.76
CA ALA F 308 -3.70 60.03 15.16
C ALA F 308 -2.71 60.66 16.13
N GLY F 309 -1.42 60.69 15.77
CA GLY F 309 -0.42 61.29 16.63
C GLY F 309 -0.20 62.76 16.34
N ASP F 315 5.84 67.43 29.12
CA ASP F 315 4.92 68.23 29.93
C ASP F 315 4.31 67.41 31.05
N ASN F 316 3.25 66.66 30.73
CA ASN F 316 2.57 65.81 31.69
C ASN F 316 3.06 64.38 31.52
N VAL F 317 3.68 63.85 32.57
CA VAL F 317 4.24 62.50 32.55
C VAL F 317 3.58 61.71 33.69
N GLU F 318 3.08 60.53 33.36
CA GLU F 318 2.43 59.66 34.34
C GLU F 318 3.27 58.39 34.53
N MET F 319 3.05 57.75 35.69
CA MET F 319 3.67 56.49 36.10
C MET F 319 5.14 56.40 35.71
N ALA F 320 5.88 57.49 35.89
CA ALA F 320 7.29 57.50 35.55
C ALA F 320 8.08 56.69 36.57
N LEU F 321 9.17 56.08 36.10
CA LEU F 321 10.05 55.34 36.98
C LEU F 321 10.69 56.25 38.02
N LEU F 322 11.12 57.43 37.60
CA LEU F 322 11.87 58.37 38.42
C LEU F 322 11.27 59.75 38.34
N PRO F 323 11.45 60.58 39.37
CA PRO F 323 10.82 61.91 39.39
C PRO F 323 11.39 62.85 38.34
N SER F 324 10.97 64.12 38.36
CA SER F 324 11.53 65.08 37.42
C SER F 324 13.05 65.13 37.57
N ALA F 325 13.72 65.38 36.44
CA ALA F 325 15.19 65.32 36.43
C ALA F 325 15.78 66.28 37.45
N LEU F 326 15.16 67.44 37.64
CA LEU F 326 15.57 68.33 38.72
C LEU F 326 15.36 67.68 40.08
N GLU F 327 14.23 66.99 40.26
CA GLU F 327 13.96 66.32 41.54
C GLU F 327 14.89 65.15 41.77
N VAL F 328 15.38 64.52 40.69
CA VAL F 328 16.34 63.44 40.84
C VAL F 328 17.62 63.96 41.49
N LEU F 329 18.05 65.16 41.11
CA LEU F 329 19.23 65.76 41.73
C LEU F 329 19.02 65.98 43.22
N PHE F 330 17.81 66.32 43.63
CA PHE F 330 17.47 66.55 45.03
C PHE F 330 16.80 65.32 45.64
N GLN G 5 -21.68 74.28 -8.21
CA GLN G 5 -22.64 75.34 -7.94
C GLN G 5 -21.93 76.65 -7.60
N VAL G 6 -20.80 76.54 -6.89
CA VAL G 6 -19.98 77.69 -6.54
C VAL G 6 -18.67 77.61 -7.32
N GLN G 7 -18.34 78.66 -8.06
CA GLN G 7 -17.10 78.75 -8.81
C GLN G 7 -16.28 79.92 -8.28
N LEU G 8 -15.00 79.68 -8.07
CA LEU G 8 -14.09 80.68 -7.52
C LEU G 8 -13.14 81.17 -8.61
N VAL G 9 -13.07 82.49 -8.77
CA VAL G 9 -12.20 83.12 -9.76
C VAL G 9 -11.07 83.83 -9.02
N GLU G 10 -9.83 83.55 -9.42
CA GLU G 10 -8.67 84.10 -8.76
C GLU G 10 -7.70 84.67 -9.78
N SER G 11 -7.02 85.75 -9.39
CA SER G 11 -6.05 86.41 -10.26
C SER G 11 -5.13 87.25 -9.39
N GLY G 12 -4.09 87.81 -10.01
CA GLY G 12 -3.09 88.58 -9.30
C GLY G 12 -1.72 87.92 -9.18
N GLY G 13 -1.50 86.80 -9.85
CA GLY G 13 -0.19 86.18 -9.82
C GLY G 13 0.85 86.99 -10.56
N GLY G 14 2.10 86.84 -10.14
CA GLY G 14 3.18 87.57 -10.76
C GLY G 14 4.52 87.14 -10.21
N SER G 15 5.58 87.73 -10.76
CA SER G 15 6.95 87.43 -10.39
C SER G 15 7.64 88.73 -9.98
N VAL G 16 7.77 88.94 -8.66
CA VAL G 16 8.36 90.16 -8.11
C VAL G 16 9.47 89.77 -7.14
N GLN G 17 10.44 90.68 -6.99
CA GLN G 17 11.59 90.44 -6.14
C GLN G 17 11.19 90.50 -4.66
N ALA G 18 12.18 90.46 -3.78
CA ALA G 18 11.92 90.58 -2.35
C ALA G 18 11.42 91.99 -2.03
N GLY G 19 10.50 92.07 -1.07
CA GLY G 19 9.92 93.33 -0.67
C GLY G 19 8.81 93.83 -1.56
N GLY G 20 8.43 93.09 -2.60
CA GLY G 20 7.38 93.55 -3.48
C GLY G 20 6.00 93.48 -2.85
N SER G 21 5.09 94.27 -3.40
CA SER G 21 3.72 94.34 -2.93
C SER G 21 2.80 93.68 -3.95
N LEU G 22 2.06 92.66 -3.52
CA LEU G 22 1.17 91.92 -4.39
C LEU G 22 -0.19 91.74 -3.71
N ARG G 23 -1.23 91.64 -4.53
CA ARG G 23 -2.61 91.53 -4.05
C ARG G 23 -3.32 90.45 -4.84
N LEU G 24 -3.92 89.49 -4.13
CA LEU G 24 -4.57 88.34 -4.75
C LEU G 24 -6.08 88.47 -4.55
N SER G 25 -6.83 88.38 -5.64
CA SER G 25 -8.28 88.53 -5.62
C SER G 25 -8.92 87.17 -5.86
N CYS G 26 -9.75 86.74 -4.91
CA CYS G 26 -10.53 85.51 -5.04
C CYS G 26 -12.00 85.90 -5.24
N ALA G 27 -12.49 85.73 -6.46
CA ALA G 27 -13.87 86.09 -6.79
C ALA G 27 -14.75 84.87 -6.66
N ALA G 28 -15.78 84.96 -5.82
CA ALA G 28 -16.70 83.86 -5.57
C ALA G 28 -18.00 84.09 -6.33
N SER G 29 -18.39 83.10 -7.13
CA SER G 29 -19.61 83.17 -7.91
C SER G 29 -20.43 81.91 -7.65
N GLY G 30 -21.71 82.10 -7.33
CA GLY G 30 -22.58 80.98 -7.03
C GLY G 30 -23.44 81.18 -5.80
N ASN G 31 -23.71 80.09 -5.08
CA ASN G 31 -24.50 80.14 -3.85
C ASN G 31 -23.49 80.29 -2.71
N ILE G 32 -23.20 81.53 -2.35
CA ILE G 32 -22.25 81.76 -1.22
C ILE G 32 -23.09 82.02 0.03
N ARG G 33 -24.42 81.84 -0.09
CA ARG G 33 -25.30 82.13 1.03
C ARG G 33 -25.03 81.21 2.22
N ASN G 34 -24.68 79.95 1.96
CA ASN G 34 -24.42 78.99 3.01
C ASN G 34 -22.93 78.82 3.30
N ILE G 35 -22.08 79.64 2.70
CA ILE G 35 -20.65 79.55 2.94
C ILE G 35 -20.31 80.27 4.22
N SER G 36 -19.55 79.60 5.10
CA SER G 36 -19.09 80.17 6.34
C SER G 36 -17.56 80.22 6.43
N TYR G 37 -16.86 79.93 5.34
CA TYR G 37 -15.42 79.72 5.34
C TYR G 37 -14.82 80.47 4.16
N LEU G 38 -13.80 81.29 4.41
CA LEU G 38 -13.12 82.04 3.37
C LEU G 38 -11.66 82.22 3.77
N GLY G 39 -10.75 81.77 2.89
CA GLY G 39 -9.34 81.84 3.19
C GLY G 39 -8.51 81.39 2.00
N TRP G 40 -7.19 81.30 2.23
CA TRP G 40 -6.23 80.99 1.17
C TRP G 40 -5.26 79.90 1.62
N PHE G 41 -4.78 79.12 0.65
CA PHE G 41 -3.83 78.04 0.88
C PHE G 41 -2.70 78.12 -0.15
N ARG G 42 -1.52 77.61 0.25
CA ARG G 42 -0.35 77.61 -0.62
C ARG G 42 0.27 76.23 -0.64
N GLN G 43 0.81 75.85 -1.80
CA GLN G 43 1.55 74.60 -1.92
C GLN G 43 2.61 74.76 -3.01
N ALA G 44 3.73 74.10 -2.79
CA ALA G 44 4.90 74.14 -3.65
C ALA G 44 5.35 72.70 -3.94
N PRO G 45 6.04 72.48 -5.05
CA PRO G 45 6.51 71.13 -5.36
C PRO G 45 7.44 70.60 -4.27
N GLY G 46 7.30 69.31 -3.98
CA GLY G 46 8.12 68.67 -2.97
C GLY G 46 7.61 68.81 -1.54
N LYS G 47 6.46 69.45 -1.32
CA LYS G 47 5.89 69.49 0.01
C LYS G 47 4.38 69.63 -0.11
N GLU G 48 3.70 69.49 1.04
CA GLU G 48 2.25 69.49 1.09
C GLU G 48 1.72 70.91 1.05
N ARG G 49 0.42 71.07 1.31
CA ARG G 49 -0.26 72.36 1.24
C ARG G 49 -0.57 72.89 2.64
N GLU G 50 -0.27 74.16 2.86
CA GLU G 50 -0.55 74.84 4.13
C GLU G 50 -1.45 76.03 3.89
N GLY G 51 -2.12 76.47 4.95
CA GLY G 51 -3.02 77.61 4.88
C GLY G 51 -2.47 78.87 5.47
N VAL G 52 -2.32 79.92 4.66
CA VAL G 52 -1.79 81.19 5.16
C VAL G 52 -2.79 81.87 6.08
N ALA G 53 -4.06 81.92 5.67
CA ALA G 53 -5.05 82.68 6.42
C ALA G 53 -6.43 82.15 6.10
N ALA G 54 -7.37 82.48 6.98
CA ALA G 54 -8.76 82.04 6.84
C ALA G 54 -9.64 82.98 7.65
N LEU G 55 -10.89 83.14 7.18
CA LEU G 55 -11.83 84.05 7.81
C LEU G 55 -13.17 83.34 7.95
N TRP G 56 -13.86 83.63 9.05
CA TRP G 56 -15.24 83.17 9.26
C TRP G 56 -16.18 84.31 8.91
N THR G 57 -17.17 84.04 8.03
CA THR G 57 -18.22 85.03 7.80
C THR G 57 -19.15 85.12 9.00
N THR G 58 -19.55 83.98 9.56
CA THR G 58 -20.57 83.99 10.61
C THR G 58 -19.98 84.42 11.96
N GLN G 59 -18.90 83.77 12.41
CA GLN G 59 -18.36 84.16 13.70
C GLN G 59 -17.60 85.48 13.62
N GLY G 60 -16.82 85.68 12.55
CA GLY G 60 -16.19 86.96 12.29
C GLY G 60 -14.71 87.03 12.61
N GLN G 61 -14.21 86.13 13.46
CA GLN G 61 -12.78 86.12 13.73
C GLN G 61 -12.01 85.58 12.52
N THR G 62 -10.69 85.78 12.53
CA THR G 62 -9.86 85.49 11.38
C THR G 62 -8.58 84.81 11.83
N TYR G 63 -8.01 83.98 10.95
CA TYR G 63 -6.80 83.23 11.24
C TYR G 63 -5.67 83.71 10.34
N TYR G 64 -4.45 83.64 10.86
CA TYR G 64 -3.25 83.87 10.09
C TYR G 64 -2.20 82.84 10.50
N ALA G 65 -1.34 82.49 9.57
CA ALA G 65 -0.28 81.54 9.87
C ALA G 65 0.88 82.25 10.56
N ASP G 66 1.84 81.45 11.05
CA ASP G 66 2.95 82.01 11.81
C ASP G 66 3.80 82.96 10.98
N SER G 67 4.04 82.62 9.71
CA SER G 67 4.81 83.46 8.81
C SER G 67 3.94 84.48 8.07
N VAL G 68 2.68 84.64 8.48
CA VAL G 68 1.76 85.53 7.81
C VAL G 68 1.33 86.70 8.69
N LYS G 69 1.27 86.52 10.01
CA LYS G 69 0.92 87.60 10.92
C LYS G 69 1.92 88.74 10.79
N GLY G 70 1.43 89.92 10.42
CA GLY G 70 2.28 91.06 10.20
C GLY G 70 2.99 91.08 8.86
N ARG G 71 2.75 90.09 8.01
CA ARG G 71 3.39 90.04 6.70
C ARG G 71 2.39 89.99 5.55
N PHE G 72 1.30 89.24 5.70
CA PHE G 72 0.21 89.24 4.74
C PHE G 72 -1.11 89.42 5.48
N THR G 73 -2.00 90.22 4.91
CA THR G 73 -3.32 90.48 5.47
C THR G 73 -4.38 90.20 4.42
N VAL G 74 -5.47 89.55 4.84
CA VAL G 74 -6.56 89.15 3.96
C VAL G 74 -7.78 89.98 4.30
N SER G 75 -8.43 90.54 3.27
CA SER G 75 -9.62 91.34 3.45
C SER G 75 -10.77 90.76 2.64
N LEU G 76 -12.00 91.03 3.10
CA LEU G 76 -13.21 90.52 2.48
C LEU G 76 -14.04 91.69 1.98
N ASP G 77 -14.47 91.61 0.72
CA ASP G 77 -15.38 92.60 0.14
C ASP G 77 -16.79 92.04 0.33
N ASN G 78 -17.45 92.44 1.41
CA ASN G 78 -18.77 91.91 1.72
C ASN G 78 -19.78 92.24 0.63
N ALA G 79 -19.75 93.47 0.12
CA ALA G 79 -20.67 93.85 -0.95
C ALA G 79 -20.38 93.09 -2.24
N LYS G 80 -19.10 92.93 -2.58
CA LYS G 80 -18.72 92.25 -3.81
C LYS G 80 -18.69 90.73 -3.66
N ASN G 81 -18.69 90.21 -2.43
CA ASN G 81 -18.62 88.78 -2.18
C ASN G 81 -17.34 88.20 -2.81
N THR G 82 -16.22 88.81 -2.47
CA THR G 82 -14.91 88.42 -2.96
C THR G 82 -13.88 88.54 -1.84
N VAL G 83 -12.72 87.91 -2.05
CA VAL G 83 -11.65 87.87 -1.06
C VAL G 83 -10.42 88.53 -1.63
N TYR G 84 -9.85 89.48 -0.88
CA TYR G 84 -8.65 90.20 -1.25
C TYR G 84 -7.60 90.01 -0.18
N LEU G 85 -6.33 90.06 -0.58
CA LEU G 85 -5.22 89.94 0.34
C LEU G 85 -4.11 90.88 -0.07
N GLN G 86 -3.11 91.03 0.79
CA GLN G 86 -1.98 91.91 0.53
C GLN G 86 -0.70 91.13 0.80
N MET G 87 0.24 91.17 -0.13
CA MET G 87 1.52 90.46 0.00
C MET G 87 2.63 91.47 0.25
N ASN G 88 3.29 91.34 1.40
CA ASN G 88 4.36 92.25 1.77
C ASN G 88 5.60 91.45 2.15
N SER G 89 6.77 92.04 1.88
CA SER G 89 8.07 91.44 2.18
C SER G 89 8.18 90.06 1.55
N LEU G 90 8.17 90.03 0.22
CA LEU G 90 8.26 88.78 -0.52
C LEU G 90 9.57 88.07 -0.23
N LYS G 91 9.49 86.74 -0.12
CA LYS G 91 10.65 85.91 0.21
C LYS G 91 10.67 84.72 -0.73
N PRO G 92 11.83 84.08 -0.89
CA PRO G 92 11.87 82.86 -1.72
C PRO G 92 11.01 81.73 -1.19
N GLU G 93 10.67 81.74 0.10
CA GLU G 93 9.76 80.75 0.65
C GLU G 93 8.33 80.92 0.16
N ASP G 94 8.00 82.04 -0.49
CA ASP G 94 6.65 82.33 -0.94
C ASP G 94 6.37 81.82 -2.35
N THR G 95 7.33 81.13 -2.97
CA THR G 95 7.16 80.61 -4.33
C THR G 95 6.33 79.33 -4.27
N ALA G 96 5.01 79.50 -4.31
CA ALA G 96 4.10 78.37 -4.21
C ALA G 96 2.79 78.68 -4.91
N LEU G 97 2.04 77.62 -5.22
CA LEU G 97 0.73 77.76 -5.85
C LEU G 97 -0.29 78.16 -4.78
N TYR G 98 -0.94 79.30 -4.98
CA TYR G 98 -1.90 79.83 -4.02
C TYR G 98 -3.32 79.51 -4.46
N TYR G 99 -4.13 79.01 -3.53
CA TYR G 99 -5.52 78.68 -3.78
C TYR G 99 -6.40 79.27 -2.68
N CYS G 100 -7.62 79.63 -3.03
CA CYS G 100 -8.63 80.06 -2.07
C CYS G 100 -9.75 79.04 -2.03
N ALA G 101 -10.26 78.76 -0.82
CA ALA G 101 -11.21 77.68 -0.60
C ALA G 101 -12.38 78.17 0.24
N ALA G 102 -13.40 77.33 0.32
CA ALA G 102 -14.61 77.63 1.09
C ALA G 102 -15.20 76.35 1.66
N ALA G 103 -16.01 76.50 2.71
CA ALA G 103 -16.68 75.37 3.35
C ALA G 103 -17.98 75.86 3.99
N THR G 104 -18.80 74.89 4.41
CA THR G 104 -20.16 75.17 4.86
C THR G 104 -20.41 74.82 6.33
N SER G 105 -19.36 74.75 7.16
CA SER G 105 -19.48 74.43 8.58
C SER G 105 -20.18 73.08 8.78
N GLY G 106 -19.50 72.05 8.28
CA GLY G 106 -20.08 70.72 8.27
C GLY G 106 -20.45 70.23 9.66
N GLN G 107 -21.59 69.57 9.72
CA GLN G 107 -22.12 69.04 10.98
C GLN G 107 -21.37 67.75 11.31
N TYR G 108 -21.83 67.04 12.33
CA TYR G 108 -21.14 65.81 12.75
C TYR G 108 -22.18 64.87 13.37
N ASN G 109 -22.60 63.89 12.60
CA ASN G 109 -23.33 62.78 13.19
C ASN G 109 -22.35 61.69 13.58
N PRO G 110 -22.34 61.25 14.84
CA PRO G 110 -21.27 60.35 15.29
C PRO G 110 -21.23 59.02 14.54
N LEU G 111 -22.33 58.61 13.92
CA LEU G 111 -22.35 57.33 13.24
C LEU G 111 -21.56 57.38 11.93
N ARG G 112 -21.74 58.44 11.14
CA ARG G 112 -21.05 58.53 9.85
C ARG G 112 -19.75 59.31 9.96
N GLY G 113 -19.81 60.56 10.40
CA GLY G 113 -18.66 61.41 10.52
C GLY G 113 -18.96 62.79 9.96
N TYR G 114 -17.91 63.60 9.86
CA TYR G 114 -18.08 64.96 9.34
C TYR G 114 -18.43 64.94 7.86
N HIS G 115 -19.38 65.79 7.48
CA HIS G 115 -19.74 65.97 6.08
C HIS G 115 -19.98 67.45 5.83
N TYR G 116 -19.44 67.96 4.72
CA TYR G 116 -19.52 69.37 4.40
C TYR G 116 -19.36 69.54 2.89
N ASN G 117 -19.15 70.78 2.46
CA ASN G 117 -18.91 71.11 1.06
C ASN G 117 -17.62 71.92 0.97
N GLU G 118 -16.81 71.64 -0.04
CA GLU G 118 -15.54 72.31 -0.21
C GLU G 118 -15.36 72.72 -1.68
N TYR G 119 -14.67 73.83 -1.88
CA TYR G 119 -14.44 74.39 -3.20
C TYR G 119 -13.00 74.89 -3.29
N TRP G 120 -12.52 75.05 -4.51
CA TRP G 120 -11.13 75.43 -4.72
C TRP G 120 -11.00 76.31 -5.96
N GLY G 121 -9.88 77.03 -6.03
CA GLY G 121 -9.54 77.84 -7.19
C GLY G 121 -8.05 77.84 -7.44
N GLN G 122 -7.65 77.62 -8.69
CA GLN G 122 -6.24 77.39 -9.02
C GLN G 122 -5.54 78.71 -9.31
N GLY G 123 -4.43 78.96 -8.59
CA GLY G 123 -3.66 80.15 -8.80
C GLY G 123 -2.19 79.89 -8.57
N THR G 124 -1.36 80.81 -9.08
CA THR G 124 0.09 80.71 -9.00
C THR G 124 0.68 82.01 -8.48
N GLN G 125 1.81 81.91 -7.79
CA GLN G 125 2.55 83.07 -7.31
C GLN G 125 3.96 82.64 -6.96
N VAL G 126 4.95 83.18 -7.67
CA VAL G 126 6.35 82.85 -7.46
C VAL G 126 7.15 84.14 -7.34
N THR G 127 8.01 84.23 -6.33
CA THR G 127 8.93 85.34 -6.18
C THR G 127 10.29 84.94 -6.74
N VAL G 128 10.80 85.73 -7.67
CA VAL G 128 12.07 85.40 -8.32
C VAL G 128 13.20 85.44 -7.29
N SER G 129 13.24 86.48 -6.47
CA SER G 129 14.25 86.59 -5.42
C SER G 129 13.76 87.49 -4.29
N SER H 36 -22.46 11.81 12.08
CA SER H 36 -22.63 12.11 13.49
C SER H 36 -23.84 11.39 14.05
N GLN H 37 -23.61 10.20 14.64
CA GLN H 37 -24.73 9.37 15.13
C GLN H 37 -25.58 10.14 16.15
N GLU H 38 -24.95 10.91 17.03
CA GLU H 38 -25.74 11.60 18.06
C GLU H 38 -26.54 12.76 17.46
N LEU H 39 -25.95 13.50 16.53
CA LEU H 39 -26.64 14.67 15.98
C LEU H 39 -27.71 14.31 14.96
N PHE H 40 -27.64 13.12 14.36
CA PHE H 40 -28.70 12.71 13.44
C PHE H 40 -29.98 12.34 14.18
N SER H 41 -29.86 11.74 15.35
CA SER H 41 -31.04 11.42 16.15
C SER H 41 -31.75 12.67 16.65
N VAL H 42 -31.06 13.81 16.68
CA VAL H 42 -31.69 15.07 17.08
C VAL H 42 -32.77 15.46 16.09
N VAL H 43 -32.49 15.35 14.79
CA VAL H 43 -33.42 15.79 13.76
C VAL H 43 -34.28 14.62 13.29
N ALA H 44 -34.29 13.54 14.07
CA ALA H 44 -35.13 12.41 13.73
C ALA H 44 -36.61 12.77 13.85
N PHE H 45 -37.42 12.16 12.99
CA PHE H 45 -38.84 12.44 12.94
C PHE H 45 -39.56 11.55 13.96
N HIS H 46 -40.15 12.17 14.97
CA HIS H 46 -40.91 11.48 16.00
C HIS H 46 -42.36 11.96 15.91
N CYS H 47 -43.22 11.14 15.35
CA CYS H 47 -44.60 11.54 15.10
C CYS H 47 -45.39 11.59 16.41
N PRO H 48 -45.98 12.74 16.75
CA PRO H 48 -46.88 12.77 17.91
C PRO H 48 -48.25 12.20 17.57
N CYS H 49 -48.52 10.99 18.03
CA CYS H 49 -49.76 10.32 17.69
C CYS H 49 -50.89 10.89 18.54
N SER H 50 -51.46 11.99 18.07
CA SER H 50 -52.54 12.71 18.73
C SER H 50 -53.32 13.43 17.64
N PRO H 51 -54.63 13.59 17.79
CA PRO H 51 -55.40 14.22 16.73
C PRO H 51 -55.32 15.74 16.71
N ALA H 52 -55.39 16.29 15.50
CA ALA H 52 -55.23 17.72 15.24
C ALA H 52 -53.89 18.25 15.76
N ARG H 53 -52.93 17.36 15.93
CA ARG H 53 -51.66 17.72 16.56
C ARG H 53 -50.48 17.21 15.74
N ASN H 54 -50.68 16.12 15.01
CA ASN H 54 -49.59 15.51 14.26
C ASN H 54 -49.31 16.19 12.93
N TYR H 55 -50.22 17.03 12.43
CA TYR H 55 -49.93 17.79 11.22
C TYR H 55 -49.27 19.12 11.52
N LEU H 56 -49.51 19.69 12.71
CA LEU H 56 -48.75 20.85 13.13
C LEU H 56 -47.27 20.51 13.29
N TYR H 57 -46.97 19.35 13.89
CA TYR H 57 -45.59 18.90 13.96
C TYR H 57 -45.05 18.56 12.58
N GLY H 58 -45.85 17.90 11.75
CA GLY H 58 -45.40 17.59 10.40
C GLY H 58 -45.11 18.83 9.58
N LEU H 59 -45.95 19.85 9.73
CA LEU H 59 -45.69 21.13 9.07
C LEU H 59 -44.42 21.78 9.60
N ALA H 60 -44.20 21.72 10.91
CA ALA H 60 -43.02 22.37 11.49
C ALA H 60 -41.75 21.58 11.19
N ALA H 61 -41.81 20.25 11.31
CA ALA H 61 -40.61 19.44 11.08
C ALA H 61 -40.19 19.41 9.61
N ILE H 62 -41.06 19.84 8.69
CA ILE H 62 -40.74 19.86 7.27
C ILE H 62 -40.68 21.29 6.74
N GLY H 63 -41.60 22.16 7.17
CA GLY H 63 -41.62 23.51 6.69
C GLY H 63 -40.53 24.41 7.22
N VAL H 64 -39.96 24.08 8.38
CA VAL H 64 -38.89 24.88 8.96
C VAL H 64 -37.56 24.55 8.27
N PRO H 65 -37.16 23.27 8.11
CA PRO H 65 -35.96 23.00 7.33
C PRO H 65 -36.05 23.49 5.90
N ALA H 66 -37.24 23.47 5.30
CA ALA H 66 -37.40 24.01 3.96
C ALA H 66 -37.25 25.53 3.97
N LEU H 67 -37.77 26.20 5.01
CA LEU H 67 -37.58 27.64 5.12
C LEU H 67 -36.13 28.00 5.36
N VAL H 68 -35.43 27.23 6.21
CA VAL H 68 -34.03 27.52 6.50
C VAL H 68 -33.17 27.36 5.26
N LEU H 69 -33.39 26.28 4.50
CA LEU H 69 -32.65 26.09 3.26
C LEU H 69 -32.98 27.18 2.25
N PHE H 70 -34.19 27.72 2.31
CA PHE H 70 -34.53 28.85 1.44
C PHE H 70 -33.76 30.10 1.83
N ILE H 71 -33.65 30.37 3.14
CA ILE H 71 -32.92 31.56 3.60
C ILE H 71 -31.44 31.43 3.29
N ILE H 72 -30.86 30.25 3.49
CA ILE H 72 -29.44 30.04 3.20
C ILE H 72 -29.16 30.29 1.73
N GLY H 73 -30.07 29.86 0.85
CA GLY H 73 -29.89 30.10 -0.57
C GLY H 73 -29.89 31.57 -0.92
N ILE H 74 -30.71 32.36 -0.22
CA ILE H 74 -30.74 33.80 -0.47
C ILE H 74 -29.45 34.45 0.05
N ILE H 75 -29.02 34.07 1.25
CA ILE H 75 -27.89 34.75 1.89
C ILE H 75 -26.61 34.55 1.08
N LEU H 76 -26.34 33.30 0.70
CA LEU H 76 -25.09 32.99 0.01
C LEU H 76 -25.06 33.48 -1.43
N ASN H 77 -26.20 33.91 -1.98
CA ASN H 77 -26.27 34.35 -3.37
C ASN H 77 -25.85 35.81 -3.44
N ASN H 78 -24.78 36.09 -4.20
CA ASN H 78 -24.32 37.47 -4.35
C ASN H 78 -25.28 38.32 -5.16
N HIS H 79 -26.16 37.71 -5.97
CA HIS H 79 -27.08 38.46 -6.81
C HIS H 79 -28.19 39.15 -6.02
N THR H 80 -28.34 38.85 -4.73
CA THR H 80 -29.33 39.55 -3.92
C THR H 80 -28.75 40.72 -3.14
N TRP H 81 -27.42 40.79 -3.00
CA TRP H 81 -26.81 41.90 -2.27
C TRP H 81 -26.52 43.10 -3.16
N ASN H 82 -26.20 42.87 -4.44
CA ASN H 82 -26.11 43.98 -5.38
C ASN H 82 -27.49 44.47 -5.79
N LEU H 83 -28.53 43.66 -5.64
CA LEU H 83 -29.89 44.15 -5.79
C LEU H 83 -30.25 45.09 -4.65
N VAL H 84 -29.89 44.73 -3.42
CA VAL H 84 -30.05 45.66 -2.29
C VAL H 84 -29.15 46.87 -2.48
N ALA H 85 -27.90 46.65 -2.90
CA ALA H 85 -27.01 47.77 -3.16
C ALA H 85 -27.52 48.66 -4.28
N GLU H 86 -28.27 48.09 -5.23
CA GLU H 86 -28.94 48.90 -6.24
C GLU H 86 -29.97 49.82 -5.60
N CYS H 87 -30.76 49.28 -4.67
CA CYS H 87 -31.76 50.08 -3.95
C CYS H 87 -31.12 51.04 -2.95
N GLN H 88 -29.83 50.90 -2.68
CA GLN H 88 -29.16 51.74 -1.69
C GLN H 88 -28.80 53.11 -2.28
N HIS H 89 -27.96 53.12 -3.33
CA HIS H 89 -27.50 54.39 -3.87
C HIS H 89 -28.55 55.07 -4.75
N ARG H 90 -29.40 54.31 -5.43
CA ARG H 90 -30.43 54.92 -6.26
C ARG H 90 -31.48 55.63 -5.41
N ARG H 91 -31.98 54.94 -4.37
CA ARG H 91 -32.84 55.53 -3.34
C ARG H 91 -34.06 56.24 -3.90
N THR H 92 -34.39 56.00 -5.18
CA THR H 92 -35.44 56.79 -5.83
C THR H 92 -36.30 55.91 -6.74
N LYS H 93 -36.29 54.59 -6.56
CA LYS H 93 -37.07 53.66 -7.37
C LYS H 93 -36.76 53.81 -8.85
N ASN H 94 -35.47 54.01 -9.17
CA ASN H 94 -35.06 54.21 -10.56
C ASN H 94 -35.33 52.97 -11.40
N CYS H 95 -35.03 51.78 -10.86
CA CYS H 95 -35.25 50.55 -11.60
C CYS H 95 -36.74 50.27 -11.69
N SER H 96 -37.21 49.95 -12.89
CA SER H 96 -38.62 49.69 -13.13
C SER H 96 -38.93 48.21 -12.85
N ALA H 97 -40.13 47.76 -13.21
CA ALA H 97 -40.51 46.38 -12.98
C ALA H 97 -39.78 45.43 -13.90
N ALA H 98 -39.42 45.87 -15.11
CA ALA H 98 -38.79 44.98 -16.08
C ALA H 98 -37.46 44.41 -15.61
N PRO H 99 -36.50 45.22 -15.10
CA PRO H 99 -35.22 44.62 -14.68
C PRO H 99 -35.30 43.94 -13.32
N THR H 100 -36.13 44.48 -12.42
CA THR H 100 -36.19 43.94 -11.07
C THR H 100 -36.85 42.56 -11.04
N PHE H 101 -37.94 42.38 -11.80
CA PHE H 101 -38.62 41.10 -11.82
C PHE H 101 -37.77 40.01 -12.47
N LEU H 102 -36.83 40.39 -13.34
CA LEU H 102 -35.89 39.43 -13.91
C LEU H 102 -34.69 39.17 -13.00
N LEU H 103 -34.57 39.91 -11.90
CA LEU H 103 -33.55 39.62 -10.89
C LEU H 103 -34.06 38.77 -9.74
N LEU H 104 -35.27 39.07 -9.25
CA LEU H 104 -35.85 38.21 -8.22
C LEU H 104 -36.12 36.81 -8.75
N SER H 105 -36.55 36.69 -10.01
CA SER H 105 -36.75 35.38 -10.60
C SER H 105 -35.46 34.58 -10.63
N SER H 106 -34.32 35.23 -10.82
CA SER H 106 -33.04 34.54 -10.74
C SER H 106 -32.68 34.20 -9.30
N ILE H 107 -32.96 35.12 -8.37
CA ILE H 107 -32.62 34.89 -6.97
C ILE H 107 -33.50 33.79 -6.38
N LEU H 108 -34.81 33.87 -6.62
CA LEU H 108 -35.72 32.87 -6.06
C LEU H 108 -35.63 31.55 -6.81
N GLY H 109 -35.34 31.57 -8.10
CA GLY H 109 -35.16 30.32 -8.84
C GLY H 109 -33.96 29.55 -8.36
N ARG H 110 -32.84 30.23 -8.11
CA ARG H 110 -31.65 29.56 -7.62
C ARG H 110 -31.78 29.16 -6.15
N ALA H 111 -32.57 29.93 -5.38
CA ALA H 111 -32.74 29.63 -3.96
C ALA H 111 -33.68 28.45 -3.75
N ALA H 112 -34.73 28.32 -4.57
CA ALA H 112 -35.75 27.31 -4.37
C ALA H 112 -35.28 25.90 -4.68
N VAL H 113 -34.06 25.73 -5.21
CA VAL H 113 -33.56 24.39 -5.51
C VAL H 113 -33.43 23.57 -4.23
N ALA H 114 -32.91 24.17 -3.16
CA ALA H 114 -32.70 23.42 -1.93
C ALA H 114 -33.99 23.07 -1.20
N PRO H 115 -34.94 24.00 -1.00
CA PRO H 115 -36.21 23.58 -0.35
C PRO H 115 -36.97 22.53 -1.14
N VAL H 116 -36.92 22.59 -2.48
CA VAL H 116 -37.64 21.62 -3.28
C VAL H 116 -37.03 20.24 -3.15
N THR H 117 -35.70 20.15 -3.22
CA THR H 117 -35.04 18.85 -3.09
C THR H 117 -35.14 18.30 -1.68
N TRP H 118 -35.55 19.11 -0.70
CA TRP H 118 -35.88 18.60 0.63
C TRP H 118 -37.37 18.28 0.75
N SER H 119 -38.23 19.12 0.17
CA SER H 119 -39.66 18.83 0.17
C SER H 119 -40.00 17.63 -0.69
N VAL H 120 -39.09 17.20 -1.57
CA VAL H 120 -39.31 16.01 -2.37
C VAL H 120 -38.91 14.77 -1.59
N ILE H 121 -37.75 14.80 -0.95
CA ILE H 121 -37.26 13.64 -0.20
C ILE H 121 -38.20 13.31 0.95
N SER H 122 -38.73 14.34 1.62
CA SER H 122 -39.68 14.11 2.71
C SER H 122 -40.95 13.44 2.20
N LEU H 123 -41.44 13.87 1.04
CA LEU H 123 -42.63 13.25 0.45
C LEU H 123 -42.35 11.81 0.04
N LEU H 124 -41.18 11.54 -0.55
CA LEU H 124 -40.86 10.19 -0.99
C LEU H 124 -40.63 9.25 0.18
N ARG H 125 -40.10 9.76 1.30
CA ARG H 125 -39.95 8.93 2.48
C ARG H 125 -41.30 8.44 2.99
N GLY H 126 -42.30 9.33 3.00
CA GLY H 126 -43.63 8.98 3.40
C GLY H 126 -43.93 9.16 4.87
N GLU H 127 -42.90 9.29 5.71
CA GLU H 127 -43.13 9.43 7.15
C GLU H 127 -43.87 10.72 7.47
N ALA H 128 -43.49 11.83 6.82
CA ALA H 128 -44.08 13.12 7.17
C ALA H 128 -45.54 13.22 6.74
N TYR H 129 -45.95 12.47 5.73
CA TYR H 129 -47.32 12.57 5.23
C TYR H 129 -48.26 11.61 5.92
N VAL H 130 -47.80 10.40 6.25
CA VAL H 130 -48.66 9.47 6.98
C VAL H 130 -48.93 10.00 8.38
N CYS H 131 -47.93 10.63 9.00
CA CYS H 131 -48.14 11.22 10.31
C CYS H 131 -49.13 12.38 10.26
N ALA H 132 -49.02 13.23 9.23
CA ALA H 132 -49.84 14.43 9.17
C ALA H 132 -51.28 14.15 8.78
N LEU H 133 -51.52 13.10 8.01
CA LEU H 133 -52.85 12.83 7.46
C LEU H 133 -53.51 11.59 8.04
N SER H 134 -52.92 10.97 9.05
CA SER H 134 -53.48 9.73 9.59
C SER H 134 -54.83 9.95 10.25
N GLU H 135 -55.12 11.15 10.71
CA GLU H 135 -56.39 11.43 11.40
C GLU H 135 -57.53 11.74 10.44
N PHE H 136 -57.25 11.99 9.17
CA PHE H 136 -58.28 12.35 8.20
C PHE H 136 -58.75 11.18 7.36
N VAL H 137 -58.20 9.98 7.58
CA VAL H 137 -58.65 8.81 6.83
C VAL H 137 -60.08 8.47 7.24
N ASP H 138 -60.94 8.30 6.26
CA ASP H 138 -62.35 8.04 6.54
C ASP H 138 -62.52 6.62 7.07
N PRO H 139 -63.04 6.45 8.30
CA PRO H 139 -63.25 5.09 8.81
C PRO H 139 -64.22 4.27 7.97
N SER H 140 -65.25 4.92 7.39
CA SER H 140 -66.22 4.19 6.58
C SER H 140 -65.61 3.71 5.27
N SER H 141 -64.56 4.38 4.78
CA SER H 141 -63.92 4.00 3.53
C SER H 141 -62.89 2.91 3.69
N LEU H 142 -62.65 2.43 4.92
CA LEU H 142 -61.66 1.39 5.14
C LEU H 142 -62.13 0.07 4.53
N THR H 143 -61.17 -0.80 4.26
CA THR H 143 -61.42 -2.03 3.52
C THR H 143 -60.41 -3.06 4.04
N ALA H 144 -60.30 -4.22 3.36
CA ALA H 144 -59.45 -5.35 3.71
C ALA H 144 -59.94 -6.09 4.95
N ARG H 145 -61.16 -5.83 5.38
CA ARG H 145 -61.76 -6.47 6.54
C ARG H 145 -63.23 -6.06 6.57
N GLU H 146 -64.00 -6.74 7.41
CA GLU H 146 -65.37 -6.30 7.66
C GLU H 146 -65.36 -5.06 8.55
N GLU H 147 -66.53 -4.43 8.68
CA GLU H 147 -66.64 -3.17 9.39
C GLU H 147 -66.49 -3.42 10.89
N HIS H 148 -65.25 -3.68 11.30
CA HIS H 148 -64.91 -3.85 12.71
C HIS H 148 -64.34 -2.59 13.33
N PHE H 149 -64.30 -1.49 12.59
CA PHE H 149 -63.67 -0.26 13.08
C PHE H 149 -64.60 0.44 14.06
N PRO H 150 -64.14 0.76 15.28
CA PRO H 150 -65.00 1.45 16.24
C PRO H 150 -65.37 2.85 15.75
N SER H 151 -66.55 3.31 16.19
CA SER H 151 -67.06 4.61 15.81
C SER H 151 -67.16 5.61 16.96
N ALA H 152 -66.89 5.17 18.19
CA ALA H 152 -66.98 6.08 19.33
C ALA H 152 -65.83 7.09 19.32
N HIS H 153 -64.60 6.58 19.40
CA HIS H 153 -63.39 7.40 19.29
C HIS H 153 -62.66 6.94 18.03
N ALA H 154 -63.03 7.52 16.89
CA ALA H 154 -62.46 7.12 15.61
C ALA H 154 -61.25 7.96 15.23
N THR H 155 -61.33 9.28 15.44
CA THR H 155 -60.18 10.14 15.16
C THR H 155 -59.02 9.81 16.09
N GLU H 156 -59.33 9.51 17.35
CA GLU H 156 -58.27 9.23 18.32
C GLU H 156 -57.48 7.97 17.95
N ILE H 157 -58.16 6.90 17.55
CA ILE H 157 -57.46 5.68 17.22
C ILE H 157 -56.69 5.84 15.91
N LEU H 158 -57.30 6.52 14.94
CA LEU H 158 -56.65 6.69 13.64
C LEU H 158 -55.34 7.47 13.75
N ALA H 159 -55.34 8.54 14.56
CA ALA H 159 -54.15 9.37 14.68
C ALA H 159 -52.98 8.61 15.28
N ARG H 160 -53.24 7.51 16.00
CA ARG H 160 -52.21 6.75 16.68
C ARG H 160 -51.65 5.62 15.84
N PHE H 161 -52.11 5.48 14.59
CA PHE H 161 -51.58 4.44 13.70
C PHE H 161 -50.08 4.56 13.44
N PRO H 162 -49.50 5.74 13.16
CA PRO H 162 -48.07 5.78 12.84
C PRO H 162 -47.16 5.31 13.96
N CYS H 163 -47.64 5.29 15.21
CA CYS H 163 -46.82 4.88 16.35
C CYS H 163 -47.06 3.43 16.77
N LYS H 164 -47.74 2.64 15.93
CA LYS H 164 -48.04 1.23 16.18
C LYS H 164 -49.00 1.04 17.35
N GLU H 165 -49.28 2.08 18.13
CA GLU H 165 -50.05 1.94 19.37
C GLU H 165 -51.52 1.71 19.02
N ASN H 166 -51.78 0.52 18.49
CA ASN H 166 -53.09 0.13 18.01
C ASN H 166 -53.43 -1.27 18.51
N PRO H 167 -54.71 -1.53 18.82
CA PRO H 167 -55.11 -2.89 19.18
C PRO H 167 -54.86 -3.86 18.03
N ASP H 168 -54.54 -5.11 18.39
CA ASP H 168 -54.19 -6.11 17.38
C ASP H 168 -55.37 -6.50 16.51
N ASN H 169 -56.62 -6.27 16.97
CA ASN H 169 -57.77 -6.54 16.12
C ASN H 169 -57.88 -5.54 14.97
N LEU H 170 -57.16 -4.42 15.03
CA LEU H 170 -57.14 -3.43 13.97
C LEU H 170 -55.78 -3.38 13.26
N SER H 171 -54.98 -4.44 13.41
CA SER H 171 -53.67 -4.46 12.78
C SER H 171 -53.78 -4.42 11.25
N ASP H 172 -54.75 -5.14 10.69
CA ASP H 172 -54.96 -5.09 9.25
C ASP H 172 -55.39 -3.70 8.81
N PHE H 173 -56.28 -3.06 9.58
CA PHE H 173 -56.69 -1.69 9.25
C PHE H 173 -55.51 -0.73 9.34
N ARG H 174 -54.59 -0.98 10.28
CA ARG H 174 -53.42 -0.11 10.42
C ARG H 174 -52.56 -0.13 9.16
N GLU H 175 -52.30 -1.33 8.63
CA GLU H 175 -51.47 -1.44 7.43
C GLU H 175 -52.21 -1.01 6.17
N GLU H 176 -53.54 -1.14 6.15
CA GLU H 176 -54.31 -0.63 5.02
C GLU H 176 -54.17 0.88 4.93
N VAL H 177 -54.24 1.57 6.06
CA VAL H 177 -54.03 3.02 6.07
C VAL H 177 -52.56 3.34 5.80
N SER H 178 -51.65 2.57 6.39
CA SER H 178 -50.23 2.85 6.24
C SER H 178 -49.75 2.75 4.80
N ARG H 179 -50.47 2.04 3.94
CA ARG H 179 -50.13 1.97 2.52
C ARG H 179 -50.88 2.99 1.69
N ARG H 180 -52.14 3.29 2.03
CA ARG H 180 -52.88 4.31 1.29
C ARG H 180 -52.23 5.69 1.42
N LEU H 181 -51.82 6.06 2.62
CA LEU H 181 -51.23 7.37 2.84
C LEU H 181 -49.80 7.45 2.32
N ARG H 182 -49.03 6.36 2.46
CA ARG H 182 -47.68 6.35 1.91
C ARG H 182 -47.71 6.40 0.38
N TYR H 183 -48.76 5.86 -0.23
CA TYR H 183 -48.91 5.98 -1.69
C TYR H 183 -49.10 7.43 -2.10
N GLU H 184 -50.00 8.14 -1.42
CA GLU H 184 -50.22 9.55 -1.74
C GLU H 184 -48.97 10.38 -1.48
N SER H 185 -48.22 10.04 -0.44
CA SER H 185 -46.98 10.77 -0.16
C SER H 185 -46.00 10.64 -1.31
N GLN H 186 -45.86 9.44 -1.85
CA GLN H 186 -44.96 9.24 -2.98
C GLN H 186 -45.59 9.64 -4.31
N LEU H 187 -46.92 9.64 -4.42
CA LEU H 187 -47.56 10.15 -5.62
C LEU H 187 -47.30 11.64 -5.78
N PHE H 188 -47.40 12.40 -4.68
CA PHE H 188 -47.05 13.81 -4.73
C PHE H 188 -45.54 14.00 -4.87
N GLY H 189 -44.75 13.06 -4.35
CA GLY H 189 -43.31 13.18 -4.47
C GLY H 189 -42.83 13.08 -5.91
N TRP H 190 -43.48 12.23 -6.71
CA TRP H 190 -43.10 12.10 -8.11
C TRP H 190 -43.72 13.17 -8.99
N LEU H 191 -44.94 13.62 -8.67
CA LEU H 191 -45.52 14.72 -9.41
C LEU H 191 -44.75 16.01 -9.18
N LEU H 192 -44.26 16.23 -7.95
CA LEU H 192 -43.46 17.41 -7.67
C LEU H 192 -42.15 17.39 -8.46
N ILE H 193 -41.52 16.22 -8.57
CA ILE H 193 -40.33 16.10 -9.41
C ILE H 193 -40.68 16.36 -10.87
N GLY H 194 -41.81 15.81 -11.33
CA GLY H 194 -42.21 16.00 -12.71
C GLY H 194 -42.53 17.44 -13.03
N VAL H 195 -43.22 18.14 -12.12
CA VAL H 195 -43.56 19.53 -12.37
C VAL H 195 -42.31 20.40 -12.37
N VAL H 196 -41.38 20.16 -11.44
CA VAL H 196 -40.13 20.92 -11.41
C VAL H 196 -39.33 20.69 -12.68
N ALA H 197 -39.24 19.44 -13.13
CA ALA H 197 -38.48 19.11 -14.33
C ALA H 197 -39.09 19.73 -15.58
N ILE H 198 -40.35 20.15 -15.53
CA ILE H 198 -40.95 20.86 -16.65
C ILE H 198 -40.71 22.36 -16.56
N LEU H 199 -40.79 22.92 -15.34
CA LEU H 199 -40.53 24.34 -15.16
C LEU H 199 -39.09 24.69 -15.52
N VAL H 200 -38.15 23.81 -15.16
CA VAL H 200 -36.75 24.03 -15.54
C VAL H 200 -36.61 24.01 -17.06
N PHE H 201 -37.28 23.07 -17.72
CA PHE H 201 -37.24 23.02 -19.18
C PHE H 201 -37.87 24.26 -19.79
N LEU H 202 -39.03 24.67 -19.28
CA LEU H 202 -39.70 25.85 -19.82
C LEU H 202 -38.89 27.12 -19.54
N THR H 203 -38.29 27.21 -18.36
CA THR H 203 -37.49 28.39 -18.03
C THR H 203 -36.26 28.50 -18.92
N LYS H 204 -35.49 27.41 -19.04
CA LYS H 204 -34.28 27.45 -19.84
C LYS H 204 -34.59 27.59 -21.33
N CYS H 205 -35.76 27.14 -21.76
CA CYS H 205 -36.17 27.33 -23.15
C CYS H 205 -36.59 28.77 -23.42
N LEU H 206 -37.33 29.37 -22.49
CA LEU H 206 -37.75 30.76 -22.67
C LEU H 206 -36.60 31.73 -22.44
N LYS H 207 -35.65 31.37 -21.57
CA LYS H 207 -34.50 32.24 -21.32
C LYS H 207 -33.66 32.40 -22.59
N HIS H 208 -33.45 31.31 -23.32
CA HIS H 208 -32.67 31.38 -24.56
C HIS H 208 -33.47 32.03 -25.68
N TYR H 209 -34.77 31.76 -25.76
CA TYR H 209 -35.58 32.33 -26.83
C TYR H 209 -35.72 33.84 -26.68
N CYS H 210 -35.96 34.31 -25.46
CA CYS H 210 -36.25 35.73 -25.26
C CYS H 210 -34.98 36.59 -25.16
N SER H 211 -33.85 36.00 -24.80
CA SER H 211 -32.63 36.79 -24.66
C SER H 211 -32.18 37.28 -26.03
N PRO H 212 -31.77 38.55 -26.14
CA PRO H 212 -31.28 39.05 -27.44
C PRO H 212 -29.94 38.49 -27.84
N LEU H 213 -29.16 37.95 -26.90
CA LEU H 213 -27.86 37.39 -27.19
C LEU H 213 -27.98 35.93 -27.62
N SER H 214 -26.98 35.48 -28.36
CA SER H 214 -26.90 34.07 -28.70
C SER H 214 -26.44 33.27 -27.48
N TYR H 215 -26.79 31.97 -27.47
CA TYR H 215 -26.43 31.13 -26.34
C TYR H 215 -24.94 30.95 -26.20
N ARG H 216 -24.17 31.15 -27.27
CA ARG H 216 -22.72 31.03 -27.19
C ARG H 216 -22.08 32.26 -26.54
N GLN H 217 -22.64 33.44 -26.77
CA GLN H 217 -22.12 34.63 -26.11
C GLN H 217 -22.48 34.65 -24.63
N GLU H 218 -23.69 34.20 -24.29
CA GLU H 218 -24.04 34.04 -22.88
C GLU H 218 -23.20 33.00 -22.17
N ALA H 219 -22.65 32.03 -22.92
CA ALA H 219 -21.71 31.10 -22.33
C ALA H 219 -20.34 31.75 -22.13
N TYR H 220 -19.93 32.61 -23.06
CA TYR H 220 -18.69 33.36 -22.87
C TYR H 220 -18.85 34.42 -21.79
N TRP H 221 -20.03 35.05 -21.73
CA TRP H 221 -20.30 36.01 -20.67
C TRP H 221 -20.24 35.35 -19.30
N ALA H 222 -20.81 34.15 -19.17
CA ALA H 222 -20.78 33.44 -17.91
C ALA H 222 -19.36 33.02 -17.54
N GLN H 223 -18.51 32.75 -18.53
CA GLN H 223 -17.11 32.46 -18.23
C GLN H 223 -16.36 33.71 -17.79
N TYR H 224 -16.73 34.87 -18.31
CA TYR H 224 -16.09 36.10 -17.89
C TYR H 224 -16.47 36.46 -16.45
N ARG H 225 -17.76 36.37 -16.12
CA ARG H 225 -18.19 36.71 -14.76
C ARG H 225 -17.59 35.77 -13.73
N ALA H 226 -17.30 34.53 -14.12
CA ALA H 226 -16.65 33.61 -13.21
C ALA H 226 -15.17 33.96 -13.04
N ASN H 227 -14.50 34.35 -14.12
CA ASN H 227 -13.10 34.71 -14.04
C ASN H 227 -12.89 36.05 -13.34
N GLU H 228 -13.79 37.02 -13.56
CA GLU H 228 -13.66 38.30 -12.89
C GLU H 228 -13.90 38.17 -11.39
N ASP H 229 -14.96 37.47 -11.01
CA ASP H 229 -15.28 37.33 -9.59
C ASP H 229 -14.28 36.46 -8.85
N GLN H 230 -13.40 35.76 -9.55
CA GLN H 230 -12.34 34.99 -8.91
C GLN H 230 -11.04 35.78 -8.81
N LEU H 231 -10.65 36.46 -9.89
CA LEU H 231 -9.45 37.30 -9.84
C LEU H 231 -9.63 38.49 -8.92
N PHE H 232 -10.83 39.08 -8.91
CA PHE H 232 -11.07 40.24 -8.06
C PHE H 232 -10.92 39.89 -6.58
N GLN H 233 -11.46 38.74 -6.17
CA GLN H 233 -11.27 38.30 -4.80
C GLN H 233 -9.80 37.98 -4.51
N ARG H 234 -9.12 37.36 -5.47
CA ARG H 234 -7.72 37.01 -5.28
C ARG H 234 -6.85 38.25 -5.09
N THR H 235 -7.11 39.30 -5.89
CA THR H 235 -6.34 40.53 -5.75
C THR H 235 -6.75 41.31 -4.51
N ALA H 236 -8.02 41.21 -4.10
CA ALA H 236 -8.46 41.91 -2.89
C ALA H 236 -7.73 41.39 -1.66
N GLU H 237 -7.53 40.07 -1.57
CA GLU H 237 -6.75 39.52 -0.47
C GLU H 237 -5.31 40.01 -0.50
N VAL H 238 -4.70 40.02 -1.69
CA VAL H 238 -3.32 40.46 -1.81
C VAL H 238 -3.20 41.96 -1.55
N HIS H 239 -4.08 42.75 -2.16
CA HIS H 239 -4.01 44.19 -1.97
C HIS H 239 -4.33 44.61 -0.55
N SER H 240 -5.03 43.77 0.22
CA SER H 240 -5.24 44.07 1.63
C SER H 240 -4.05 43.65 2.47
N ARG H 241 -3.46 42.47 2.18
CA ARG H 241 -2.29 42.03 2.91
C ARG H 241 -1.11 42.96 2.69
N VAL H 242 -0.89 43.40 1.45
CA VAL H 242 0.21 44.33 1.18
C VAL H 242 -0.05 45.67 1.85
N LEU H 243 -1.29 46.14 1.81
CA LEU H 243 -1.63 47.37 2.52
C LEU H 243 -1.49 47.19 4.02
N ALA H 244 -1.91 46.04 4.55
CA ALA H 244 -1.76 45.78 5.98
C ALA H 244 -0.31 45.64 6.37
N ALA H 245 0.53 45.09 5.48
CA ALA H 245 1.95 44.97 5.78
C ALA H 245 2.61 46.34 5.90
N ASN H 246 2.20 47.30 5.07
CA ASN H 246 2.76 48.64 5.15
C ASN H 246 2.43 49.29 6.50
N ASN H 247 1.19 49.11 6.97
CA ASN H 247 0.81 49.71 8.25
C ASN H 247 1.55 49.08 9.41
N VAL H 248 1.71 47.76 9.39
CA VAL H 248 2.46 47.08 10.44
C VAL H 248 3.93 47.49 10.40
N ARG H 249 4.48 47.64 9.19
CA ARG H 249 5.85 48.11 9.07
C ARG H 249 6.01 49.52 9.65
N ARG H 250 5.02 50.37 9.42
CA ARG H 250 5.08 51.74 9.95
C ARG H 250 5.05 51.77 11.47
N PHE H 251 4.64 50.69 12.13
CA PHE H 251 4.56 50.65 13.58
C PHE H 251 5.84 50.11 14.21
N PHE H 252 6.21 48.88 13.88
CA PHE H 252 7.37 48.24 14.48
C PHE H 252 8.66 48.55 13.74
N GLY H 253 8.60 48.84 12.44
CA GLY H 253 9.77 49.01 11.62
C GLY H 253 10.11 47.82 10.75
N PHE H 254 9.46 46.68 10.99
CA PHE H 254 9.66 45.50 10.17
C PHE H 254 8.41 44.65 10.22
N VAL H 255 8.25 43.79 9.23
CA VAL H 255 7.12 42.87 9.14
C VAL H 255 7.66 41.46 8.97
N ALA H 256 7.16 40.53 9.78
CA ALA H 256 7.50 39.12 9.65
C ALA H 256 6.63 38.51 8.57
N LEU H 257 7.26 38.07 7.47
CA LEU H 257 6.54 37.56 6.32
C LEU H 257 7.04 36.18 5.95
N ASN H 258 6.15 35.35 5.42
CA ASN H 258 6.50 33.99 5.03
C ASN H 258 7.38 34.02 3.78
N LYS H 259 7.72 32.83 3.28
CA LYS H 259 8.49 32.77 2.05
C LYS H 259 7.71 33.33 0.87
N ASP H 260 6.42 32.99 0.77
CA ASP H 260 5.62 33.49 -0.33
C ASP H 260 5.13 34.92 -0.06
N ASP H 261 4.85 35.26 1.20
CA ASP H 261 4.38 36.61 1.52
C ASP H 261 5.44 37.66 1.17
N GLU H 262 6.72 37.34 1.36
CA GLU H 262 7.76 38.32 1.00
C GLU H 262 7.79 38.59 -0.49
N GLU H 263 7.49 37.59 -1.32
CA GLU H 263 7.41 37.82 -2.76
C GLU H 263 6.26 38.76 -3.09
N LEU H 264 5.13 38.61 -2.39
CA LEU H 264 3.97 39.45 -2.69
C LEU H 264 4.27 40.93 -2.48
N ILE H 265 5.05 41.25 -1.46
CA ILE H 265 5.34 42.66 -1.16
C ILE H 265 6.14 43.28 -2.30
N ALA H 266 7.16 42.58 -2.79
CA ALA H 266 7.97 43.12 -3.88
C ALA H 266 7.23 43.05 -5.21
N ASN H 267 6.56 41.94 -5.49
CA ASN H 267 5.90 41.77 -6.77
C ASN H 267 4.69 42.70 -6.91
N PHE H 268 3.95 42.91 -5.83
CA PHE H 268 2.68 43.64 -5.87
C PHE H 268 2.73 44.77 -4.85
N PRO H 269 3.39 45.88 -5.17
CA PRO H 269 3.39 47.02 -4.26
C PRO H 269 2.13 47.85 -4.40
N VAL H 270 1.66 48.38 -3.28
CA VAL H 270 0.49 49.24 -3.25
C VAL H 270 0.92 50.64 -2.84
N GLU H 271 0.17 51.64 -3.32
CA GLU H 271 0.46 53.02 -3.04
C GLU H 271 -0.64 53.75 -2.31
N GLY H 272 -1.88 53.27 -2.37
CA GLY H 272 -2.98 53.92 -1.69
C GLY H 272 -4.20 53.05 -1.68
N THR H 273 -5.31 53.65 -1.26
CA THR H 273 -6.60 52.97 -1.19
C THR H 273 -7.56 53.54 -2.21
N GLN H 274 -8.38 52.68 -2.79
CA GLN H 274 -9.33 53.12 -3.80
C GLN H 274 -10.45 53.93 -3.15
N PRO H 275 -10.86 55.04 -3.76
CA PRO H 275 -11.89 55.88 -3.15
C PRO H 275 -13.23 55.17 -3.07
N ARG H 276 -14.05 55.63 -2.12
CA ARG H 276 -15.39 55.06 -1.96
C ARG H 276 -16.25 55.17 -3.22
N PRO H 277 -16.32 56.32 -3.91
CA PRO H 277 -17.11 56.35 -5.16
C PRO H 277 -16.58 55.41 -6.23
N GLN H 278 -15.28 55.13 -6.25
CA GLN H 278 -14.76 54.15 -7.19
C GLN H 278 -15.27 52.75 -6.87
N TRP H 279 -15.34 52.40 -5.58
CA TRP H 279 -15.94 51.14 -5.18
C TRP H 279 -17.42 51.12 -5.49
N ASN H 280 -18.11 52.24 -5.32
CA ASN H 280 -19.54 52.31 -5.58
C ASN H 280 -19.89 52.22 -7.06
N ALA H 281 -18.91 52.33 -7.95
CA ALA H 281 -19.16 52.28 -9.38
C ALA H 281 -19.03 50.88 -9.97
N ILE H 282 -18.73 49.87 -9.15
CA ILE H 282 -18.60 48.50 -9.61
C ILE H 282 -19.56 47.55 -8.91
N THR H 283 -20.33 48.04 -7.93
CA THR H 283 -21.27 47.20 -7.19
C THR H 283 -22.68 47.55 -7.60
N GLY H 284 -23.47 46.53 -7.94
CA GLY H 284 -24.83 46.72 -8.36
C GLY H 284 -25.23 45.77 -9.46
N VAL H 285 -26.47 45.88 -9.94
CA VAL H 285 -26.92 45.03 -11.03
C VAL H 285 -26.37 45.55 -12.36
N TYR H 286 -26.44 44.69 -13.38
CA TYR H 286 -25.95 45.05 -14.70
C TYR H 286 -26.61 44.15 -15.73
N LEU H 287 -27.17 44.75 -16.79
CA LEU H 287 -27.85 44.00 -17.85
C LEU H 287 -27.32 44.44 -19.21
N TYR H 288 -26.17 43.88 -19.60
CA TYR H 288 -25.61 43.94 -20.95
C TYR H 288 -25.78 45.26 -21.69
N ARG H 289 -25.17 46.33 -21.19
CA ARG H 289 -25.05 47.54 -22.00
C ARG H 289 -23.87 47.43 -22.95
N GLU H 290 -24.05 47.91 -24.17
CA GLU H 290 -23.09 47.76 -25.25
C GLU H 290 -22.64 49.14 -25.73
N ASN H 291 -21.34 49.29 -25.95
CA ASN H 291 -20.75 50.59 -26.29
C ASN H 291 -20.00 50.50 -27.61
N GLN H 292 -20.37 51.36 -28.55
CA GLN H 292 -19.67 51.48 -29.84
C GLN H 292 -19.58 50.15 -30.57
N GLY H 293 -20.64 49.34 -30.46
CA GLY H 293 -20.65 48.05 -31.10
C GLY H 293 -19.79 47.00 -30.42
N LEU H 294 -19.24 47.31 -29.24
CA LEU H 294 -18.42 46.37 -28.49
C LEU H 294 -19.09 46.06 -27.17
N PRO H 295 -19.32 44.80 -26.84
CA PRO H 295 -20.03 44.46 -25.60
C PRO H 295 -19.25 44.83 -24.36
N LEU H 296 -19.99 45.13 -23.31
CA LEU H 296 -19.45 45.33 -21.96
C LEU H 296 -20.08 44.29 -21.05
N TYR H 297 -19.25 43.55 -20.31
CA TYR H 297 -19.70 42.34 -19.65
C TYR H 297 -19.85 42.46 -18.14
N SER H 298 -19.45 43.59 -17.54
CA SER H 298 -19.61 43.77 -16.10
C SER H 298 -19.44 45.25 -15.78
N ARG H 299 -19.87 45.63 -14.57
CA ARG H 299 -19.71 47.00 -14.13
C ARG H 299 -18.24 47.35 -13.97
N LEU H 300 -17.42 46.40 -13.51
CA LEU H 300 -15.98 46.61 -13.46
C LEU H 300 -15.42 46.81 -14.86
N HIS H 301 -15.87 46.01 -15.81
CA HIS H 301 -15.47 46.22 -17.21
C HIS H 301 -15.98 47.55 -17.72
N LYS H 302 -17.24 47.88 -17.41
CA LYS H 302 -17.80 49.16 -17.82
C LYS H 302 -17.08 50.33 -17.15
N TRP H 303 -16.61 50.14 -15.92
CA TRP H 303 -15.86 51.20 -15.25
C TRP H 303 -14.47 51.36 -15.83
N ALA H 304 -13.80 50.24 -16.15
CA ALA H 304 -12.43 50.32 -16.66
C ALA H 304 -12.36 51.06 -17.98
N GLN H 305 -13.42 50.99 -18.79
CA GLN H 305 -13.47 51.75 -20.03
C GLN H 305 -13.65 53.24 -19.81
N GLY H 306 -13.92 53.67 -18.58
CA GLY H 306 -14.16 55.07 -18.30
C GLY H 306 -15.59 55.51 -18.46
N LEU H 307 -16.52 54.58 -18.71
CA LEU H 307 -17.92 54.92 -18.94
C LEU H 307 -18.72 55.00 -17.65
N ALA H 308 -18.12 54.66 -16.50
CA ALA H 308 -18.80 54.77 -15.22
C ALA H 308 -18.33 55.95 -14.38
N GLY H 309 -17.12 56.46 -14.62
CA GLY H 309 -16.60 57.58 -13.87
C GLY H 309 -17.13 58.92 -14.35
N ASP H 315 -16.46 67.89 -4.64
CA ASP H 315 -17.37 68.97 -4.27
C ASP H 315 -17.92 68.77 -2.86
N ASN H 316 -18.94 67.92 -2.74
CA ASN H 316 -19.54 67.60 -1.46
C ASN H 316 -18.78 66.45 -0.82
N VAL H 317 -18.24 66.68 0.37
CA VAL H 317 -17.46 65.68 1.09
C VAL H 317 -18.36 65.03 2.14
N GLU H 318 -18.35 63.71 2.19
CA GLU H 318 -19.17 62.96 3.11
C GLU H 318 -18.30 62.14 4.07
N MET H 319 -18.85 61.92 5.26
CA MET H 319 -18.26 61.07 6.32
C MET H 319 -16.74 61.19 6.37
N ALA H 320 -16.27 62.42 6.57
CA ALA H 320 -14.85 62.71 6.67
C ALA H 320 -14.37 62.58 8.11
N LEU H 321 -13.09 62.25 8.26
CA LEU H 321 -12.52 62.06 9.60
C LEU H 321 -12.52 63.37 10.38
N LEU H 322 -12.12 64.46 9.75
CA LEU H 322 -12.01 65.77 10.38
C LEU H 322 -12.68 66.81 9.51
N PRO H 323 -13.06 67.95 10.08
CA PRO H 323 -13.72 69.00 9.28
C PRO H 323 -12.81 69.59 8.22
N SER H 324 -13.32 70.56 7.47
CA SER H 324 -12.57 71.17 6.37
C SER H 324 -11.23 71.70 6.84
N ALA H 325 -10.29 71.80 5.90
CA ALA H 325 -8.96 72.29 6.23
C ALA H 325 -9.00 73.70 6.79
N LEU H 326 -9.99 74.50 6.37
CA LEU H 326 -10.18 75.82 6.93
C LEU H 326 -10.60 75.75 8.40
N GLU H 327 -11.45 74.78 8.74
CA GLU H 327 -11.82 74.59 10.15
C GLU H 327 -10.69 74.00 10.98
N VAL H 328 -9.78 73.26 10.35
CA VAL H 328 -8.63 72.72 11.09
C VAL H 328 -7.76 73.85 11.62
N LEU H 329 -7.68 74.95 10.87
CA LEU H 329 -6.84 76.08 11.28
C LEU H 329 -7.31 76.73 12.57
N PHE H 330 -8.61 76.68 12.85
CA PHE H 330 -9.12 77.30 14.06
C PHE H 330 -9.19 76.31 15.22
N GLN I 5 -29.92 53.67 -46.13
CA GLN I 5 -31.04 54.46 -46.63
C GLN I 5 -30.70 55.94 -46.64
N VAL I 6 -30.02 56.40 -45.59
CA VAL I 6 -29.66 57.80 -45.42
C VAL I 6 -28.13 57.91 -45.48
N GLN I 7 -27.64 58.81 -46.33
CA GLN I 7 -26.21 59.02 -46.50
C GLN I 7 -25.90 60.50 -46.35
N LEU I 8 -24.68 60.80 -45.90
CA LEU I 8 -24.24 62.16 -45.69
C LEU I 8 -23.08 62.46 -46.62
N VAL I 9 -23.20 63.53 -47.40
CA VAL I 9 -22.18 63.95 -48.35
C VAL I 9 -21.59 65.27 -47.88
N GLU I 10 -20.27 65.31 -47.69
CA GLU I 10 -19.59 66.45 -47.08
C GLU I 10 -18.56 67.01 -48.05
N SER I 11 -18.39 68.32 -47.99
CA SER I 11 -17.43 69.02 -48.85
C SER I 11 -17.07 70.34 -48.18
N GLY I 12 -16.13 71.06 -48.79
CA GLY I 12 -15.67 72.34 -48.30
C GLY I 12 -14.32 72.31 -47.61
N GLY I 13 -13.79 71.12 -47.32
CA GLY I 13 -12.49 71.05 -46.66
C GLY I 13 -11.37 71.53 -47.58
N GLY I 14 -10.35 72.10 -46.95
CA GLY I 14 -9.20 72.60 -47.70
C GLY I 14 -8.11 73.04 -46.75
N SER I 15 -6.97 73.41 -47.36
CA SER I 15 -5.80 73.86 -46.61
C SER I 15 -5.78 75.38 -46.62
N VAL I 16 -6.12 75.98 -45.48
CA VAL I 16 -6.15 77.43 -45.31
C VAL I 16 -5.39 77.79 -44.05
N GLN I 17 -4.57 78.84 -44.14
CA GLN I 17 -3.73 79.26 -43.02
C GLN I 17 -4.59 79.81 -41.89
N ALA I 18 -3.93 80.27 -40.83
CA ALA I 18 -4.64 80.82 -39.68
C ALA I 18 -5.40 82.08 -40.06
N GLY I 19 -6.59 82.24 -39.48
CA GLY I 19 -7.40 83.43 -39.70
C GLY I 19 -8.27 83.42 -40.93
N GLY I 20 -8.33 82.32 -41.68
CA GLY I 20 -9.14 82.24 -42.88
C GLY I 20 -10.61 81.99 -42.58
N SER I 21 -11.38 81.85 -43.66
CA SER I 21 -12.78 81.44 -43.58
C SER I 21 -13.01 80.20 -44.44
N LEU I 22 -13.63 79.17 -43.84
CA LEU I 22 -14.00 77.97 -44.56
C LEU I 22 -15.46 77.64 -44.31
N ARG I 23 -16.15 77.22 -45.37
CA ARG I 23 -17.55 76.80 -45.29
C ARG I 23 -17.65 75.31 -45.58
N LEU I 24 -18.25 74.57 -44.66
CA LEU I 24 -18.42 73.13 -44.77
C LEU I 24 -19.90 72.80 -44.93
N SER I 25 -20.22 72.03 -45.97
CA SER I 25 -21.60 71.64 -46.25
C SER I 25 -21.71 70.13 -46.19
N CYS I 26 -22.65 69.64 -45.38
CA CYS I 26 -22.91 68.21 -45.24
C CYS I 26 -24.28 67.92 -45.85
N ALA I 27 -24.29 67.27 -47.02
CA ALA I 27 -25.50 67.01 -47.77
C ALA I 27 -26.14 65.72 -47.29
N ALA I 28 -27.41 65.79 -46.90
CA ALA I 28 -28.16 64.63 -46.41
C ALA I 28 -29.10 64.14 -47.49
N SER I 29 -29.04 62.84 -47.79
CA SER I 29 -29.90 62.22 -48.79
C SER I 29 -30.57 61.00 -48.17
N GLY I 30 -31.85 60.82 -48.46
CA GLY I 30 -32.61 59.69 -47.96
C GLY I 30 -33.88 60.13 -47.24
N ASN I 31 -34.20 59.40 -46.17
CA ASN I 31 -35.36 59.71 -45.33
C ASN I 31 -34.89 60.56 -44.16
N ILE I 32 -35.13 61.87 -44.22
CA ILE I 32 -34.67 62.79 -43.19
C ILE I 32 -35.82 63.21 -42.26
N ARG I 33 -36.89 62.41 -42.20
CA ARG I 33 -38.00 62.76 -41.32
C ARG I 33 -37.64 62.54 -39.86
N ASN I 34 -37.03 61.41 -39.54
CA ASN I 34 -36.86 60.97 -38.16
C ASN I 34 -35.57 61.48 -37.52
N ILE I 35 -34.63 62.03 -38.29
CA ILE I 35 -33.40 62.53 -37.72
C ILE I 35 -33.69 63.78 -36.90
N SER I 36 -33.22 63.79 -35.65
CA SER I 36 -33.39 64.91 -34.75
C SER I 36 -32.05 65.54 -34.36
N TYR I 37 -30.94 65.12 -34.97
CA TYR I 37 -29.62 65.56 -34.55
C TYR I 37 -28.79 65.81 -35.80
N LEU I 38 -28.22 67.00 -35.90
CA LEU I 38 -27.25 67.28 -36.95
C LEU I 38 -26.07 67.99 -36.31
N GLY I 39 -24.85 67.60 -36.68
CA GLY I 39 -23.68 68.22 -36.11
C GLY I 39 -22.42 67.79 -36.82
N TRP I 40 -21.29 68.14 -36.23
CA TRP I 40 -19.99 67.80 -36.79
C TRP I 40 -19.07 67.24 -35.70
N PHE I 41 -18.14 66.39 -36.12
CA PHE I 41 -17.16 65.78 -35.24
C PHE I 41 -15.77 65.91 -35.85
N ARG I 42 -14.76 65.99 -34.99
CA ARG I 42 -13.38 66.11 -35.43
C ARG I 42 -12.51 65.09 -34.71
N GLN I 43 -11.71 64.35 -35.49
CA GLN I 43 -10.76 63.37 -34.97
C GLN I 43 -9.38 63.67 -35.52
N ALA I 44 -8.39 63.52 -34.64
CA ALA I 44 -6.98 63.58 -35.04
C ALA I 44 -6.29 62.31 -34.59
N PRO I 45 -5.25 61.87 -35.30
CA PRO I 45 -4.51 60.69 -34.87
C PRO I 45 -3.90 60.92 -33.49
N GLY I 46 -3.94 59.86 -32.67
CA GLY I 46 -3.49 59.95 -31.29
C GLY I 46 -4.50 60.54 -30.33
N LYS I 47 -5.71 60.84 -30.76
CA LYS I 47 -6.72 61.39 -29.87
C LYS I 47 -8.12 60.96 -30.33
N GLU I 48 -9.08 61.16 -29.44
CA GLU I 48 -10.45 60.68 -29.60
C GLU I 48 -11.25 61.75 -30.36
N ARG I 49 -12.55 61.51 -30.59
CA ARG I 49 -13.36 62.32 -31.48
C ARG I 49 -14.33 63.20 -30.70
N GLU I 50 -14.24 64.50 -30.91
CA GLU I 50 -15.03 65.46 -30.15
C GLU I 50 -16.00 66.16 -31.09
N GLY I 51 -17.21 66.40 -30.58
CA GLY I 51 -18.25 67.05 -31.35
C GLY I 51 -18.19 68.55 -31.21
N VAL I 52 -17.81 69.23 -32.30
CA VAL I 52 -17.63 70.68 -32.24
C VAL I 52 -18.95 71.39 -31.99
N ALA I 53 -19.99 71.00 -32.73
CA ALA I 53 -21.29 71.62 -32.57
C ALA I 53 -22.36 70.65 -33.04
N ALA I 54 -23.57 70.84 -32.52
CA ALA I 54 -24.72 69.99 -32.85
C ALA I 54 -26.00 70.79 -32.64
N LEU I 55 -27.07 70.33 -33.29
CA LEU I 55 -28.35 71.01 -33.24
C LEU I 55 -29.48 70.00 -33.09
N TRP I 56 -30.49 70.37 -32.30
CA TRP I 56 -31.77 69.67 -32.22
C TRP I 56 -32.72 70.29 -33.23
N THR I 57 -33.12 69.51 -34.23
CA THR I 57 -34.18 69.98 -35.12
C THR I 57 -35.52 70.02 -34.38
N THR I 58 -35.76 69.05 -33.49
CA THR I 58 -37.04 68.97 -32.81
C THR I 58 -37.20 70.08 -31.78
N GLN I 59 -36.11 70.48 -31.12
CA GLN I 59 -36.19 71.52 -30.09
C GLN I 59 -35.76 72.89 -30.61
N GLY I 60 -34.74 72.94 -31.48
CA GLY I 60 -34.27 74.17 -32.06
C GLY I 60 -32.98 74.71 -31.44
N GLN I 61 -32.65 74.33 -30.22
CA GLN I 61 -31.43 74.79 -29.60
C GLN I 61 -30.22 74.05 -30.17
N THR I 62 -29.04 74.60 -29.91
CA THR I 62 -27.79 74.08 -30.44
C THR I 62 -26.73 74.05 -29.34
N TYR I 63 -25.72 73.21 -29.56
CA TYR I 63 -24.59 73.05 -28.64
C TYR I 63 -23.32 73.51 -29.33
N TYR I 64 -22.45 74.17 -28.58
CA TYR I 64 -21.15 74.60 -29.07
C TYR I 64 -20.10 74.23 -28.03
N ALA I 65 -18.99 73.67 -28.50
CA ALA I 65 -17.91 73.30 -27.61
C ALA I 65 -17.14 74.54 -27.16
N ASP I 66 -16.28 74.36 -26.15
CA ASP I 66 -15.52 75.47 -25.62
C ASP I 66 -14.60 76.08 -26.67
N SER I 67 -13.93 75.23 -27.46
CA SER I 67 -13.10 75.72 -28.55
C SER I 67 -13.90 76.27 -29.71
N VAL I 68 -15.22 76.07 -29.71
CA VAL I 68 -16.06 76.53 -30.81
C VAL I 68 -16.83 77.81 -30.46
N LYS I 69 -17.04 78.08 -29.17
CA LYS I 69 -17.78 79.28 -28.76
C LYS I 69 -17.08 80.53 -29.25
N GLY I 70 -17.75 81.29 -30.12
CA GLY I 70 -17.20 82.51 -30.65
C GLY I 70 -16.23 82.33 -31.80
N ARG I 71 -15.97 81.10 -32.22
CA ARG I 71 -15.04 80.82 -33.31
C ARG I 71 -15.71 80.23 -34.53
N PHE I 72 -16.67 79.31 -34.35
CA PHE I 72 -17.27 78.64 -35.49
C PHE I 72 -18.78 78.59 -35.30
N THR I 73 -19.50 78.65 -36.42
CA THR I 73 -20.96 78.63 -36.43
C THR I 73 -21.45 77.55 -37.39
N VAL I 74 -22.59 76.96 -37.05
CA VAL I 74 -23.21 75.93 -37.88
C VAL I 74 -24.66 76.33 -38.15
N SER I 75 -25.10 76.17 -39.39
CA SER I 75 -26.43 76.52 -39.81
C SER I 75 -27.08 75.35 -40.55
N LEU I 76 -28.41 75.35 -40.57
CA LEU I 76 -29.17 74.31 -41.26
C LEU I 76 -30.01 74.97 -42.36
N ASP I 77 -29.97 74.37 -43.55
CA ASP I 77 -30.76 74.82 -44.69
C ASP I 77 -31.91 73.84 -44.88
N ASN I 78 -33.11 74.24 -44.46
CA ASN I 78 -34.27 73.36 -44.56
C ASN I 78 -34.60 73.04 -46.01
N ALA I 79 -34.53 74.04 -46.89
CA ALA I 79 -34.85 73.81 -48.30
C ALA I 79 -33.83 72.86 -48.94
N LYS I 80 -32.54 73.09 -48.69
CA LYS I 80 -31.52 72.21 -49.23
C LYS I 80 -31.39 70.91 -48.44
N ASN I 81 -31.89 70.90 -47.21
CA ASN I 81 -31.78 69.75 -46.31
C ASN I 81 -30.30 69.35 -46.21
N THR I 82 -29.46 70.36 -46.06
CA THR I 82 -28.01 70.21 -45.93
C THR I 82 -27.56 70.96 -44.69
N VAL I 83 -26.46 70.49 -44.09
CA VAL I 83 -25.90 71.12 -42.90
C VAL I 83 -24.70 71.95 -43.29
N TYR I 84 -24.73 73.22 -42.91
CA TYR I 84 -23.70 74.17 -43.27
C TYR I 84 -22.98 74.63 -42.01
N LEU I 85 -21.66 74.47 -41.99
CA LEU I 85 -20.82 74.96 -40.90
C LEU I 85 -19.82 75.91 -41.50
N GLN I 86 -19.65 77.07 -40.86
CA GLN I 86 -18.68 78.07 -41.28
C GLN I 86 -17.55 78.10 -40.26
N MET I 87 -16.32 77.92 -40.75
CA MET I 87 -15.15 77.93 -39.88
C MET I 87 -14.53 79.33 -39.93
N ASN I 88 -14.41 79.96 -38.76
CA ASN I 88 -13.77 81.25 -38.66
C ASN I 88 -12.63 81.16 -37.67
N SER I 89 -11.55 81.88 -37.95
CA SER I 89 -10.38 81.95 -37.08
C SER I 89 -9.76 80.57 -36.88
N LEU I 90 -9.24 80.00 -37.96
CA LEU I 90 -8.58 78.70 -37.91
C LEU I 90 -7.22 78.81 -37.21
N LYS I 91 -6.85 77.73 -36.53
CA LYS I 91 -5.55 77.52 -35.91
C LYS I 91 -5.03 76.15 -36.31
N PRO I 92 -3.71 75.92 -36.19
CA PRO I 92 -3.19 74.57 -36.42
C PRO I 92 -3.73 73.53 -35.46
N GLU I 93 -4.32 73.95 -34.33
CA GLU I 93 -4.98 73.01 -33.43
C GLU I 93 -6.18 72.34 -34.08
N ASP I 94 -6.68 72.88 -35.19
CA ASP I 94 -7.85 72.36 -35.87
C ASP I 94 -7.51 71.35 -36.96
N THR I 95 -6.24 70.99 -37.11
CA THR I 95 -5.83 70.04 -38.13
C THR I 95 -6.26 68.62 -37.74
N ALA I 96 -7.46 68.22 -38.18
CA ALA I 96 -7.97 66.91 -37.80
C ALA I 96 -9.08 66.51 -38.77
N LEU I 97 -9.35 65.19 -38.82
CA LEU I 97 -10.37 64.66 -39.69
C LEU I 97 -11.75 65.11 -39.23
N TYR I 98 -12.56 65.61 -40.17
CA TYR I 98 -13.86 66.19 -39.87
C TYR I 98 -14.97 65.29 -40.38
N TYR I 99 -15.98 65.07 -39.54
CA TYR I 99 -17.13 64.24 -39.88
C TYR I 99 -18.42 64.95 -39.46
N CYS I 100 -19.48 64.72 -40.21
CA CYS I 100 -20.82 65.15 -39.84
C CYS I 100 -21.69 63.92 -39.58
N ALA I 101 -22.53 64.00 -38.55
CA ALA I 101 -23.28 62.85 -38.07
C ALA I 101 -24.75 63.17 -37.94
N ALA I 102 -25.58 62.12 -37.98
CA ALA I 102 -27.02 62.23 -37.84
C ALA I 102 -27.53 61.16 -36.88
N ALA I 103 -28.53 61.52 -36.07
CA ALA I 103 -29.14 60.60 -35.11
C ALA I 103 -30.63 60.87 -35.03
N THR I 104 -31.37 59.93 -34.43
CA THR I 104 -32.82 59.96 -34.50
C THR I 104 -33.51 59.81 -33.14
N SER I 105 -32.87 60.28 -32.07
CA SER I 105 -33.48 60.36 -30.73
C SER I 105 -34.05 59.00 -30.30
N GLY I 106 -33.14 58.05 -30.15
CA GLY I 106 -33.54 56.70 -29.81
C GLY I 106 -34.19 56.62 -28.43
N GLN I 107 -35.12 55.68 -28.31
CA GLN I 107 -35.85 55.47 -27.06
C GLN I 107 -34.95 54.73 -26.07
N TYR I 108 -35.51 54.33 -24.94
CA TYR I 108 -34.72 53.62 -23.92
C TYR I 108 -35.64 52.65 -23.19
N ASN I 109 -35.60 51.39 -23.60
CA ASN I 109 -36.30 50.55 -22.64
C ASN I 109 -35.33 50.08 -21.56
N PRO I 110 -35.77 50.00 -20.31
CA PRO I 110 -34.82 49.70 -19.21
C PRO I 110 -34.16 48.35 -19.31
N LEU I 111 -34.72 47.41 -20.09
CA LEU I 111 -34.16 46.06 -20.16
C LEU I 111 -33.06 45.96 -21.23
N ARG I 112 -33.37 46.35 -22.46
CA ARG I 112 -32.38 46.22 -23.54
C ARG I 112 -31.39 47.37 -23.51
N GLY I 113 -31.87 48.59 -23.69
CA GLY I 113 -31.02 49.77 -23.67
C GLY I 113 -31.42 50.73 -24.77
N TYR I 114 -30.60 51.75 -24.97
CA TYR I 114 -30.85 52.74 -26.00
C TYR I 114 -30.72 52.11 -27.38
N HIS I 115 -31.73 52.31 -28.23
CA HIS I 115 -31.69 51.87 -29.62
C HIS I 115 -32.04 53.05 -30.51
N TYR I 116 -31.21 53.30 -31.51
CA TYR I 116 -31.39 54.44 -32.40
C TYR I 116 -30.73 54.12 -33.74
N ASN I 117 -30.63 55.15 -34.59
CA ASN I 117 -29.93 55.06 -35.86
C ASN I 117 -28.89 56.17 -35.94
N GLU I 118 -27.71 55.84 -36.42
CA GLU I 118 -26.61 56.79 -36.51
C GLU I 118 -25.99 56.73 -37.90
N TYR I 119 -25.54 57.88 -38.39
CA TYR I 119 -24.94 57.99 -39.71
C TYR I 119 -23.70 58.88 -39.60
N TRP I 120 -22.77 58.67 -40.54
CA TRP I 120 -21.51 59.42 -40.52
C TRP I 120 -21.10 59.75 -41.95
N GLY I 121 -20.31 60.82 -42.06
CA GLY I 121 -19.75 61.23 -43.33
C GLY I 121 -18.27 61.55 -43.22
N GLN I 122 -17.47 60.97 -44.10
CA GLN I 122 -16.01 61.02 -43.97
C GLN I 122 -15.45 62.22 -44.70
N GLY I 123 -14.63 63.00 -43.99
CA GLY I 123 -13.97 64.15 -44.58
C GLY I 123 -12.69 64.47 -43.84
N THR I 124 -11.87 65.32 -44.46
CA THR I 124 -10.59 65.73 -43.89
C THR I 124 -10.43 67.24 -44.05
N GLN I 125 -9.71 67.84 -43.11
CA GLN I 125 -9.43 69.27 -43.18
C GLN I 125 -8.20 69.55 -42.31
N VAL I 126 -7.08 69.89 -42.96
CA VAL I 126 -5.82 70.17 -42.28
C VAL I 126 -5.38 71.58 -42.65
N THR I 127 -5.11 72.40 -41.63
CA THR I 127 -4.63 73.75 -41.84
C THR I 127 -3.10 73.74 -41.83
N VAL I 128 -2.50 74.30 -42.89
CA VAL I 128 -1.04 74.30 -42.99
C VAL I 128 -0.44 75.14 -41.86
N SER I 129 -1.02 76.31 -41.60
CA SER I 129 -0.56 77.17 -40.53
C SER I 129 -1.66 78.12 -40.06
N GLU J 38 -28.87 7.74 1.32
CA GLU J 38 -29.57 6.57 0.82
C GLU J 38 -30.60 6.96 -0.24
N LEU J 39 -30.12 7.49 -1.36
CA LEU J 39 -31.02 7.92 -2.43
C LEU J 39 -31.76 6.73 -3.04
N PHE J 40 -31.07 5.60 -3.18
CA PHE J 40 -31.69 4.41 -3.77
C PHE J 40 -32.83 3.92 -2.89
N SER J 41 -32.63 3.90 -1.57
CA SER J 41 -33.70 3.46 -0.67
C SER J 41 -34.90 4.39 -0.71
N VAL J 42 -34.67 5.68 -1.02
CA VAL J 42 -35.77 6.62 -1.13
C VAL J 42 -36.62 6.32 -2.36
N VAL J 43 -35.97 6.00 -3.48
CA VAL J 43 -36.67 5.81 -4.75
C VAL J 43 -37.03 4.35 -4.95
N ALA J 44 -36.89 3.54 -3.90
CA ALA J 44 -37.25 2.14 -3.99
C ALA J 44 -38.75 1.98 -4.23
N PHE J 45 -39.11 1.05 -5.10
CA PHE J 45 -40.51 0.85 -5.44
C PHE J 45 -41.28 0.27 -4.26
N HIS J 46 -42.45 0.84 -4.00
CA HIS J 46 -43.33 0.40 -2.92
C HIS J 46 -44.75 0.35 -3.47
N CYS J 47 -45.22 -0.85 -3.77
CA CYS J 47 -46.51 -1.00 -4.44
C CYS J 47 -47.65 -0.75 -3.46
N PRO J 48 -48.53 0.21 -3.73
CA PRO J 48 -49.74 0.35 -2.92
C PRO J 48 -50.79 -0.67 -3.32
N CYS J 49 -50.96 -1.72 -2.52
CA CYS J 49 -51.86 -2.81 -2.88
C CYS J 49 -53.30 -2.36 -2.65
N SER J 50 -53.84 -1.70 -3.68
CA SER J 50 -55.20 -1.19 -3.65
C SER J 50 -55.71 -1.16 -5.09
N PRO J 51 -56.97 -1.55 -5.31
CA PRO J 51 -57.50 -1.53 -6.69
C PRO J 51 -57.58 -0.12 -7.24
N ALA J 52 -57.37 -0.01 -8.55
CA ALA J 52 -57.45 1.26 -9.28
C ALA J 52 -56.49 2.31 -8.73
N ARG J 53 -55.47 1.89 -7.99
CA ARG J 53 -54.59 2.84 -7.32
C ARG J 53 -53.12 2.51 -7.54
N ASN J 54 -52.81 1.23 -7.74
CA ASN J 54 -51.40 0.84 -7.85
C ASN J 54 -50.84 1.04 -9.25
N TYR J 55 -51.69 1.18 -10.27
CA TYR J 55 -51.19 1.50 -11.59
C TYR J 55 -51.00 3.00 -11.78
N LEU J 56 -51.74 3.82 -11.02
CA LEU J 56 -51.43 5.24 -10.96
C LEU J 56 -50.06 5.46 -10.35
N TYR J 57 -49.73 4.71 -9.30
CA TYR J 57 -48.38 4.79 -8.72
C TYR J 57 -47.34 4.20 -9.66
N GLY J 58 -47.64 3.05 -10.25
CA GLY J 58 -46.71 2.46 -11.20
C GLY J 58 -46.47 3.35 -12.40
N LEU J 59 -47.51 4.03 -12.88
CA LEU J 59 -47.34 5.00 -13.95
C LEU J 59 -46.47 6.16 -13.51
N ALA J 60 -46.69 6.66 -12.29
CA ALA J 60 -45.93 7.81 -11.79
C ALA J 60 -44.50 7.42 -11.42
N ALA J 61 -44.32 6.28 -10.75
CA ALA J 61 -42.98 5.89 -10.30
C ALA J 61 -42.08 5.47 -11.45
N ILE J 62 -42.63 5.23 -12.64
CA ILE J 62 -41.84 4.85 -13.81
C ILE J 62 -41.89 5.92 -14.89
N GLY J 63 -43.05 6.55 -15.09
CA GLY J 63 -43.18 7.56 -16.12
C GLY J 63 -42.54 8.89 -15.81
N VAL J 64 -42.39 9.22 -14.52
CA VAL J 64 -41.77 10.48 -14.13
C VAL J 64 -40.25 10.38 -14.22
N PRO J 65 -39.60 9.33 -13.69
CA PRO J 65 -38.15 9.20 -13.92
C PRO J 65 -37.80 9.12 -15.39
N ALA J 66 -38.66 8.52 -16.22
CA ALA J 66 -38.42 8.55 -17.67
C ALA J 66 -38.60 9.95 -18.23
N LEU J 67 -39.59 10.69 -17.73
CA LEU J 67 -39.79 12.06 -18.18
C LEU J 67 -38.62 12.94 -17.78
N VAL J 68 -38.12 12.78 -16.56
CA VAL J 68 -36.99 13.59 -16.11
C VAL J 68 -35.76 13.31 -16.96
N LEU J 69 -35.46 12.04 -17.20
CA LEU J 69 -34.32 11.69 -18.03
C LEU J 69 -34.50 12.18 -19.46
N PHE J 70 -35.75 12.27 -19.94
CA PHE J 70 -35.99 12.82 -21.26
C PHE J 70 -35.73 14.31 -21.29
N ILE J 71 -36.15 15.03 -20.25
CA ILE J 71 -35.92 16.48 -20.20
C ILE J 71 -34.43 16.77 -20.05
N ILE J 72 -33.74 16.03 -19.19
CA ILE J 72 -32.30 16.24 -19.00
C ILE J 72 -31.56 16.00 -20.30
N GLY J 73 -31.97 15.00 -21.07
CA GLY J 73 -31.30 14.72 -22.33
C GLY J 73 -31.42 15.85 -23.32
N ILE J 74 -32.58 16.49 -23.37
CA ILE J 74 -32.78 17.62 -24.27
C ILE J 74 -31.98 18.83 -23.80
N ILE J 75 -31.99 19.10 -22.50
CA ILE J 75 -31.33 20.29 -21.97
C ILE J 75 -29.84 20.25 -22.23
N LEU J 76 -29.20 19.11 -21.96
CA LEU J 76 -27.75 19.01 -22.10
C LEU J 76 -27.33 19.06 -23.56
N ASN J 77 -28.15 18.57 -24.47
CA ASN J 77 -27.81 18.58 -25.88
C ASN J 77 -27.69 20.01 -26.39
N ASN J 78 -26.62 20.30 -27.14
CA ASN J 78 -26.42 21.63 -27.69
C ASN J 78 -27.05 21.81 -29.07
N HIS J 79 -27.57 20.74 -29.66
CA HIS J 79 -28.22 20.85 -30.96
C HIS J 79 -29.65 21.38 -30.86
N THR J 80 -30.17 21.57 -29.64
CA THR J 80 -31.48 22.17 -29.48
C THR J 80 -31.42 23.66 -29.18
N TRP J 81 -30.33 24.14 -28.59
CA TRP J 81 -30.23 25.57 -28.29
C TRP J 81 -29.94 26.39 -29.54
N ASN J 82 -29.13 25.86 -30.46
CA ASN J 82 -28.96 26.54 -31.73
C ASN J 82 -30.20 26.41 -32.60
N LEU J 83 -30.99 25.36 -32.40
CA LEU J 83 -32.30 25.29 -33.03
C LEU J 83 -33.22 26.38 -32.51
N VAL J 84 -33.19 26.63 -31.20
CA VAL J 84 -33.93 27.76 -30.64
C VAL J 84 -33.34 29.07 -31.15
N ALA J 85 -32.01 29.16 -31.22
CA ALA J 85 -31.37 30.36 -31.75
C ALA J 85 -31.76 30.59 -33.21
N GLU J 86 -31.87 29.53 -34.00
CA GLU J 86 -32.30 29.68 -35.38
C GLU J 86 -33.73 30.21 -35.45
N CYS J 87 -34.61 29.69 -34.60
CA CYS J 87 -35.97 30.22 -34.52
C CYS J 87 -36.03 31.58 -33.82
N GLN J 88 -34.93 32.03 -33.22
CA GLN J 88 -34.91 33.32 -32.53
C GLN J 88 -34.58 34.47 -33.47
N HIS J 89 -33.53 34.33 -34.28
CA HIS J 89 -33.12 35.43 -35.15
C HIS J 89 -34.06 35.60 -36.33
N ARG J 90 -34.61 34.50 -36.86
CA ARG J 90 -35.48 34.61 -38.03
C ARG J 90 -36.79 35.30 -37.70
N ARG J 91 -37.42 34.94 -36.57
CA ARG J 91 -38.66 35.51 -36.06
C ARG J 91 -39.84 35.37 -37.03
N THR J 92 -39.70 34.60 -38.11
CA THR J 92 -40.75 34.54 -39.11
C THR J 92 -40.94 33.12 -39.64
N LYS J 93 -40.31 32.12 -39.03
CA LYS J 93 -40.38 30.73 -39.49
C LYS J 93 -39.91 30.60 -40.94
N ASN J 94 -38.81 31.30 -41.26
CA ASN J 94 -38.32 31.31 -42.64
C ASN J 94 -37.87 29.92 -43.08
N CYS J 95 -37.20 29.18 -42.20
CA CYS J 95 -36.70 27.86 -42.55
C CYS J 95 -37.85 26.90 -42.80
N SER J 96 -37.70 26.05 -43.82
CA SER J 96 -38.74 25.10 -44.18
C SER J 96 -38.73 23.92 -43.21
N ALA J 97 -39.74 23.06 -43.37
CA ALA J 97 -39.85 21.88 -42.52
C ALA J 97 -38.87 20.78 -42.91
N ALA J 98 -38.30 20.84 -44.12
CA ALA J 98 -37.36 19.81 -44.54
C ALA J 98 -36.11 19.77 -43.68
N PRO J 99 -35.41 20.89 -43.40
CA PRO J 99 -34.22 20.79 -42.53
C PRO J 99 -34.59 20.73 -41.05
N THR J 100 -35.73 21.34 -40.70
CA THR J 100 -36.14 21.36 -39.30
C THR J 100 -36.45 19.96 -38.79
N PHE J 101 -37.06 19.12 -39.63
CA PHE J 101 -37.45 17.79 -39.20
C PHE J 101 -36.24 16.94 -38.83
N LEU J 102 -35.16 17.02 -39.61
CA LEU J 102 -33.96 16.24 -39.31
C LEU J 102 -33.32 16.68 -37.99
N LEU J 103 -33.27 17.98 -37.74
CA LEU J 103 -32.69 18.46 -36.48
C LEU J 103 -33.51 18.00 -35.28
N LEU J 104 -34.84 18.10 -35.38
CA LEU J 104 -35.69 17.63 -34.28
C LEU J 104 -35.56 16.12 -34.08
N SER J 105 -35.44 15.37 -35.18
CA SER J 105 -35.26 13.92 -35.07
C SER J 105 -33.98 13.58 -34.33
N SER J 106 -32.90 14.31 -34.61
CA SER J 106 -31.64 14.07 -33.91
C SER J 106 -31.77 14.39 -32.41
N ILE J 107 -32.46 15.48 -32.08
CA ILE J 107 -32.59 15.87 -30.67
C ILE J 107 -33.44 14.85 -29.91
N LEU J 108 -34.60 14.49 -30.47
CA LEU J 108 -35.48 13.56 -29.78
C LEU J 108 -34.89 12.16 -29.74
N GLY J 109 -34.32 11.70 -30.86
CA GLY J 109 -33.75 10.36 -30.89
C GLY J 109 -32.59 10.20 -29.93
N ARG J 110 -31.72 11.21 -29.86
CA ARG J 110 -30.60 11.13 -28.93
C ARG J 110 -31.06 11.25 -27.48
N ALA J 111 -32.07 12.09 -27.22
CA ALA J 111 -32.56 12.27 -25.86
C ALA J 111 -33.40 11.09 -25.39
N ALA J 112 -34.02 10.35 -26.31
CA ALA J 112 -34.90 9.25 -25.94
C ALA J 112 -34.14 7.98 -25.58
N VAL J 113 -32.82 8.00 -25.62
CA VAL J 113 -32.05 6.82 -25.22
C VAL J 113 -32.21 6.56 -23.73
N ALA J 114 -32.08 7.62 -22.91
CA ALA J 114 -32.20 7.46 -21.46
C ALA J 114 -33.57 6.97 -21.02
N PRO J 115 -34.69 7.51 -21.50
CA PRO J 115 -35.99 6.91 -21.12
C PRO J 115 -36.14 5.47 -21.53
N VAL J 116 -35.62 5.09 -22.69
CA VAL J 116 -35.78 3.72 -23.17
C VAL J 116 -34.95 2.76 -22.33
N THR J 117 -33.70 3.11 -22.05
CA THR J 117 -32.86 2.25 -21.23
C THR J 117 -33.31 2.20 -19.78
N TRP J 118 -34.21 3.11 -19.38
CA TRP J 118 -34.84 3.04 -18.06
C TRP J 118 -36.16 2.29 -18.13
N SER J 119 -37.00 2.59 -19.13
CA SER J 119 -38.25 1.88 -19.29
C SER J 119 -38.05 0.41 -19.64
N VAL J 120 -36.86 0.04 -20.09
CA VAL J 120 -36.55 -1.37 -20.32
C VAL J 120 -36.16 -2.05 -19.01
N ILE J 121 -35.30 -1.40 -18.23
CA ILE J 121 -34.89 -1.97 -16.94
C ILE J 121 -36.11 -2.12 -16.03
N SER J 122 -36.95 -1.10 -15.96
CA SER J 122 -38.14 -1.18 -15.12
C SER J 122 -39.11 -2.26 -15.58
N LEU J 123 -39.00 -2.70 -16.84
CA LEU J 123 -39.82 -3.80 -17.33
C LEU J 123 -39.17 -5.16 -17.13
N LEU J 124 -37.84 -5.24 -17.21
CA LEU J 124 -37.16 -6.52 -17.01
C LEU J 124 -37.18 -6.94 -15.55
N ARG J 125 -37.18 -5.97 -14.62
CA ARG J 125 -37.33 -6.32 -13.21
C ARG J 125 -38.69 -6.96 -12.94
N GLY J 126 -39.75 -6.41 -13.53
CA GLY J 126 -41.07 -6.96 -13.38
C GLY J 126 -41.85 -6.46 -12.19
N GLU J 127 -41.20 -5.75 -11.26
CA GLU J 127 -41.90 -5.25 -10.08
C GLU J 127 -42.93 -4.20 -10.46
N ALA J 128 -42.58 -3.31 -11.38
CA ALA J 128 -43.46 -2.20 -11.72
C ALA J 128 -44.68 -2.63 -12.51
N TYR J 129 -44.64 -3.80 -13.14
CA TYR J 129 -45.76 -4.27 -13.96
C TYR J 129 -46.68 -5.24 -13.24
N VAL J 130 -46.15 -6.07 -12.35
CA VAL J 130 -47.02 -6.93 -11.55
C VAL J 130 -47.88 -6.07 -10.62
N CYS J 131 -47.33 -4.97 -10.13
CA CYS J 131 -48.09 -4.04 -9.30
C CYS J 131 -49.22 -3.39 -10.09
N ALA J 132 -48.94 -2.98 -11.34
CA ALA J 132 -49.91 -2.20 -12.09
C ALA J 132 -51.06 -3.06 -12.60
N LEU J 133 -50.78 -4.30 -13.03
CA LEU J 133 -51.75 -5.15 -13.66
C LEU J 133 -52.29 -6.23 -12.74
N SER J 134 -52.07 -6.11 -11.42
CA SER J 134 -52.49 -7.16 -10.50
C SER J 134 -54.02 -7.29 -10.46
N GLU J 135 -54.73 -6.16 -10.46
CA GLU J 135 -56.17 -6.21 -10.29
C GLU J 135 -56.90 -6.74 -11.53
N PHE J 136 -56.26 -6.72 -12.69
CA PHE J 136 -56.92 -7.06 -13.93
C PHE J 136 -56.79 -8.54 -14.28
N VAL J 137 -56.18 -9.33 -13.41
CA VAL J 137 -56.12 -10.78 -13.62
C VAL J 137 -57.51 -11.36 -13.48
N ASP J 138 -57.92 -12.16 -14.45
CA ASP J 138 -59.24 -12.76 -14.44
C ASP J 138 -59.25 -13.98 -13.53
N PRO J 139 -60.04 -14.02 -12.47
CA PRO J 139 -60.08 -15.21 -11.62
C PRO J 139 -60.52 -16.47 -12.34
N SER J 140 -61.38 -16.34 -13.35
CA SER J 140 -61.85 -17.52 -14.08
C SER J 140 -60.72 -18.20 -14.85
N SER J 141 -59.72 -17.42 -15.28
CA SER J 141 -58.60 -17.98 -16.03
C SER J 141 -57.50 -18.54 -15.12
N LEU J 142 -57.65 -18.45 -13.81
CA LEU J 142 -56.63 -18.95 -12.90
C LEU J 142 -56.58 -20.47 -12.94
N THR J 143 -55.40 -21.01 -12.65
CA THR J 143 -55.16 -22.45 -12.72
C THR J 143 -54.18 -22.81 -11.61
N ALA J 144 -53.57 -23.99 -11.71
CA ALA J 144 -52.63 -24.53 -10.73
C ALA J 144 -53.28 -24.75 -9.36
N ARG J 145 -54.61 -24.84 -9.34
CA ARG J 145 -55.39 -25.01 -8.12
C ARG J 145 -56.84 -25.22 -8.52
N GLU J 146 -57.59 -25.90 -7.66
CA GLU J 146 -59.02 -26.03 -7.88
C GLU J 146 -59.70 -24.67 -7.78
N GLU J 147 -60.88 -24.56 -8.40
CA GLU J 147 -61.54 -23.28 -8.50
C GLU J 147 -62.12 -22.85 -7.16
N HIS J 148 -61.24 -22.54 -6.21
CA HIS J 148 -61.63 -22.07 -4.89
C HIS J 148 -61.52 -20.56 -4.75
N PHE J 149 -61.20 -19.86 -5.83
CA PHE J 149 -60.96 -18.42 -5.73
C PHE J 149 -62.26 -17.69 -5.44
N PRO J 150 -62.32 -16.89 -4.39
CA PRO J 150 -63.59 -16.21 -4.04
C PRO J 150 -64.00 -15.20 -5.09
N SER J 151 -65.32 -14.99 -5.19
CA SER J 151 -65.89 -13.99 -6.07
C SER J 151 -66.53 -12.84 -5.32
N ALA J 152 -66.39 -12.79 -4.00
CA ALA J 152 -66.98 -11.70 -3.22
C ALA J 152 -66.36 -10.37 -3.60
N HIS J 153 -65.05 -10.22 -3.38
CA HIS J 153 -64.30 -9.05 -3.79
C HIS J 153 -63.06 -9.56 -4.53
N ALA J 154 -63.23 -9.88 -5.81
CA ALA J 154 -62.13 -10.44 -6.58
C ALA J 154 -61.02 -9.41 -6.76
N THR J 155 -61.39 -8.17 -7.10
CA THR J 155 -60.39 -7.14 -7.35
C THR J 155 -59.61 -6.81 -6.09
N GLU J 156 -60.29 -6.71 -4.95
CA GLU J 156 -59.61 -6.34 -3.70
C GLU J 156 -58.59 -7.40 -3.27
N ILE J 157 -58.94 -8.68 -3.36
CA ILE J 157 -58.00 -9.72 -2.99
C ILE J 157 -56.85 -9.78 -3.99
N LEU J 158 -57.15 -9.67 -5.28
CA LEU J 158 -56.10 -9.74 -6.30
C LEU J 158 -55.12 -8.58 -6.17
N ALA J 159 -55.64 -7.37 -5.89
CA ALA J 159 -54.78 -6.19 -5.86
C ALA J 159 -53.75 -6.24 -4.74
N ARG J 160 -53.93 -7.10 -3.73
CA ARG J 160 -52.99 -7.21 -2.63
C ARG J 160 -51.95 -8.30 -2.85
N PHE J 161 -51.96 -8.96 -4.00
CA PHE J 161 -50.97 -10.01 -4.27
C PHE J 161 -49.53 -9.53 -4.25
N PRO J 162 -49.17 -8.41 -4.89
CA PRO J 162 -47.75 -8.01 -4.92
C PRO J 162 -47.15 -7.72 -3.56
N CYS J 163 -47.97 -7.41 -2.55
CA CYS J 163 -47.48 -7.06 -1.23
C CYS J 163 -47.37 -8.24 -0.29
N LYS J 164 -47.52 -9.47 -0.80
CA LYS J 164 -47.45 -10.75 -0.11
C LYS J 164 -48.53 -10.92 0.96
N GLU J 165 -49.41 -9.93 1.13
CA GLU J 165 -50.45 -9.99 2.16
C GLU J 165 -51.65 -10.79 1.63
N ASN J 166 -51.44 -12.11 1.56
CA ASN J 166 -52.44 -13.01 1.02
C ASN J 166 -52.67 -14.18 1.97
N PRO J 167 -53.90 -14.67 2.08
CA PRO J 167 -54.15 -15.86 2.89
C PRO J 167 -53.41 -17.07 2.34
N ASP J 168 -52.99 -17.95 3.26
CA ASP J 168 -52.20 -19.11 2.88
C ASP J 168 -53.00 -20.12 2.05
N ASN J 169 -54.33 -20.04 2.07
CA ASN J 169 -55.14 -20.91 1.23
C ASN J 169 -55.21 -20.43 -0.21
N LEU J 170 -54.71 -19.23 -0.51
CA LEU J 170 -54.66 -18.71 -1.86
C LEU J 170 -53.23 -18.46 -2.34
N SER J 171 -52.22 -18.90 -1.59
CA SER J 171 -50.84 -18.71 -2.00
C SER J 171 -50.52 -19.44 -3.30
N ASP J 172 -51.27 -20.49 -3.63
CA ASP J 172 -51.07 -21.15 -4.92
C ASP J 172 -51.43 -20.21 -6.07
N PHE J 173 -52.53 -19.47 -5.92
CA PHE J 173 -52.90 -18.49 -6.94
C PHE J 173 -51.91 -17.34 -6.99
N ARG J 174 -51.45 -16.88 -5.82
CA ARG J 174 -50.56 -15.73 -5.77
C ARG J 174 -49.28 -15.97 -6.56
N GLU J 175 -48.61 -17.09 -6.30
CA GLU J 175 -47.39 -17.41 -7.03
C GLU J 175 -47.65 -17.75 -8.49
N GLU J 176 -48.88 -18.16 -8.82
CA GLU J 176 -49.25 -18.35 -10.21
C GLU J 176 -49.45 -17.02 -10.92
N VAL J 177 -50.11 -16.07 -10.25
CA VAL J 177 -50.32 -14.75 -10.84
C VAL J 177 -49.00 -14.00 -10.96
N SER J 178 -48.12 -14.15 -9.96
CA SER J 178 -46.85 -13.43 -9.97
C SER J 178 -46.00 -13.85 -11.17
N ARG J 179 -45.95 -15.15 -11.47
CA ARG J 179 -45.17 -15.60 -12.61
C ARG J 179 -45.82 -15.20 -13.94
N ARG J 180 -47.15 -15.09 -13.96
CA ARG J 180 -47.83 -14.70 -15.19
C ARG J 180 -47.59 -13.22 -15.51
N LEU J 181 -47.67 -12.35 -14.51
CA LEU J 181 -47.51 -10.92 -14.76
C LEU J 181 -46.05 -10.49 -14.83
N ARG J 182 -45.14 -11.24 -14.20
CA ARG J 182 -43.72 -10.95 -14.38
C ARG J 182 -43.26 -11.34 -15.78
N TYR J 183 -43.83 -12.40 -16.34
CA TYR J 183 -43.50 -12.80 -17.71
C TYR J 183 -43.91 -11.73 -18.70
N GLU J 184 -45.12 -11.20 -18.57
CA GLU J 184 -45.56 -10.15 -19.49
C GLU J 184 -44.69 -8.92 -19.38
N SER J 185 -44.19 -8.61 -18.19
CA SER J 185 -43.26 -7.51 -18.02
C SER J 185 -41.95 -7.77 -18.76
N GLN J 186 -41.38 -8.96 -18.56
CA GLN J 186 -40.11 -9.27 -19.22
C GLN J 186 -40.30 -9.50 -20.71
N LEU J 187 -41.45 -10.06 -21.12
CA LEU J 187 -41.73 -10.19 -22.54
C LEU J 187 -41.82 -8.84 -23.22
N PHE J 188 -42.51 -7.88 -22.59
CA PHE J 188 -42.57 -6.53 -23.14
C PHE J 188 -41.21 -5.86 -23.07
N GLY J 189 -40.43 -6.14 -22.02
CA GLY J 189 -39.11 -5.56 -21.92
C GLY J 189 -38.16 -6.04 -23.00
N TRP J 190 -38.23 -7.33 -23.34
CA TRP J 190 -37.33 -7.86 -24.36
C TRP J 190 -37.76 -7.44 -25.76
N LEU J 191 -39.06 -7.33 -26.02
CA LEU J 191 -39.50 -6.87 -27.33
C LEU J 191 -39.17 -5.40 -27.54
N LEU J 192 -39.13 -4.62 -26.46
CA LEU J 192 -38.74 -3.21 -26.59
C LEU J 192 -37.29 -3.08 -27.03
N ILE J 193 -36.41 -3.94 -26.48
CA ILE J 193 -35.03 -3.96 -26.94
C ILE J 193 -34.96 -4.41 -28.39
N GLY J 194 -35.78 -5.39 -28.76
CA GLY J 194 -35.79 -5.84 -30.15
C GLY J 194 -36.23 -4.76 -31.11
N VAL J 195 -37.24 -3.97 -30.74
CA VAL J 195 -37.69 -2.88 -31.59
C VAL J 195 -36.64 -1.79 -31.68
N VAL J 196 -36.05 -1.43 -30.54
CA VAL J 196 -35.03 -0.36 -30.53
C VAL J 196 -33.82 -0.79 -31.35
N ALA J 197 -33.36 -2.03 -31.17
CA ALA J 197 -32.20 -2.52 -31.90
C ALA J 197 -32.45 -2.60 -33.41
N ILE J 198 -33.70 -2.57 -33.85
CA ILE J 198 -34.01 -2.50 -35.26
C ILE J 198 -34.14 -1.06 -35.73
N LEU J 199 -34.75 -0.21 -34.92
CA LEU J 199 -34.85 1.21 -35.26
C LEU J 199 -33.47 1.85 -35.36
N VAL J 200 -32.56 1.47 -34.44
CA VAL J 200 -31.20 1.98 -34.51
C VAL J 200 -30.52 1.53 -35.79
N PHE J 201 -30.69 0.25 -36.15
CA PHE J 201 -30.12 -0.26 -37.39
C PHE J 201 -30.73 0.41 -38.61
N LEU J 202 -32.05 0.59 -38.62
CA LEU J 202 -32.71 1.21 -39.76
C LEU J 202 -32.39 2.69 -39.86
N THR J 203 -32.24 3.37 -38.73
CA THR J 203 -31.88 4.78 -38.75
C THR J 203 -30.49 4.99 -39.33
N LYS J 204 -29.52 4.19 -38.89
CA LYS J 204 -28.15 4.36 -39.36
C LYS J 204 -28.02 4.01 -40.83
N CYS J 205 -28.71 2.96 -41.28
CA CYS J 205 -28.65 2.59 -42.70
C CYS J 205 -29.25 3.67 -43.58
N LEU J 206 -30.39 4.25 -43.16
CA LEU J 206 -30.97 5.34 -43.93
C LEU J 206 -30.15 6.62 -43.80
N LYS J 207 -29.48 6.81 -42.67
CA LYS J 207 -28.62 7.97 -42.51
C LYS J 207 -27.45 7.94 -43.48
N HIS J 208 -26.97 6.75 -43.83
CA HIS J 208 -25.88 6.62 -44.78
C HIS J 208 -26.36 6.57 -46.23
N TYR J 209 -27.46 5.86 -46.48
CA TYR J 209 -27.97 5.73 -47.85
C TYR J 209 -28.46 7.07 -48.39
N CYS J 210 -29.11 7.87 -47.54
CA CYS J 210 -29.72 9.11 -47.99
C CYS J 210 -28.80 10.32 -47.89
N SER J 211 -27.73 10.24 -47.10
CA SER J 211 -26.82 11.37 -46.99
C SER J 211 -26.01 11.50 -48.28
N PRO J 212 -25.76 12.73 -48.74
CA PRO J 212 -24.95 12.90 -49.95
C PRO J 212 -23.46 12.72 -49.72
N LEU J 213 -22.99 12.81 -48.48
CA LEU J 213 -21.58 12.65 -48.17
C LEU J 213 -21.23 11.16 -48.12
N SER J 214 -19.94 10.89 -47.89
CA SER J 214 -19.44 9.55 -47.71
C SER J 214 -19.11 9.32 -46.24
N TYR J 215 -19.21 8.06 -45.81
CA TYR J 215 -19.06 7.75 -44.39
C TYR J 215 -17.66 8.06 -43.89
N ARG J 216 -16.65 8.04 -44.78
CA ARG J 216 -15.30 8.40 -44.37
C ARG J 216 -15.13 9.91 -44.23
N GLN J 217 -15.98 10.70 -44.88
CA GLN J 217 -15.93 12.15 -44.74
C GLN J 217 -16.74 12.63 -43.54
N GLU J 218 -17.93 12.06 -43.33
CA GLU J 218 -18.70 12.39 -42.14
C GLU J 218 -17.94 12.02 -40.87
N ALA J 219 -17.10 10.99 -40.93
CA ALA J 219 -16.23 10.69 -39.81
C ALA J 219 -15.19 11.79 -39.61
N TYR J 220 -14.65 12.32 -40.70
CA TYR J 220 -13.74 13.46 -40.60
C TYR J 220 -14.48 14.71 -40.14
N TRP J 221 -15.71 14.91 -40.61
CA TRP J 221 -16.51 16.04 -40.17
C TRP J 221 -16.80 15.95 -38.68
N ALA J 222 -17.14 14.75 -38.19
CA ALA J 222 -17.38 14.57 -36.77
C ALA J 222 -16.13 14.83 -35.94
N GLN J 223 -14.97 14.40 -36.43
CA GLN J 223 -13.72 14.66 -35.73
C GLN J 223 -13.34 16.13 -35.76
N TYR J 224 -13.95 16.93 -36.63
CA TYR J 224 -13.70 18.37 -36.65
C TYR J 224 -14.61 19.11 -35.71
N ARG J 225 -15.92 18.83 -35.75
CA ARG J 225 -16.85 19.48 -34.85
C ARG J 225 -16.51 19.22 -33.38
N ALA J 226 -15.99 18.03 -33.09
CA ALA J 226 -15.54 17.72 -31.74
C ALA J 226 -14.22 18.39 -31.39
N ASN J 227 -13.48 18.89 -32.38
CA ASN J 227 -12.24 19.61 -32.14
C ASN J 227 -12.42 21.12 -32.15
N GLU J 228 -13.35 21.63 -32.97
CA GLU J 228 -13.67 23.05 -32.92
C GLU J 228 -14.29 23.42 -31.57
N ASP J 229 -15.25 22.61 -31.10
CA ASP J 229 -15.89 22.88 -29.83
C ASP J 229 -14.91 22.78 -28.68
N GLN J 230 -14.04 21.77 -28.70
CA GLN J 230 -13.06 21.61 -27.62
C GLN J 230 -12.11 22.79 -27.57
N LEU J 231 -11.66 23.27 -28.73
CA LEU J 231 -10.76 24.42 -28.75
C LEU J 231 -11.51 25.71 -28.45
N PHE J 232 -12.72 25.88 -29.00
CA PHE J 232 -13.46 27.12 -28.81
C PHE J 232 -13.82 27.33 -27.34
N GLN J 233 -14.27 26.27 -26.66
CA GLN J 233 -14.56 26.40 -25.24
C GLN J 233 -13.28 26.63 -24.43
N ARG J 234 -12.15 26.10 -24.88
CA ARG J 234 -10.90 26.29 -24.16
C ARG J 234 -10.41 27.73 -24.33
N THR J 235 -10.42 28.24 -25.56
CA THR J 235 -9.96 29.61 -25.79
C THR J 235 -10.92 30.64 -25.22
N ALA J 236 -12.20 30.31 -25.08
CA ALA J 236 -13.13 31.23 -24.45
C ALA J 236 -12.80 31.44 -22.98
N GLU J 237 -12.36 30.38 -22.29
CA GLU J 237 -11.96 30.53 -20.90
C GLU J 237 -10.68 31.35 -20.79
N VAL J 238 -9.74 31.16 -21.71
CA VAL J 238 -8.50 31.92 -21.67
C VAL J 238 -8.76 33.38 -22.05
N HIS J 239 -9.56 33.61 -23.09
CA HIS J 239 -9.84 34.98 -23.52
C HIS J 239 -10.62 35.73 -22.45
N SER J 240 -11.55 35.06 -21.77
CA SER J 240 -12.27 35.70 -20.68
C SER J 240 -11.34 36.03 -19.52
N ARG J 241 -10.44 35.11 -19.17
CA ARG J 241 -9.56 35.33 -18.03
C ARG J 241 -8.59 36.49 -18.30
N VAL J 242 -8.04 36.57 -19.50
CA VAL J 242 -7.15 37.68 -19.84
C VAL J 242 -7.93 38.99 -19.85
N LEU J 243 -9.14 38.98 -20.41
CA LEU J 243 -9.97 40.17 -20.36
C LEU J 243 -10.34 40.54 -18.93
N ALA J 244 -10.66 39.53 -18.11
CA ALA J 244 -10.97 39.80 -16.71
C ALA J 244 -9.76 40.32 -15.95
N ALA J 245 -8.57 39.84 -16.29
CA ALA J 245 -7.36 40.33 -15.62
C ALA J 245 -7.09 41.79 -15.96
N ASN J 246 -7.36 42.20 -17.20
CA ASN J 246 -7.11 43.58 -17.60
C ASN J 246 -7.97 44.55 -16.82
N ASN J 247 -9.24 44.22 -16.61
CA ASN J 247 -10.13 45.10 -15.87
C ASN J 247 -9.74 45.18 -14.40
N VAL J 248 -9.34 44.05 -13.80
CA VAL J 248 -8.91 44.06 -12.41
C VAL J 248 -7.64 44.90 -12.25
N ARG J 249 -6.70 44.76 -13.19
CA ARG J 249 -5.49 45.57 -13.14
C ARG J 249 -5.82 47.06 -13.19
N ARG J 250 -6.83 47.43 -13.97
CA ARG J 250 -7.27 48.82 -14.02
C ARG J 250 -7.82 49.30 -12.68
N PHE J 251 -8.29 48.37 -11.82
CA PHE J 251 -8.87 48.75 -10.53
C PHE J 251 -7.80 48.84 -9.44
N PHE J 252 -7.11 47.73 -9.17
CA PHE J 252 -6.15 47.68 -8.08
C PHE J 252 -4.75 48.12 -8.47
N GLY J 253 -4.44 48.15 -9.76
CA GLY J 253 -3.09 48.43 -10.22
C GLY J 253 -2.25 47.19 -10.46
N PHE J 254 -2.72 46.01 -10.05
CA PHE J 254 -2.01 44.77 -10.27
C PHE J 254 -3.01 43.63 -10.19
N VAL J 255 -2.58 42.46 -10.67
CA VAL J 255 -3.41 41.25 -10.63
C VAL J 255 -2.60 40.16 -9.96
N ALA J 256 -3.21 39.47 -8.99
CA ALA J 256 -2.60 38.33 -8.34
C ALA J 256 -2.86 37.10 -9.19
N LEU J 257 -1.85 36.67 -9.94
CA LEU J 257 -1.97 35.57 -10.88
C LEU J 257 -1.18 34.36 -10.38
N ASN J 258 -1.68 33.18 -10.72
CA ASN J 258 -0.99 31.95 -10.39
C ASN J 258 0.27 31.82 -11.24
N LYS J 259 1.03 30.75 -11.01
CA LYS J 259 2.23 30.51 -11.81
C LYS J 259 1.87 30.30 -13.27
N ASP J 260 0.81 29.52 -13.53
CA ASP J 260 0.40 29.25 -14.91
C ASP J 260 -0.44 30.38 -15.52
N ASP J 261 -1.24 31.09 -14.72
CA ASP J 261 -2.01 32.20 -15.26
C ASP J 261 -1.12 33.32 -15.79
N GLU J 262 0.10 33.46 -15.26
CA GLU J 262 1.00 34.48 -15.80
C GLU J 262 1.43 34.15 -17.22
N GLU J 263 1.46 32.87 -17.58
CA GLU J 263 1.75 32.49 -18.95
C GLU J 263 0.63 32.94 -19.90
N LEU J 264 -0.62 32.83 -19.45
CA LEU J 264 -1.75 33.20 -20.30
C LEU J 264 -1.71 34.68 -20.66
N ILE J 265 -1.39 35.54 -19.69
CA ILE J 265 -1.33 36.98 -19.96
C ILE J 265 -0.18 37.30 -20.90
N ALA J 266 0.97 36.66 -20.70
CA ALA J 266 2.13 36.95 -21.54
C ALA J 266 1.96 36.38 -22.94
N ASN J 267 1.50 35.14 -23.05
CA ASN J 267 1.38 34.50 -24.35
C ASN J 267 0.18 35.02 -25.14
N PHE J 268 -0.93 35.29 -24.47
CA PHE J 268 -2.21 35.59 -25.14
C PHE J 268 -2.71 36.95 -24.67
N PRO J 269 -2.27 38.05 -25.28
CA PRO J 269 -2.82 39.35 -24.94
C PRO J 269 -4.09 39.64 -25.71
N VAL J 270 -5.07 40.21 -25.01
CA VAL J 270 -6.35 40.58 -25.63
C VAL J 270 -6.36 42.08 -25.84
N GLU J 271 -7.07 42.51 -26.89
CA GLU J 271 -7.16 43.91 -27.24
C GLU J 271 -8.59 44.44 -27.22
N GLY J 272 -9.59 43.57 -27.17
CA GLY J 272 -10.96 44.03 -27.16
C GLY J 272 -11.90 42.84 -27.11
N THR J 273 -13.19 43.14 -27.27
CA THR J 273 -14.25 42.14 -27.25
C THR J 273 -14.89 42.04 -28.62
N GLN J 274 -15.21 40.82 -29.03
CA GLN J 274 -15.81 40.60 -30.34
C GLN J 274 -17.21 41.18 -30.38
N PRO J 275 -17.60 41.83 -31.47
CA PRO J 275 -18.93 42.44 -31.54
C PRO J 275 -20.04 41.39 -31.51
N ARG J 276 -21.22 41.84 -31.13
CA ARG J 276 -22.37 40.94 -31.08
C ARG J 276 -22.69 40.30 -32.42
N PRO J 277 -22.70 41.00 -33.56
CA PRO J 277 -22.94 40.31 -34.84
C PRO J 277 -21.89 39.27 -35.17
N GLN J 278 -20.67 39.40 -34.63
CA GLN J 278 -19.67 38.36 -34.84
C GLN J 278 -20.01 37.09 -34.05
N TRP J 279 -20.64 37.23 -32.88
CA TRP J 279 -21.10 36.06 -32.15
C TRP J 279 -22.35 35.46 -32.75
N ASN J 280 -23.24 36.29 -33.32
CA ASN J 280 -24.45 35.76 -33.94
C ASN J 280 -24.15 34.98 -35.20
N ALA J 281 -23.03 35.29 -35.87
CA ALA J 281 -22.69 34.65 -37.13
C ALA J 281 -22.21 33.22 -36.96
N ILE J 282 -21.93 32.78 -35.74
CA ILE J 282 -21.42 31.44 -35.49
C ILE J 282 -22.39 30.57 -34.69
N THR J 283 -23.57 31.08 -34.37
CA THR J 283 -24.58 30.32 -33.62
C THR J 283 -25.77 30.02 -34.52
N GLY J 284 -26.19 28.77 -34.54
CA GLY J 284 -27.29 28.33 -35.36
C GLY J 284 -27.07 26.91 -35.84
N VAL J 285 -27.91 26.51 -36.79
CA VAL J 285 -27.83 25.18 -37.40
C VAL J 285 -27.15 25.30 -38.75
N TYR J 286 -26.19 24.41 -39.00
CA TYR J 286 -25.42 24.42 -40.23
C TYR J 286 -25.51 23.07 -40.91
N LEU J 287 -25.77 23.07 -42.22
CA LEU J 287 -25.89 21.83 -43.00
C LEU J 287 -25.03 21.93 -44.26
N TYR J 288 -23.73 21.68 -44.11
CA TYR J 288 -22.80 21.37 -45.19
C TYR J 288 -22.97 22.14 -46.49
N ARG J 289 -22.76 23.46 -46.47
CA ARG J 289 -22.61 24.18 -47.72
C ARG J 289 -21.17 24.14 -48.19
N GLU J 290 -20.99 24.12 -49.52
CA GLU J 290 -19.68 24.15 -50.15
C GLU J 290 -19.48 25.45 -50.88
N ASN J 291 -18.23 25.93 -50.91
CA ASN J 291 -17.89 27.19 -51.56
C ASN J 291 -16.73 26.96 -52.51
N GLN J 292 -16.97 27.17 -53.80
CA GLN J 292 -15.95 27.02 -54.84
C GLN J 292 -15.33 25.63 -54.83
N GLY J 293 -16.15 24.62 -54.56
CA GLY J 293 -15.70 23.24 -54.58
C GLY J 293 -15.06 22.74 -53.30
N LEU J 294 -14.72 23.64 -52.37
CA LEU J 294 -14.14 23.16 -51.14
C LEU J 294 -15.17 23.18 -50.01
N PRO J 295 -15.27 22.11 -49.23
CA PRO J 295 -16.32 22.02 -48.21
C PRO J 295 -16.08 22.96 -47.05
N LEU J 296 -17.19 23.33 -46.40
CA LEU J 296 -17.18 24.08 -45.16
C LEU J 296 -17.91 23.26 -44.10
N TYR J 297 -17.28 23.07 -42.95
CA TYR J 297 -17.75 22.10 -41.97
C TYR J 297 -18.50 22.71 -40.80
N SER J 298 -18.40 24.01 -40.58
CA SER J 298 -19.16 24.65 -39.51
C SER J 298 -19.27 26.14 -39.84
N ARG J 299 -20.25 26.80 -39.22
CA ARG J 299 -20.46 28.21 -39.49
C ARG J 299 -19.42 29.10 -38.83
N LEU J 300 -18.60 28.56 -37.93
CA LEU J 300 -17.38 29.28 -37.55
C LEU J 300 -16.34 29.19 -38.65
N HIS J 301 -16.19 28.01 -39.24
CA HIS J 301 -15.35 27.87 -40.42
C HIS J 301 -15.91 28.68 -41.59
N LYS J 302 -17.23 28.65 -41.76
CA LYS J 302 -17.87 29.44 -42.81
C LYS J 302 -17.69 30.93 -42.56
N TRP J 303 -17.72 31.35 -41.30
CA TRP J 303 -17.49 32.76 -40.98
C TRP J 303 -16.04 33.15 -41.18
N ALA J 304 -15.11 32.24 -40.87
CA ALA J 304 -13.69 32.57 -40.97
C ALA J 304 -13.31 32.89 -42.41
N GLN J 305 -13.88 32.18 -43.37
CA GLN J 305 -13.65 32.47 -44.78
C GLN J 305 -14.19 33.82 -45.22
N GLY J 306 -15.03 34.46 -44.39
CA GLY J 306 -15.64 35.71 -44.77
C GLY J 306 -16.95 35.58 -45.52
N LEU J 307 -17.62 34.44 -45.41
CA LEU J 307 -18.85 34.18 -46.15
C LEU J 307 -20.10 34.48 -45.34
N ALA J 308 -19.94 35.02 -44.13
CA ALA J 308 -21.08 35.39 -43.29
C ALA J 308 -21.21 36.89 -43.11
N GLY J 309 -20.15 37.57 -42.69
CA GLY J 309 -20.17 39.00 -42.49
C GLY J 309 -19.97 39.78 -43.78
N ASP J 315 -25.02 51.58 -38.67
CA ASP J 315 -26.26 52.16 -39.19
C ASP J 315 -27.33 52.23 -38.11
N ASN J 316 -27.80 51.08 -37.67
CA ASN J 316 -28.80 50.97 -36.61
C ASN J 316 -28.13 50.42 -35.36
N VAL J 317 -28.21 51.17 -34.27
CA VAL J 317 -27.54 50.83 -33.02
C VAL J 317 -28.57 50.30 -32.04
N GLU J 318 -28.28 49.15 -31.43
CA GLU J 318 -29.20 48.51 -30.50
C GLU J 318 -28.53 48.32 -29.15
N MET J 319 -29.36 48.32 -28.11
CA MET J 319 -28.97 48.13 -26.71
C MET J 319 -27.63 48.82 -26.39
N ALA J 320 -27.61 50.12 -26.62
CA ALA J 320 -26.44 50.94 -26.33
C ALA J 320 -26.48 51.42 -24.88
N LEU J 321 -25.29 51.57 -24.29
CA LEU J 321 -25.20 52.11 -22.94
C LEU J 321 -25.75 53.53 -22.89
N LEU J 322 -25.29 54.37 -23.80
CA LEU J 322 -25.59 55.80 -23.83
C LEU J 322 -26.05 56.19 -25.23
N PRO J 323 -26.87 57.23 -25.34
CA PRO J 323 -27.45 57.58 -26.64
C PRO J 323 -26.41 58.06 -27.65
N SER J 324 -26.85 58.41 -28.85
CA SER J 324 -25.92 58.85 -29.89
C SER J 324 -25.06 59.99 -29.37
N ALA J 325 -23.84 60.07 -29.89
CA ALA J 325 -22.88 61.07 -29.41
C ALA J 325 -23.42 62.48 -29.53
N LEU J 326 -24.30 62.73 -30.50
CA LEU J 326 -24.95 64.03 -30.59
C LEU J 326 -25.87 64.28 -29.39
N GLU J 327 -26.59 63.27 -28.94
CA GLU J 327 -27.46 63.43 -27.78
C GLU J 327 -26.67 63.54 -26.47
N VAL J 328 -25.45 63.00 -26.44
CA VAL J 328 -24.64 63.07 -25.22
C VAL J 328 -24.24 64.52 -24.94
N LEU J 329 -23.99 65.30 -25.99
CA LEU J 329 -23.48 66.65 -25.81
C LEU J 329 -24.48 67.53 -25.05
N PHE J 330 -25.76 67.28 -25.24
CA PHE J 330 -26.79 68.13 -24.66
C PHE J 330 -27.22 67.62 -23.29
N GLN K 5 -19.68 20.14 -71.58
CA GLN K 5 -20.66 20.08 -72.66
C GLN K 5 -20.55 21.37 -73.47
N VAL K 6 -20.53 22.49 -72.76
CA VAL K 6 -20.48 23.82 -73.37
C VAL K 6 -19.09 24.40 -73.13
N GLN K 7 -18.44 24.82 -74.20
CA GLN K 7 -17.09 25.36 -74.14
C GLN K 7 -17.13 26.81 -74.61
N LEU K 8 -16.36 27.67 -73.95
CA LEU K 8 -16.39 29.10 -74.23
C LEU K 8 -15.03 29.51 -74.79
N VAL K 9 -15.03 30.04 -76.01
CA VAL K 9 -13.81 30.39 -76.72
C VAL K 9 -13.73 31.90 -76.85
N GLU K 10 -12.57 32.46 -76.50
CA GLU K 10 -12.36 33.90 -76.50
C GLU K 10 -11.13 34.26 -77.31
N SER K 11 -11.17 35.42 -77.96
CA SER K 11 -10.05 35.89 -78.76
C SER K 11 -10.10 37.42 -78.84
N GLY K 12 -8.98 38.02 -79.22
CA GLY K 12 -8.86 39.45 -79.34
C GLY K 12 -7.95 40.13 -78.34
N GLY K 13 -7.20 39.37 -77.54
CA GLY K 13 -6.31 39.98 -76.58
C GLY K 13 -5.14 40.69 -77.23
N GLY K 14 -4.54 41.61 -76.48
CA GLY K 14 -3.43 42.37 -77.01
C GLY K 14 -2.97 43.40 -76.00
N SER K 15 -2.11 44.30 -76.48
CA SER K 15 -1.54 45.38 -75.67
C SER K 15 -1.96 46.71 -76.27
N VAL K 16 -2.77 47.47 -75.54
CA VAL K 16 -3.28 48.77 -75.97
C VAL K 16 -3.07 49.76 -74.83
N GLN K 17 -2.56 50.95 -75.19
CA GLN K 17 -2.30 51.99 -74.19
C GLN K 17 -3.61 52.50 -73.61
N ALA K 18 -3.49 53.40 -72.64
CA ALA K 18 -4.66 53.95 -71.96
C ALA K 18 -5.51 54.75 -72.93
N GLY K 19 -6.83 54.68 -72.74
CA GLY K 19 -7.76 55.39 -73.58
C GLY K 19 -8.14 54.69 -74.86
N GLY K 20 -7.60 53.50 -75.13
CA GLY K 20 -7.90 52.78 -76.34
C GLY K 20 -9.23 52.06 -76.28
N SER K 21 -9.59 51.46 -77.42
CA SER K 21 -10.83 50.70 -77.54
C SER K 21 -10.47 49.25 -77.89
N LEU K 22 -11.01 48.32 -77.12
CA LEU K 22 -10.78 46.89 -77.34
C LEU K 22 -12.10 46.15 -77.29
N ARG K 23 -12.19 45.09 -78.09
CA ARG K 23 -13.38 44.26 -78.17
C ARG K 23 -12.95 42.81 -78.08
N LEU K 24 -13.46 42.11 -77.07
CA LEU K 24 -13.14 40.70 -76.85
C LEU K 24 -14.34 39.84 -77.21
N SER K 25 -14.09 38.83 -78.02
CA SER K 25 -15.13 37.86 -78.37
C SER K 25 -15.14 36.74 -77.34
N CYS K 26 -16.27 36.07 -77.22
CA CYS K 26 -16.44 34.98 -76.25
C CYS K 26 -17.46 34.01 -76.86
N ALA K 27 -16.96 33.00 -77.57
CA ALA K 27 -17.79 32.13 -78.40
C ALA K 27 -18.30 30.95 -77.59
N ALA K 28 -19.61 30.73 -77.64
CA ALA K 28 -20.27 29.65 -76.93
C ALA K 28 -20.72 28.58 -77.92
N SER K 29 -20.38 27.32 -77.63
CA SER K 29 -20.79 26.19 -78.45
C SER K 29 -21.33 25.09 -77.55
N GLY K 30 -22.51 24.59 -77.89
CA GLY K 30 -23.14 23.53 -77.12
C GLY K 30 -24.57 23.83 -76.74
N ASN K 31 -25.01 23.33 -75.58
CA ASN K 31 -26.36 23.60 -75.09
C ASN K 31 -26.37 24.97 -74.42
N ILE K 32 -26.59 26.00 -75.26
CA ILE K 32 -26.67 27.38 -74.77
C ILE K 32 -28.11 27.77 -74.46
N ARG K 33 -29.09 26.92 -74.76
CA ARG K 33 -30.49 27.27 -74.48
C ARG K 33 -30.74 27.39 -72.98
N ASN K 34 -30.27 26.43 -72.19
CA ASN K 34 -30.46 26.46 -70.75
C ASN K 34 -29.71 27.60 -70.08
N ILE K 35 -28.72 28.18 -70.74
CA ILE K 35 -27.84 29.15 -70.10
C ILE K 35 -28.58 30.48 -69.94
N SER K 36 -28.64 30.98 -68.70
CA SER K 36 -29.29 32.24 -68.38
C SER K 36 -28.29 33.34 -67.99
N TYR K 37 -26.98 33.09 -68.09
CA TYR K 37 -25.95 34.02 -67.66
C TYR K 37 -24.86 34.11 -68.72
N LEU K 38 -24.54 35.34 -69.15
CA LEU K 38 -23.41 35.63 -70.02
C LEU K 38 -22.76 36.93 -69.55
N GLY K 39 -21.46 36.86 -69.23
CA GLY K 39 -20.77 38.02 -68.70
C GLY K 39 -19.27 37.79 -68.66
N TRP K 40 -18.56 38.68 -67.98
CA TRP K 40 -17.10 38.66 -67.97
C TRP K 40 -16.56 38.78 -66.55
N PHE K 41 -15.39 38.16 -66.32
CA PHE K 41 -14.68 38.23 -65.06
C PHE K 41 -13.22 38.55 -65.32
N ARG K 42 -12.58 39.26 -64.38
CA ARG K 42 -11.17 39.59 -64.48
C ARG K 42 -10.46 39.28 -63.18
N GLN K 43 -9.22 38.80 -63.29
CA GLN K 43 -8.37 38.55 -62.14
C GLN K 43 -6.95 39.00 -62.47
N ALA K 44 -6.31 39.66 -61.52
CA ALA K 44 -4.95 40.14 -61.64
C ALA K 44 -4.08 39.52 -60.55
N PRO K 45 -2.77 39.39 -60.78
CA PRO K 45 -1.91 38.76 -59.77
C PRO K 45 -1.93 39.53 -58.46
N GLY K 46 -1.89 38.78 -57.36
CA GLY K 46 -1.90 39.36 -56.04
C GLY K 46 -3.28 39.75 -55.51
N LYS K 47 -4.34 39.45 -56.25
CA LYS K 47 -5.69 39.79 -55.81
C LYS K 47 -6.68 38.80 -56.41
N GLU K 48 -7.91 38.85 -55.90
CA GLU K 48 -8.94 37.88 -56.24
C GLU K 48 -9.56 38.25 -57.60
N ARG K 49 -10.61 37.53 -57.98
CA ARG K 49 -11.27 37.68 -59.27
C ARG K 49 -12.63 38.34 -59.07
N GLU K 50 -12.90 39.39 -59.84
CA GLU K 50 -14.16 40.12 -59.78
C GLU K 50 -14.86 40.05 -61.13
N GLY K 51 -16.09 40.54 -61.16
CA GLY K 51 -16.90 40.58 -62.37
C GLY K 51 -17.17 42.01 -62.80
N VAL K 52 -17.13 42.24 -64.12
CA VAL K 52 -17.36 43.57 -64.67
C VAL K 52 -18.81 43.76 -65.09
N ALA K 53 -19.31 42.89 -65.97
CA ALA K 53 -20.67 43.01 -66.48
C ALA K 53 -21.24 41.63 -66.74
N ALA K 54 -22.56 41.54 -66.67
CA ALA K 54 -23.26 40.27 -66.83
C ALA K 54 -24.72 40.57 -67.13
N LEU K 55 -25.44 39.56 -67.62
CA LEU K 55 -26.83 39.76 -68.00
C LEU K 55 -27.68 38.52 -67.73
N TRP K 56 -28.83 38.74 -67.08
CA TRP K 56 -29.94 37.78 -67.03
C TRP K 56 -30.56 37.74 -68.42
N THR K 57 -30.20 36.74 -69.23
CA THR K 57 -30.85 36.63 -70.54
C THR K 57 -32.34 36.39 -70.39
N THR K 58 -32.76 35.66 -69.36
CA THR K 58 -34.19 35.36 -69.19
C THR K 58 -34.98 36.63 -68.91
N GLN K 59 -34.44 37.52 -68.07
CA GLN K 59 -35.15 38.73 -67.67
C GLN K 59 -34.73 39.97 -68.45
N GLY K 60 -33.46 40.06 -68.85
CA GLY K 60 -33.00 41.14 -69.71
C GLY K 60 -32.21 42.23 -69.02
N GLN K 61 -32.29 42.32 -67.70
CA GLN K 61 -31.52 43.34 -67.00
C GLN K 61 -30.04 42.97 -66.98
N THR K 62 -29.20 44.00 -66.86
CA THR K 62 -27.75 43.85 -66.91
C THR K 62 -27.12 44.49 -65.68
N TYR K 63 -25.89 44.08 -65.41
CA TYR K 63 -25.10 44.60 -64.30
C TYR K 63 -23.79 45.14 -64.82
N TYR K 64 -23.29 46.20 -64.18
CA TYR K 64 -21.99 46.77 -64.49
C TYR K 64 -21.27 47.10 -63.19
N ALA K 65 -19.98 46.80 -63.14
CA ALA K 65 -19.20 47.07 -61.94
C ALA K 65 -18.99 48.58 -61.78
N ASP K 66 -18.63 48.98 -60.55
CA ASP K 66 -18.46 50.40 -60.26
C ASP K 66 -17.33 51.01 -61.07
N SER K 67 -16.20 50.29 -61.20
CA SER K 67 -15.11 50.74 -62.06
C SER K 67 -15.42 50.50 -63.53
N VAL K 68 -16.68 50.22 -63.87
CA VAL K 68 -17.05 49.84 -65.22
C VAL K 68 -18.08 50.83 -65.75
N LYS K 69 -18.88 51.41 -64.84
CA LYS K 69 -19.98 52.29 -65.23
C LYS K 69 -19.46 53.48 -66.01
N GLY K 70 -20.01 53.71 -67.19
CA GLY K 70 -19.61 54.80 -68.04
C GLY K 70 -18.32 54.58 -68.80
N ARG K 71 -17.72 53.40 -68.69
CA ARG K 71 -16.43 53.11 -69.29
C ARG K 71 -16.50 51.96 -70.28
N PHE K 72 -17.20 50.89 -69.94
CA PHE K 72 -17.38 49.74 -70.82
C PHE K 72 -18.84 49.37 -70.94
N THR K 73 -19.17 48.69 -72.03
CA THR K 73 -20.47 48.04 -72.22
C THR K 73 -20.24 46.64 -72.75
N VAL K 74 -21.23 45.77 -72.55
CA VAL K 74 -21.19 44.39 -73.04
C VAL K 74 -22.42 44.16 -73.91
N SER K 75 -22.19 43.64 -75.11
CA SER K 75 -23.25 43.41 -76.08
C SER K 75 -23.40 41.92 -76.33
N LEU K 76 -24.64 41.50 -76.55
CA LEU K 76 -24.99 40.10 -76.70
C LEU K 76 -25.74 39.87 -78.01
N ASP K 77 -25.29 38.87 -78.78
CA ASP K 77 -25.84 38.57 -80.10
C ASP K 77 -26.53 37.20 -80.04
N ASN K 78 -27.85 37.18 -80.24
CA ASN K 78 -28.57 35.92 -80.26
C ASN K 78 -28.13 35.03 -81.42
N ALA K 79 -28.00 35.61 -82.62
CA ALA K 79 -27.69 34.82 -83.80
C ALA K 79 -26.33 34.15 -83.69
N LYS K 80 -25.33 34.89 -83.19
CA LYS K 80 -23.99 34.33 -83.03
C LYS K 80 -23.86 33.50 -81.76
N ASN K 81 -24.77 33.66 -80.80
CA ASN K 81 -24.67 33.01 -79.49
C ASN K 81 -23.31 33.27 -78.84
N THR K 82 -22.86 34.51 -78.95
CA THR K 82 -21.57 34.93 -78.42
C THR K 82 -21.77 36.19 -77.59
N VAL K 83 -20.71 36.60 -76.88
CA VAL K 83 -20.72 37.79 -76.05
C VAL K 83 -19.56 38.69 -76.45
N TYR K 84 -19.86 39.98 -76.61
CA TYR K 84 -18.88 40.98 -77.00
C TYR K 84 -18.89 42.13 -76.00
N LEU K 85 -17.71 42.67 -75.72
CA LEU K 85 -17.56 43.83 -74.86
C LEU K 85 -16.85 44.94 -75.62
N GLN K 86 -17.10 46.17 -75.18
CA GLN K 86 -16.42 47.35 -75.74
C GLN K 86 -15.69 48.04 -74.59
N MET K 87 -14.38 47.79 -74.52
CA MET K 87 -13.52 48.32 -73.45
C MET K 87 -12.99 49.68 -73.90
N ASN K 88 -13.52 50.75 -73.31
CA ASN K 88 -13.16 52.11 -73.72
C ASN K 88 -12.49 52.86 -72.57
N SER K 89 -11.62 53.80 -72.93
CA SER K 89 -10.87 54.63 -71.98
C SER K 89 -10.08 53.76 -71.01
N LEU K 90 -9.15 53.00 -71.57
CA LEU K 90 -8.42 52.00 -70.79
C LEU K 90 -7.52 52.68 -69.75
N LYS K 91 -7.22 51.93 -68.70
CA LYS K 91 -6.33 52.37 -67.63
C LYS K 91 -5.36 51.24 -67.30
N PRO K 92 -4.24 51.57 -66.66
CA PRO K 92 -3.32 50.50 -66.23
C PRO K 92 -3.91 49.56 -65.20
N GLU K 93 -5.00 49.95 -64.52
CA GLU K 93 -5.65 49.06 -63.57
C GLU K 93 -6.32 47.88 -64.24
N ASP K 94 -6.45 47.88 -65.56
CA ASP K 94 -7.07 46.80 -66.32
C ASP K 94 -6.08 45.72 -66.73
N THR K 95 -4.83 45.80 -66.29
CA THR K 95 -3.85 44.77 -66.63
C THR K 95 -4.16 43.50 -65.86
N ALA K 96 -4.95 42.61 -66.46
CA ALA K 96 -5.40 41.41 -65.77
C ALA K 96 -5.92 40.41 -66.80
N LEU K 97 -5.96 39.15 -66.39
CA LEU K 97 -6.61 38.12 -67.19
C LEU K 97 -8.11 38.37 -67.22
N TYR K 98 -8.73 38.03 -68.34
CA TYR K 98 -10.17 38.22 -68.53
C TYR K 98 -10.83 36.90 -68.91
N TYR K 99 -11.98 36.64 -68.30
CA TYR K 99 -12.72 35.40 -68.50
C TYR K 99 -14.19 35.74 -68.70
N CYS K 100 -14.87 34.94 -69.52
CA CYS K 100 -16.32 35.00 -69.60
C CYS K 100 -16.91 33.69 -69.08
N ALA K 101 -18.00 33.80 -68.34
CA ALA K 101 -18.57 32.65 -67.64
C ALA K 101 -20.03 32.49 -68.02
N ALA K 102 -20.61 31.37 -67.61
CA ALA K 102 -22.00 31.07 -67.89
C ALA K 102 -22.61 30.35 -66.69
N ALA K 103 -23.93 30.45 -66.57
CA ALA K 103 -24.65 29.86 -65.44
C ALA K 103 -26.10 29.61 -65.84
N THR K 104 -26.78 28.77 -65.06
CA THR K 104 -28.12 28.31 -65.38
C THR K 104 -29.17 28.73 -64.35
N SER K 105 -28.81 29.58 -63.39
CA SER K 105 -29.74 30.03 -62.35
C SER K 105 -30.30 28.84 -61.57
N GLY K 106 -29.39 28.16 -60.88
CA GLY K 106 -29.73 26.89 -60.27
C GLY K 106 -30.75 27.02 -59.15
N GLN K 107 -31.47 25.93 -58.93
CA GLN K 107 -32.50 25.88 -57.91
C GLN K 107 -31.85 25.82 -56.52
N TYR K 108 -32.70 25.82 -55.49
CA TYR K 108 -32.24 25.83 -54.10
C TYR K 108 -33.16 24.92 -53.28
N ASN K 109 -32.74 23.66 -53.12
CA ASN K 109 -33.55 23.00 -52.11
C ASN K 109 -32.96 23.26 -50.72
N PRO K 110 -33.81 23.51 -49.72
CA PRO K 110 -33.29 23.96 -48.42
C PRO K 110 -32.41 22.95 -47.72
N LEU K 111 -32.48 21.67 -48.08
CA LEU K 111 -31.72 20.65 -47.37
C LEU K 111 -30.32 20.46 -47.95
N ARG K 112 -30.21 20.39 -49.28
CA ARG K 112 -28.92 20.15 -49.92
C ARG K 112 -28.18 21.46 -50.21
N GLY K 113 -28.81 22.35 -50.98
CA GLY K 113 -28.22 23.63 -51.29
C GLY K 113 -28.36 23.95 -52.76
N TYR K 114 -27.74 25.05 -53.17
CA TYR K 114 -27.78 25.46 -54.57
C TYR K 114 -27.05 24.46 -55.44
N HIS K 115 -27.67 24.09 -56.57
CA HIS K 115 -27.02 23.26 -57.56
C HIS K 115 -27.29 23.85 -58.94
N TYR K 116 -26.23 24.04 -59.72
CA TYR K 116 -26.35 24.69 -61.02
C TYR K 116 -25.24 24.17 -61.93
N ASN K 117 -25.14 24.78 -63.11
CA ASN K 117 -24.11 24.45 -64.09
C ASN K 117 -23.33 25.71 -64.42
N GLU K 118 -22.01 25.58 -64.52
CA GLU K 118 -21.13 26.74 -64.69
C GLU K 118 -20.03 26.40 -65.68
N TYR K 119 -19.64 27.39 -66.49
CA TYR K 119 -18.65 27.21 -67.53
C TYR K 119 -17.74 28.42 -67.58
N TRP K 120 -16.54 28.22 -68.14
CA TRP K 120 -15.53 29.28 -68.16
C TRP K 120 -14.71 29.23 -69.44
N GLY K 121 -14.07 30.36 -69.72
CA GLY K 121 -13.08 30.43 -70.78
C GLY K 121 -11.96 31.35 -70.34
N GLN K 122 -10.78 31.13 -70.90
CA GLN K 122 -9.55 31.79 -70.46
C GLN K 122 -9.09 32.80 -71.52
N GLY K 123 -8.89 34.05 -71.10
CA GLY K 123 -8.38 35.08 -71.98
C GLY K 123 -7.48 36.05 -71.23
N THR K 124 -6.81 36.91 -71.99
CA THR K 124 -5.86 37.87 -71.44
C THR K 124 -6.08 39.26 -72.03
N GLN K 125 -5.75 40.28 -71.23
CA GLN K 125 -5.83 41.66 -71.69
C GLN K 125 -4.90 42.50 -70.81
N VAL K 126 -3.79 42.96 -71.38
CA VAL K 126 -2.80 43.74 -70.66
C VAL K 126 -2.61 45.07 -71.39
N THR K 127 -2.66 46.17 -70.63
CA THR K 127 -2.45 47.50 -71.17
C THR K 127 -1.04 47.98 -70.85
N VAL K 128 -0.32 48.45 -71.88
CA VAL K 128 1.04 48.91 -71.68
C VAL K 128 1.07 50.13 -70.78
N SER K 129 0.23 51.11 -71.08
CA SER K 129 0.18 52.35 -70.31
C SER K 129 -1.14 53.07 -70.52
N GLU L 38 -28.98 -5.30 -9.76
CA GLU L 38 -27.76 -5.58 -10.51
C GLU L 38 -28.08 -5.98 -11.95
N LEU L 39 -27.13 -5.73 -12.86
CA LEU L 39 -27.35 -6.06 -14.26
C LEU L 39 -27.49 -7.56 -14.47
N PHE L 40 -26.76 -8.37 -13.69
CA PHE L 40 -26.92 -9.81 -13.78
C PHE L 40 -28.33 -10.24 -13.39
N SER L 41 -28.87 -9.64 -12.33
CA SER L 41 -30.24 -9.99 -11.90
C SER L 41 -31.28 -9.52 -12.91
N VAL L 42 -31.02 -8.41 -13.59
CA VAL L 42 -31.98 -7.89 -14.56
C VAL L 42 -32.14 -8.85 -15.75
N VAL L 43 -31.03 -9.37 -16.24
CA VAL L 43 -31.05 -10.23 -17.43
C VAL L 43 -31.11 -11.71 -17.07
N ALA L 44 -31.48 -12.03 -15.84
CA ALA L 44 -31.59 -13.43 -15.44
C ALA L 44 -32.78 -14.08 -16.13
N PHE L 45 -32.76 -15.42 -16.14
CA PHE L 45 -33.80 -16.21 -16.78
C PHE L 45 -34.80 -16.66 -15.71
N HIS L 46 -36.06 -16.29 -15.88
CA HIS L 46 -37.14 -16.67 -14.99
C HIS L 46 -38.21 -17.36 -15.82
N CYS L 47 -38.32 -18.67 -15.67
CA CYS L 47 -39.21 -19.46 -16.51
C CYS L 47 -40.66 -19.23 -16.11
N PRO L 48 -41.52 -18.75 -17.03
CA PRO L 48 -42.95 -18.68 -16.72
C PRO L 48 -43.59 -20.05 -16.85
N CYS L 49 -43.88 -20.70 -15.72
CA CYS L 49 -44.37 -22.08 -15.74
C CYS L 49 -45.85 -22.08 -16.11
N SER L 50 -46.10 -22.01 -17.42
CA SER L 50 -47.44 -22.02 -17.96
C SER L 50 -47.41 -22.64 -19.36
N PRO L 51 -48.41 -23.43 -19.73
CA PRO L 51 -48.43 -24.01 -21.08
C PRO L 51 -48.56 -22.94 -22.14
N ALA L 52 -47.93 -23.20 -23.29
CA ALA L 52 -47.93 -22.30 -24.45
C ALA L 52 -47.40 -20.92 -24.10
N ARG L 53 -46.63 -20.80 -23.03
CA ARG L 53 -46.15 -19.52 -22.53
C ARG L 53 -44.68 -19.49 -22.19
N ASN L 54 -44.06 -20.63 -21.90
CA ASN L 54 -42.66 -20.67 -21.51
C ASN L 54 -41.71 -20.87 -22.69
N TYR L 55 -42.25 -21.12 -23.89
CA TYR L 55 -41.41 -21.09 -25.09
C TYR L 55 -41.48 -19.77 -25.83
N LEU L 56 -42.58 -19.03 -25.68
CA LEU L 56 -42.61 -17.65 -26.14
C LEU L 56 -41.59 -16.81 -25.39
N TYR L 57 -41.51 -17.00 -24.06
CA TYR L 57 -40.47 -16.35 -23.29
C TYR L 57 -39.09 -16.85 -23.68
N GLY L 58 -38.95 -18.16 -23.88
CA GLY L 58 -37.66 -18.70 -24.28
C GLY L 58 -37.19 -18.18 -25.62
N LEU L 59 -38.11 -18.06 -26.57
CA LEU L 59 -37.77 -17.51 -27.88
C LEU L 59 -37.45 -16.02 -27.78
N ALA L 60 -38.02 -15.31 -26.81
CA ALA L 60 -37.79 -13.87 -26.67
C ALA L 60 -36.65 -13.53 -25.74
N ALA L 61 -36.41 -14.32 -24.70
CA ALA L 61 -35.29 -14.08 -23.80
C ALA L 61 -33.97 -14.57 -24.37
N ILE L 62 -34.00 -15.33 -25.47
CA ILE L 62 -32.79 -15.84 -26.12
C ILE L 62 -32.64 -15.29 -27.53
N GLY L 63 -33.74 -15.23 -28.29
CA GLY L 63 -33.66 -14.70 -29.65
C GLY L 63 -33.31 -13.23 -29.69
N VAL L 64 -33.95 -12.43 -28.83
CA VAL L 64 -33.68 -10.98 -28.82
C VAL L 64 -32.24 -10.67 -28.46
N PRO L 65 -31.65 -11.24 -27.39
CA PRO L 65 -30.22 -11.00 -27.16
C PRO L 65 -29.34 -11.45 -28.31
N ALA L 66 -29.74 -12.51 -29.03
CA ALA L 66 -28.99 -12.90 -30.22
C ALA L 66 -29.21 -11.91 -31.36
N LEU L 67 -30.43 -11.41 -31.51
CA LEU L 67 -30.72 -10.42 -32.54
C LEU L 67 -29.98 -9.11 -32.26
N VAL L 68 -29.94 -8.69 -30.99
CA VAL L 68 -29.24 -7.45 -30.64
C VAL L 68 -27.75 -7.59 -30.93
N LEU L 69 -27.15 -8.72 -30.56
CA LEU L 69 -25.74 -8.95 -30.86
C LEU L 69 -25.49 -9.03 -32.36
N PHE L 70 -26.44 -9.59 -33.12
CA PHE L 70 -26.29 -9.65 -34.57
C PHE L 70 -26.28 -8.26 -35.17
N ILE L 71 -27.15 -7.37 -34.69
CA ILE L 71 -27.18 -6.00 -35.19
C ILE L 71 -25.90 -5.27 -34.84
N ILE L 72 -25.40 -5.45 -33.62
CA ILE L 72 -24.15 -4.80 -33.21
C ILE L 72 -23.00 -5.25 -34.10
N GLY L 73 -22.99 -6.54 -34.48
CA GLY L 73 -21.95 -7.01 -35.37
C GLY L 73 -22.00 -6.37 -36.74
N ILE L 74 -23.21 -6.10 -37.24
CA ILE L 74 -23.35 -5.42 -38.52
C ILE L 74 -22.91 -3.97 -38.42
N ILE L 75 -23.33 -3.27 -37.35
CA ILE L 75 -23.09 -1.84 -37.25
C ILE L 75 -21.60 -1.54 -37.11
N LEU L 76 -20.92 -2.24 -36.21
CA LEU L 76 -19.52 -1.93 -35.93
C LEU L 76 -18.62 -2.29 -37.10
N ASN L 77 -18.95 -3.31 -37.86
CA ASN L 77 -18.13 -3.69 -39.01
C ASN L 77 -18.19 -2.61 -40.07
N ASN L 78 -17.03 -2.21 -40.59
CA ASN L 78 -16.95 -1.16 -41.59
C ASN L 78 -17.14 -1.65 -43.01
N HIS L 79 -17.14 -2.97 -43.23
CA HIS L 79 -17.31 -3.49 -44.58
C HIS L 79 -18.75 -3.39 -45.08
N THR L 80 -19.69 -3.01 -44.22
CA THR L 80 -21.06 -2.81 -44.67
C THR L 80 -21.34 -1.36 -45.06
N TRP L 81 -20.63 -0.40 -44.47
CA TRP L 81 -20.89 0.99 -44.78
C TRP L 81 -20.35 1.39 -46.14
N ASN L 82 -19.17 0.87 -46.51
CA ASN L 82 -18.69 1.09 -47.87
C ASN L 82 -19.46 0.26 -48.89
N LEU L 83 -20.06 -0.85 -48.46
CA LEU L 83 -21.00 -1.56 -49.32
C LEU L 83 -22.24 -0.71 -49.58
N VAL L 84 -22.75 -0.04 -48.53
CA VAL L 84 -23.84 0.90 -48.72
C VAL L 84 -23.38 2.08 -49.57
N ALA L 85 -22.14 2.52 -49.37
CA ALA L 85 -21.59 3.60 -50.19
C ALA L 85 -21.51 3.20 -51.65
N GLU L 86 -21.15 1.95 -51.94
CA GLU L 86 -21.11 1.49 -53.31
C GLU L 86 -22.50 1.53 -53.95
N CYS L 87 -23.53 1.13 -53.21
CA CYS L 87 -24.89 1.20 -53.69
C CYS L 87 -25.45 2.60 -53.69
N GLN L 88 -24.73 3.57 -53.12
CA GLN L 88 -25.22 4.95 -53.02
C GLN L 88 -24.84 5.78 -54.24
N HIS L 89 -23.55 5.91 -54.53
CA HIS L 89 -23.12 6.77 -55.62
C HIS L 89 -23.35 6.15 -57.00
N ARG L 90 -23.42 4.82 -57.10
CA ARG L 90 -23.72 4.20 -58.38
C ARG L 90 -25.19 4.38 -58.74
N ARG L 91 -26.08 4.17 -57.77
CA ARG L 91 -27.52 4.48 -57.86
C ARG L 91 -28.18 3.90 -59.12
N THR L 92 -27.55 2.89 -59.75
CA THR L 92 -28.11 2.32 -60.97
C THR L 92 -27.92 0.81 -61.01
N LYS L 93 -27.61 0.18 -59.87
CA LYS L 93 -27.33 -1.25 -59.79
C LYS L 93 -26.22 -1.66 -60.75
N ASN L 94 -25.14 -0.87 -60.78
CA ASN L 94 -24.05 -1.12 -61.71
C ASN L 94 -23.33 -2.42 -61.40
N CYS L 95 -22.96 -2.62 -60.14
CA CYS L 95 -22.18 -3.80 -59.76
C CYS L 95 -23.01 -5.07 -59.88
N SER L 96 -22.34 -6.15 -60.28
CA SER L 96 -22.99 -7.44 -60.44
C SER L 96 -23.19 -8.11 -59.09
N ALA L 97 -23.92 -9.23 -59.11
CA ALA L 97 -24.22 -9.95 -57.87
C ALA L 97 -23.02 -10.73 -57.35
N ALA L 98 -22.12 -11.15 -58.23
CA ALA L 98 -20.97 -11.96 -57.79
C ALA L 98 -20.07 -11.22 -56.81
N PRO L 99 -19.62 -9.99 -57.06
CA PRO L 99 -18.81 -9.30 -56.03
C PRO L 99 -19.59 -9.01 -54.76
N THR L 100 -20.89 -8.74 -54.87
CA THR L 100 -21.69 -8.41 -53.69
C THR L 100 -21.86 -9.62 -52.78
N PHE L 101 -21.96 -10.82 -53.35
CA PHE L 101 -22.16 -12.02 -52.54
C PHE L 101 -20.98 -12.24 -51.59
N LEU L 102 -19.77 -12.03 -52.08
CA LEU L 102 -18.60 -12.16 -51.22
C LEU L 102 -18.62 -11.12 -50.10
N LEU L 103 -18.98 -9.88 -50.42
CA LEU L 103 -18.99 -8.82 -49.41
C LEU L 103 -20.04 -9.09 -48.34
N LEU L 104 -21.24 -9.51 -48.75
CA LEU L 104 -22.29 -9.79 -47.77
C LEU L 104 -21.93 -10.97 -46.89
N SER L 105 -21.29 -11.99 -47.45
CA SER L 105 -20.86 -13.13 -46.64
C SER L 105 -19.84 -12.71 -45.60
N SER L 106 -18.91 -11.82 -45.97
CA SER L 106 -17.91 -11.35 -45.02
C SER L 106 -18.56 -10.58 -43.87
N ILE L 107 -19.57 -9.77 -44.19
CA ILE L 107 -20.26 -9.00 -43.15
C ILE L 107 -21.05 -9.93 -42.24
N LEU L 108 -21.78 -10.88 -42.83
CA LEU L 108 -22.59 -11.79 -42.02
C LEU L 108 -21.74 -12.82 -41.30
N GLY L 109 -20.58 -13.17 -41.86
CA GLY L 109 -19.68 -14.07 -41.16
C GLY L 109 -19.12 -13.47 -39.88
N ARG L 110 -18.69 -12.22 -39.95
CA ARG L 110 -18.21 -11.54 -38.75
C ARG L 110 -19.35 -11.27 -37.78
N ALA L 111 -20.52 -10.89 -38.29
CA ALA L 111 -21.64 -10.54 -37.43
C ALA L 111 -22.15 -11.75 -36.66
N ALA L 112 -22.26 -12.91 -37.32
CA ALA L 112 -22.85 -14.10 -36.72
C ALA L 112 -21.94 -14.80 -35.73
N VAL L 113 -20.79 -14.20 -35.39
CA VAL L 113 -19.93 -14.80 -34.37
C VAL L 113 -20.57 -14.69 -32.99
N ALA L 114 -21.18 -13.55 -32.69
CA ALA L 114 -21.76 -13.30 -31.37
C ALA L 114 -23.10 -14.02 -31.17
N PRO L 115 -24.05 -13.96 -32.11
CA PRO L 115 -25.29 -14.72 -31.90
C PRO L 115 -25.06 -16.21 -31.73
N VAL L 116 -24.11 -16.78 -32.47
CA VAL L 116 -23.83 -18.21 -32.34
C VAL L 116 -23.18 -18.51 -31.00
N THR L 117 -22.18 -17.72 -30.62
CA THR L 117 -21.52 -17.93 -29.33
C THR L 117 -22.43 -17.63 -28.16
N TRP L 118 -23.54 -16.91 -28.38
CA TRP L 118 -24.55 -16.73 -27.35
C TRP L 118 -25.61 -17.83 -27.40
N SER L 119 -25.98 -18.27 -28.61
CA SER L 119 -26.90 -19.40 -28.73
C SER L 119 -26.27 -20.68 -28.20
N VAL L 120 -24.96 -20.83 -28.36
CA VAL L 120 -24.26 -22.00 -27.83
C VAL L 120 -24.31 -22.02 -26.31
N ILE L 121 -23.96 -20.88 -25.69
CA ILE L 121 -23.98 -20.80 -24.23
C ILE L 121 -25.40 -20.97 -23.71
N SER L 122 -26.37 -20.37 -24.40
CA SER L 122 -27.77 -20.49 -23.97
C SER L 122 -28.24 -21.94 -24.01
N LEU L 123 -27.69 -22.75 -24.92
CA LEU L 123 -28.05 -24.16 -24.99
C LEU L 123 -27.27 -25.02 -24.01
N LEU L 124 -26.01 -24.69 -23.74
CA LEU L 124 -25.22 -25.49 -22.81
C LEU L 124 -25.74 -25.35 -21.38
N ARG L 125 -26.26 -24.19 -21.01
CA ARG L 125 -26.85 -24.04 -19.68
C ARG L 125 -28.05 -24.96 -19.52
N GLY L 126 -28.91 -25.03 -20.53
CA GLY L 126 -30.07 -25.88 -20.50
C GLY L 126 -31.33 -25.24 -19.98
N GLU L 127 -31.23 -24.11 -19.27
CA GLU L 127 -32.41 -23.49 -18.67
C GLU L 127 -33.39 -23.03 -19.73
N ALA L 128 -32.89 -22.45 -20.82
CA ALA L 128 -33.78 -21.93 -21.85
C ALA L 128 -34.54 -23.03 -22.59
N TYR L 129 -34.01 -24.25 -22.62
CA TYR L 129 -34.64 -25.35 -23.35
C TYR L 129 -35.51 -26.23 -22.46
N VAL L 130 -35.06 -26.53 -21.24
CA VAL L 130 -35.91 -27.28 -20.33
C VAL L 130 -37.16 -26.50 -19.99
N CYS L 131 -37.08 -25.17 -20.03
CA CYS L 131 -38.25 -24.33 -19.80
C CYS L 131 -39.17 -24.30 -21.01
N ALA L 132 -38.61 -24.40 -22.22
CA ALA L 132 -39.39 -24.23 -23.44
C ALA L 132 -40.12 -25.50 -23.87
N LEU L 133 -39.46 -26.66 -23.77
CA LEU L 133 -40.01 -27.90 -24.27
C LEU L 133 -40.58 -28.79 -23.17
N SER L 134 -40.73 -28.26 -21.95
CA SER L 134 -41.26 -29.08 -20.86
C SER L 134 -42.71 -29.48 -21.12
N GLU L 135 -43.51 -28.56 -21.65
CA GLU L 135 -44.92 -28.85 -21.87
C GLU L 135 -45.15 -29.87 -22.98
N PHE L 136 -44.15 -30.11 -23.82
CA PHE L 136 -44.28 -31.04 -24.93
C PHE L 136 -43.85 -32.47 -24.58
N VAL L 137 -43.40 -32.70 -23.34
CA VAL L 137 -42.98 -34.03 -22.93
C VAL L 137 -44.19 -34.96 -22.88
N ASP L 138 -44.07 -36.12 -23.52
CA ASP L 138 -45.20 -37.02 -23.67
C ASP L 138 -45.29 -37.88 -22.41
N PRO L 139 -46.40 -37.82 -21.66
CA PRO L 139 -46.51 -38.64 -20.44
C PRO L 139 -46.46 -40.14 -20.69
N SER L 140 -46.94 -40.60 -21.84
CA SER L 140 -47.00 -42.04 -22.10
C SER L 140 -45.60 -42.63 -22.25
N SER L 141 -44.68 -41.89 -22.86
CA SER L 141 -43.32 -42.37 -23.07
C SER L 141 -42.43 -42.18 -21.84
N LEU L 142 -42.94 -41.54 -20.80
CA LEU L 142 -42.15 -41.30 -19.60
C LEU L 142 -41.91 -42.59 -18.84
N THR L 143 -40.85 -42.60 -18.04
CA THR L 143 -40.34 -43.82 -17.42
C THR L 143 -39.78 -43.43 -16.05
N ALA L 144 -38.94 -44.30 -15.48
CA ALA L 144 -38.31 -44.16 -14.17
C ALA L 144 -39.31 -44.24 -13.02
N ARG L 145 -40.54 -44.66 -13.29
CA ARG L 145 -41.59 -44.80 -12.28
C ARG L 145 -42.79 -45.46 -12.95
N GLU L 146 -43.61 -46.12 -12.14
CA GLU L 146 -44.85 -46.67 -12.65
C GLU L 146 -45.76 -45.53 -13.11
N GLU L 147 -46.78 -45.87 -13.90
CA GLU L 147 -47.61 -44.85 -14.52
C GLU L 147 -48.53 -44.20 -13.50
N HIS L 148 -47.96 -43.44 -12.58
CA HIS L 148 -48.72 -42.65 -11.61
C HIS L 148 -48.93 -41.22 -12.06
N PHE L 149 -48.47 -40.85 -13.25
CA PHE L 149 -48.60 -39.47 -13.70
C PHE L 149 -50.05 -39.18 -14.04
N PRO L 150 -50.64 -38.13 -13.48
CA PRO L 150 -52.05 -37.82 -13.77
C PRO L 150 -52.26 -37.46 -15.23
N SER L 151 -53.44 -37.83 -15.73
CA SER L 151 -53.83 -37.51 -17.10
C SER L 151 -54.92 -36.44 -17.16
N ALA L 152 -55.23 -35.80 -16.03
CA ALA L 152 -56.26 -34.77 -16.02
C ALA L 152 -55.83 -33.55 -16.83
N HIS L 153 -54.75 -32.90 -16.41
CA HIS L 153 -54.16 -31.78 -17.14
C HIS L 153 -52.68 -32.08 -17.28
N ALA L 154 -52.34 -32.90 -18.27
CA ALA L 154 -50.95 -33.31 -18.43
C ALA L 154 -50.05 -32.12 -18.74
N THR L 155 -50.52 -31.22 -19.62
CA THR L 155 -49.71 -30.06 -19.99
C THR L 155 -49.48 -29.14 -18.81
N GLU L 156 -50.49 -28.94 -17.96
CA GLU L 156 -50.37 -28.00 -16.86
C GLU L 156 -49.35 -28.46 -15.83
N ILE L 157 -49.38 -29.74 -15.44
CA ILE L 157 -48.44 -30.22 -14.45
C ILE L 157 -47.02 -30.26 -15.03
N LEU L 158 -46.89 -30.69 -16.29
CA LEU L 158 -45.57 -30.78 -16.90
C LEU L 158 -44.91 -29.42 -17.02
N ALA L 159 -45.68 -28.40 -17.42
CA ALA L 159 -45.10 -27.08 -17.67
C ALA L 159 -44.54 -26.44 -16.41
N ARG L 160 -45.01 -26.83 -15.23
CA ARG L 160 -44.58 -26.21 -13.98
C ARG L 160 -43.36 -26.88 -13.36
N PHE L 161 -42.78 -27.88 -14.03
CA PHE L 161 -41.60 -28.54 -13.49
C PHE L 161 -40.40 -27.61 -13.28
N PRO L 162 -40.04 -26.72 -14.22
CA PRO L 162 -38.85 -25.88 -14.00
C PRO L 162 -38.94 -24.99 -12.77
N CYS L 163 -40.13 -24.65 -12.30
CA CYS L 163 -40.29 -23.78 -11.14
C CYS L 163 -40.31 -24.54 -9.82
N LYS L 164 -40.13 -25.86 -9.84
CA LYS L 164 -40.13 -26.72 -8.66
C LYS L 164 -41.52 -26.75 -8.00
N GLU L 165 -42.53 -26.20 -8.66
CA GLU L 165 -43.91 -26.22 -8.15
C GLU L 165 -44.60 -27.53 -8.54
N ASN L 166 -44.00 -28.62 -8.07
CA ASN L 166 -44.47 -29.97 -8.35
C ASN L 166 -44.73 -30.73 -7.04
N PRO L 167 -45.81 -31.51 -6.98
CA PRO L 167 -46.03 -32.36 -5.80
C PRO L 167 -44.92 -33.39 -5.65
N ASP L 168 -44.64 -33.75 -4.40
CA ASP L 168 -43.55 -34.67 -4.11
C ASP L 168 -43.83 -36.09 -4.59
N ASN L 169 -45.08 -36.41 -4.95
CA ASN L 169 -45.37 -37.72 -5.52
C ASN L 169 -44.95 -37.84 -6.97
N LEU L 170 -44.54 -36.74 -7.60
CA LEU L 170 -44.04 -36.74 -8.97
C LEU L 170 -42.60 -36.26 -9.05
N SER L 171 -41.87 -36.29 -7.94
CA SER L 171 -40.49 -35.81 -7.93
C SER L 171 -39.60 -36.66 -8.83
N ASP L 172 -39.79 -37.99 -8.81
CA ASP L 172 -39.06 -38.84 -9.74
C ASP L 172 -39.38 -38.46 -11.17
N PHE L 173 -40.65 -38.15 -11.43
CA PHE L 173 -41.08 -37.77 -12.77
C PHE L 173 -40.47 -36.42 -13.16
N ARG L 174 -40.35 -35.51 -12.19
CA ARG L 174 -39.74 -34.21 -12.44
C ARG L 174 -38.28 -34.32 -12.84
N GLU L 175 -37.51 -35.12 -12.10
CA GLU L 175 -36.07 -35.23 -12.38
C GLU L 175 -35.82 -35.98 -13.68
N GLU L 176 -36.70 -36.94 -14.02
CA GLU L 176 -36.54 -37.66 -15.28
C GLU L 176 -36.74 -36.72 -16.46
N VAL L 177 -37.74 -35.84 -16.38
CA VAL L 177 -37.99 -34.90 -17.47
C VAL L 177 -36.90 -33.83 -17.52
N SER L 178 -36.48 -33.33 -16.35
CA SER L 178 -35.45 -32.30 -16.33
C SER L 178 -34.13 -32.81 -16.89
N ARG L 179 -33.73 -34.03 -16.52
CA ARG L 179 -32.48 -34.59 -17.03
C ARG L 179 -32.56 -34.90 -18.51
N ARG L 180 -33.73 -35.32 -19.01
CA ARG L 180 -33.86 -35.61 -20.43
C ARG L 180 -33.76 -34.33 -21.26
N LEU L 181 -34.50 -33.30 -20.87
CA LEU L 181 -34.50 -32.05 -21.64
C LEU L 181 -33.14 -31.37 -21.57
N ARG L 182 -32.51 -31.37 -20.39
CA ARG L 182 -31.19 -30.76 -20.27
C ARG L 182 -30.16 -31.52 -21.09
N TYR L 183 -30.37 -32.82 -21.30
CA TYR L 183 -29.51 -33.56 -22.21
C TYR L 183 -29.64 -33.06 -23.63
N GLU L 184 -30.89 -32.87 -24.09
CA GLU L 184 -31.11 -32.37 -25.45
C GLU L 184 -30.56 -30.96 -25.63
N SER L 185 -30.74 -30.12 -24.61
CA SER L 185 -30.22 -28.76 -24.70
C SER L 185 -28.70 -28.74 -24.86
N GLN L 186 -28.00 -29.57 -24.09
CA GLN L 186 -26.56 -29.65 -24.24
C GLN L 186 -26.16 -30.40 -25.50
N LEU L 187 -26.97 -31.37 -25.93
CA LEU L 187 -26.66 -32.10 -27.16
C LEU L 187 -26.67 -31.17 -28.36
N PHE L 188 -27.68 -30.29 -28.46
CA PHE L 188 -27.69 -29.31 -29.53
C PHE L 188 -26.60 -28.26 -29.35
N GLY L 189 -26.13 -28.04 -28.13
CA GLY L 189 -25.05 -27.10 -27.91
C GLY L 189 -23.74 -27.58 -28.52
N TRP L 190 -23.44 -28.87 -28.37
CA TRP L 190 -22.21 -29.41 -28.93
C TRP L 190 -22.30 -29.58 -30.45
N LEU L 191 -23.47 -29.97 -30.95
CA LEU L 191 -23.65 -30.10 -32.40
C LEU L 191 -23.51 -28.75 -33.08
N LEU L 192 -24.04 -27.69 -32.47
CA LEU L 192 -23.87 -26.35 -33.01
C LEU L 192 -22.40 -25.94 -33.00
N ILE L 193 -21.68 -26.26 -31.92
CA ILE L 193 -20.25 -25.99 -31.88
C ILE L 193 -19.52 -26.77 -32.96
N GLY L 194 -19.87 -28.05 -33.11
CA GLY L 194 -19.21 -28.87 -34.11
C GLY L 194 -19.49 -28.39 -35.53
N VAL L 195 -20.75 -28.03 -35.82
CA VAL L 195 -21.08 -27.53 -37.14
C VAL L 195 -20.37 -26.22 -37.43
N VAL L 196 -20.37 -25.30 -36.46
CA VAL L 196 -19.71 -24.01 -36.64
C VAL L 196 -18.21 -24.20 -36.85
N ALA L 197 -17.60 -25.06 -36.04
CA ALA L 197 -16.16 -25.31 -36.18
C ALA L 197 -15.84 -25.91 -37.55
N ILE L 198 -16.72 -26.76 -38.08
CA ILE L 198 -16.50 -27.33 -39.41
C ILE L 198 -16.68 -26.25 -40.47
N LEU L 199 -17.73 -25.43 -40.35
CA LEU L 199 -17.96 -24.38 -41.35
C LEU L 199 -16.84 -23.35 -41.35
N VAL L 200 -16.28 -23.04 -40.18
CA VAL L 200 -15.13 -22.14 -40.13
C VAL L 200 -13.95 -22.76 -40.87
N PHE L 201 -13.69 -24.04 -40.63
CA PHE L 201 -12.61 -24.73 -41.33
C PHE L 201 -12.91 -24.83 -42.82
N LEU L 202 -14.15 -25.17 -43.19
CA LEU L 202 -14.49 -25.32 -44.60
C LEU L 202 -14.42 -23.99 -45.33
N THR L 203 -14.91 -22.91 -44.70
CA THR L 203 -14.85 -21.60 -45.33
C THR L 203 -13.42 -21.14 -45.53
N LYS L 204 -12.58 -21.28 -44.51
CA LYS L 204 -11.20 -20.84 -44.61
C LYS L 204 -10.40 -21.70 -45.58
N CYS L 205 -10.77 -22.98 -45.72
CA CYS L 205 -10.10 -23.83 -46.71
C CYS L 205 -10.44 -23.41 -48.12
N LEU L 206 -11.70 -23.04 -48.38
CA LEU L 206 -12.10 -22.58 -49.69
C LEU L 206 -11.61 -21.16 -49.97
N LYS L 207 -11.48 -20.34 -48.94
CA LYS L 207 -11.03 -18.97 -49.13
C LYS L 207 -9.63 -18.92 -49.70
N HIS L 208 -8.73 -19.77 -49.20
CA HIS L 208 -7.37 -19.79 -49.71
C HIS L 208 -7.26 -20.50 -51.06
N TYR L 209 -8.08 -21.52 -51.29
CA TYR L 209 -7.99 -22.26 -52.55
C TYR L 209 -8.57 -21.46 -53.70
N CYS L 210 -9.71 -20.81 -53.50
CA CYS L 210 -10.38 -20.09 -54.57
C CYS L 210 -9.82 -18.70 -54.82
N SER L 211 -9.04 -18.15 -53.88
CA SER L 211 -8.45 -16.85 -54.12
C SER L 211 -7.26 -16.97 -55.06
N PRO L 212 -7.01 -15.96 -55.89
CA PRO L 212 -5.86 -16.00 -56.79
C PRO L 212 -4.55 -15.57 -56.16
N LEU L 213 -4.58 -15.07 -54.92
CA LEU L 213 -3.39 -14.60 -54.25
C LEU L 213 -2.80 -15.67 -53.35
N SER L 214 -1.49 -15.59 -53.16
CA SER L 214 -0.82 -16.47 -52.22
C SER L 214 -1.25 -16.14 -50.79
N TYR L 215 -1.14 -17.14 -49.92
CA TYR L 215 -1.54 -16.94 -48.53
C TYR L 215 -0.62 -16.00 -47.78
N ARG L 216 0.54 -15.66 -48.34
CA ARG L 216 1.43 -14.67 -47.75
C ARG L 216 1.11 -13.25 -48.21
N GLN L 217 0.76 -13.07 -49.49
CA GLN L 217 0.42 -11.75 -49.98
C GLN L 217 -0.83 -11.22 -49.30
N GLU L 218 -1.83 -12.09 -49.07
CA GLU L 218 -3.01 -11.68 -48.32
C GLU L 218 -2.63 -11.31 -46.89
N ALA L 219 -1.67 -11.99 -46.30
CA ALA L 219 -1.18 -11.60 -44.98
C ALA L 219 -0.49 -10.25 -45.02
N TYR L 220 0.26 -9.97 -46.09
CA TYR L 220 0.85 -8.64 -46.26
C TYR L 220 -0.24 -7.61 -46.56
N TRP L 221 -1.24 -7.99 -47.35
CA TRP L 221 -2.34 -7.08 -47.64
C TRP L 221 -3.10 -6.72 -46.38
N ALA L 222 -3.36 -7.69 -45.52
CA ALA L 222 -4.06 -7.41 -44.27
C ALA L 222 -3.22 -6.56 -43.32
N GLN L 223 -1.91 -6.64 -43.44
CA GLN L 223 -1.03 -5.77 -42.65
C GLN L 223 -0.96 -4.35 -43.21
N TYR L 224 -1.40 -4.14 -44.45
CA TYR L 224 -1.47 -2.81 -45.02
C TYR L 224 -2.78 -2.11 -44.71
N ARG L 225 -3.90 -2.83 -44.84
CA ARG L 225 -5.20 -2.24 -44.51
C ARG L 225 -5.28 -1.89 -43.03
N ALA L 226 -4.64 -2.66 -42.17
CA ALA L 226 -4.58 -2.30 -40.76
C ALA L 226 -3.77 -1.03 -40.55
N ASN L 227 -2.66 -0.88 -41.26
CA ASN L 227 -1.82 0.30 -41.10
C ASN L 227 -2.45 1.53 -41.73
N GLU L 228 -3.02 1.38 -42.94
CA GLU L 228 -3.63 2.53 -43.60
C GLU L 228 -4.81 3.06 -42.80
N ASP L 229 -5.67 2.17 -42.32
CA ASP L 229 -6.82 2.62 -41.53
C ASP L 229 -6.38 3.29 -40.24
N GLN L 230 -5.36 2.75 -39.57
CA GLN L 230 -4.87 3.35 -38.33
C GLN L 230 -4.25 4.72 -38.61
N LEU L 231 -3.40 4.82 -39.63
CA LEU L 231 -2.78 6.09 -39.95
C LEU L 231 -3.80 7.10 -40.44
N PHE L 232 -4.74 6.68 -41.29
CA PHE L 232 -5.72 7.62 -41.83
C PHE L 232 -6.61 8.21 -40.76
N GLN L 233 -6.88 7.46 -39.70
CA GLN L 233 -7.67 8.00 -38.59
C GLN L 233 -6.86 8.96 -37.73
N ARG L 234 -5.56 8.73 -37.59
CA ARG L 234 -4.74 9.60 -36.76
C ARG L 234 -4.51 10.95 -37.44
N THR L 235 -4.22 10.95 -38.75
CA THR L 235 -4.02 12.21 -39.45
C THR L 235 -5.33 12.96 -39.62
N ALA L 236 -6.44 12.25 -39.75
CA ALA L 236 -7.74 12.93 -39.85
C ALA L 236 -8.04 13.72 -38.58
N GLU L 237 -7.74 13.16 -37.41
CA GLU L 237 -7.89 13.90 -36.18
C GLU L 237 -6.93 15.09 -36.12
N VAL L 238 -5.68 14.88 -36.55
CA VAL L 238 -4.71 15.96 -36.52
C VAL L 238 -5.03 17.03 -37.55
N HIS L 239 -5.42 16.62 -38.76
CA HIS L 239 -5.77 17.60 -39.78
C HIS L 239 -6.98 18.41 -39.36
N SER L 240 -8.00 17.76 -38.79
CA SER L 240 -9.17 18.49 -38.32
C SER L 240 -8.82 19.41 -37.15
N ARG L 241 -7.97 18.94 -36.23
CA ARG L 241 -7.59 19.76 -35.09
C ARG L 241 -6.81 21.00 -35.54
N VAL L 242 -5.90 20.85 -36.49
CA VAL L 242 -5.18 22.00 -37.01
C VAL L 242 -6.13 22.93 -37.75
N LEU L 243 -7.05 22.37 -38.53
CA LEU L 243 -8.04 23.20 -39.21
C LEU L 243 -8.94 23.91 -38.22
N ALA L 244 -9.36 23.20 -37.16
CA ALA L 244 -10.20 23.84 -36.15
C ALA L 244 -9.46 24.93 -35.40
N ALA L 245 -8.14 24.78 -35.22
CA ALA L 245 -7.36 25.81 -34.55
C ALA L 245 -7.28 27.08 -35.38
N ASN L 246 -7.21 26.95 -36.71
CA ASN L 246 -7.15 28.14 -37.56
C ASN L 246 -8.46 28.92 -37.50
N ASN L 247 -9.59 28.22 -37.40
CA ASN L 247 -10.87 28.91 -37.35
C ASN L 247 -11.06 29.64 -36.03
N VAL L 248 -10.62 29.03 -34.92
CA VAL L 248 -10.71 29.71 -33.63
C VAL L 248 -9.76 30.89 -33.58
N ARG L 249 -8.56 30.74 -34.15
CA ARG L 249 -7.60 31.83 -34.18
C ARG L 249 -8.15 33.02 -34.95
N ARG L 250 -8.86 32.76 -36.05
CA ARG L 250 -9.49 33.83 -36.81
C ARG L 250 -10.55 34.56 -35.99
N PHE L 251 -11.08 33.94 -34.94
CA PHE L 251 -12.15 34.51 -34.15
C PHE L 251 -11.62 35.31 -32.96
N PHE L 252 -10.78 34.68 -32.13
CA PHE L 252 -10.28 35.33 -30.92
C PHE L 252 -8.95 36.02 -31.12
N GLY L 253 -8.15 35.58 -32.10
CA GLY L 253 -6.82 36.09 -32.29
C GLY L 253 -5.72 35.18 -31.75
N PHE L 254 -6.09 34.13 -31.02
CA PHE L 254 -5.13 33.18 -30.49
C PHE L 254 -5.85 31.89 -30.17
N VAL L 255 -5.09 30.82 -30.02
CA VAL L 255 -5.63 29.51 -29.67
C VAL L 255 -4.96 29.04 -28.39
N ALA L 256 -5.76 28.58 -27.43
CA ALA L 256 -5.25 28.02 -26.19
C ALA L 256 -4.96 26.55 -26.43
N LEU L 257 -3.70 26.22 -26.69
CA LEU L 257 -3.29 24.88 -27.05
C LEU L 257 -2.45 24.27 -25.94
N ASN L 258 -2.52 22.94 -25.84
CA ASN L 258 -1.70 22.22 -24.88
C ASN L 258 -0.25 22.21 -25.34
N LYS L 259 0.60 21.52 -24.57
CA LYS L 259 2.01 21.42 -24.94
C LYS L 259 2.18 20.65 -26.25
N ASP L 260 1.45 19.54 -26.41
CA ASP L 260 1.57 18.75 -27.62
C ASP L 260 0.82 19.37 -28.80
N ASP L 261 -0.29 20.05 -28.54
CA ASP L 261 -1.05 20.65 -29.63
C ASP L 261 -0.26 21.73 -30.35
N GLU L 262 0.61 22.44 -29.63
CA GLU L 262 1.47 23.43 -30.28
C GLU L 262 2.41 22.78 -31.29
N GLU L 263 2.84 21.55 -31.02
CA GLU L 263 3.65 20.82 -31.98
C GLU L 263 2.87 20.54 -33.25
N LEU L 264 1.60 20.18 -33.12
CA LEU L 264 0.77 19.87 -34.28
C LEU L 264 0.61 21.07 -35.19
N ILE L 265 0.36 22.25 -34.61
CA ILE L 265 0.15 23.45 -35.41
C ILE L 265 1.44 23.86 -36.12
N ALA L 266 2.59 23.54 -35.55
CA ALA L 266 3.87 23.88 -36.15
C ALA L 266 4.33 22.83 -37.17
N ASN L 267 4.29 21.55 -36.79
CA ASN L 267 4.76 20.50 -37.68
C ASN L 267 3.85 20.32 -38.89
N PHE L 268 2.54 20.42 -38.69
CA PHE L 268 1.55 20.11 -39.73
C PHE L 268 0.68 21.33 -39.99
N PRO L 269 1.08 22.20 -40.91
CA PRO L 269 0.21 23.33 -41.28
C PRO L 269 -0.75 22.97 -42.40
N VAL L 270 -2.04 23.13 -42.17
CA VAL L 270 -3.03 22.88 -43.21
C VAL L 270 -3.27 24.17 -43.98
N GLU L 271 -3.73 24.04 -45.20
CA GLU L 271 -3.97 25.19 -46.07
C GLU L 271 -5.38 25.24 -46.60
N GLY L 272 -6.00 24.09 -46.89
CA GLY L 272 -7.35 24.04 -47.36
C GLY L 272 -8.07 22.78 -46.91
N THR L 273 -9.16 22.43 -47.60
CA THR L 273 -9.90 21.22 -47.31
C THR L 273 -10.00 20.37 -48.56
N GLN L 274 -9.97 19.06 -48.37
CA GLN L 274 -10.06 18.14 -49.50
C GLN L 274 -11.46 18.17 -50.08
N PRO L 275 -11.60 18.35 -51.39
CA PRO L 275 -12.94 18.42 -52.00
C PRO L 275 -13.70 17.12 -51.82
N ARG L 276 -15.03 17.23 -51.97
CA ARG L 276 -15.87 16.04 -51.84
C ARG L 276 -15.53 14.94 -52.84
N PRO L 277 -15.29 15.22 -54.13
CA PRO L 277 -14.90 14.12 -55.04
C PRO L 277 -13.62 13.42 -54.61
N GLN L 278 -12.70 14.12 -53.96
CA GLN L 278 -11.51 13.45 -53.43
C GLN L 278 -11.86 12.51 -52.30
N TRP L 279 -12.86 12.86 -51.49
CA TRP L 279 -13.33 11.95 -50.45
C TRP L 279 -14.15 10.80 -51.03
N ASN L 280 -14.88 11.04 -52.12
CA ASN L 280 -15.69 9.98 -52.72
C ASN L 280 -14.84 8.94 -53.44
N ALA L 281 -13.61 9.28 -53.81
CA ALA L 281 -12.75 8.35 -54.52
C ALA L 281 -12.07 7.34 -53.60
N ILE L 282 -12.23 7.47 -52.28
CA ILE L 282 -11.59 6.56 -51.34
C ILE L 282 -12.58 5.72 -50.54
N THR L 283 -13.89 5.96 -50.69
CA THR L 283 -14.90 5.20 -49.98
C THR L 283 -15.58 4.24 -50.93
N GLY L 284 -15.65 2.98 -50.53
CA GLY L 284 -16.27 1.95 -51.36
C GLY L 284 -15.57 0.63 -51.18
N VAL L 285 -16.09 -0.37 -51.86
CA VAL L 285 -15.54 -1.73 -51.82
C VAL L 285 -14.48 -1.86 -52.91
N TYR L 286 -13.32 -2.39 -52.54
CA TYR L 286 -12.20 -2.56 -53.45
C TYR L 286 -11.81 -4.03 -53.51
N LEU L 287 -11.59 -4.55 -54.72
CA LEU L 287 -11.22 -5.96 -54.91
C LEU L 287 -9.98 -6.04 -55.80
N TYR L 288 -8.81 -5.84 -55.19
CA TYR L 288 -7.50 -6.19 -55.73
C TYR L 288 -7.32 -5.99 -57.24
N ARG L 289 -7.40 -4.77 -57.72
CA ARG L 289 -6.98 -4.50 -59.08
C ARG L 289 -5.45 -4.49 -59.15
N GLU L 290 -4.90 -4.21 -60.33
CA GLU L 290 -3.46 -4.31 -60.53
C GLU L 290 -3.07 -3.47 -61.74
N ASN L 291 -2.11 -2.59 -61.57
CA ASN L 291 -1.69 -1.66 -62.61
C ASN L 291 -0.23 -1.90 -62.97
N GLN L 292 0.03 -2.10 -64.27
CA GLN L 292 1.38 -2.28 -64.81
C GLN L 292 2.12 -3.42 -64.12
N GLY L 293 1.39 -4.44 -63.67
CA GLY L 293 1.99 -5.56 -62.99
C GLY L 293 2.30 -5.34 -61.53
N LEU L 294 2.05 -4.15 -61.00
CA LEU L 294 2.27 -3.83 -59.61
C LEU L 294 0.94 -3.70 -58.88
N PRO L 295 0.74 -4.43 -57.79
CA PRO L 295 -0.59 -4.47 -57.17
C PRO L 295 -0.97 -3.15 -56.50
N LEU L 296 -2.28 -2.98 -56.35
CA LEU L 296 -2.86 -1.88 -55.57
C LEU L 296 -3.70 -2.50 -54.46
N TYR L 297 -3.46 -2.07 -53.23
CA TYR L 297 -4.03 -2.75 -52.06
C TYR L 297 -5.23 -2.02 -51.46
N SER L 298 -5.57 -0.83 -51.95
CA SER L 298 -6.75 -0.11 -51.48
C SER L 298 -7.05 0.99 -52.47
N ARG L 299 -8.29 1.49 -52.43
CA ARG L 299 -8.65 2.59 -53.32
C ARG L 299 -8.03 3.91 -52.89
N LEU L 300 -7.45 3.99 -51.69
CA LEU L 300 -6.58 5.12 -51.38
C LEU L 300 -5.24 4.97 -52.11
N HIS L 301 -4.70 3.75 -52.14
CA HIS L 301 -3.53 3.48 -52.97
C HIS L 301 -3.87 3.66 -54.44
N LYS L 302 -5.04 3.18 -54.86
CA LYS L 302 -5.49 3.38 -56.24
C LYS L 302 -5.63 4.85 -56.58
N TRP L 303 -6.15 5.64 -55.63
CA TRP L 303 -6.27 7.08 -55.86
C TRP L 303 -4.91 7.76 -55.82
N ALA L 304 -4.04 7.35 -54.89
CA ALA L 304 -2.75 7.99 -54.75
C ALA L 304 -1.88 7.85 -55.98
N GLN L 305 -2.12 6.81 -56.79
CA GLN L 305 -1.42 6.65 -58.06
C GLN L 305 -2.05 7.46 -59.18
N GLY L 306 -3.16 8.14 -58.91
CA GLY L 306 -3.84 8.90 -59.95
C GLY L 306 -4.72 8.07 -60.86
N LEU L 307 -5.11 6.87 -60.43
CA LEU L 307 -5.91 5.98 -61.26
C LEU L 307 -7.41 6.07 -60.96
N ALA L 308 -7.82 6.96 -60.07
CA ALA L 308 -9.22 7.10 -59.71
C ALA L 308 -9.86 8.34 -60.34
N GLY L 309 -9.27 9.51 -60.14
CA GLY L 309 -9.81 10.74 -60.69
C GLY L 309 -9.53 10.91 -62.16
N ASP L 315 -17.67 20.33 -63.50
CA ASP L 315 -18.43 21.15 -64.44
C ASP L 315 -19.75 21.52 -63.79
N ASN L 316 -20.43 20.53 -63.22
CA ASN L 316 -21.71 20.72 -62.54
C ASN L 316 -21.45 21.01 -61.06
N VAL L 317 -22.03 22.09 -60.56
CA VAL L 317 -21.84 22.51 -59.18
C VAL L 317 -22.97 21.94 -58.33
N GLU L 318 -22.61 21.26 -57.25
CA GLU L 318 -23.56 20.62 -56.36
C GLU L 318 -23.46 21.22 -54.97
N MET L 319 -24.61 21.34 -54.31
CA MET L 319 -24.75 21.79 -52.92
C MET L 319 -23.78 22.92 -52.58
N ALA L 320 -23.88 23.98 -53.36
CA ALA L 320 -23.05 25.16 -53.12
C ALA L 320 -23.72 26.08 -52.10
N LEU L 321 -22.89 26.86 -51.41
CA LEU L 321 -23.41 27.81 -50.43
C LEU L 321 -24.24 28.89 -51.10
N LEU L 322 -23.72 29.47 -52.17
CA LEU L 322 -24.32 30.57 -52.89
C LEU L 322 -24.31 30.31 -54.38
N PRO L 323 -25.24 30.92 -55.13
CA PRO L 323 -25.33 30.63 -56.57
C PRO L 323 -24.10 31.03 -57.34
N SER L 324 -24.08 30.75 -58.65
CA SER L 324 -22.93 31.03 -59.50
C SER L 324 -22.45 32.47 -59.35
N ALA L 325 -21.16 32.70 -59.56
CA ALA L 325 -20.59 34.03 -59.35
C ALA L 325 -21.31 35.08 -60.16
N LEU L 326 -21.86 34.70 -61.31
CA LEU L 326 -22.65 35.64 -62.12
C LEU L 326 -23.95 36.02 -61.41
N GLU L 327 -24.56 35.08 -60.68
CA GLU L 327 -25.79 35.41 -59.94
C GLU L 327 -25.51 36.22 -58.67
N VAL L 328 -24.30 36.14 -58.13
CA VAL L 328 -23.98 36.94 -56.94
C VAL L 328 -24.00 38.42 -57.27
N LEU L 329 -23.60 38.78 -58.49
CA LEU L 329 -23.51 40.19 -58.87
C LEU L 329 -24.87 40.87 -58.79
N PHE L 330 -25.93 40.16 -59.15
CA PHE L 330 -27.26 40.76 -59.22
C PHE L 330 -27.97 40.66 -57.87
N GLN M 5 4.71 -15.98 -77.57
CA GLN M 5 4.20 -16.81 -78.64
C GLN M 5 4.11 -15.96 -79.92
N VAL M 6 3.88 -14.67 -79.75
CA VAL M 6 4.07 -13.68 -80.81
C VAL M 6 5.20 -12.74 -80.40
N GLN M 7 6.23 -12.67 -81.23
CA GLN M 7 7.29 -11.68 -81.12
C GLN M 7 7.14 -10.71 -82.30
N LEU M 8 7.18 -9.42 -82.02
CA LEU M 8 6.99 -8.40 -83.04
C LEU M 8 8.35 -7.96 -83.56
N VAL M 9 8.49 -7.95 -84.88
CA VAL M 9 9.73 -7.56 -85.55
C VAL M 9 9.56 -6.17 -86.11
N GLU M 10 10.49 -5.28 -85.80
CA GLU M 10 10.42 -3.88 -86.20
C GLU M 10 11.72 -3.46 -86.86
N SER M 11 11.61 -2.54 -87.82
CA SER M 11 12.76 -2.02 -88.53
C SER M 11 12.40 -0.66 -89.12
N GLY M 12 13.43 0.09 -89.51
CA GLY M 12 13.22 1.39 -90.11
C GLY M 12 13.82 2.54 -89.33
N GLY M 13 14.62 2.23 -88.31
CA GLY M 13 15.22 3.28 -87.51
C GLY M 13 16.29 4.04 -88.28
N GLY M 14 16.48 5.29 -87.90
CA GLY M 14 17.45 6.13 -88.56
C GLY M 14 17.40 7.54 -88.02
N SER M 15 18.22 8.40 -88.62
CA SER M 15 18.32 9.81 -88.23
C SER M 15 17.92 10.66 -89.43
N VAL M 16 16.73 11.24 -89.38
CA VAL M 16 16.23 12.13 -90.42
C VAL M 16 15.86 13.46 -89.78
N GLN M 17 16.35 14.56 -90.34
CA GLN M 17 16.11 15.87 -89.78
C GLN M 17 14.64 16.26 -89.98
N ALA M 18 14.29 17.45 -89.52
CA ALA M 18 12.91 17.91 -89.56
C ALA M 18 12.41 18.04 -91.00
N GLY M 19 11.14 17.72 -91.21
CA GLY M 19 10.53 17.82 -92.51
C GLY M 19 10.74 16.65 -93.44
N GLY M 20 11.35 15.56 -92.97
CA GLY M 20 11.65 14.42 -93.80
C GLY M 20 10.44 13.50 -93.99
N SER M 21 10.72 12.33 -94.56
CA SER M 21 9.75 11.25 -94.66
C SER M 21 10.35 9.98 -94.05
N LEU M 22 9.57 9.31 -93.20
CA LEU M 22 10.03 8.08 -92.57
C LEU M 22 8.88 7.08 -92.53
N ARG M 23 9.22 5.80 -92.65
CA ARG M 23 8.27 4.70 -92.54
C ARG M 23 8.85 3.63 -91.63
N LEU M 24 8.02 3.09 -90.74
CA LEU M 24 8.42 2.04 -89.82
C LEU M 24 7.62 0.78 -90.10
N SER M 25 8.31 -0.35 -90.14
CA SER M 25 7.70 -1.65 -90.37
C SER M 25 7.63 -2.42 -89.06
N CYS M 26 6.44 -2.90 -88.70
CA CYS M 26 6.25 -3.77 -87.55
C CYS M 26 5.72 -5.10 -88.05
N ALA M 27 6.56 -6.14 -88.00
CA ALA M 27 6.20 -7.47 -88.46
C ALA M 27 5.85 -8.34 -87.26
N ALA M 28 4.64 -8.90 -87.28
CA ALA M 28 4.14 -9.75 -86.21
C ALA M 28 4.16 -11.20 -86.67
N SER M 29 4.73 -12.07 -85.85
CA SER M 29 4.87 -13.50 -86.18
C SER M 29 4.10 -14.33 -85.17
N GLY M 30 3.24 -15.21 -85.67
CA GLY M 30 2.47 -16.08 -84.81
C GLY M 30 0.98 -16.05 -85.07
N ASN M 31 0.18 -16.34 -84.05
CA ASN M 31 -1.28 -16.32 -84.17
C ASN M 31 -1.74 -14.88 -83.97
N ILE M 32 -2.18 -14.25 -85.06
CA ILE M 32 -2.61 -12.87 -85.05
C ILE M 32 -4.11 -12.74 -85.27
N ARG M 33 -4.84 -13.86 -85.21
CA ARG M 33 -6.26 -13.84 -85.51
C ARG M 33 -7.07 -13.16 -84.41
N ASN M 34 -6.77 -13.48 -83.15
CA ASN M 34 -7.52 -12.95 -82.02
C ASN M 34 -7.08 -11.54 -81.64
N ILE M 35 -5.99 -11.04 -82.23
CA ILE M 35 -5.49 -9.72 -81.87
C ILE M 35 -6.40 -8.66 -82.46
N SER M 36 -6.93 -7.79 -81.60
CA SER M 36 -7.86 -6.74 -82.01
C SER M 36 -7.27 -5.34 -81.93
N TYR M 37 -5.98 -5.20 -81.67
CA TYR M 37 -5.41 -3.88 -81.39
C TYR M 37 -4.00 -3.80 -81.97
N LEU M 38 -3.82 -2.94 -82.98
CA LEU M 38 -2.54 -2.70 -83.62
C LEU M 38 -2.26 -1.20 -83.60
N GLY M 39 -1.09 -0.82 -83.11
CA GLY M 39 -0.72 0.59 -83.03
C GLY M 39 0.69 0.74 -82.54
N TRP M 40 1.17 1.98 -82.53
CA TRP M 40 2.54 2.31 -82.16
C TRP M 40 2.57 3.21 -80.93
N PHE M 41 3.54 2.95 -80.04
CA PHE M 41 3.74 3.72 -78.83
C PHE M 41 5.16 4.26 -78.78
N ARG M 42 5.30 5.51 -78.32
CA ARG M 42 6.58 6.19 -78.28
C ARG M 42 6.90 6.64 -76.86
N GLN M 43 8.20 6.60 -76.52
CA GLN M 43 8.67 7.06 -75.22
C GLN M 43 9.88 7.95 -75.42
N ALA M 44 9.95 9.02 -74.65
CA ALA M 44 11.11 9.89 -74.60
C ALA M 44 11.59 10.01 -73.16
N PRO M 45 12.89 10.23 -72.95
CA PRO M 45 13.38 10.38 -71.58
C PRO M 45 12.75 11.59 -70.90
N GLY M 46 12.48 11.43 -69.60
CA GLY M 46 11.83 12.47 -68.84
C GLY M 46 10.32 12.51 -68.97
N LYS M 47 9.71 11.53 -69.64
CA LYS M 47 8.26 11.50 -69.80
C LYS M 47 7.81 10.05 -69.98
N GLU M 48 6.50 9.85 -69.87
CA GLU M 48 5.89 8.53 -69.94
C GLU M 48 5.79 8.05 -71.39
N ARG M 49 5.08 6.95 -71.61
CA ARG M 49 4.92 6.36 -72.93
C ARG M 49 3.53 6.67 -73.46
N GLU M 50 3.48 7.24 -74.67
CA GLU M 50 2.22 7.57 -75.34
C GLU M 50 2.19 6.92 -76.72
N GLY M 51 0.99 6.56 -77.15
CA GLY M 51 0.79 5.93 -78.44
C GLY M 51 0.37 6.95 -79.49
N VAL M 52 1.17 7.05 -80.55
CA VAL M 52 0.88 8.01 -81.61
C VAL M 52 -0.46 7.71 -82.28
N ALA M 53 -0.70 6.43 -82.58
CA ALA M 53 -1.94 6.03 -83.25
C ALA M 53 -2.18 4.56 -82.98
N ALA M 54 -3.44 4.16 -83.12
CA ALA M 54 -3.86 2.79 -82.92
C ALA M 54 -5.11 2.53 -83.76
N LEU M 55 -5.32 1.27 -84.10
CA LEU M 55 -6.44 0.87 -84.95
C LEU M 55 -7.10 -0.40 -84.44
N TRP M 56 -8.40 -0.50 -84.68
CA TRP M 56 -9.18 -1.70 -84.41
C TRP M 56 -9.17 -2.58 -85.65
N THR M 57 -8.51 -3.73 -85.56
CA THR M 57 -8.55 -4.67 -86.67
C THR M 57 -9.97 -5.20 -86.88
N THR M 58 -10.67 -5.51 -85.80
CA THR M 58 -12.04 -6.02 -85.91
C THR M 58 -13.02 -4.93 -86.35
N GLN M 59 -12.87 -3.72 -85.78
CA GLN M 59 -13.81 -2.64 -86.06
C GLN M 59 -13.46 -1.87 -87.32
N GLY M 60 -12.17 -1.58 -87.54
CA GLY M 60 -11.71 -0.93 -88.75
C GLY M 60 -11.40 0.54 -88.61
N GLN M 61 -11.90 1.20 -87.57
CA GLN M 61 -11.61 2.62 -87.39
C GLN M 61 -10.21 2.81 -86.81
N THR M 62 -9.75 4.06 -86.85
CA THR M 62 -8.40 4.41 -86.42
C THR M 62 -8.46 5.57 -85.42
N TYR M 63 -7.41 5.66 -84.60
CA TYR M 63 -7.27 6.71 -83.61
C TYR M 63 -5.97 7.47 -83.86
N TYR M 64 -6.02 8.78 -83.72
CA TYR M 64 -4.85 9.62 -83.87
C TYR M 64 -4.71 10.52 -82.65
N ALA M 65 -3.50 10.67 -82.15
CA ALA M 65 -3.26 11.58 -81.06
C ALA M 65 -3.25 13.02 -81.55
N ASP M 66 -3.18 13.96 -80.62
CA ASP M 66 -3.27 15.38 -80.97
C ASP M 66 -2.10 15.82 -81.84
N SER M 67 -0.92 15.27 -81.59
CA SER M 67 0.28 15.61 -82.35
C SER M 67 0.47 14.72 -83.57
N VAL M 68 -0.50 13.87 -83.88
CA VAL M 68 -0.42 12.97 -85.03
C VAL M 68 -1.40 13.33 -86.14
N LYS M 69 -2.50 14.01 -85.82
CA LYS M 69 -3.50 14.35 -86.83
C LYS M 69 -2.92 15.30 -87.86
N GLY M 70 -3.00 14.90 -89.14
CA GLY M 70 -2.51 15.72 -90.23
C GLY M 70 -1.03 15.66 -90.48
N ARG M 71 -0.28 14.89 -89.69
CA ARG M 71 1.16 14.75 -89.85
C ARG M 71 1.58 13.33 -90.14
N PHE M 72 1.06 12.35 -89.40
CA PHE M 72 1.46 10.97 -89.53
C PHE M 72 0.25 10.07 -89.66
N THR M 73 0.41 9.01 -90.44
CA THR M 73 -0.64 8.02 -90.68
C THR M 73 -0.08 6.62 -90.47
N VAL M 74 -0.98 5.67 -90.22
CA VAL M 74 -0.63 4.27 -90.05
C VAL M 74 -1.46 3.45 -91.02
N SER M 75 -0.83 2.45 -91.65
CA SER M 75 -1.48 1.57 -92.60
C SER M 75 -1.34 0.13 -92.13
N LEU M 76 -2.44 -0.63 -92.21
CA LEU M 76 -2.48 -2.02 -91.80
C LEU M 76 -2.46 -2.92 -93.03
N ASP M 77 -1.54 -3.88 -93.04
CA ASP M 77 -1.37 -4.81 -94.16
C ASP M 77 -1.97 -6.15 -93.77
N ASN M 78 -3.14 -6.45 -94.32
CA ASN M 78 -3.78 -7.74 -94.03
C ASN M 78 -3.05 -8.89 -94.70
N ALA M 79 -2.66 -8.72 -95.97
CA ALA M 79 -1.99 -9.80 -96.69
C ALA M 79 -0.63 -10.11 -96.08
N LYS M 80 0.15 -9.09 -95.74
CA LYS M 80 1.47 -9.27 -95.17
C LYS M 80 1.47 -9.41 -93.64
N ASN M 81 0.35 -9.11 -92.99
CA ASN M 81 0.22 -9.25 -91.53
C ASN M 81 1.24 -8.40 -90.80
N THR M 82 1.43 -7.16 -91.26
CA THR M 82 2.36 -6.21 -90.66
C THR M 82 1.68 -4.86 -90.46
N VAL M 83 2.31 -4.02 -89.65
CA VAL M 83 1.86 -2.65 -89.42
C VAL M 83 2.87 -1.70 -90.03
N TYR M 84 2.39 -0.76 -90.84
CA TYR M 84 3.21 0.30 -91.43
C TYR M 84 2.65 1.65 -91.00
N LEU M 85 3.55 2.54 -90.61
CA LEU M 85 3.26 3.95 -90.39
C LEU M 85 4.10 4.80 -91.32
N GLN M 86 3.65 6.03 -91.55
CA GLN M 86 4.37 6.99 -92.39
C GLN M 86 4.50 8.29 -91.61
N MET M 87 5.75 8.68 -91.33
CA MET M 87 6.05 9.93 -90.65
C MET M 87 6.33 11.03 -91.67
N ASN M 88 5.54 12.10 -91.61
CA ASN M 88 5.70 13.25 -92.47
C ASN M 88 5.72 14.51 -91.61
N SER M 89 6.46 15.52 -92.09
CA SER M 89 6.66 16.76 -91.36
C SER M 89 7.21 16.49 -89.95
N LEU M 90 8.37 15.85 -89.91
CA LEU M 90 9.02 15.53 -88.65
C LEU M 90 9.44 16.79 -87.90
N LYS M 91 9.42 16.70 -86.59
CA LYS M 91 9.77 17.76 -85.68
C LYS M 91 10.72 17.19 -84.64
N PRO M 92 11.48 18.05 -83.94
CA PRO M 92 12.35 17.53 -82.87
C PRO M 92 11.60 16.83 -81.76
N GLU M 93 10.28 17.04 -81.64
CA GLU M 93 9.47 16.34 -80.66
C GLU M 93 9.39 14.84 -80.92
N ASP M 94 9.78 14.38 -82.11
CA ASP M 94 9.70 12.97 -82.47
C ASP M 94 10.92 12.18 -82.05
N THR M 95 11.87 12.79 -81.34
CA THR M 95 13.05 12.07 -80.86
C THR M 95 12.65 11.17 -79.70
N ALA M 96 12.22 9.95 -80.01
CA ALA M 96 11.67 9.07 -78.99
C ALA M 96 11.84 7.62 -79.43
N LEU M 97 11.75 6.71 -78.45
CA LEU M 97 11.77 5.28 -78.73
C LEU M 97 10.36 4.84 -79.09
N TYR M 98 10.20 4.29 -80.29
CA TYR M 98 8.89 3.93 -80.80
C TYR M 98 8.69 2.41 -80.73
N TYR M 99 7.59 1.99 -80.12
CA TYR M 99 7.24 0.59 -79.97
C TYR M 99 5.88 0.34 -80.62
N CYS M 100 5.75 -0.77 -81.33
CA CYS M 100 4.46 -1.22 -81.83
C CYS M 100 3.92 -2.28 -80.88
N ALA M 101 2.68 -2.11 -80.45
CA ALA M 101 2.07 -2.97 -79.44
C ALA M 101 0.78 -3.58 -79.97
N ALA M 102 0.43 -4.73 -79.39
CA ALA M 102 -0.79 -5.44 -79.78
C ALA M 102 -1.53 -5.93 -78.54
N ALA M 103 -2.87 -5.93 -78.63
CA ALA M 103 -3.74 -6.34 -77.54
C ALA M 103 -4.88 -7.18 -78.08
N THR M 104 -5.43 -8.04 -77.21
CA THR M 104 -6.37 -9.07 -77.63
C THR M 104 -7.80 -8.83 -77.13
N SER M 105 -8.20 -7.58 -76.92
CA SER M 105 -9.55 -7.23 -76.47
C SER M 105 -9.91 -8.00 -75.19
N GLY M 106 -9.15 -7.68 -74.14
CA GLY M 106 -9.26 -8.40 -72.88
C GLY M 106 -10.66 -8.47 -72.31
N GLN M 107 -11.12 -9.69 -72.06
CA GLN M 107 -12.43 -9.89 -71.45
C GLN M 107 -12.39 -9.44 -69.99
N TYR M 108 -13.57 -9.16 -69.45
CA TYR M 108 -13.69 -8.63 -68.11
C TYR M 108 -14.66 -9.49 -67.31
N ASN M 109 -14.18 -10.02 -66.18
CA ASN M 109 -15.10 -10.59 -65.22
C ASN M 109 -15.14 -9.69 -63.98
N PRO M 110 -16.32 -9.49 -63.39
CA PRO M 110 -16.43 -8.51 -62.31
C PRO M 110 -15.58 -8.83 -61.09
N LEU M 111 -15.37 -10.11 -60.78
CA LEU M 111 -14.68 -10.47 -59.55
C LEU M 111 -13.18 -10.21 -59.64
N ARG M 112 -12.55 -10.58 -60.76
CA ARG M 112 -11.10 -10.47 -60.87
C ARG M 112 -10.67 -9.16 -61.53
N GLY M 113 -11.10 -8.93 -62.75
CA GLY M 113 -10.72 -7.75 -63.51
C GLY M 113 -10.35 -8.13 -64.93
N TYR M 114 -9.86 -7.14 -65.66
CA TYR M 114 -9.49 -7.36 -67.06
C TYR M 114 -8.29 -8.28 -67.16
N HIS M 115 -8.35 -9.23 -68.10
CA HIS M 115 -7.23 -10.11 -68.39
C HIS M 115 -7.07 -10.22 -69.90
N TYR M 116 -5.83 -10.17 -70.37
CA TYR M 116 -5.55 -10.16 -71.80
C TYR M 116 -4.08 -10.50 -72.03
N ASN M 117 -3.65 -10.40 -73.28
CA ASN M 117 -2.26 -10.60 -73.67
C ASN M 117 -1.75 -9.34 -74.36
N GLU M 118 -0.52 -8.95 -74.04
CA GLU M 118 0.07 -7.75 -74.61
C GLU M 118 1.47 -8.07 -75.12
N TYR M 119 1.83 -7.40 -76.22
CA TYR M 119 3.12 -7.61 -76.87
C TYR M 119 3.76 -6.26 -77.18
N TRP M 120 5.08 -6.27 -77.32
CA TRP M 120 5.83 -5.05 -77.56
C TRP M 120 7.02 -5.34 -78.48
N GLY M 121 7.50 -4.28 -79.12
CA GLY M 121 8.67 -4.37 -79.98
C GLY M 121 9.55 -3.15 -79.84
N GLN M 122 10.83 -3.37 -79.53
CA GLN M 122 11.73 -2.28 -79.18
C GLN M 122 12.26 -1.61 -80.44
N GLY M 123 12.04 -0.29 -80.55
CA GLY M 123 12.49 0.44 -81.71
C GLY M 123 12.91 1.85 -81.35
N THR M 124 13.63 2.49 -82.28
CA THR M 124 14.17 3.83 -82.06
C THR M 124 13.85 4.70 -83.27
N GLN M 125 13.63 5.99 -83.00
CA GLN M 125 13.45 6.98 -84.07
C GLN M 125 13.87 8.32 -83.49
N VAL M 126 14.98 8.86 -83.99
CA VAL M 126 15.54 10.10 -83.48
C VAL M 126 15.79 11.05 -84.66
N THR M 127 15.39 12.31 -84.50
CA THR M 127 15.63 13.34 -85.50
C THR M 127 16.75 14.24 -85.02
N VAL M 128 17.73 14.49 -85.89
CA VAL M 128 18.88 15.32 -85.52
C VAL M 128 18.42 16.74 -85.20
N SER M 129 17.57 17.31 -86.05
CA SER M 129 17.06 18.65 -85.84
C SER M 129 15.83 18.90 -86.70
N LEU N 39 -17.53 -20.40 -18.12
CA LEU N 39 -17.14 -21.10 -16.90
C LEU N 39 -17.05 -22.61 -17.12
N PHE N 40 -16.50 -23.31 -16.13
CA PHE N 40 -16.47 -24.77 -16.18
C PHE N 40 -17.88 -25.35 -16.13
N SER N 41 -18.79 -24.72 -15.39
CA SER N 41 -20.14 -25.24 -15.27
C SER N 41 -20.86 -25.26 -16.61
N VAL N 42 -20.58 -24.28 -17.47
CA VAL N 42 -21.18 -24.26 -18.81
C VAL N 42 -20.73 -25.47 -19.61
N VAL N 43 -19.44 -25.80 -19.53
CA VAL N 43 -18.88 -26.94 -20.25
C VAL N 43 -18.79 -28.18 -19.36
N ALA N 44 -19.47 -28.18 -18.22
CA ALA N 44 -19.42 -29.32 -17.31
C ALA N 44 -20.11 -30.53 -17.92
N PHE N 45 -19.86 -31.69 -17.33
CA PHE N 45 -20.43 -32.95 -17.78
C PHE N 45 -21.63 -33.29 -16.90
N HIS N 46 -22.80 -33.42 -17.53
CA HIS N 46 -24.03 -33.80 -16.83
C HIS N 46 -24.57 -35.04 -17.52
N CYS N 47 -24.42 -36.18 -16.87
CA CYS N 47 -24.76 -37.46 -17.49
C CYS N 47 -26.27 -37.63 -17.59
N PRO N 48 -26.83 -37.85 -18.78
CA PRO N 48 -28.25 -38.19 -18.90
C PRO N 48 -28.47 -39.65 -18.56
N CYS N 49 -29.05 -39.89 -17.39
CA CYS N 49 -29.25 -41.26 -16.92
C CYS N 49 -30.53 -41.81 -17.54
N SER N 50 -30.41 -42.16 -18.82
CA SER N 50 -31.48 -42.70 -19.64
C SER N 50 -30.88 -43.75 -20.55
N PRO N 51 -31.67 -44.74 -21.01
CA PRO N 51 -31.14 -45.79 -21.82
C PRO N 51 -30.93 -45.38 -23.27
N ALA N 52 -29.96 -45.99 -23.93
CA ALA N 52 -29.62 -45.73 -25.33
C ALA N 52 -29.49 -44.23 -25.60
N ARG N 53 -29.18 -43.46 -24.57
CA ARG N 53 -29.15 -42.00 -24.67
C ARG N 53 -27.85 -41.42 -24.13
N ASN N 54 -27.28 -42.08 -23.12
CA ASN N 54 -26.11 -41.52 -22.45
C ASN N 54 -24.85 -41.63 -23.31
N TYR N 55 -24.71 -42.72 -24.07
CA TYR N 55 -23.51 -42.87 -24.87
C TYR N 55 -23.52 -41.95 -26.09
N LEU N 56 -24.70 -41.55 -26.57
CA LEU N 56 -24.75 -40.46 -27.53
C LEU N 56 -24.21 -39.17 -26.93
N TYR N 57 -24.64 -38.85 -25.70
CA TYR N 57 -24.19 -37.61 -25.07
C TYR N 57 -22.71 -37.66 -24.75
N GLY N 58 -22.23 -38.79 -24.24
CA GLY N 58 -20.81 -38.92 -23.95
C GLY N 58 -19.96 -38.78 -25.21
N LEU N 59 -20.45 -39.30 -26.33
CA LEU N 59 -19.75 -39.12 -27.60
C LEU N 59 -19.74 -37.65 -28.00
N ALA N 60 -20.87 -36.96 -27.85
CA ALA N 60 -20.95 -35.55 -28.25
C ALA N 60 -20.21 -34.64 -27.26
N ALA N 61 -20.31 -34.91 -25.96
CA ALA N 61 -19.63 -34.09 -24.97
C ALA N 61 -18.12 -34.25 -24.98
N ILE N 62 -17.60 -35.29 -25.65
CA ILE N 62 -16.17 -35.54 -25.72
C ILE N 62 -15.66 -35.46 -27.16
N GLY N 63 -16.40 -36.05 -28.11
CA GLY N 63 -15.95 -36.05 -29.49
C GLY N 63 -15.93 -34.65 -30.09
N VAL N 64 -16.99 -33.87 -29.84
CA VAL N 64 -17.04 -32.51 -30.40
C VAL N 64 -15.93 -31.62 -29.85
N PRO N 65 -15.68 -31.56 -28.54
CA PRO N 65 -14.50 -30.80 -28.07
C PRO N 65 -13.19 -31.34 -28.60
N ALA N 66 -13.12 -32.64 -28.91
CA ALA N 66 -11.94 -33.16 -29.57
C ALA N 66 -11.91 -32.78 -31.04
N LEU N 67 -13.08 -32.71 -31.68
CA LEU N 67 -13.14 -32.27 -33.07
C LEU N 67 -12.70 -30.82 -33.22
N VAL N 68 -13.14 -29.95 -32.31
CA VAL N 68 -12.79 -28.54 -32.39
C VAL N 68 -11.29 -28.34 -32.21
N LEU N 69 -10.71 -29.01 -31.21
CA LEU N 69 -9.28 -28.88 -30.97
C LEU N 69 -8.46 -29.47 -32.13
N PHE N 70 -9.03 -30.43 -32.86
CA PHE N 70 -8.37 -30.92 -34.06
C PHE N 70 -8.44 -29.89 -35.17
N ILE N 71 -9.58 -29.20 -35.30
CA ILE N 71 -9.72 -28.17 -36.32
C ILE N 71 -8.80 -26.99 -36.03
N ILE N 72 -8.72 -26.57 -34.76
CA ILE N 72 -7.89 -25.43 -34.40
C ILE N 72 -6.42 -25.72 -34.69
N GLY N 73 -5.99 -26.96 -34.47
CA GLY N 73 -4.62 -27.32 -34.77
C GLY N 73 -4.32 -27.21 -36.26
N ILE N 74 -5.28 -27.55 -37.11
CA ILE N 74 -5.09 -27.42 -38.55
C ILE N 74 -5.04 -25.95 -38.96
N ILE N 75 -5.96 -25.15 -38.43
CA ILE N 75 -6.08 -23.76 -38.88
C ILE N 75 -4.84 -22.96 -38.50
N LEU N 76 -4.38 -23.08 -37.26
CA LEU N 76 -3.27 -22.25 -36.80
C LEU N 76 -1.95 -22.69 -37.42
N ASN N 77 -1.81 -23.96 -37.78
CA ASN N 77 -0.57 -24.44 -38.38
C ASN N 77 -0.41 -23.85 -39.77
N ASN N 78 0.76 -23.29 -40.04
CA ASN N 78 1.02 -22.68 -41.35
C ASN N 78 1.31 -23.73 -42.42
N HIS N 79 1.85 -24.88 -42.04
CA HIS N 79 2.27 -25.89 -43.02
C HIS N 79 1.11 -26.52 -43.78
N THR N 80 -0.13 -26.13 -43.50
CA THR N 80 -1.25 -26.60 -44.31
C THR N 80 -1.68 -25.61 -45.37
N TRP N 81 -1.48 -24.32 -45.14
CA TRP N 81 -1.91 -23.31 -46.12
C TRP N 81 -0.99 -23.30 -47.33
N ASN N 82 0.32 -23.44 -47.12
CA ASN N 82 1.23 -23.56 -48.25
C ASN N 82 0.98 -24.86 -49.01
N LEU N 83 0.57 -25.92 -48.33
CA LEU N 83 0.14 -27.13 -49.02
C LEU N 83 -1.11 -26.86 -49.85
N VAL N 84 -2.07 -26.12 -49.29
CA VAL N 84 -3.24 -25.70 -50.06
C VAL N 84 -2.81 -24.80 -51.21
N ALA N 85 -1.89 -23.87 -50.94
CA ALA N 85 -1.36 -23.03 -52.00
C ALA N 85 -0.64 -23.85 -53.07
N GLU N 86 -0.01 -24.96 -52.67
CA GLU N 86 0.66 -25.81 -53.64
C GLU N 86 -0.34 -26.41 -54.62
N CYS N 87 -1.46 -26.92 -54.11
CA CYS N 87 -2.49 -27.47 -54.98
C CYS N 87 -3.23 -26.39 -55.76
N GLN N 88 -3.00 -25.12 -55.45
CA GLN N 88 -3.69 -24.01 -56.10
C GLN N 88 -2.94 -23.53 -57.34
N HIS N 89 -1.65 -23.22 -57.20
CA HIS N 89 -0.93 -22.58 -58.30
C HIS N 89 -0.58 -23.58 -59.41
N ARG N 90 -0.26 -24.82 -59.04
CA ARG N 90 0.16 -25.78 -60.05
C ARG N 90 -1.01 -26.17 -60.96
N ARG N 91 -2.19 -26.41 -60.38
CA ARG N 91 -3.42 -26.74 -61.12
C ARG N 91 -3.22 -27.91 -62.09
N THR N 92 -2.19 -28.73 -61.87
CA THR N 92 -1.87 -29.82 -62.78
C THR N 92 -1.45 -31.08 -62.03
N LYS N 93 -1.36 -31.02 -60.70
CA LYS N 93 -0.89 -32.14 -59.87
C LYS N 93 0.52 -32.55 -60.25
N ASN N 94 1.40 -31.55 -60.42
CA ASN N 94 2.78 -31.83 -60.82
C ASN N 94 3.52 -32.63 -59.76
N CYS N 95 3.36 -32.28 -58.49
CA CYS N 95 4.01 -33.00 -57.42
C CYS N 95 3.33 -34.33 -57.18
N SER N 96 4.13 -35.36 -56.90
CA SER N 96 3.61 -36.71 -56.70
C SER N 96 2.98 -36.84 -55.32
N ALA N 97 2.47 -38.03 -55.02
CA ALA N 97 1.82 -38.28 -53.73
C ALA N 97 2.83 -38.44 -52.61
N ALA N 98 4.02 -38.96 -52.90
CA ALA N 98 5.01 -39.19 -51.86
C ALA N 98 5.42 -37.92 -51.11
N PRO N 99 5.77 -36.81 -51.77
CA PRO N 99 6.05 -35.59 -51.00
C PRO N 99 4.85 -35.07 -50.23
N THR N 100 3.63 -35.26 -50.75
CA THR N 100 2.45 -34.79 -50.06
C THR N 100 2.18 -35.59 -48.79
N PHE N 101 2.37 -36.91 -48.85
CA PHE N 101 2.07 -37.77 -47.70
C PHE N 101 2.96 -37.44 -46.50
N LEU N 102 4.25 -37.20 -46.75
CA LEU N 102 5.16 -36.92 -45.65
C LEU N 102 4.83 -35.60 -44.95
N LEU N 103 4.18 -34.67 -45.66
CA LEU N 103 3.81 -33.39 -45.08
C LEU N 103 2.43 -33.43 -44.45
N LEU N 104 1.49 -34.14 -45.06
CA LEU N 104 0.17 -34.28 -44.46
C LEU N 104 0.28 -34.94 -43.09
N SER N 105 1.22 -35.88 -42.94
CA SER N 105 1.49 -36.45 -41.63
C SER N 105 2.01 -35.38 -40.68
N SER N 106 2.88 -34.50 -41.15
CA SER N 106 3.40 -33.42 -40.32
C SER N 106 2.27 -32.47 -39.90
N ILE N 107 1.31 -32.22 -40.77
CA ILE N 107 0.17 -31.38 -40.42
C ILE N 107 -0.70 -32.08 -39.38
N LEU N 108 -1.03 -33.35 -39.62
CA LEU N 108 -1.89 -34.07 -38.70
C LEU N 108 -1.15 -34.50 -37.43
N GLY N 109 0.15 -34.74 -37.52
CA GLY N 109 0.90 -35.12 -36.33
C GLY N 109 0.91 -34.04 -35.27
N ARG N 110 1.17 -32.80 -35.67
CA ARG N 110 1.14 -31.70 -34.72
C ARG N 110 -0.28 -31.29 -34.37
N ALA N 111 -1.23 -31.45 -35.30
CA ALA N 111 -2.60 -31.05 -35.00
C ALA N 111 -3.23 -31.95 -33.95
N ALA N 112 -2.87 -33.23 -33.95
CA ALA N 112 -3.53 -34.23 -33.13
C ALA N 112 -3.04 -34.26 -31.68
N VAL N 113 -2.20 -33.31 -31.25
CA VAL N 113 -1.81 -33.30 -29.84
C VAL N 113 -3.01 -32.94 -28.97
N ALA N 114 -3.72 -31.86 -29.32
CA ALA N 114 -4.82 -31.39 -28.49
C ALA N 114 -5.96 -32.39 -28.37
N PRO N 115 -6.45 -33.03 -29.45
CA PRO N 115 -7.47 -34.06 -29.26
C PRO N 115 -7.01 -35.21 -28.38
N VAL N 116 -5.74 -35.58 -28.48
CA VAL N 116 -5.23 -36.69 -27.68
C VAL N 116 -5.14 -36.29 -26.21
N THR N 117 -4.54 -35.14 -25.92
CA THR N 117 -4.42 -34.75 -24.52
C THR N 117 -5.76 -34.32 -23.93
N TRP N 118 -6.79 -34.16 -24.75
CA TRP N 118 -8.13 -33.93 -24.22
C TRP N 118 -8.87 -35.24 -23.99
N SER N 119 -8.78 -36.18 -24.92
CA SER N 119 -9.37 -37.50 -24.71
C SER N 119 -8.66 -38.25 -23.58
N VAL N 120 -7.39 -37.92 -23.33
CA VAL N 120 -6.68 -38.56 -22.22
C VAL N 120 -7.29 -38.14 -20.88
N ILE N 121 -7.46 -36.84 -20.67
CA ILE N 121 -7.97 -36.36 -19.39
C ILE N 121 -9.43 -36.73 -19.20
N SER N 122 -10.22 -36.72 -20.28
CA SER N 122 -11.61 -37.12 -20.17
C SER N 122 -11.74 -38.58 -19.74
N LEU N 123 -10.90 -39.45 -20.30
CA LEU N 123 -10.91 -40.85 -19.88
C LEU N 123 -10.40 -41.01 -18.46
N LEU N 124 -9.35 -40.27 -18.09
CA LEU N 124 -8.80 -40.37 -16.74
C LEU N 124 -9.80 -39.89 -15.69
N ARG N 125 -10.64 -38.91 -16.03
CA ARG N 125 -11.72 -38.52 -15.15
C ARG N 125 -12.68 -39.69 -14.93
N GLY N 126 -13.01 -40.41 -15.99
CA GLY N 126 -13.87 -41.57 -15.91
C GLY N 126 -15.35 -41.26 -15.95
N GLU N 127 -15.75 -40.00 -15.80
CA GLU N 127 -17.18 -39.65 -15.80
C GLU N 127 -17.81 -39.94 -17.15
N ALA N 128 -17.11 -39.63 -18.23
CA ALA N 128 -17.66 -39.85 -19.56
C ALA N 128 -17.87 -41.33 -19.86
N TYR N 129 -16.91 -42.17 -19.46
CA TYR N 129 -16.99 -43.59 -19.81
C TYR N 129 -18.04 -44.31 -18.97
N VAL N 130 -18.11 -44.02 -17.67
CA VAL N 130 -19.10 -44.68 -16.83
C VAL N 130 -20.51 -44.29 -17.26
N CYS N 131 -20.69 -43.05 -17.72
CA CYS N 131 -21.98 -42.63 -18.24
C CYS N 131 -22.35 -43.38 -19.51
N ALA N 132 -21.37 -43.58 -20.41
CA ALA N 132 -21.69 -44.13 -21.73
C ALA N 132 -21.97 -45.63 -21.66
N LEU N 133 -21.21 -46.37 -20.85
CA LEU N 133 -21.29 -47.82 -20.84
C LEU N 133 -22.07 -48.36 -19.64
N SER N 134 -22.83 -47.51 -18.95
CA SER N 134 -23.60 -47.99 -17.80
C SER N 134 -24.77 -48.87 -18.23
N GLU N 135 -25.33 -48.64 -19.42
CA GLU N 135 -26.47 -49.40 -19.87
C GLU N 135 -26.09 -50.74 -20.50
N PHE N 136 -24.80 -50.99 -20.72
CA PHE N 136 -24.34 -52.24 -21.32
C PHE N 136 -23.72 -53.19 -20.29
N VAL N 137 -23.77 -52.84 -19.01
CA VAL N 137 -23.23 -53.72 -17.97
C VAL N 137 -24.08 -54.98 -17.88
N ASP N 138 -23.43 -56.13 -17.89
CA ASP N 138 -24.15 -57.40 -17.84
C ASP N 138 -24.62 -57.68 -16.42
N PRO N 139 -25.93 -57.85 -16.19
CA PRO N 139 -26.38 -58.24 -14.84
C PRO N 139 -25.81 -59.58 -14.39
N SER N 140 -25.57 -60.50 -15.32
CA SER N 140 -24.98 -61.79 -14.96
C SER N 140 -23.58 -61.62 -14.40
N SER N 141 -22.79 -60.70 -14.98
CA SER N 141 -21.44 -60.46 -14.52
C SER N 141 -21.39 -59.68 -13.21
N LEU N 142 -22.52 -59.14 -12.76
CA LEU N 142 -22.54 -58.41 -11.50
C LEU N 142 -22.29 -59.36 -10.33
N THR N 143 -21.58 -58.87 -9.33
CA THR N 143 -21.13 -59.71 -8.22
C THR N 143 -21.06 -58.86 -6.95
N ALA N 144 -20.36 -59.37 -5.94
CA ALA N 144 -20.17 -58.75 -4.63
C ALA N 144 -21.48 -58.65 -3.85
N ARG N 145 -22.53 -59.30 -4.31
CA ARG N 145 -23.85 -59.20 -3.71
C ARG N 145 -24.67 -60.39 -4.18
N GLU N 146 -25.69 -60.73 -3.38
CA GLU N 146 -26.58 -61.82 -3.74
C GLU N 146 -27.43 -61.41 -4.94
N GLU N 147 -28.12 -62.40 -5.52
CA GLU N 147 -28.89 -62.16 -6.73
C GLU N 147 -30.15 -61.36 -6.44
N HIS N 148 -29.98 -60.11 -6.02
CA HIS N 148 -31.07 -59.20 -5.76
C HIS N 148 -31.26 -58.17 -6.87
N PHE N 149 -30.49 -58.28 -7.96
CA PHE N 149 -30.62 -57.34 -9.06
C PHE N 149 -31.88 -57.64 -9.85
N PRO N 150 -32.83 -56.71 -9.95
CA PRO N 150 -34.07 -57.00 -10.68
C PRO N 150 -33.82 -57.20 -12.16
N SER N 151 -34.64 -58.06 -12.75
CA SER N 151 -34.61 -58.31 -14.19
C SER N 151 -35.80 -57.69 -14.91
N ALA N 152 -36.58 -56.86 -14.22
CA ALA N 152 -37.75 -56.25 -14.85
C ALA N 152 -37.33 -55.29 -15.95
N HIS N 153 -36.55 -54.27 -15.60
CA HIS N 153 -36.02 -53.31 -16.56
C HIS N 153 -34.51 -53.22 -16.32
N ALA N 154 -33.75 -54.14 -16.93
CA ALA N 154 -32.30 -54.12 -16.76
C ALA N 154 -31.69 -52.87 -17.37
N THR N 155 -32.15 -52.48 -18.57
CA THR N 155 -31.61 -51.30 -19.23
C THR N 155 -31.93 -50.03 -18.44
N GLU N 156 -33.16 -49.91 -17.95
CA GLU N 156 -33.57 -48.69 -17.26
C GLU N 156 -32.84 -48.54 -15.93
N ILE N 157 -32.77 -49.62 -15.16
CA ILE N 157 -32.16 -49.54 -13.83
C ILE N 157 -30.66 -49.23 -13.93
N LEU N 158 -29.97 -49.90 -14.85
CA LEU N 158 -28.53 -49.70 -14.98
C LEU N 158 -28.20 -48.29 -15.42
N ALA N 159 -28.98 -47.74 -16.36
CA ALA N 159 -28.66 -46.44 -16.94
C ALA N 159 -28.68 -45.31 -15.92
N ARG N 160 -29.42 -45.46 -14.82
CA ARG N 160 -29.54 -44.41 -13.82
C ARG N 160 -28.49 -44.52 -12.72
N PHE N 161 -27.56 -45.47 -12.82
CA PHE N 161 -26.50 -45.58 -11.82
C PHE N 161 -25.61 -44.34 -11.72
N PRO N 162 -25.14 -43.74 -12.83
CA PRO N 162 -24.24 -42.58 -12.68
C PRO N 162 -24.85 -41.41 -11.90
N CYS N 163 -26.16 -41.19 -12.00
CA CYS N 163 -26.82 -40.08 -11.33
C CYS N 163 -27.26 -40.42 -9.92
N LYS N 164 -26.67 -41.44 -9.30
CA LYS N 164 -26.93 -41.88 -7.92
C LYS N 164 -28.41 -42.13 -7.64
N GLU N 165 -29.23 -42.23 -8.68
CA GLU N 165 -30.66 -42.53 -8.54
C GLU N 165 -30.87 -44.04 -8.48
N ASN N 166 -30.32 -44.64 -7.44
CA ASN N 166 -30.30 -46.09 -7.31
C ASN N 166 -31.03 -46.53 -6.03
N PRO N 167 -31.77 -47.63 -6.09
CA PRO N 167 -32.43 -48.13 -4.87
C PRO N 167 -31.40 -48.60 -3.84
N ASP N 168 -31.80 -48.50 -2.56
CA ASP N 168 -30.91 -48.90 -1.49
C ASP N 168 -30.58 -50.39 -1.52
N ASN N 169 -31.50 -51.21 -2.05
CA ASN N 169 -31.24 -52.63 -2.19
C ASN N 169 -30.22 -52.93 -3.27
N LEU N 170 -29.85 -51.94 -4.08
CA LEU N 170 -28.96 -52.12 -5.21
C LEU N 170 -27.68 -51.30 -5.05
N SER N 171 -27.42 -50.80 -3.84
CA SER N 171 -26.30 -49.89 -3.62
C SER N 171 -24.96 -50.56 -3.88
N ASP N 172 -24.79 -51.80 -3.39
CA ASP N 172 -23.56 -52.52 -3.65
C ASP N 172 -23.42 -52.81 -5.13
N PHE N 173 -24.53 -53.12 -5.81
CA PHE N 173 -24.50 -53.28 -7.25
C PHE N 173 -24.12 -51.96 -7.94
N ARG N 174 -24.62 -50.83 -7.44
CA ARG N 174 -24.26 -49.55 -8.04
C ARG N 174 -22.77 -49.28 -7.90
N GLU N 175 -22.22 -49.51 -6.70
CA GLU N 175 -20.80 -49.26 -6.48
C GLU N 175 -19.93 -50.26 -7.24
N GLU N 176 -20.43 -51.48 -7.46
CA GLU N 176 -19.69 -52.45 -8.25
C GLU N 176 -19.50 -51.97 -9.68
N VAL N 177 -20.55 -51.40 -10.28
CA VAL N 177 -20.43 -50.84 -11.62
C VAL N 177 -19.58 -49.58 -11.60
N SER N 178 -19.71 -48.77 -10.54
CA SER N 178 -18.95 -47.53 -10.46
C SER N 178 -17.44 -47.76 -10.41
N ARG N 179 -17.01 -48.95 -9.98
CA ARG N 179 -15.59 -49.29 -10.01
C ARG N 179 -15.20 -50.14 -11.20
N ARG N 180 -16.13 -50.95 -11.73
CA ARG N 180 -15.82 -51.78 -12.89
C ARG N 180 -15.64 -50.91 -14.13
N LEU N 181 -16.56 -49.98 -14.38
CA LEU N 181 -16.49 -49.15 -15.57
C LEU N 181 -15.36 -48.14 -15.47
N ARG N 182 -15.11 -47.60 -14.28
CA ARG N 182 -14.00 -46.67 -14.10
C ARG N 182 -12.66 -47.35 -14.35
N TYR N 183 -12.59 -48.66 -14.12
CA TYR N 183 -11.37 -49.41 -14.44
C TYR N 183 -11.09 -49.37 -15.94
N GLU N 184 -12.11 -49.69 -16.76
CA GLU N 184 -11.91 -49.68 -18.19
C GLU N 184 -11.62 -48.28 -18.72
N SER N 185 -12.18 -47.25 -18.06
CA SER N 185 -11.91 -45.88 -18.47
C SER N 185 -10.44 -45.52 -18.27
N GLN N 186 -9.91 -45.78 -17.08
CA GLN N 186 -8.53 -45.42 -16.80
C GLN N 186 -7.55 -46.34 -17.51
N LEU N 187 -7.92 -47.61 -17.72
CA LEU N 187 -7.05 -48.52 -18.47
C LEU N 187 -6.85 -48.03 -19.90
N PHE N 188 -7.93 -47.61 -20.56
CA PHE N 188 -7.81 -47.02 -21.88
C PHE N 188 -7.09 -45.68 -21.82
N GLY N 189 -7.22 -44.96 -20.71
CA GLY N 189 -6.52 -43.70 -20.57
C GLY N 189 -5.01 -43.85 -20.55
N TRP N 190 -4.53 -44.85 -19.81
CA TRP N 190 -3.09 -45.11 -19.77
C TRP N 190 -2.60 -45.78 -21.04
N LEU N 191 -3.42 -46.66 -21.63
CA LEU N 191 -3.02 -47.31 -22.88
C LEU N 191 -2.86 -46.28 -23.99
N LEU N 192 -3.78 -45.32 -24.07
CA LEU N 192 -3.70 -44.31 -25.13
C LEU N 192 -2.49 -43.40 -24.94
N ILE N 193 -2.13 -43.11 -23.69
CA ILE N 193 -0.86 -42.43 -23.43
C ILE N 193 0.31 -43.31 -23.85
N GLY N 194 0.23 -44.61 -23.55
CA GLY N 194 1.30 -45.51 -23.90
C GLY N 194 1.53 -45.61 -25.39
N VAL N 195 0.45 -45.71 -26.17
CA VAL N 195 0.57 -45.77 -27.62
C VAL N 195 1.11 -44.45 -28.16
N VAL N 196 0.59 -43.33 -27.66
CA VAL N 196 1.03 -42.02 -28.16
C VAL N 196 2.50 -41.78 -27.82
N ALA N 197 2.89 -42.08 -26.59
CA ALA N 197 4.29 -41.89 -26.20
C ALA N 197 5.22 -42.78 -27.00
N ILE N 198 4.77 -44.00 -27.33
CA ILE N 198 5.56 -44.86 -28.19
C ILE N 198 5.61 -44.31 -29.61
N LEU N 199 4.47 -43.84 -30.12
CA LEU N 199 4.42 -43.31 -31.47
C LEU N 199 5.33 -42.09 -31.63
N VAL N 200 5.30 -41.19 -30.65
CA VAL N 200 6.17 -40.01 -30.71
C VAL N 200 7.63 -40.43 -30.75
N PHE N 201 8.00 -41.41 -29.93
CA PHE N 201 9.33 -41.98 -30.00
C PHE N 201 9.58 -42.65 -31.34
N LEU N 202 8.58 -43.37 -31.86
CA LEU N 202 8.77 -44.14 -33.07
C LEU N 202 8.96 -43.24 -34.29
N THR N 203 8.16 -42.18 -34.42
CA THR N 203 8.28 -41.32 -35.58
C THR N 203 9.60 -40.57 -35.57
N LYS N 204 9.99 -40.02 -34.42
CA LYS N 204 11.22 -39.24 -34.33
C LYS N 204 12.45 -40.11 -34.58
N CYS N 205 12.42 -41.36 -34.12
CA CYS N 205 13.52 -42.28 -34.40
C CYS N 205 13.62 -42.56 -35.90
N LEU N 206 12.47 -42.80 -36.54
CA LEU N 206 12.50 -43.08 -37.98
C LEU N 206 12.70 -41.80 -38.79
N LYS N 207 12.21 -40.66 -38.30
CA LYS N 207 12.39 -39.41 -39.04
C LYS N 207 13.86 -39.06 -39.21
N HIS N 208 14.65 -39.21 -38.14
CA HIS N 208 16.09 -38.96 -38.24
C HIS N 208 16.77 -40.00 -39.10
N TYR N 209 16.38 -41.27 -38.95
CA TYR N 209 17.04 -42.35 -39.69
C TYR N 209 16.84 -42.22 -41.19
N CYS N 210 15.62 -41.89 -41.62
CA CYS N 210 15.32 -41.76 -43.03
C CYS N 210 15.64 -40.38 -43.59
N SER N 211 16.03 -39.43 -42.75
CA SER N 211 16.36 -38.09 -43.23
C SER N 211 17.73 -38.11 -43.90
N PRO N 212 17.85 -37.65 -45.14
CA PRO N 212 19.18 -37.56 -45.77
C PRO N 212 20.12 -36.62 -45.03
N LEU N 213 19.60 -35.58 -44.41
CA LEU N 213 20.42 -34.63 -43.66
C LEU N 213 20.84 -35.22 -42.33
N SER N 214 21.87 -34.60 -41.74
CA SER N 214 22.27 -34.94 -40.39
C SER N 214 21.31 -34.30 -39.39
N TYR N 215 21.43 -34.70 -38.13
CA TYR N 215 20.56 -34.17 -37.10
C TYR N 215 20.98 -32.79 -36.61
N ARG N 216 22.21 -32.35 -36.92
CA ARG N 216 22.66 -31.03 -36.53
C ARG N 216 22.41 -29.98 -37.60
N GLN N 217 22.36 -30.37 -38.88
CA GLN N 217 21.98 -29.43 -39.92
C GLN N 217 20.50 -29.10 -39.85
N GLU N 218 19.67 -30.09 -39.51
CA GLU N 218 18.25 -29.83 -39.31
C GLU N 218 18.02 -28.87 -38.15
N ALA N 219 18.85 -28.95 -37.11
CA ALA N 219 18.78 -27.96 -36.03
C ALA N 219 19.11 -26.58 -36.55
N TYR N 220 20.14 -26.46 -37.40
CA TYR N 220 20.44 -25.19 -38.03
C TYR N 220 19.33 -24.78 -38.99
N TRP N 221 18.79 -25.73 -39.75
CA TRP N 221 17.68 -25.43 -40.65
C TRP N 221 16.46 -24.94 -39.87
N ALA N 222 16.15 -25.60 -38.75
CA ALA N 222 15.03 -25.14 -37.92
C ALA N 222 15.30 -23.77 -37.33
N GLN N 223 16.56 -23.45 -37.04
CA GLN N 223 16.89 -22.12 -36.53
C GLN N 223 16.75 -21.06 -37.61
N TYR N 224 17.06 -21.39 -38.86
CA TYR N 224 16.93 -20.42 -39.93
C TYR N 224 15.46 -20.13 -40.24
N ARG N 225 14.63 -21.17 -40.35
CA ARG N 225 13.23 -20.97 -40.68
C ARG N 225 12.53 -20.14 -39.61
N ALA N 226 12.94 -20.26 -38.35
CA ALA N 226 12.38 -19.41 -37.31
C ALA N 226 12.86 -17.98 -37.44
N ASN N 227 14.11 -17.78 -37.87
CA ASN N 227 14.62 -16.43 -38.07
C ASN N 227 14.10 -15.79 -39.34
N GLU N 228 13.88 -16.58 -40.40
CA GLU N 228 13.31 -16.03 -41.61
C GLU N 228 11.88 -15.55 -41.39
N ASP N 229 11.06 -16.38 -40.75
CA ASP N 229 9.67 -16.01 -40.52
C ASP N 229 9.56 -14.87 -39.51
N GLN N 230 10.45 -14.81 -38.52
CA GLN N 230 10.39 -13.72 -37.55
C GLN N 230 10.75 -12.40 -38.20
N LEU N 231 11.78 -12.37 -39.05
CA LEU N 231 12.18 -11.13 -39.70
C LEU N 231 11.21 -10.76 -40.81
N PHE N 232 10.74 -11.74 -41.58
CA PHE N 232 9.86 -11.44 -42.71
C PHE N 232 8.56 -10.81 -42.24
N GLN N 233 7.96 -11.34 -41.18
CA GLN N 233 6.77 -10.70 -40.61
C GLN N 233 7.09 -9.33 -40.03
N ARG N 234 8.33 -9.13 -39.57
CA ARG N 234 8.69 -7.82 -39.01
C ARG N 234 8.81 -6.77 -40.11
N THR N 235 9.48 -7.12 -41.22
CA THR N 235 9.63 -6.16 -42.31
C THR N 235 8.31 -5.96 -43.06
N ALA N 236 7.45 -6.98 -43.10
CA ALA N 236 6.15 -6.83 -43.74
C ALA N 236 5.31 -5.78 -43.04
N GLU N 237 5.35 -5.77 -41.70
CA GLU N 237 4.66 -4.72 -40.95
C GLU N 237 5.26 -3.35 -41.25
N VAL N 238 6.59 -3.27 -41.31
CA VAL N 238 7.25 -1.98 -41.55
C VAL N 238 7.01 -1.53 -42.98
N HIS N 239 7.16 -2.44 -43.95
CA HIS N 239 6.98 -2.07 -45.35
C HIS N 239 5.56 -1.60 -45.63
N SER N 240 4.57 -2.26 -45.02
CA SER N 240 3.18 -1.83 -45.17
C SER N 240 2.98 -0.44 -44.54
N ARG N 241 3.55 -0.21 -43.36
CA ARG N 241 3.37 1.06 -42.68
C ARG N 241 3.97 2.21 -43.47
N VAL N 242 5.17 2.02 -44.02
CA VAL N 242 5.79 3.06 -44.83
C VAL N 242 4.98 3.29 -46.09
N LEU N 243 4.52 2.22 -46.74
CA LEU N 243 3.68 2.36 -47.92
C LEU N 243 2.36 3.04 -47.59
N ALA N 244 1.75 2.67 -46.45
CA ALA N 244 0.50 3.31 -46.04
C ALA N 244 0.72 4.78 -45.73
N ALA N 245 1.85 5.11 -45.08
CA ALA N 245 2.13 6.50 -44.76
C ALA N 245 2.36 7.33 -46.01
N ASN N 246 2.88 6.73 -47.08
CA ASN N 246 3.06 7.47 -48.32
C ASN N 246 1.73 7.78 -48.99
N ASN N 247 0.75 6.90 -48.85
CA ASN N 247 -0.57 7.16 -49.41
C ASN N 247 -1.32 8.20 -48.60
N VAL N 248 -1.23 8.13 -47.28
CA VAL N 248 -1.89 9.11 -46.43
C VAL N 248 -1.27 10.49 -46.64
N ARG N 249 0.05 10.55 -46.84
CA ARG N 249 0.69 11.83 -47.15
C ARG N 249 0.14 12.41 -48.45
N ARG N 250 -0.12 11.56 -49.45
CA ARG N 250 -0.67 12.05 -50.71
C ARG N 250 -2.06 12.63 -50.53
N PHE N 251 -2.82 12.17 -49.53
CA PHE N 251 -4.17 12.66 -49.34
C PHE N 251 -4.19 13.98 -48.57
N PHE N 252 -3.70 13.97 -47.33
CA PHE N 252 -3.78 15.14 -46.47
C PHE N 252 -2.64 16.13 -46.69
N GLY N 253 -1.50 15.67 -47.19
CA GLY N 253 -0.31 16.48 -47.28
C GLY N 253 0.68 16.25 -46.16
N PHE N 254 0.29 15.52 -45.12
CA PHE N 254 1.18 15.20 -44.01
C PHE N 254 0.65 13.94 -43.34
N VAL N 255 1.52 13.30 -42.57
CA VAL N 255 1.17 12.11 -41.80
C VAL N 255 1.47 12.37 -40.33
N ALA N 256 0.50 12.09 -39.47
CA ALA N 256 0.68 12.22 -38.03
C ALA N 256 1.38 10.96 -37.53
N LEU N 257 2.70 11.02 -37.42
CA LEU N 257 3.51 9.89 -36.99
C LEU N 257 4.14 10.18 -35.64
N ASN N 258 4.11 9.16 -34.78
CA ASN N 258 4.73 9.25 -33.44
C ASN N 258 6.24 9.24 -33.58
N LYS N 259 6.95 9.06 -32.48
CA LYS N 259 8.41 9.09 -32.51
C LYS N 259 8.98 7.87 -33.25
N ASP N 260 8.45 6.68 -32.96
CA ASP N 260 8.98 5.48 -33.59
C ASP N 260 8.59 5.41 -35.06
N ASP N 261 7.38 5.84 -35.41
CA ASP N 261 6.97 5.79 -36.81
C ASP N 261 7.74 6.79 -37.66
N GLU N 262 8.27 7.86 -37.06
CA GLU N 262 9.10 8.79 -37.81
C GLU N 262 10.41 8.14 -38.26
N GLU N 263 11.00 7.30 -37.40
CA GLU N 263 12.26 6.66 -37.77
C GLU N 263 12.07 5.68 -38.91
N LEU N 264 10.91 5.01 -38.96
CA LEU N 264 10.66 4.03 -40.01
C LEU N 264 10.65 4.69 -41.39
N ILE N 265 10.01 5.85 -41.51
CA ILE N 265 9.92 6.52 -42.81
C ILE N 265 11.30 6.98 -43.26
N ALA N 266 12.09 7.53 -42.34
CA ALA N 266 13.42 8.03 -42.71
C ALA N 266 14.38 6.87 -42.98
N ASN N 267 14.38 5.85 -42.12
CA ASN N 267 15.33 4.76 -42.25
C ASN N 267 14.96 3.80 -43.37
N PHE N 268 13.67 3.52 -43.55
CA PHE N 268 13.19 2.49 -44.46
C PHE N 268 12.22 3.11 -45.46
N PRO N 269 12.72 3.69 -46.54
CA PRO N 269 11.84 4.24 -47.57
C PRO N 269 11.52 3.21 -48.65
N VAL N 270 10.28 3.24 -49.11
CA VAL N 270 9.80 2.30 -50.12
C VAL N 270 9.54 3.05 -51.41
N GLU N 271 9.61 2.31 -52.52
CA GLU N 271 9.37 2.88 -53.84
C GLU N 271 8.15 2.28 -54.54
N GLY N 272 7.80 1.04 -54.25
CA GLY N 272 6.65 0.42 -54.88
C GLY N 272 6.38 -0.93 -54.27
N THR N 273 5.27 -1.52 -54.71
CA THR N 273 4.84 -2.82 -54.22
C THR N 273 5.50 -3.94 -55.01
N GLN N 274 5.74 -5.06 -54.33
CA GLN N 274 6.31 -6.21 -54.99
C GLN N 274 5.28 -6.84 -55.93
N PRO N 275 5.69 -7.33 -57.09
CA PRO N 275 4.74 -7.93 -58.02
C PRO N 275 4.15 -9.21 -57.48
N ARG N 276 2.97 -9.58 -58.00
CA ARG N 276 2.31 -10.81 -57.58
C ARG N 276 3.15 -12.06 -57.86
N PRO N 277 3.76 -12.24 -59.03
CA PRO N 277 4.58 -13.44 -59.23
C PRO N 277 5.73 -13.56 -58.24
N GLN N 278 6.30 -12.43 -57.79
CA GLN N 278 7.34 -12.50 -56.77
C GLN N 278 6.81 -13.08 -55.47
N TRP N 279 5.61 -12.69 -55.06
CA TRP N 279 5.00 -13.26 -53.87
C TRP N 279 4.69 -14.75 -54.07
N ASN N 280 4.19 -15.11 -55.25
CA ASN N 280 3.85 -16.51 -55.52
C ASN N 280 5.07 -17.41 -55.56
N ALA N 281 6.27 -16.84 -55.70
CA ALA N 281 7.49 -17.63 -55.82
C ALA N 281 8.10 -17.98 -54.48
N ILE N 282 7.54 -17.52 -53.37
CA ILE N 282 8.05 -17.82 -52.03
C ILE N 282 7.03 -18.56 -51.17
N THR N 283 5.80 -18.72 -51.65
CA THR N 283 4.76 -19.41 -50.90
C THR N 283 4.55 -20.79 -51.51
N GLY N 284 4.61 -21.81 -50.67
CA GLY N 284 4.48 -23.17 -51.12
C GLY N 284 5.29 -24.10 -50.22
N VAL N 285 5.49 -25.30 -50.72
CA VAL N 285 6.17 -26.36 -49.97
C VAL N 285 7.57 -26.52 -50.52
N TYR N 286 8.54 -26.68 -49.63
CA TYR N 286 9.94 -26.75 -50.03
C TYR N 286 10.60 -27.93 -49.32
N LEU N 287 11.31 -28.76 -50.09
CA LEU N 287 11.98 -29.95 -49.54
C LEU N 287 13.45 -29.92 -49.95
N TYR N 288 14.25 -29.15 -49.21
CA TYR N 288 15.71 -29.18 -49.21
C TYR N 288 16.31 -29.46 -50.60
N ARG N 289 16.03 -28.56 -51.53
CA ARG N 289 16.77 -28.59 -52.79
C ARG N 289 18.14 -27.94 -52.60
N GLU N 290 19.12 -28.46 -53.34
CA GLU N 290 20.51 -28.05 -53.18
C GLU N 290 21.08 -27.65 -54.54
N ASN N 291 21.87 -26.57 -54.55
CA ASN N 291 22.43 -26.03 -55.78
C ASN N 291 23.94 -25.90 -55.64
N GLN N 292 24.67 -26.53 -56.56
CA GLN N 292 26.14 -26.43 -56.62
C GLN N 292 26.78 -26.80 -55.28
N GLY N 293 26.24 -27.84 -54.64
CA GLY N 293 26.79 -28.29 -53.38
C GLY N 293 26.54 -27.38 -52.21
N LEU N 294 25.76 -26.32 -52.39
CA LEU N 294 25.43 -25.40 -51.32
C LEU N 294 23.96 -25.52 -50.96
N PRO N 295 23.62 -25.64 -49.68
CA PRO N 295 22.22 -25.85 -49.31
C PRO N 295 21.37 -24.61 -49.54
N LEU N 296 20.09 -24.85 -49.83
CA LEU N 296 19.06 -23.81 -49.83
C LEU N 296 17.96 -24.26 -48.89
N TYR N 297 17.54 -23.37 -48.00
CA TYR N 297 16.72 -23.76 -46.86
C TYR N 297 15.26 -23.36 -46.96
N SER N 298 14.91 -22.40 -47.82
CA SER N 298 13.52 -21.99 -47.95
C SER N 298 13.31 -21.38 -49.33
N ARG N 299 12.05 -21.29 -49.74
CA ARG N 299 11.74 -20.73 -51.05
C ARG N 299 12.17 -19.27 -51.15
N LEU N 300 12.14 -18.53 -50.03
CA LEU N 300 12.68 -17.18 -50.04
C LEU N 300 14.18 -17.19 -50.29
N HIS N 301 14.90 -18.12 -49.64
CA HIS N 301 16.32 -18.28 -49.91
C HIS N 301 16.57 -18.73 -51.34
N LYS N 302 15.74 -19.67 -51.83
CA LYS N 302 15.86 -20.12 -53.21
C LYS N 302 15.57 -18.99 -54.19
N TRP N 303 14.55 -18.19 -53.90
CA TRP N 303 14.22 -17.06 -54.78
C TRP N 303 15.33 -16.02 -54.80
N ALA N 304 15.93 -15.74 -53.64
CA ALA N 304 16.99 -14.75 -53.57
C ALA N 304 18.22 -15.13 -54.38
N GLN N 305 18.37 -16.41 -54.70
CA GLN N 305 19.46 -16.86 -55.57
C GLN N 305 19.14 -16.73 -57.05
N GLY N 306 17.93 -16.30 -57.39
CA GLY N 306 17.54 -16.20 -58.79
C GLY N 306 17.17 -17.51 -59.44
N LEU N 307 16.86 -18.54 -58.66
CA LEU N 307 16.53 -19.85 -59.18
C LEU N 307 15.03 -20.10 -59.30
N ALA N 308 14.20 -19.10 -59.03
CA ALA N 308 12.75 -19.25 -59.08
C ALA N 308 12.13 -18.60 -60.31
N GLY N 309 12.42 -17.32 -60.54
CA GLY N 309 11.85 -16.61 -61.68
C GLY N 309 12.36 -17.10 -63.02
N ASP N 315 3.87 -11.28 -70.83
CA ASP N 315 3.12 -11.55 -72.05
C ASP N 315 1.62 -11.53 -71.79
N ASN N 316 1.20 -12.24 -70.74
CA ASN N 316 -0.19 -12.30 -70.33
C ASN N 316 -0.42 -11.40 -69.13
N VAL N 317 -1.57 -10.74 -69.09
CA VAL N 317 -1.92 -9.81 -68.03
C VAL N 317 -3.15 -10.35 -67.32
N GLU N 318 -3.11 -10.35 -65.98
CA GLU N 318 -4.20 -10.85 -65.16
C GLU N 318 -4.65 -9.78 -64.18
N MET N 319 -5.93 -9.85 -63.82
CA MET N 319 -6.60 -8.93 -62.88
C MET N 319 -6.10 -7.50 -63.02
N ALA N 320 -6.07 -7.01 -64.26
CA ALA N 320 -5.69 -5.64 -64.51
C ALA N 320 -6.84 -4.70 -64.17
N LEU N 321 -6.49 -3.53 -63.60
CA LEU N 321 -7.51 -2.53 -63.29
C LEU N 321 -8.20 -2.04 -64.55
N LEU N 322 -7.44 -1.77 -65.59
CA LEU N 322 -7.90 -1.22 -66.85
C LEU N 322 -7.29 -1.97 -68.02
N PRO N 323 -7.98 -2.02 -69.16
CA PRO N 323 -7.51 -2.84 -70.28
C PRO N 323 -6.20 -2.33 -70.87
N SER N 324 -5.72 -3.00 -71.92
CA SER N 324 -4.46 -2.61 -72.54
C SER N 324 -4.52 -1.16 -73.02
N ALA N 325 -3.35 -0.52 -73.06
CA ALA N 325 -3.29 0.89 -73.38
C ALA N 325 -3.91 1.20 -74.74
N LEU N 326 -3.86 0.25 -75.67
CA LEU N 326 -4.53 0.44 -76.95
C LEU N 326 -6.03 0.57 -76.77
N GLU N 327 -6.62 -0.25 -75.90
CA GLU N 327 -8.05 -0.15 -75.61
C GLU N 327 -8.39 1.09 -74.80
N VAL N 328 -7.46 1.60 -74.00
CA VAL N 328 -7.73 2.77 -73.19
C VAL N 328 -7.94 4.00 -74.06
N LEU N 329 -7.23 4.08 -75.18
CA LEU N 329 -7.30 5.27 -76.04
C LEU N 329 -8.71 5.50 -76.57
N PHE N 330 -9.48 4.44 -76.76
CA PHE N 330 -10.79 4.57 -77.38
C PHE N 330 -11.90 4.73 -76.34
N GLN O 5 35.30 -42.43 -60.94
CA GLN O 5 36.03 -43.50 -61.60
C GLN O 5 36.25 -43.19 -63.08
N VAL O 6 35.90 -41.97 -63.47
CA VAL O 6 36.08 -41.49 -64.83
C VAL O 6 37.04 -40.31 -64.80
N GLN O 7 38.08 -40.36 -65.63
CA GLN O 7 39.09 -39.32 -65.68
C GLN O 7 39.04 -38.63 -67.03
N LEU O 8 39.02 -37.30 -67.00
CA LEU O 8 39.00 -36.47 -68.20
C LEU O 8 40.34 -35.74 -68.32
N VAL O 9 41.02 -35.93 -69.44
CA VAL O 9 42.31 -35.29 -69.71
C VAL O 9 42.16 -34.48 -70.99
N GLU O 10 42.59 -33.22 -70.93
CA GLU O 10 42.45 -32.31 -72.06
C GLU O 10 43.75 -31.55 -72.26
N SER O 11 43.97 -31.10 -73.49
CA SER O 11 45.16 -30.33 -73.84
C SER O 11 44.84 -29.46 -75.05
N GLY O 12 45.87 -28.80 -75.57
CA GLY O 12 45.74 -27.94 -76.73
C GLY O 12 45.59 -26.46 -76.44
N GLY O 13 45.55 -26.07 -75.17
CA GLY O 13 45.44 -24.66 -74.84
C GLY O 13 46.67 -23.88 -75.26
N GLY O 14 46.46 -22.61 -75.57
CA GLY O 14 47.55 -21.76 -76.00
C GLY O 14 47.05 -20.38 -76.33
N SER O 15 47.97 -19.55 -76.84
CA SER O 15 47.70 -18.17 -77.21
C SER O 15 47.72 -18.05 -78.73
N VAL O 16 46.59 -17.67 -79.32
CA VAL O 16 46.46 -17.48 -80.75
C VAL O 16 45.75 -16.15 -81.00
N GLN O 17 46.29 -15.37 -81.93
CA GLN O 17 45.76 -14.04 -82.21
C GLN O 17 44.35 -14.13 -82.80
N ALA O 18 43.76 -12.96 -83.02
CA ALA O 18 42.41 -12.90 -83.57
C ALA O 18 42.38 -13.46 -84.99
N GLY O 19 41.31 -14.19 -85.30
CA GLY O 19 41.15 -14.80 -86.60
C GLY O 19 41.79 -16.17 -86.74
N GLY O 20 42.50 -16.66 -85.73
CA GLY O 20 43.13 -17.95 -85.79
C GLY O 20 42.17 -19.09 -85.48
N SER O 21 42.69 -20.31 -85.62
CA SER O 21 41.93 -21.52 -85.38
C SER O 21 42.60 -22.32 -84.26
N LEU O 22 41.78 -22.82 -83.33
CA LEU O 22 42.28 -23.60 -82.21
C LEU O 22 41.40 -24.83 -82.03
N ARG O 23 42.02 -25.95 -81.64
CA ARG O 23 41.34 -27.21 -81.44
C ARG O 23 41.65 -27.71 -80.02
N LEU O 24 40.60 -28.11 -79.30
CA LEU O 24 40.75 -28.66 -77.96
C LEU O 24 40.18 -30.08 -77.93
N SER O 25 40.95 -31.00 -77.35
CA SER O 25 40.58 -32.41 -77.27
C SER O 25 40.35 -32.79 -75.81
N CYS O 26 39.30 -33.57 -75.55
CA CYS O 26 39.02 -34.10 -74.22
C CYS O 26 39.03 -35.62 -74.29
N ALA O 27 39.89 -36.24 -73.48
CA ALA O 27 40.04 -37.69 -73.46
C ALA O 27 39.29 -38.25 -72.26
N ALA O 28 38.42 -39.21 -72.51
CA ALA O 28 37.59 -39.83 -71.47
C ALA O 28 38.06 -41.25 -71.21
N SER O 29 38.41 -41.54 -69.96
CA SER O 29 38.89 -42.84 -69.55
C SER O 29 38.05 -43.36 -68.40
N GLY O 30 37.60 -44.60 -68.50
CA GLY O 30 36.77 -45.19 -67.47
C GLY O 30 35.47 -45.74 -68.01
N ASN O 31 34.37 -45.55 -67.28
CA ASN O 31 33.06 -46.03 -67.70
C ASN O 31 32.37 -44.94 -68.51
N ILE O 32 32.34 -45.13 -69.83
CA ILE O 32 31.68 -44.21 -70.76
C ILE O 32 30.27 -44.68 -71.11
N ARG O 33 29.91 -45.91 -70.75
CA ARG O 33 28.66 -46.51 -71.19
C ARG O 33 27.45 -45.72 -70.70
N ASN O 34 27.47 -45.29 -69.44
CA ASN O 34 26.34 -44.59 -68.83
C ASN O 34 26.36 -43.10 -69.05
N ILE O 35 27.44 -42.54 -69.59
CA ILE O 35 27.49 -41.10 -69.80
C ILE O 35 26.57 -40.73 -70.96
N SER O 36 25.69 -39.75 -70.71
CA SER O 36 24.71 -39.34 -71.68
C SER O 36 24.95 -37.94 -72.22
N TYR O 37 26.03 -37.27 -71.81
CA TYR O 37 26.18 -35.84 -72.03
C TYR O 37 27.65 -35.57 -72.32
N LEU O 38 27.94 -34.99 -73.48
CA LEU O 38 29.30 -34.59 -73.82
C LEU O 38 29.27 -33.16 -74.33
N GLY O 39 30.10 -32.31 -73.73
CA GLY O 39 30.10 -30.92 -74.11
C GLY O 39 31.26 -30.14 -73.52
N TRP O 40 31.19 -28.82 -73.70
CA TRP O 40 32.23 -27.89 -73.29
C TRP O 40 31.65 -26.73 -72.48
N PHE O 41 32.40 -26.31 -71.46
CA PHE O 41 32.04 -25.20 -70.60
C PHE O 41 33.18 -24.19 -70.56
N ARG O 42 32.82 -22.90 -70.54
CA ARG O 42 33.79 -21.81 -70.49
C ARG O 42 33.44 -20.85 -69.36
N GLN O 43 34.45 -20.42 -68.62
CA GLN O 43 34.26 -19.45 -67.54
C GLN O 43 35.38 -18.42 -67.65
N ALA O 44 35.03 -17.16 -67.43
CA ALA O 44 35.96 -16.05 -67.50
C ALA O 44 35.91 -15.28 -66.20
N PRO O 45 36.98 -14.58 -65.82
CA PRO O 45 36.93 -13.74 -64.62
C PRO O 45 35.86 -12.67 -64.75
N GLY O 46 35.20 -12.38 -63.63
CA GLY O 46 34.12 -11.43 -63.60
C GLY O 46 32.77 -11.97 -64.03
N LYS O 47 32.66 -13.27 -64.30
CA LYS O 47 31.39 -13.86 -64.71
C LYS O 47 31.41 -15.34 -64.34
N GLU O 48 30.22 -15.94 -64.35
CA GLU O 48 30.08 -17.36 -64.03
C GLU O 48 30.44 -18.21 -65.26
N ARG O 49 30.09 -19.48 -65.20
CA ARG O 49 30.49 -20.47 -66.19
C ARG O 49 29.34 -20.78 -67.16
N GLU O 50 29.62 -20.74 -68.45
CA GLU O 50 28.62 -21.00 -69.48
C GLU O 50 29.05 -22.20 -70.30
N GLY O 51 28.08 -22.76 -71.03
CA GLY O 51 28.34 -23.87 -71.93
C GLY O 51 28.41 -23.41 -73.37
N VAL O 52 29.56 -23.64 -74.00
CA VAL O 52 29.74 -23.24 -75.39
C VAL O 52 28.91 -24.12 -76.32
N ALA O 53 28.90 -25.44 -76.06
CA ALA O 53 28.08 -26.39 -76.81
C ALA O 53 28.07 -27.71 -76.07
N ALA O 54 26.97 -28.46 -76.22
CA ALA O 54 26.80 -29.75 -75.56
C ALA O 54 25.95 -30.66 -76.44
N LEU O 55 26.05 -31.94 -76.12
CA LEU O 55 25.37 -32.93 -76.96
C LEU O 55 24.75 -34.03 -76.11
N TRP O 56 23.83 -34.77 -76.69
CA TRP O 56 23.18 -35.93 -76.08
C TRP O 56 23.64 -37.18 -76.81
N THR O 57 24.50 -37.99 -76.17
CA THR O 57 24.97 -39.20 -76.83
C THR O 57 23.84 -40.17 -77.11
N THR O 58 22.85 -40.23 -76.21
CA THR O 58 21.73 -41.14 -76.43
C THR O 58 20.86 -40.69 -77.60
N GLN O 59 20.60 -39.39 -77.72
CA GLN O 59 19.70 -38.89 -78.74
C GLN O 59 20.41 -38.38 -80.00
N GLY O 60 21.61 -37.83 -79.87
CA GLY O 60 22.43 -37.45 -81.01
C GLY O 60 22.39 -35.98 -81.37
N GLN O 61 21.38 -35.24 -80.93
CA GLN O 61 21.25 -33.83 -81.27
C GLN O 61 22.11 -32.94 -80.36
N THR O 62 22.43 -31.75 -80.89
CA THR O 62 23.43 -30.85 -80.33
C THR O 62 22.76 -29.55 -79.94
N TYR O 63 23.38 -28.80 -79.03
CA TYR O 63 23.00 -27.42 -78.76
C TYR O 63 24.21 -26.54 -78.95
N TYR O 64 24.03 -25.43 -79.66
CA TYR O 64 25.06 -24.44 -79.86
C TYR O 64 24.54 -23.12 -79.31
N ALA O 65 25.37 -22.44 -78.52
CA ALA O 65 24.93 -21.19 -77.91
C ALA O 65 24.83 -20.09 -78.96
N ASP O 66 24.20 -18.98 -78.56
CA ASP O 66 23.99 -17.87 -79.49
C ASP O 66 25.31 -17.30 -80.00
N SER O 67 26.29 -17.15 -79.12
CA SER O 67 27.60 -16.67 -79.53
C SER O 67 28.39 -17.71 -80.32
N VAL O 68 27.84 -18.91 -80.47
CA VAL O 68 28.56 -20.00 -81.10
C VAL O 68 28.03 -20.34 -82.49
N LYS O 69 26.78 -19.96 -82.81
CA LYS O 69 26.20 -20.20 -84.13
C LYS O 69 27.05 -19.64 -85.24
N GLY O 70 27.54 -20.52 -86.13
CA GLY O 70 28.33 -20.12 -87.25
C GLY O 70 29.77 -19.78 -86.92
N ARG O 71 30.20 -19.97 -85.68
CA ARG O 71 31.52 -19.53 -85.24
C ARG O 71 32.40 -20.64 -84.72
N PHE O 72 31.86 -21.54 -83.89
CA PHE O 72 32.61 -22.69 -83.39
C PHE O 72 31.79 -23.96 -83.59
N THR O 73 32.51 -25.06 -83.82
CA THR O 73 31.89 -26.37 -84.05
C THR O 73 32.54 -27.41 -83.16
N VAL O 74 31.73 -28.38 -82.74
CA VAL O 74 32.17 -29.46 -81.85
C VAL O 74 31.85 -30.79 -82.51
N SER O 75 32.84 -31.69 -82.54
CA SER O 75 32.71 -32.99 -83.17
C SER O 75 33.00 -34.10 -82.17
N LEU O 76 32.37 -35.25 -82.40
CA LEU O 76 32.53 -36.43 -81.54
C LEU O 76 33.20 -37.54 -82.34
N ASP O 77 34.06 -38.29 -81.68
CA ASP O 77 34.56 -39.56 -82.19
C ASP O 77 34.18 -40.64 -81.20
N ASN O 78 33.07 -41.33 -81.49
CA ASN O 78 32.59 -42.41 -80.62
C ASN O 78 33.62 -43.52 -80.52
N ALA O 79 34.28 -43.85 -81.64
CA ALA O 79 35.33 -44.86 -81.60
C ALA O 79 36.49 -44.43 -80.71
N LYS O 80 36.89 -43.16 -80.78
CA LYS O 80 37.97 -42.65 -79.95
C LYS O 80 37.52 -42.25 -78.56
N ASN O 81 36.20 -42.21 -78.30
CA ASN O 81 35.66 -41.81 -77.00
C ASN O 81 36.17 -40.43 -76.59
N THR O 82 36.27 -39.53 -77.56
CA THR O 82 36.80 -38.20 -77.34
C THR O 82 35.88 -37.16 -77.98
N VAL O 83 35.90 -35.96 -77.42
CA VAL O 83 35.11 -34.84 -77.93
C VAL O 83 36.08 -33.78 -78.44
N TYR O 84 35.91 -33.39 -79.70
CA TYR O 84 36.75 -32.39 -80.34
C TYR O 84 35.94 -31.17 -80.73
N LEU O 85 36.54 -30.00 -80.56
CA LEU O 85 35.94 -28.72 -80.89
C LEU O 85 36.84 -27.98 -81.88
N GLN O 86 36.23 -27.10 -82.67
CA GLN O 86 36.94 -26.29 -83.65
C GLN O 86 36.63 -24.82 -83.39
N MET O 87 37.64 -24.08 -82.93
CA MET O 87 37.50 -22.65 -82.66
C MET O 87 37.83 -21.88 -83.92
N ASN O 88 36.83 -21.19 -84.48
CA ASN O 88 37.02 -20.40 -85.69
C ASN O 88 36.64 -18.95 -85.41
N SER O 89 37.38 -18.03 -86.03
CA SER O 89 37.21 -16.58 -85.85
C SER O 89 37.31 -16.22 -84.37
N LEU O 90 38.50 -16.43 -83.81
CA LEU O 90 38.73 -16.14 -82.40
C LEU O 90 38.64 -14.65 -82.12
N LYS O 91 38.14 -14.31 -80.94
CA LYS O 91 37.92 -12.94 -80.50
C LYS O 91 38.53 -12.75 -79.13
N PRO O 92 38.85 -11.50 -78.76
CA PRO O 92 39.43 -11.26 -77.42
C PRO O 92 38.52 -11.62 -76.27
N GLU O 93 37.20 -11.75 -76.50
CA GLU O 93 36.29 -12.16 -75.44
C GLU O 93 36.40 -13.65 -75.11
N ASP O 94 37.14 -14.42 -75.91
CA ASP O 94 37.31 -15.85 -75.66
C ASP O 94 38.32 -16.16 -74.57
N THR O 95 38.99 -15.14 -74.01
CA THR O 95 40.03 -15.36 -73.01
C THR O 95 39.30 -15.86 -71.77
N ALA O 96 39.21 -17.18 -71.66
CA ALA O 96 38.44 -17.83 -70.61
C ALA O 96 39.02 -19.22 -70.39
N LEU O 97 38.69 -19.81 -69.25
CA LEU O 97 39.07 -21.18 -68.96
C LEU O 97 37.99 -22.14 -69.43
N TYR O 98 38.39 -23.16 -70.18
CA TYR O 98 37.46 -24.08 -70.83
C TYR O 98 37.63 -25.48 -70.23
N TYR O 99 36.52 -26.16 -70.00
CA TYR O 99 36.51 -27.50 -69.43
C TYR O 99 35.53 -28.36 -70.22
N CYS O 100 35.71 -29.67 -70.12
CA CYS O 100 34.74 -30.64 -70.63
C CYS O 100 34.04 -31.30 -69.45
N ALA O 101 32.73 -31.47 -69.56
CA ALA O 101 31.95 -32.11 -68.51
C ALA O 101 31.17 -33.27 -69.10
N ALA O 102 30.91 -34.27 -68.26
CA ALA O 102 30.15 -35.45 -68.64
C ALA O 102 29.09 -35.75 -67.59
N ALA O 103 27.88 -36.03 -68.06
CA ALA O 103 26.74 -36.27 -67.17
C ALA O 103 26.02 -37.55 -67.61
N THR O 104 25.32 -38.16 -66.66
CA THR O 104 24.72 -39.48 -66.85
C THR O 104 23.20 -39.45 -66.96
N SER O 105 22.62 -38.31 -67.30
CA SER O 105 21.17 -38.14 -67.40
C SER O 105 20.48 -38.55 -66.09
N GLY O 106 20.79 -37.76 -65.06
CA GLY O 106 20.36 -38.12 -63.72
C GLY O 106 18.85 -38.22 -63.62
N GLN O 107 18.39 -39.28 -62.96
CA GLN O 107 16.97 -39.49 -62.74
C GLN O 107 16.47 -38.54 -61.64
N TYR O 108 15.15 -38.51 -61.47
CA TYR O 108 14.52 -37.58 -60.54
C TYR O 108 13.49 -38.32 -59.71
N ASN O 109 13.84 -38.66 -58.48
CA ASN O 109 12.81 -39.08 -57.54
C ASN O 109 12.24 -37.86 -56.84
N PRO O 110 10.91 -37.69 -56.81
CA PRO O 110 10.35 -36.42 -56.32
C PRO O 110 10.64 -36.13 -54.86
N LEU O 111 10.94 -37.15 -54.05
CA LEU O 111 11.16 -36.92 -52.63
C LEU O 111 12.51 -36.24 -52.37
N ARG O 112 13.56 -36.69 -53.05
CA ARG O 112 14.92 -36.21 -52.79
C ARG O 112 15.36 -35.13 -53.77
N GLY O 113 15.33 -35.43 -55.05
CA GLY O 113 15.77 -34.51 -56.07
C GLY O 113 16.59 -35.21 -57.12
N TYR O 114 17.29 -34.43 -57.94
CA TYR O 114 18.10 -34.99 -59.01
C TYR O 114 19.40 -35.58 -58.45
N HIS O 115 19.78 -36.74 -58.97
CA HIS O 115 21.00 -37.42 -58.59
C HIS O 115 21.71 -37.91 -59.85
N TYR O 116 23.00 -37.61 -59.95
CA TYR O 116 23.78 -37.96 -61.12
C TYR O 116 25.26 -37.86 -60.79
N ASN O 117 26.11 -38.03 -61.80
CA ASN O 117 27.55 -37.87 -61.68
C ASN O 117 28.04 -36.87 -62.72
N GLU O 118 28.92 -35.98 -62.29
CA GLU O 118 29.47 -34.95 -63.18
C GLU O 118 30.98 -34.88 -62.99
N TYR O 119 31.70 -34.71 -64.09
CA TYR O 119 33.16 -34.72 -64.08
C TYR O 119 33.68 -33.46 -64.75
N TRP O 120 34.92 -33.09 -64.40
CA TRP O 120 35.52 -31.88 -64.94
C TRP O 120 36.99 -32.13 -65.24
N GLY O 121 37.53 -31.29 -66.13
CA GLY O 121 38.93 -31.32 -66.47
C GLY O 121 39.47 -29.92 -66.69
N GLN O 122 40.55 -29.58 -66.00
CA GLN O 122 41.11 -28.24 -66.06
C GLN O 122 41.68 -27.95 -67.44
N GLY O 123 41.36 -26.75 -67.96
CA GLY O 123 41.87 -26.32 -69.24
C GLY O 123 41.82 -24.81 -69.35
N THR O 124 42.65 -24.28 -70.25
CA THR O 124 42.78 -22.85 -70.42
C THR O 124 42.83 -22.50 -71.90
N GLN O 125 42.39 -21.28 -72.24
CA GLN O 125 42.47 -20.80 -73.61
C GLN O 125 42.40 -19.28 -73.51
N VAL O 126 43.50 -18.61 -73.86
CA VAL O 126 43.57 -17.15 -73.81
C VAL O 126 44.14 -16.66 -75.13
N THR O 127 43.50 -15.64 -75.71
CA THR O 127 43.97 -15.01 -76.93
C THR O 127 44.68 -13.70 -76.57
N VAL O 128 45.92 -13.57 -77.04
CA VAL O 128 46.67 -12.34 -76.79
C VAL O 128 46.01 -11.16 -77.49
N SER O 129 45.62 -11.35 -78.75
CA SER O 129 44.99 -10.28 -79.53
C SER O 129 43.83 -10.83 -80.36
N LEU P 39 -6.66 -31.25 -10.47
CA LEU P 39 -5.38 -31.48 -11.11
C LEU P 39 -4.68 -32.71 -10.54
N PHE P 40 -4.46 -32.70 -9.22
CA PHE P 40 -3.84 -33.85 -8.57
C PHE P 40 -4.81 -35.02 -8.44
N SER P 41 -6.11 -34.74 -8.40
CA SER P 41 -7.09 -35.81 -8.27
C SER P 41 -7.08 -36.72 -9.50
N VAL P 42 -6.92 -36.14 -10.68
CA VAL P 42 -6.88 -36.94 -11.91
C VAL P 42 -5.66 -37.86 -11.90
N VAL P 43 -4.51 -37.35 -11.51
CA VAL P 43 -3.27 -38.15 -11.47
C VAL P 43 -3.23 -38.78 -10.08
N ALA P 44 -3.92 -39.91 -9.94
CA ALA P 44 -3.97 -40.63 -8.69
C ALA P 44 -4.32 -42.09 -8.96
N PHE P 45 -4.11 -42.93 -7.97
CA PHE P 45 -4.39 -44.35 -8.06
C PHE P 45 -5.77 -44.64 -7.48
N HIS P 46 -6.55 -45.46 -8.18
CA HIS P 46 -7.89 -45.84 -7.74
C HIS P 46 -8.04 -47.34 -8.03
N CYS P 47 -7.92 -48.16 -6.99
CA CYS P 47 -7.91 -49.60 -7.16
C CYS P 47 -9.29 -50.13 -7.54
N PRO P 48 -9.43 -50.79 -8.68
CA PRO P 48 -10.69 -51.48 -9.00
C PRO P 48 -10.73 -52.84 -8.32
N CYS P 49 -11.57 -52.95 -7.30
CA CYS P 49 -11.66 -54.17 -6.49
C CYS P 49 -12.43 -55.22 -7.28
N SER P 50 -11.70 -56.04 -8.04
CA SER P 50 -12.29 -57.10 -8.84
C SER P 50 -11.24 -58.18 -9.08
N PRO P 51 -11.62 -59.45 -9.03
CA PRO P 51 -10.65 -60.52 -9.28
C PRO P 51 -10.18 -60.53 -10.73
N ALA P 52 -8.91 -60.87 -10.91
CA ALA P 52 -8.25 -60.95 -12.21
C ALA P 52 -8.34 -59.63 -12.98
N ARG P 53 -8.65 -58.54 -12.29
CA ARG P 53 -8.85 -57.25 -12.93
C ARG P 53 -8.09 -56.16 -12.19
N ASN P 54 -7.87 -56.37 -10.88
CA ASN P 54 -7.17 -55.39 -10.09
C ASN P 54 -5.67 -55.36 -10.40
N TYR P 55 -5.08 -56.52 -10.73
CA TYR P 55 -3.65 -56.55 -11.00
C TYR P 55 -3.29 -55.94 -12.34
N LEU P 56 -4.19 -56.05 -13.33
CA LEU P 56 -3.95 -55.39 -14.61
C LEU P 56 -3.90 -53.87 -14.45
N TYR P 57 -4.81 -53.32 -13.64
CA TYR P 57 -4.81 -51.88 -13.42
C TYR P 57 -3.52 -51.42 -12.74
N GLY P 58 -3.04 -52.19 -11.75
CA GLY P 58 -1.80 -51.85 -11.10
C GLY P 58 -0.62 -51.83 -12.06
N LEU P 59 -0.62 -52.73 -13.03
CA LEU P 59 0.43 -52.75 -14.04
C LEU P 59 0.35 -51.51 -14.94
N ALA P 60 -0.85 -51.20 -15.43
CA ALA P 60 -0.99 -50.09 -16.37
C ALA P 60 -0.83 -48.73 -15.68
N ALA P 61 -1.44 -48.57 -14.51
CA ALA P 61 -1.38 -47.28 -13.81
C ALA P 61 0.01 -46.99 -13.25
N ILE P 62 0.92 -47.97 -13.24
CA ILE P 62 2.28 -47.78 -12.74
C ILE P 62 3.31 -47.98 -13.85
N GLY P 63 3.16 -49.05 -14.64
CA GLY P 63 4.12 -49.32 -15.69
C GLY P 63 4.11 -48.27 -16.80
N VAL P 64 2.92 -47.86 -17.24
CA VAL P 64 2.83 -46.85 -18.28
C VAL P 64 3.41 -45.50 -17.84
N PRO P 65 3.08 -44.97 -16.66
CA PRO P 65 3.76 -43.73 -16.23
C PRO P 65 5.27 -43.89 -16.13
N ALA P 66 5.76 -45.07 -15.75
CA ALA P 66 7.19 -45.32 -15.81
C ALA P 66 7.68 -45.33 -17.26
N LEU P 67 6.91 -45.92 -18.17
CA LEU P 67 7.34 -46.04 -19.55
C LEU P 67 7.43 -44.68 -20.24
N VAL P 68 6.42 -43.82 -20.04
CA VAL P 68 6.43 -42.52 -20.70
C VAL P 68 7.57 -41.66 -20.18
N LEU P 69 7.79 -41.69 -18.85
CA LEU P 69 8.92 -40.96 -18.29
C LEU P 69 10.25 -41.49 -18.80
N PHE P 70 10.31 -42.78 -19.13
CA PHE P 70 11.51 -43.32 -19.76
C PHE P 70 11.69 -42.77 -21.16
N ILE P 71 10.59 -42.59 -21.90
CA ILE P 71 10.68 -42.11 -23.28
C ILE P 71 11.14 -40.66 -23.32
N ILE P 72 10.67 -39.84 -22.37
CA ILE P 72 11.04 -38.43 -22.37
C ILE P 72 12.54 -38.26 -22.23
N GLY P 73 13.16 -39.05 -21.35
CA GLY P 73 14.61 -38.95 -21.17
C GLY P 73 15.39 -39.34 -22.40
N ILE P 74 14.93 -40.36 -23.12
CA ILE P 74 15.65 -40.82 -24.30
C ILE P 74 15.62 -39.77 -25.40
N ILE P 75 14.46 -39.14 -25.60
CA ILE P 75 14.32 -38.14 -26.68
C ILE P 75 15.22 -36.94 -26.41
N LEU P 76 15.19 -36.41 -25.18
CA LEU P 76 15.88 -35.17 -24.88
C LEU P 76 17.40 -35.33 -24.97
N ASN P 77 17.92 -36.51 -24.64
CA ASN P 77 19.36 -36.73 -24.70
C ASN P 77 19.84 -36.68 -26.14
N ASN P 78 20.89 -35.89 -26.39
CA ASN P 78 21.43 -35.75 -27.74
C ASN P 78 22.25 -36.96 -28.17
N HIS P 79 22.75 -37.75 -27.22
CA HIS P 79 23.65 -38.85 -27.55
C HIS P 79 22.96 -39.94 -28.38
N THR P 80 21.64 -40.06 -28.30
CA THR P 80 20.96 -41.08 -29.09
C THR P 80 20.85 -40.70 -30.56
N TRP P 81 20.75 -39.41 -30.86
CA TRP P 81 20.57 -38.98 -32.24
C TRP P 81 21.86 -39.12 -33.04
N ASN P 82 23.00 -38.78 -32.44
CA ASN P 82 24.27 -39.03 -33.11
C ASN P 82 24.57 -40.52 -33.19
N LEU P 83 24.07 -41.31 -32.23
CA LEU P 83 24.14 -42.76 -32.36
C LEU P 83 23.30 -43.24 -33.53
N VAL P 84 22.08 -42.69 -33.67
CA VAL P 84 21.26 -42.98 -34.85
C VAL P 84 21.95 -42.47 -36.11
N ALA P 85 22.52 -41.27 -36.05
CA ALA P 85 23.22 -40.72 -37.20
C ALA P 85 24.44 -41.55 -37.57
N GLU P 86 25.03 -42.26 -36.59
CA GLU P 86 26.16 -43.13 -36.90
C GLU P 86 25.75 -44.23 -37.87
N CYS P 87 24.67 -44.96 -37.54
CA CYS P 87 24.16 -45.98 -38.44
C CYS P 87 23.52 -45.38 -39.69
N GLN P 88 23.04 -44.13 -39.60
CA GLN P 88 22.41 -43.49 -40.74
C GLN P 88 23.41 -43.24 -41.87
N HIS P 89 24.57 -42.67 -41.54
CA HIS P 89 25.51 -42.27 -42.58
C HIS P 89 26.29 -43.47 -43.15
N ARG P 90 26.67 -44.42 -42.30
CA ARG P 90 27.54 -45.50 -42.76
C ARG P 90 26.80 -46.44 -43.72
N ARG P 91 25.61 -46.91 -43.32
CA ARG P 91 24.82 -47.87 -44.09
C ARG P 91 25.64 -49.10 -44.49
N THR P 92 26.71 -49.39 -43.76
CA THR P 92 27.63 -50.46 -44.11
C THR P 92 28.07 -51.25 -42.87
N LYS P 93 27.66 -50.82 -41.68
CA LYS P 93 28.02 -51.47 -40.41
C LYS P 93 29.53 -51.45 -40.19
N ASN P 94 30.14 -50.29 -40.44
CA ASN P 94 31.59 -50.16 -40.26
C ASN P 94 31.99 -50.34 -38.81
N CYS P 95 31.25 -49.73 -37.89
CA CYS P 95 31.57 -49.86 -36.47
C CYS P 95 31.26 -51.27 -35.97
N SER P 96 32.11 -51.76 -35.08
CA SER P 96 31.94 -53.10 -34.53
C SER P 96 30.89 -53.08 -33.41
N ALA P 97 30.68 -54.24 -32.78
CA ALA P 97 29.70 -54.33 -31.71
C ALA P 97 30.21 -53.69 -30.42
N ALA P 98 31.51 -53.77 -30.16
CA ALA P 98 32.06 -53.23 -28.92
C ALA P 98 31.85 -51.73 -28.76
N PRO P 99 32.17 -50.87 -29.74
CA PRO P 99 31.92 -49.43 -29.54
C PRO P 99 30.45 -49.11 -29.33
N THR P 100 29.55 -49.84 -29.98
CA THR P 100 28.12 -49.62 -29.80
C THR P 100 27.62 -50.21 -28.49
N PHE P 101 28.30 -51.24 -27.97
CA PHE P 101 27.82 -51.91 -26.77
C PHE P 101 27.80 -50.97 -25.57
N LEU P 102 28.85 -50.15 -25.40
CA LEU P 102 28.89 -49.24 -24.27
C LEU P 102 27.93 -48.07 -24.45
N LEU P 103 27.89 -47.50 -25.65
CA LEU P 103 27.07 -46.31 -25.87
C LEU P 103 25.58 -46.64 -25.85
N LEU P 104 25.20 -47.81 -26.35
CA LEU P 104 23.79 -48.19 -26.32
C LEU P 104 23.29 -48.30 -24.88
N SER P 105 24.08 -48.92 -24.00
CA SER P 105 23.71 -49.00 -22.59
C SER P 105 23.87 -47.66 -21.90
N SER P 106 24.81 -46.83 -22.37
CA SER P 106 25.04 -45.53 -21.73
C SER P 106 23.81 -44.66 -21.79
N ILE P 107 23.13 -44.63 -22.95
CA ILE P 107 21.99 -43.76 -23.14
C ILE P 107 20.78 -44.27 -22.36
N LEU P 108 20.55 -45.57 -22.37
CA LEU P 108 19.39 -46.15 -21.68
C LEU P 108 19.48 -45.93 -20.17
N GLY P 109 20.66 -46.13 -19.59
CA GLY P 109 20.80 -45.96 -18.15
C GLY P 109 20.62 -44.52 -17.71
N ARG P 110 21.19 -43.57 -18.45
CA ARG P 110 21.10 -42.17 -18.07
C ARG P 110 19.69 -41.63 -18.15
N ALA P 111 18.84 -42.19 -19.02
CA ALA P 111 17.46 -41.76 -19.13
C ALA P 111 16.50 -42.58 -18.27
N ALA P 112 17.01 -43.62 -17.60
CA ALA P 112 16.18 -44.44 -16.73
C ALA P 112 16.00 -43.84 -15.34
N VAL P 113 16.48 -42.63 -15.11
CA VAL P 113 16.35 -41.99 -13.81
C VAL P 113 14.89 -41.72 -13.47
N ALA P 114 14.12 -41.26 -14.45
CA ALA P 114 12.71 -40.97 -14.20
C ALA P 114 11.90 -42.20 -13.81
N PRO P 115 11.99 -43.34 -14.50
CA PRO P 115 11.19 -44.50 -14.07
C PRO P 115 11.50 -45.00 -12.66
N VAL P 116 12.78 -45.01 -12.25
CA VAL P 116 13.10 -45.52 -10.92
C VAL P 116 12.59 -44.57 -9.85
N THR P 117 12.78 -43.26 -10.03
CA THR P 117 12.30 -42.31 -9.05
C THR P 117 10.77 -42.22 -9.02
N TRP P 118 10.08 -42.80 -9.99
CA TRP P 118 8.63 -42.90 -9.96
C TRP P 118 8.17 -44.21 -9.33
N SER P 119 8.71 -45.34 -9.82
CA SER P 119 8.28 -46.64 -9.30
C SER P 119 8.64 -46.81 -7.83
N VAL P 120 9.69 -46.12 -7.36
CA VAL P 120 10.00 -46.14 -5.93
C VAL P 120 8.87 -45.55 -5.13
N ILE P 121 8.34 -44.40 -5.57
CA ILE P 121 7.27 -43.73 -4.84
C ILE P 121 6.01 -44.59 -4.81
N SER P 122 5.70 -45.25 -5.93
CA SER P 122 4.53 -46.12 -5.98
C SER P 122 4.69 -47.29 -5.01
N LEU P 123 5.88 -47.88 -4.95
CA LEU P 123 6.11 -48.97 -4.02
C LEU P 123 6.08 -48.48 -2.57
N LEU P 124 6.55 -47.26 -2.32
CA LEU P 124 6.49 -46.70 -0.97
C LEU P 124 5.03 -46.51 -0.53
N ARG P 125 4.18 -46.03 -1.43
CA ARG P 125 2.75 -45.91 -1.10
C ARG P 125 2.14 -47.27 -0.81
N GLY P 126 2.48 -48.27 -1.62
CA GLY P 126 1.98 -49.62 -1.43
C GLY P 126 0.61 -49.89 -1.99
N GLU P 127 -0.07 -48.87 -2.52
CA GLU P 127 -1.43 -49.07 -3.04
C GLU P 127 -1.44 -50.00 -4.24
N ALA P 128 -0.47 -49.87 -5.14
CA ALA P 128 -0.44 -50.70 -6.33
C ALA P 128 -0.21 -52.17 -5.98
N TYR P 129 0.71 -52.44 -5.05
CA TYR P 129 1.05 -53.83 -4.73
C TYR P 129 -0.08 -54.52 -3.98
N VAL P 130 -0.72 -53.83 -3.03
CA VAL P 130 -1.83 -54.44 -2.31
C VAL P 130 -3.00 -54.67 -3.24
N CYS P 131 -3.22 -53.78 -4.21
CA CYS P 131 -4.32 -53.95 -5.16
C CYS P 131 -4.03 -55.08 -6.14
N ALA P 132 -2.79 -55.19 -6.60
CA ALA P 132 -2.46 -56.17 -7.63
C ALA P 132 -2.41 -57.60 -7.06
N LEU P 133 -1.90 -57.75 -5.86
CA LEU P 133 -1.70 -59.06 -5.26
C LEU P 133 -2.78 -59.44 -4.26
N SER P 134 -3.87 -58.69 -4.20
CA SER P 134 -4.95 -59.01 -3.28
C SER P 134 -5.58 -60.36 -3.62
N GLU P 135 -5.78 -60.63 -4.91
CA GLU P 135 -6.41 -61.89 -5.32
C GLU P 135 -5.49 -63.09 -5.10
N PHE P 136 -4.19 -62.87 -4.95
CA PHE P 136 -3.23 -63.96 -4.77
C PHE P 136 -2.90 -64.24 -3.31
N VAL P 137 -3.56 -63.57 -2.37
CA VAL P 137 -3.34 -63.82 -0.95
C VAL P 137 -4.00 -65.13 -0.56
N ASP P 138 -3.23 -66.01 0.09
CA ASP P 138 -3.75 -67.30 0.52
C ASP P 138 -4.41 -67.14 1.89
N PRO P 139 -5.71 -67.44 2.02
CA PRO P 139 -6.35 -67.33 3.34
C PRO P 139 -5.74 -68.23 4.40
N SER P 140 -5.14 -69.35 4.01
CA SER P 140 -4.54 -70.26 4.99
C SER P 140 -3.40 -69.59 5.72
N SER P 141 -2.56 -68.82 5.01
CA SER P 141 -1.42 -68.16 5.63
C SER P 141 -1.83 -67.05 6.59
N LEU P 142 -3.07 -66.59 6.54
CA LEU P 142 -3.53 -65.56 7.46
C LEU P 142 -3.59 -66.09 8.87
N THR P 143 -3.14 -65.28 9.83
CA THR P 143 -3.03 -65.71 11.22
C THR P 143 -3.52 -64.57 12.12
N ALA P 144 -3.21 -64.68 13.41
CA ALA P 144 -3.59 -63.72 14.43
C ALA P 144 -5.10 -63.62 14.62
N ARG P 145 -5.84 -64.65 14.22
CA ARG P 145 -7.29 -64.64 14.34
C ARG P 145 -7.80 -66.05 14.07
N GLU P 146 -8.97 -66.36 14.61
CA GLU P 146 -9.68 -67.57 14.24
C GLU P 146 -10.08 -67.51 12.77
N GLU P 147 -10.14 -68.68 12.13
CA GLU P 147 -10.37 -68.78 10.69
C GLU P 147 -11.83 -68.48 10.38
N HIS P 148 -12.17 -67.18 10.37
CA HIS P 148 -13.50 -66.72 10.04
C HIS P 148 -13.68 -66.42 8.56
N PHE P 149 -12.66 -66.65 7.74
CA PHE P 149 -12.75 -66.31 6.32
C PHE P 149 -13.50 -67.40 5.58
N PRO P 150 -14.64 -67.09 4.94
CA PRO P 150 -15.38 -68.11 4.20
C PRO P 150 -14.62 -68.62 3.00
N SER P 151 -14.85 -69.89 2.67
CA SER P 151 -14.22 -70.54 1.53
C SER P 151 -15.07 -70.50 0.27
N ALA P 152 -16.25 -69.86 0.33
CA ALA P 152 -17.11 -69.79 -0.84
C ALA P 152 -16.44 -69.04 -1.99
N HIS P 153 -16.16 -67.75 -1.76
CA HIS P 153 -15.46 -66.92 -2.74
C HIS P 153 -14.32 -66.21 -2.01
N ALA P 154 -13.18 -66.88 -1.89
CA ALA P 154 -12.03 -66.26 -1.22
C ALA P 154 -11.43 -65.15 -2.05
N THR P 155 -11.32 -65.34 -3.36
CA THR P 155 -10.75 -64.32 -4.22
C THR P 155 -11.61 -63.07 -4.26
N GLU P 156 -12.93 -63.24 -4.32
CA GLU P 156 -13.83 -62.10 -4.40
C GLU P 156 -13.76 -61.25 -3.13
N ILE P 157 -13.74 -61.89 -1.96
CA ILE P 157 -13.70 -61.15 -0.70
C ILE P 157 -12.36 -60.42 -0.56
N LEU P 158 -11.26 -61.11 -0.86
CA LEU P 158 -9.95 -60.48 -0.76
C LEU P 158 -9.79 -59.33 -1.74
N ALA P 159 -10.46 -59.41 -2.90
CA ALA P 159 -10.32 -58.38 -3.91
C ALA P 159 -10.88 -57.04 -3.42
N ARG P 160 -11.97 -57.07 -2.67
CA ARG P 160 -12.67 -55.86 -2.26
C ARG P 160 -12.12 -55.23 -0.99
N PHE P 161 -11.07 -55.81 -0.41
CA PHE P 161 -10.49 -55.24 0.81
C PHE P 161 -9.96 -53.81 0.61
N PRO P 162 -9.19 -53.49 -0.43
CA PRO P 162 -8.67 -52.11 -0.55
C PRO P 162 -9.75 -51.05 -0.65
N CYS P 163 -10.91 -51.36 -1.24
CA CYS P 163 -11.95 -50.38 -1.46
C CYS P 163 -12.87 -50.19 -0.26
N LYS P 164 -12.42 -50.58 0.94
CA LYS P 164 -13.18 -50.49 2.19
C LYS P 164 -14.46 -51.31 2.17
N GLU P 165 -14.64 -52.17 1.16
CA GLU P 165 -15.78 -53.07 1.09
C GLU P 165 -15.46 -54.41 1.74
N ASN P 166 -15.06 -54.35 3.00
CA ASN P 166 -14.55 -55.46 3.80
C ASN P 166 -15.52 -55.79 4.94
N PRO P 167 -15.77 -57.08 5.20
CA PRO P 167 -16.61 -57.44 6.34
C PRO P 167 -15.95 -57.08 7.66
N ASP P 168 -16.78 -56.61 8.60
CA ASP P 168 -16.25 -56.19 9.91
C ASP P 168 -15.63 -57.38 10.65
N ASN P 169 -16.24 -58.56 10.52
CA ASN P 169 -15.66 -59.76 11.12
C ASN P 169 -14.35 -60.17 10.46
N LEU P 170 -14.02 -59.61 9.30
CA LEU P 170 -12.75 -59.86 8.63
C LEU P 170 -11.87 -58.62 8.57
N SER P 171 -12.17 -57.61 9.40
CA SER P 171 -11.40 -56.37 9.36
C SER P 171 -9.94 -56.62 9.73
N ASP P 172 -9.70 -57.48 10.72
CA ASP P 172 -8.33 -57.86 11.05
C ASP P 172 -7.66 -58.58 9.88
N PHE P 173 -8.38 -59.50 9.23
CA PHE P 173 -7.85 -60.13 8.03
C PHE P 173 -7.51 -59.09 6.97
N ARG P 174 -8.37 -58.08 6.82
CA ARG P 174 -8.04 -56.93 5.99
C ARG P 174 -6.78 -56.25 6.49
N GLU P 175 -6.72 -55.98 7.80
CA GLU P 175 -5.55 -55.34 8.39
C GLU P 175 -4.31 -56.23 8.30
N GLU P 176 -4.50 -57.56 8.40
CA GLU P 176 -3.38 -58.48 8.21
C GLU P 176 -2.85 -58.41 6.78
N VAL P 177 -3.75 -58.48 5.79
CA VAL P 177 -3.34 -58.39 4.40
C VAL P 177 -2.86 -56.98 4.09
N SER P 178 -3.48 -55.95 4.68
CA SER P 178 -3.06 -54.58 4.43
C SER P 178 -1.62 -54.35 4.83
N ARG P 179 -1.20 -54.91 5.97
CA ARG P 179 0.18 -54.78 6.41
C ARG P 179 1.09 -55.89 5.88
N ARG P 180 0.53 -56.91 5.23
CA ARG P 180 1.34 -57.96 4.64
C ARG P 180 1.85 -57.56 3.26
N LEU P 181 0.94 -57.18 2.36
CA LEU P 181 1.35 -56.80 1.02
C LEU P 181 2.08 -55.47 1.00
N ARG P 182 1.66 -54.53 1.85
CA ARG P 182 2.37 -53.25 1.95
C ARG P 182 3.79 -53.45 2.46
N TYR P 183 4.01 -54.48 3.29
CA TYR P 183 5.37 -54.85 3.67
C TYR P 183 6.18 -55.26 2.45
N GLU P 184 5.60 -56.09 1.59
CA GLU P 184 6.30 -56.52 0.38
C GLU P 184 6.50 -55.38 -0.59
N SER P 185 5.55 -54.44 -0.64
CA SER P 185 5.70 -53.29 -1.53
C SER P 185 6.91 -52.45 -1.17
N GLN P 186 7.11 -52.21 0.14
CA GLN P 186 8.25 -51.44 0.58
C GLN P 186 9.54 -52.26 0.56
N LEU P 187 9.45 -53.56 0.83
CA LEU P 187 10.64 -54.40 0.84
C LEU P 187 11.27 -54.49 -0.55
N PHE P 188 10.44 -54.65 -1.60
CA PHE P 188 10.95 -54.47 -2.95
C PHE P 188 11.32 -53.02 -3.21
N GLY P 189 10.60 -52.07 -2.61
CA GLY P 189 10.92 -50.66 -2.82
C GLY P 189 12.28 -50.29 -2.28
N TRP P 190 12.59 -50.72 -1.06
CA TRP P 190 13.88 -50.41 -0.47
C TRP P 190 15.01 -51.14 -1.19
N LEU P 191 14.76 -52.38 -1.61
CA LEU P 191 15.78 -53.11 -2.36
C LEU P 191 16.08 -52.43 -3.69
N LEU P 192 15.04 -51.92 -4.36
CA LEU P 192 15.25 -51.28 -5.66
C LEU P 192 16.09 -50.02 -5.53
N ILE P 193 15.90 -49.26 -4.44
CA ILE P 193 16.78 -48.12 -4.16
C ILE P 193 18.21 -48.60 -3.92
N GLY P 194 18.37 -49.75 -3.25
CA GLY P 194 19.68 -50.31 -3.07
C GLY P 194 20.32 -50.74 -4.36
N VAL P 195 19.53 -51.36 -5.26
CA VAL P 195 20.08 -51.91 -6.49
C VAL P 195 20.62 -50.80 -7.39
N VAL P 196 19.86 -49.71 -7.56
CA VAL P 196 20.32 -48.62 -8.40
C VAL P 196 21.58 -48.00 -7.82
N ALA P 197 21.64 -47.84 -6.50
CA ALA P 197 22.83 -47.30 -5.86
C ALA P 197 24.05 -48.19 -6.11
N ILE P 198 23.87 -49.51 -6.02
CA ILE P 198 24.96 -50.43 -6.34
C ILE P 198 25.35 -50.31 -7.80
N LEU P 199 24.36 -50.25 -8.69
CA LEU P 199 24.66 -50.12 -10.11
C LEU P 199 25.37 -48.80 -10.42
N VAL P 200 24.92 -47.70 -9.80
CA VAL P 200 25.55 -46.41 -10.05
C VAL P 200 26.99 -46.42 -9.56
N PHE P 201 27.24 -47.07 -8.41
CA PHE P 201 28.63 -47.28 -7.99
C PHE P 201 29.40 -48.13 -8.99
N LEU P 202 28.80 -49.21 -9.47
CA LEU P 202 29.57 -50.16 -10.28
C LEU P 202 30.04 -49.54 -11.59
N THR P 203 29.19 -48.77 -12.26
CA THR P 203 29.61 -48.15 -13.53
C THR P 203 30.64 -47.05 -13.31
N LYS P 204 30.38 -46.14 -12.36
CA LYS P 204 31.31 -45.03 -12.15
C LYS P 204 32.67 -45.53 -11.66
N CYS P 205 32.69 -46.52 -10.77
CA CYS P 205 33.95 -47.09 -10.35
C CYS P 205 34.66 -47.79 -11.50
N LEU P 206 33.93 -48.59 -12.28
CA LEU P 206 34.52 -49.29 -13.41
C LEU P 206 34.86 -48.36 -14.56
N LYS P 207 34.23 -47.18 -14.62
CA LYS P 207 34.53 -46.26 -15.71
C LYS P 207 35.96 -45.73 -15.62
N HIS P 208 36.36 -45.28 -14.44
CA HIS P 208 37.69 -44.68 -14.29
C HIS P 208 38.79 -45.71 -14.53
N TYR P 209 38.62 -46.93 -14.03
CA TYR P 209 39.63 -47.96 -14.22
C TYR P 209 39.79 -48.33 -15.68
N CYS P 210 38.67 -48.48 -16.40
CA CYS P 210 38.72 -48.96 -17.78
C CYS P 210 38.98 -47.84 -18.78
N SER P 211 38.62 -46.61 -18.45
CA SER P 211 38.84 -45.50 -19.37
C SER P 211 40.33 -45.22 -19.51
N PRO P 212 40.80 -44.94 -20.74
CA PRO P 212 42.24 -44.67 -20.92
C PRO P 212 42.68 -43.31 -20.39
N LEU P 213 41.74 -42.45 -19.99
CA LEU P 213 42.06 -41.10 -19.56
C LEU P 213 41.87 -40.95 -18.06
N SER P 214 42.64 -40.04 -17.47
CA SER P 214 42.49 -39.74 -16.05
C SER P 214 41.21 -38.94 -15.82
N TYR P 215 40.71 -39.01 -14.58
CA TYR P 215 39.46 -38.34 -14.24
C TYR P 215 39.60 -36.82 -14.32
N ARG P 216 40.78 -36.29 -14.00
CA ARG P 216 40.98 -34.84 -14.09
C ARG P 216 40.96 -34.38 -15.55
N GLN P 217 41.62 -35.12 -16.44
CA GLN P 217 41.58 -34.78 -17.85
C GLN P 217 40.17 -34.94 -18.41
N GLU P 218 39.46 -36.00 -18.01
CA GLU P 218 38.08 -36.16 -18.46
C GLU P 218 37.19 -35.04 -17.95
N ALA P 219 37.46 -34.52 -16.75
CA ALA P 219 36.75 -33.35 -16.27
C ALA P 219 36.98 -32.16 -17.19
N TYR P 220 38.23 -31.97 -17.63
CA TYR P 220 38.51 -30.95 -18.64
C TYR P 220 37.81 -31.27 -19.95
N TRP P 221 37.83 -32.53 -20.37
CA TRP P 221 37.15 -32.93 -21.60
C TRP P 221 35.64 -32.76 -21.47
N ALA P 222 35.06 -33.16 -20.34
CA ALA P 222 33.64 -32.98 -20.12
C ALA P 222 33.27 -31.50 -20.14
N GLN P 223 34.17 -30.64 -19.67
CA GLN P 223 33.95 -29.20 -19.76
C GLN P 223 33.91 -28.75 -21.22
N TYR P 224 34.78 -29.32 -22.06
CA TYR P 224 34.85 -28.91 -23.46
C TYR P 224 33.54 -29.23 -24.18
N ARG P 225 33.08 -30.47 -24.08
CA ARG P 225 31.86 -30.86 -24.79
C ARG P 225 30.64 -30.11 -24.27
N ALA P 226 30.52 -29.98 -22.95
CA ALA P 226 29.38 -29.30 -22.36
C ALA P 226 29.42 -27.78 -22.56
N ASN P 227 30.52 -27.24 -23.06
CA ASN P 227 30.65 -25.81 -23.27
C ASN P 227 30.94 -25.43 -24.72
N GLU P 228 31.51 -26.33 -25.53
CA GLU P 228 31.61 -26.06 -26.96
C GLU P 228 30.24 -25.97 -27.61
N ASP P 229 29.33 -26.86 -27.23
CA ASP P 229 27.99 -26.84 -27.80
C ASP P 229 27.24 -25.57 -27.43
N GLN P 230 27.60 -24.94 -26.31
CA GLN P 230 27.00 -23.65 -25.97
C GLN P 230 27.37 -22.59 -27.00
N LEU P 231 28.64 -22.56 -27.42
CA LEU P 231 29.07 -21.58 -28.42
C LEU P 231 28.60 -21.97 -29.82
N PHE P 232 28.60 -23.26 -30.15
CA PHE P 232 28.21 -23.69 -31.48
C PHE P 232 26.74 -23.35 -31.75
N GLN P 233 25.87 -23.59 -30.77
CA GLN P 233 24.46 -23.24 -30.93
C GLN P 233 24.25 -21.74 -30.94
N ARG P 234 25.11 -20.99 -30.22
CA ARG P 234 24.96 -19.54 -30.18
C ARG P 234 25.36 -18.91 -31.50
N THR P 235 26.38 -19.46 -32.16
CA THR P 235 26.79 -18.94 -33.47
C THR P 235 25.81 -19.32 -34.56
N ALA P 236 25.17 -20.50 -34.44
CA ALA P 236 24.21 -20.93 -35.45
C ALA P 236 23.02 -19.97 -35.52
N GLU P 237 22.53 -19.53 -34.36
CA GLU P 237 21.44 -18.57 -34.34
C GLU P 237 21.85 -17.26 -34.99
N VAL P 238 23.05 -16.78 -34.70
CA VAL P 238 23.51 -15.53 -35.30
C VAL P 238 23.75 -15.70 -36.79
N HIS P 239 24.33 -16.82 -37.20
CA HIS P 239 24.56 -17.05 -38.62
C HIS P 239 23.25 -17.17 -39.38
N SER P 240 22.27 -17.86 -38.81
CA SER P 240 20.95 -17.95 -39.45
C SER P 240 20.30 -16.58 -39.52
N ARG P 241 20.38 -15.79 -38.45
CA ARG P 241 19.77 -14.48 -38.43
C ARG P 241 20.38 -13.57 -39.49
N VAL P 242 21.71 -13.62 -39.64
CA VAL P 242 22.35 -12.84 -40.70
C VAL P 242 21.96 -13.38 -42.06
N LEU P 243 21.91 -14.71 -42.22
CA LEU P 243 21.47 -15.28 -43.49
C LEU P 243 20.02 -14.93 -43.79
N ALA P 244 19.16 -14.98 -42.77
CA ALA P 244 17.77 -14.60 -42.97
C ALA P 244 17.65 -13.12 -43.34
N ALA P 245 18.44 -12.27 -42.68
CA ALA P 245 18.42 -10.83 -42.99
C ALA P 245 18.91 -10.58 -44.41
N ASN P 246 19.94 -11.31 -44.85
CA ASN P 246 20.45 -11.13 -46.21
C ASN P 246 19.47 -11.61 -47.27
N ASN P 247 18.48 -12.41 -46.89
CA ASN P 247 17.47 -12.89 -47.84
C ASN P 247 16.21 -12.06 -47.84
N VAL P 248 15.80 -11.53 -46.68
CA VAL P 248 14.65 -10.63 -46.65
C VAL P 248 14.97 -9.33 -47.39
N ARG P 249 16.22 -8.87 -47.28
CA ARG P 249 16.60 -7.63 -47.97
C ARG P 249 16.45 -7.77 -49.49
N ARG P 250 16.81 -8.94 -50.03
CA ARG P 250 16.62 -9.17 -51.46
C ARG P 250 15.16 -9.09 -51.86
N PHE P 251 14.23 -9.35 -50.93
CA PHE P 251 12.82 -9.37 -51.25
C PHE P 251 12.23 -7.97 -51.23
N PHE P 252 12.28 -7.29 -50.08
CA PHE P 252 11.67 -5.97 -49.92
C PHE P 252 12.61 -4.85 -50.31
N GLY P 253 13.89 -4.97 -49.99
CA GLY P 253 14.85 -3.89 -50.16
C GLY P 253 15.40 -3.34 -48.86
N PHE P 254 14.84 -3.74 -47.72
CA PHE P 254 15.33 -3.32 -46.43
C PHE P 254 14.90 -4.35 -45.40
N VAL P 255 15.56 -4.33 -44.25
CA VAL P 255 15.30 -5.26 -43.15
C VAL P 255 15.02 -4.46 -41.89
N ALA P 256 13.94 -4.82 -41.19
CA ALA P 256 13.58 -4.20 -39.93
C ALA P 256 14.22 -4.99 -38.80
N LEU P 257 15.34 -4.50 -38.30
CA LEU P 257 16.13 -5.20 -37.29
C LEU P 257 16.07 -4.46 -35.96
N ASN P 258 16.08 -5.24 -34.88
CA ASN P 258 16.03 -4.69 -33.54
C ASN P 258 17.35 -3.99 -33.21
N LYS P 259 17.43 -3.41 -32.01
CA LYS P 259 18.64 -2.69 -31.62
C LYS P 259 19.83 -3.62 -31.54
N ASP P 260 19.64 -4.82 -31.00
CA ASP P 260 20.74 -5.78 -30.96
C ASP P 260 21.06 -6.33 -32.35
N ASP P 261 20.05 -6.47 -33.20
CA ASP P 261 20.24 -7.15 -34.48
C ASP P 261 21.10 -6.36 -35.46
N GLU P 262 21.15 -5.03 -35.36
CA GLU P 262 22.08 -4.30 -36.24
C GLU P 262 23.53 -4.61 -35.88
N GLU P 263 23.80 -4.80 -34.59
CA GLU P 263 25.16 -5.15 -34.17
C GLU P 263 25.59 -6.50 -34.76
N LEU P 264 24.68 -7.47 -34.80
CA LEU P 264 25.01 -8.77 -35.35
C LEU P 264 25.37 -8.68 -36.83
N ILE P 265 24.61 -7.89 -37.59
CA ILE P 265 24.88 -7.76 -39.03
C ILE P 265 26.23 -7.11 -39.26
N ALA P 266 26.51 -6.02 -38.54
CA ALA P 266 27.78 -5.32 -38.72
C ALA P 266 28.97 -6.16 -38.25
N ASN P 267 28.82 -6.85 -37.13
CA ASN P 267 29.94 -7.61 -36.57
C ASN P 267 30.22 -8.88 -37.39
N PHE P 268 29.19 -9.57 -37.82
CA PHE P 268 29.32 -10.87 -38.48
C PHE P 268 28.58 -10.85 -39.81
N PRO P 269 29.18 -10.26 -40.85
CA PRO P 269 28.57 -10.32 -42.18
C PRO P 269 28.98 -11.60 -42.91
N VAL P 270 27.98 -12.35 -43.36
CA VAL P 270 28.21 -13.64 -43.99
C VAL P 270 28.03 -13.51 -45.49
N GLU P 271 28.54 -14.49 -46.22
CA GLU P 271 28.47 -14.52 -47.68
C GLU P 271 27.66 -15.70 -48.20
N GLY P 272 27.95 -16.91 -47.73
CA GLY P 272 27.24 -18.10 -48.17
C GLY P 272 26.91 -19.05 -47.04
N THR P 273 26.80 -20.34 -47.35
CA THR P 273 26.47 -21.36 -46.37
C THR P 273 27.48 -22.49 -46.45
N GLN P 274 27.42 -23.38 -45.45
CA GLN P 274 28.31 -24.53 -45.37
C GLN P 274 27.67 -25.73 -46.04
N PRO P 275 28.41 -26.48 -46.85
CA PRO P 275 27.82 -27.61 -47.58
C PRO P 275 27.39 -28.72 -46.64
N ARG P 276 26.55 -29.62 -47.19
CA ARG P 276 26.07 -30.76 -46.42
C ARG P 276 27.19 -31.67 -45.93
N PRO P 277 28.17 -32.08 -46.75
CA PRO P 277 29.24 -32.93 -46.21
C PRO P 277 30.01 -32.28 -45.09
N GLN P 278 30.19 -30.95 -45.12
CA GLN P 278 30.82 -30.26 -44.00
C GLN P 278 30.01 -30.41 -42.72
N TRP P 279 28.68 -30.50 -42.85
CA TRP P 279 27.84 -30.75 -41.68
C TRP P 279 27.89 -32.19 -41.23
N ASN P 280 28.05 -33.14 -42.16
CA ASN P 280 28.13 -34.54 -41.79
C ASN P 280 29.41 -34.88 -41.05
N ALA P 281 30.45 -34.06 -41.20
CA ALA P 281 31.73 -34.33 -40.56
C ALA P 281 31.73 -34.01 -39.07
N ILE P 282 30.71 -33.32 -38.56
CA ILE P 282 30.64 -32.95 -37.16
C ILE P 282 29.49 -33.65 -36.44
N THR P 283 28.89 -34.65 -37.06
CA THR P 283 27.75 -35.36 -36.50
C THR P 283 28.09 -36.83 -36.32
N GLY P 284 27.86 -37.36 -35.12
CA GLY P 284 28.14 -38.73 -34.80
C GLY P 284 28.81 -38.87 -33.45
N VAL P 285 29.16 -40.10 -33.12
CA VAL P 285 29.82 -40.41 -31.87
C VAL P 285 31.33 -40.31 -32.05
N TYR P 286 32.01 -39.81 -31.03
CA TYR P 286 33.46 -39.61 -31.06
C TYR P 286 34.08 -40.26 -29.83
N LEU P 287 35.17 -41.01 -30.02
CA LEU P 287 35.85 -41.70 -28.93
C LEU P 287 37.34 -41.34 -28.96
N TYR P 288 37.67 -40.17 -28.41
CA TYR P 288 39.03 -39.73 -28.08
C TYR P 288 40.07 -40.19 -29.09
N ARG P 289 39.89 -39.77 -30.33
CA ARG P 289 40.91 -40.00 -31.35
C ARG P 289 42.06 -39.01 -31.19
N GLU P 290 43.28 -39.51 -31.29
CA GLU P 290 44.49 -38.72 -31.06
C GLU P 290 45.32 -38.68 -32.33
N ASN P 291 46.00 -37.55 -32.55
CA ASN P 291 46.83 -37.35 -33.73
C ASN P 291 48.15 -36.74 -33.32
N GLN P 292 49.25 -37.45 -33.58
CA GLN P 292 50.61 -36.93 -33.36
C GLN P 292 50.84 -36.47 -31.93
N GLY P 293 50.19 -37.13 -30.97
CA GLY P 293 50.32 -36.76 -29.57
C GLY P 293 49.45 -35.63 -29.12
N LEU P 294 48.81 -34.90 -30.04
CA LEU P 294 47.89 -33.84 -29.67
C LEU P 294 46.47 -34.38 -29.62
N PRO P 295 45.81 -34.40 -28.46
CA PRO P 295 44.47 -34.98 -28.39
C PRO P 295 43.44 -34.14 -29.12
N LEU P 296 42.44 -34.82 -29.66
CA LEU P 296 41.26 -34.19 -30.24
C LEU P 296 40.06 -34.55 -29.39
N TYR P 297 39.23 -33.56 -29.09
CA TYR P 297 38.16 -33.75 -28.11
C TYR P 297 36.79 -33.97 -28.71
N SER P 298 36.55 -33.54 -29.94
CA SER P 298 35.24 -33.67 -30.55
C SER P 298 35.40 -33.74 -32.07
N ARG P 299 34.32 -34.16 -32.73
CA ARG P 299 34.35 -34.27 -34.19
C ARG P 299 34.57 -32.91 -34.84
N LEU P 300 33.99 -31.86 -34.26
CA LEU P 300 34.23 -30.51 -34.78
C LEU P 300 35.72 -30.15 -34.69
N HIS P 301 36.35 -30.48 -33.56
CA HIS P 301 37.79 -30.30 -33.45
C HIS P 301 38.54 -31.20 -34.43
N LYS P 302 38.07 -32.44 -34.60
CA LYS P 302 38.68 -33.34 -35.57
C LYS P 302 38.54 -32.80 -36.99
N TRP P 303 37.36 -32.28 -37.32
CA TRP P 303 37.17 -31.67 -38.63
C TRP P 303 37.97 -30.38 -38.78
N ALA P 304 38.15 -29.63 -37.69
CA ALA P 304 38.88 -28.37 -37.76
C ALA P 304 40.33 -28.60 -38.19
N GLN P 305 40.96 -29.66 -37.69
CA GLN P 305 42.32 -29.98 -38.08
C GLN P 305 42.43 -30.45 -39.53
N GLY P 306 41.32 -30.77 -40.17
CA GLY P 306 41.35 -31.28 -41.53
C GLY P 306 41.48 -32.78 -41.64
N LEU P 307 41.21 -33.51 -40.57
CA LEU P 307 41.36 -34.97 -40.56
C LEU P 307 40.07 -35.70 -40.90
N ALA P 308 38.99 -34.97 -41.22
CA ALA P 308 37.71 -35.60 -41.54
C ALA P 308 37.32 -35.46 -43.00
N GLY P 309 37.90 -34.52 -43.74
CA GLY P 309 37.57 -34.33 -45.14
C GLY P 309 38.79 -34.06 -46.01
N ASP P 315 32.37 -34.23 -57.59
CA ASP P 315 32.25 -35.48 -58.34
C ASP P 315 30.80 -35.99 -58.44
N ASN P 316 30.26 -36.61 -57.40
CA ASN P 316 28.87 -37.06 -57.44
C ASN P 316 27.96 -35.95 -56.91
N VAL P 317 26.81 -35.78 -57.56
CA VAL P 317 25.84 -34.77 -57.20
C VAL P 317 24.57 -35.48 -56.75
N GLU P 318 24.08 -35.13 -55.57
CA GLU P 318 22.88 -35.74 -55.00
C GLU P 318 21.92 -34.64 -54.58
N MET P 319 20.63 -34.97 -54.65
CA MET P 319 19.51 -34.10 -54.24
C MET P 319 19.71 -32.66 -54.72
N ALA P 320 20.04 -32.53 -56.01
CA ALA P 320 20.22 -31.23 -56.61
C ALA P 320 18.87 -30.58 -56.92
N LEU P 321 18.84 -29.25 -56.86
CA LEU P 321 17.64 -28.53 -57.26
C LEU P 321 17.32 -28.74 -58.73
N LEU P 322 18.34 -28.69 -59.57
CA LEU P 322 18.23 -28.78 -61.02
C LEU P 322 19.31 -29.71 -61.56
N PRO P 323 19.06 -30.34 -62.72
CA PRO P 323 19.99 -31.36 -63.22
C PRO P 323 21.35 -30.79 -63.64
N SER P 324 22.19 -31.65 -64.21
CA SER P 324 23.53 -31.23 -64.61
C SER P 324 23.45 -30.07 -65.60
N ALA P 325 24.42 -29.17 -65.51
CA ALA P 325 24.44 -27.98 -66.35
C ALA P 325 24.44 -28.34 -67.83
N LEU P 326 24.95 -29.53 -68.18
CA LEU P 326 24.85 -30.00 -69.55
C LEU P 326 23.40 -30.18 -69.96
N GLU P 327 22.57 -30.71 -69.06
CA GLU P 327 21.14 -30.85 -69.33
C GLU P 327 20.43 -29.50 -69.24
N VAL P 328 20.96 -28.57 -68.46
CA VAL P 328 20.31 -27.27 -68.31
C VAL P 328 20.32 -26.51 -69.62
N LEU P 329 21.40 -26.65 -70.41
CA LEU P 329 21.51 -25.94 -71.67
C LEU P 329 20.44 -26.35 -72.68
N PHE P 330 19.79 -27.48 -72.47
CA PHE P 330 18.77 -27.96 -73.40
C PHE P 330 17.37 -27.73 -72.87
N GLN Q 5 63.43 -48.33 -28.32
CA GLN Q 5 64.21 -49.57 -28.23
C GLN Q 5 65.12 -49.72 -29.42
N VAL Q 6 64.71 -49.16 -30.56
CA VAL Q 6 65.46 -49.24 -31.81
C VAL Q 6 66.04 -47.87 -32.12
N GLN Q 7 67.35 -47.83 -32.33
CA GLN Q 7 68.05 -46.58 -32.63
C GLN Q 7 68.32 -46.47 -34.12
N LEU Q 8 68.13 -45.28 -34.66
CA LEU Q 8 68.33 -45.01 -36.08
C LEU Q 8 69.49 -44.04 -36.26
N VAL Q 9 70.39 -44.36 -37.18
CA VAL Q 9 71.57 -43.56 -37.47
C VAL Q 9 71.46 -43.05 -38.90
N GLU Q 10 71.62 -41.75 -39.08
CA GLU Q 10 71.55 -41.12 -40.39
C GLU Q 10 72.79 -40.29 -40.65
N SER Q 11 73.28 -40.32 -41.88
CA SER Q 11 74.46 -39.57 -42.26
C SER Q 11 74.45 -39.37 -43.78
N GLY Q 12 75.22 -38.39 -44.23
CA GLY Q 12 75.33 -38.11 -45.65
C GLY Q 12 74.90 -36.71 -46.03
N GLY Q 13 74.77 -35.83 -45.04
CA GLY Q 13 74.37 -34.47 -45.32
C GLY Q 13 75.46 -33.67 -45.99
N GLY Q 14 75.04 -32.64 -46.70
CA GLY Q 14 75.98 -31.78 -47.40
C GLY Q 14 75.25 -30.70 -48.17
N SER Q 15 76.03 -29.86 -48.85
CA SER Q 15 75.51 -28.78 -49.66
C SER Q 15 75.80 -29.08 -51.13
N VAL Q 16 74.76 -29.33 -51.90
CA VAL Q 16 74.87 -29.66 -53.31
C VAL Q 16 73.90 -28.78 -54.10
N GLN Q 17 74.38 -28.23 -55.22
CA GLN Q 17 73.56 -27.38 -56.06
C GLN Q 17 72.50 -28.21 -56.78
N ALA Q 18 71.67 -27.53 -57.58
CA ALA Q 18 70.62 -28.20 -58.33
C ALA Q 18 71.22 -29.14 -59.37
N GLY Q 19 70.57 -30.27 -59.58
CA GLY Q 19 71.03 -31.25 -60.54
C GLY Q 19 72.12 -32.18 -60.04
N GLY Q 20 72.55 -32.05 -58.78
CA GLY Q 20 73.59 -32.89 -58.24
C GLY Q 20 73.07 -34.23 -57.78
N SER Q 21 73.98 -35.02 -57.21
CA SER Q 21 73.69 -36.36 -56.73
C SER Q 21 73.99 -36.45 -55.24
N LEU Q 22 73.02 -36.93 -54.47
CA LEU Q 22 73.17 -37.15 -53.04
C LEU Q 22 72.61 -38.51 -52.66
N ARG Q 23 73.22 -39.11 -51.64
CA ARG Q 23 72.79 -40.42 -51.13
C ARG Q 23 72.76 -40.37 -49.62
N LEU Q 24 71.57 -40.56 -49.04
CA LEU Q 24 71.38 -40.55 -47.59
C LEU Q 24 71.22 -41.98 -47.07
N SER Q 25 71.77 -42.23 -45.89
CA SER Q 25 71.73 -43.54 -45.28
C SER Q 25 70.89 -43.52 -44.01
N CYS Q 26 70.16 -44.61 -43.78
CA CYS Q 26 69.37 -44.79 -42.56
C CYS Q 26 69.64 -46.19 -42.04
N ALA Q 27 70.39 -46.29 -40.94
CA ALA Q 27 70.78 -47.56 -40.36
C ALA Q 27 69.97 -47.82 -39.10
N ALA Q 28 69.40 -49.03 -39.01
CA ALA Q 28 68.57 -49.43 -37.88
C ALA Q 28 69.35 -50.39 -37.00
N SER Q 29 69.40 -50.09 -35.70
CA SER Q 29 70.09 -50.92 -34.73
C SER Q 29 69.11 -51.32 -33.64
N GLY Q 30 69.07 -52.62 -33.32
CA GLY Q 30 68.17 -53.15 -32.32
C GLY Q 30 67.28 -54.24 -32.90
N ASN Q 31 66.00 -54.19 -32.55
CA ASN Q 31 65.02 -55.16 -33.02
C ASN Q 31 64.56 -54.77 -34.43
N ILE Q 32 64.80 -55.64 -35.40
CA ILE Q 32 64.42 -55.38 -36.79
C ILE Q 32 63.45 -56.42 -37.33
N ARG Q 33 63.28 -57.56 -36.66
CA ARG Q 33 62.39 -58.60 -37.17
C ARG Q 33 60.94 -58.15 -37.18
N ASN Q 34 60.51 -57.49 -36.11
CA ASN Q 34 59.16 -56.97 -36.04
C ASN Q 34 58.94 -55.74 -36.93
N ILE Q 35 60.00 -55.10 -37.40
CA ILE Q 35 59.83 -53.92 -38.23
C ILE Q 35 59.28 -54.33 -39.61
N SER Q 36 58.22 -53.65 -40.06
CA SER Q 36 57.74 -53.75 -41.45
C SER Q 36 57.88 -52.48 -42.27
N TYR Q 37 58.60 -51.46 -41.80
CA TYR Q 37 58.69 -50.21 -42.53
C TYR Q 37 60.13 -49.70 -42.53
N LEU Q 38 60.61 -49.39 -43.73
CA LEU Q 38 61.78 -48.56 -43.99
C LEU Q 38 61.39 -47.44 -44.95
N GLY Q 39 61.73 -46.21 -44.59
CA GLY Q 39 61.31 -45.09 -45.42
C GLY Q 39 61.79 -43.77 -44.85
N TRP Q 40 61.36 -42.68 -45.49
CA TRP Q 40 61.89 -41.35 -45.18
C TRP Q 40 60.80 -40.28 -45.22
N PHE Q 41 61.01 -39.23 -44.44
CA PHE Q 41 60.10 -38.10 -44.35
C PHE Q 41 60.88 -36.79 -44.46
N ARG Q 42 60.20 -35.76 -44.96
CA ARG Q 42 60.81 -34.44 -45.10
C ARG Q 42 59.88 -33.38 -44.51
N GLN Q 43 60.49 -32.34 -43.94
CA GLN Q 43 59.73 -31.22 -43.40
C GLN Q 43 60.60 -29.97 -43.42
N ALA Q 44 59.96 -28.83 -43.63
CA ALA Q 44 60.62 -27.55 -43.69
C ALA Q 44 59.86 -26.56 -42.82
N PRO Q 45 60.54 -25.51 -42.33
CA PRO Q 45 59.82 -24.47 -41.57
C PRO Q 45 58.75 -23.82 -42.43
N GLY Q 46 57.62 -23.51 -41.80
CA GLY Q 46 56.48 -22.95 -42.51
C GLY Q 46 55.61 -23.98 -43.20
N LYS Q 47 55.87 -25.27 -43.01
CA LYS Q 47 55.07 -26.31 -43.64
C LYS Q 47 55.13 -27.56 -42.76
N GLU Q 48 54.18 -28.47 -43.00
CA GLU Q 48 54.10 -29.71 -42.24
C GLU Q 48 55.11 -30.71 -42.79
N ARG Q 49 55.05 -31.95 -42.29
CA ARG Q 49 56.00 -32.99 -42.64
C ARG Q 49 55.38 -33.95 -43.66
N GLU Q 50 56.12 -34.23 -44.73
CA GLU Q 50 55.67 -35.12 -45.78
C GLU Q 50 56.68 -36.24 -45.99
N GLY Q 51 56.17 -37.42 -46.36
CA GLY Q 51 57.02 -38.56 -46.63
C GLY Q 51 57.40 -38.70 -48.08
N VAL Q 52 58.69 -38.64 -48.39
CA VAL Q 52 59.13 -38.75 -49.78
C VAL Q 52 58.84 -40.15 -50.34
N ALA Q 53 59.22 -41.19 -49.60
CA ALA Q 53 59.04 -42.56 -50.05
C ALA Q 53 59.04 -43.48 -48.83
N ALA Q 54 58.40 -44.64 -48.97
CA ALA Q 54 58.33 -45.63 -47.90
C ALA Q 54 58.12 -47.01 -48.50
N LEU Q 55 58.47 -48.03 -47.72
CA LEU Q 55 58.32 -49.40 -48.21
C LEU Q 55 57.79 -50.35 -47.15
N TRP Q 56 57.03 -51.32 -47.66
CA TRP Q 56 56.54 -52.50 -46.96
C TRP Q 56 57.55 -53.61 -47.09
N THR Q 57 58.19 -53.99 -45.98
CA THR Q 57 59.16 -55.07 -46.08
C THR Q 57 58.47 -56.42 -46.26
N THR Q 58 57.32 -56.63 -45.59
CA THR Q 58 56.63 -57.92 -45.68
C THR Q 58 56.12 -58.17 -47.09
N GLN Q 59 55.64 -57.14 -47.78
CA GLN Q 59 55.04 -57.26 -49.09
C GLN Q 59 56.00 -56.93 -50.23
N GLY Q 60 56.83 -55.90 -50.06
CA GLY Q 60 57.86 -55.57 -51.02
C GLY Q 60 57.54 -54.39 -51.92
N GLN Q 61 56.30 -53.91 -51.95
CA GLN Q 61 55.97 -52.77 -52.78
C GLN Q 61 56.52 -51.47 -52.17
N THR Q 62 56.56 -50.43 -53.02
CA THR Q 62 57.09 -49.13 -52.65
C THR Q 62 56.09 -48.05 -53.04
N TYR Q 63 56.10 -46.95 -52.29
CA TYR Q 63 55.23 -45.81 -52.52
C TYR Q 63 56.08 -44.56 -52.67
N TYR Q 64 55.83 -43.78 -53.71
CA TYR Q 64 56.54 -42.54 -53.98
C TYR Q 64 55.57 -41.39 -54.06
N ALA Q 65 56.03 -40.21 -53.64
CA ALA Q 65 55.23 -39.01 -53.72
C ALA Q 65 55.26 -38.45 -55.15
N ASP Q 66 54.46 -37.40 -55.38
CA ASP Q 66 54.41 -36.78 -56.70
C ASP Q 66 55.74 -36.13 -57.05
N SER Q 67 56.52 -35.71 -56.06
CA SER Q 67 57.81 -35.09 -56.28
C SER Q 67 58.96 -36.09 -56.28
N VAL Q 68 58.67 -37.39 -56.17
CA VAL Q 68 59.71 -38.40 -56.11
C VAL Q 68 59.67 -39.37 -57.29
N LYS Q 69 58.53 -39.54 -57.95
CA LYS Q 69 58.43 -40.47 -59.07
C LYS Q 69 59.26 -39.95 -60.24
N GLY Q 70 60.28 -40.72 -60.63
CA GLY Q 70 61.16 -40.33 -61.71
C GLY Q 70 62.22 -39.32 -61.35
N ARG Q 71 62.30 -38.91 -60.08
CA ARG Q 71 63.26 -37.92 -59.64
C ARG Q 71 64.24 -38.45 -58.60
N PHE Q 72 63.76 -39.22 -57.62
CA PHE Q 72 64.61 -39.82 -56.61
C PHE Q 72 64.28 -41.30 -56.48
N THR Q 73 65.30 -42.13 -56.32
CA THR Q 73 65.16 -43.57 -56.21
C THR Q 73 65.57 -44.02 -54.82
N VAL Q 74 64.73 -44.83 -54.19
CA VAL Q 74 64.97 -45.34 -52.84
C VAL Q 74 65.05 -46.85 -52.90
N SER Q 75 66.10 -47.42 -52.29
CA SER Q 75 66.32 -48.86 -52.27
C SER Q 75 66.56 -49.32 -50.84
N LEU Q 76 66.26 -50.60 -50.60
CA LEU Q 76 66.44 -51.22 -49.29
C LEU Q 76 67.50 -52.30 -49.39
N ASP Q 77 68.45 -52.29 -48.46
CA ASP Q 77 69.47 -53.33 -48.36
C ASP Q 77 69.03 -54.31 -47.27
N ASN Q 78 68.47 -55.45 -47.71
CA ASN Q 78 67.97 -56.43 -46.76
C ASN Q 78 69.09 -57.01 -45.91
N ALA Q 79 70.24 -57.30 -46.52
CA ALA Q 79 71.36 -57.87 -45.77
C ALA Q 79 71.87 -56.91 -44.72
N LYS Q 80 71.99 -55.63 -45.06
CA LYS Q 80 72.50 -54.63 -44.13
C LYS Q 80 71.41 -54.00 -43.26
N ASN Q 81 70.14 -54.28 -43.56
CA ASN Q 81 69.02 -53.69 -42.83
C ASN Q 81 69.10 -52.17 -42.80
N THR Q 82 69.49 -51.58 -43.94
CA THR Q 82 69.69 -50.15 -44.08
C THR Q 82 68.93 -49.63 -45.29
N VAL Q 83 68.66 -48.34 -45.29
CA VAL Q 83 67.86 -47.69 -46.31
C VAL Q 83 68.75 -46.71 -47.05
N TYR Q 84 68.82 -46.85 -48.37
CA TYR Q 84 69.61 -45.96 -49.19
C TYR Q 84 68.74 -45.37 -50.30
N LEU Q 85 68.87 -44.06 -50.50
CA LEU Q 85 68.09 -43.34 -51.49
C LEU Q 85 68.98 -42.35 -52.24
N GLN Q 86 68.72 -42.24 -53.54
CA GLN Q 86 69.55 -41.46 -54.45
C GLN Q 86 68.80 -40.22 -54.90
N MET Q 87 69.46 -39.06 -54.85
CA MET Q 87 68.89 -37.81 -55.32
C MET Q 87 69.37 -37.53 -56.74
N ASN Q 88 68.41 -37.35 -57.65
CA ASN Q 88 68.68 -36.94 -59.02
C ASN Q 88 67.85 -35.72 -59.34
N SER Q 89 68.44 -34.77 -60.06
CA SER Q 89 67.79 -33.52 -60.46
C SER Q 89 67.27 -32.75 -59.24
N LEU Q 90 68.23 -32.30 -58.42
CA LEU Q 90 67.89 -31.54 -57.23
C LEU Q 90 67.26 -30.19 -57.60
N LYS Q 91 66.40 -29.71 -56.71
CA LYS Q 91 65.70 -28.45 -56.87
C LYS Q 91 65.83 -27.62 -55.60
N PRO Q 92 65.72 -26.30 -55.72
CA PRO Q 92 65.71 -25.47 -54.50
C PRO Q 92 64.53 -25.74 -53.59
N GLU Q 93 63.45 -26.32 -54.12
CA GLU Q 93 62.29 -26.69 -53.31
C GLU Q 93 62.58 -27.86 -52.37
N ASP Q 94 63.71 -28.53 -52.54
CA ASP Q 94 64.06 -29.70 -51.73
C ASP Q 94 64.74 -29.35 -50.42
N THR Q 95 64.94 -28.06 -50.13
CA THR Q 95 65.59 -27.65 -48.89
C THR Q 95 64.68 -27.89 -47.70
N ALA Q 96 64.81 -29.05 -47.06
CA ALA Q 96 63.97 -29.39 -45.93
C ALA Q 96 64.70 -30.38 -45.05
N LEU Q 97 64.21 -30.53 -43.81
CA LEU Q 97 64.78 -31.47 -42.88
C LEU Q 97 64.30 -32.88 -43.21
N TYR Q 98 65.25 -33.79 -43.41
CA TYR Q 98 64.94 -35.16 -43.82
C TYR Q 98 65.06 -36.11 -42.63
N TYR Q 99 64.04 -36.94 -42.44
CA TYR Q 99 64.00 -37.92 -41.38
C TYR Q 99 63.66 -39.29 -41.96
N CYS Q 100 64.10 -40.34 -41.28
CA CYS Q 100 63.73 -41.70 -41.63
C CYS Q 100 63.12 -42.37 -40.41
N ALA Q 101 62.04 -43.11 -40.62
CA ALA Q 101 61.32 -43.74 -39.54
C ALA Q 101 60.97 -45.17 -39.91
N ALA Q 102 60.81 -46.00 -38.88
CA ALA Q 102 60.33 -47.36 -39.02
C ALA Q 102 59.02 -47.50 -38.26
N ALA Q 103 57.99 -47.99 -38.95
CA ALA Q 103 56.69 -48.31 -38.36
C ALA Q 103 56.53 -49.82 -38.34
N THR Q 104 55.75 -50.31 -37.38
CA THR Q 104 55.51 -51.75 -37.23
C THR Q 104 54.14 -52.21 -37.72
N SER Q 105 53.36 -51.35 -38.39
CA SER Q 105 51.98 -51.66 -38.80
C SER Q 105 51.15 -52.09 -37.60
N GLY Q 106 50.97 -51.15 -36.67
CA GLY Q 106 50.26 -51.44 -35.44
C GLY Q 106 48.84 -51.90 -35.69
N GLN Q 107 48.45 -52.97 -34.99
CA GLN Q 107 47.09 -53.49 -35.11
C GLN Q 107 46.09 -52.52 -34.51
N TYR Q 108 44.87 -52.54 -35.05
CA TYR Q 108 43.80 -51.66 -34.61
C TYR Q 108 42.68 -52.49 -33.98
N ASN Q 109 42.25 -52.06 -32.79
CA ASN Q 109 41.09 -52.69 -32.17
C ASN Q 109 39.95 -51.67 -32.06
N PRO Q 110 38.70 -52.11 -32.26
CA PRO Q 110 37.58 -51.16 -32.15
C PRO Q 110 37.43 -50.54 -30.78
N LEU Q 111 37.82 -51.26 -29.72
CA LEU Q 111 37.58 -50.76 -28.37
C LEU Q 111 38.48 -49.58 -28.04
N ARG Q 112 39.77 -49.68 -28.37
CA ARG Q 112 40.74 -48.65 -27.98
C ARG Q 112 41.29 -47.90 -29.19
N GLY Q 113 41.86 -48.60 -30.17
CA GLY Q 113 42.39 -47.96 -31.35
C GLY Q 113 43.77 -48.50 -31.68
N TYR Q 114 44.47 -47.76 -32.55
CA TYR Q 114 45.78 -48.19 -33.02
C TYR Q 114 46.81 -48.13 -31.91
N HIS Q 115 47.76 -49.07 -31.95
CA HIS Q 115 48.87 -49.10 -31.02
C HIS Q 115 50.10 -49.60 -31.75
N TYR Q 116 51.18 -48.81 -31.71
CA TYR Q 116 52.39 -49.13 -32.45
C TYR Q 116 53.57 -48.37 -31.85
N ASN Q 117 54.76 -48.68 -32.34
CA ASN Q 117 55.98 -48.02 -31.93
C ASN Q 117 56.70 -47.47 -33.15
N GLU Q 118 57.24 -46.25 -33.02
CA GLU Q 118 57.94 -45.59 -34.10
C GLU Q 118 59.18 -44.91 -33.56
N TYR Q 119 60.21 -44.79 -34.41
CA TYR Q 119 61.48 -44.18 -34.03
C TYR Q 119 61.91 -43.19 -35.10
N TRP Q 120 62.59 -42.13 -34.67
CA TRP Q 120 62.94 -41.03 -35.56
C TRP Q 120 64.38 -40.59 -35.31
N GLY Q 121 64.95 -39.95 -36.32
CA GLY Q 121 66.31 -39.42 -36.23
C GLY Q 121 66.47 -38.13 -37.02
N GLN Q 122 67.12 -37.14 -36.43
CA GLN Q 122 67.21 -35.82 -37.04
C GLN Q 122 68.19 -35.82 -38.20
N GLY Q 123 67.80 -35.16 -39.29
CA GLY Q 123 68.67 -35.01 -40.45
C GLY Q 123 68.28 -33.80 -41.25
N THR Q 124 69.24 -33.31 -42.06
CA THR Q 124 69.04 -32.11 -42.84
C THR Q 124 69.59 -32.30 -44.25
N GLN Q 125 69.04 -31.53 -45.18
CA GLN Q 125 69.52 -31.52 -46.56
C GLN Q 125 69.09 -30.21 -47.20
N VAL Q 126 70.04 -29.32 -47.44
CA VAL Q 126 69.78 -28.00 -48.00
C VAL Q 126 70.62 -27.83 -49.26
N THR Q 127 69.98 -27.39 -50.34
CA THR Q 127 70.65 -27.16 -51.61
C THR Q 127 71.00 -25.68 -51.75
N VAL Q 128 72.22 -25.41 -52.23
CA VAL Q 128 72.66 -24.03 -52.38
C VAL Q 128 71.83 -23.31 -53.44
N SER Q 129 71.61 -23.96 -54.59
CA SER Q 129 70.85 -23.36 -55.67
C SER Q 129 70.32 -24.42 -56.63
N PHE R 45 5.18 -44.96 11.06
CA PHE R 45 5.28 -45.49 9.71
C PHE R 45 4.62 -46.86 9.61
N HIS R 46 4.87 -47.55 8.49
CA HIS R 46 4.31 -48.87 8.28
C HIS R 46 5.10 -49.90 9.08
N CYS R 47 4.42 -50.62 9.97
CA CYS R 47 5.04 -51.62 10.83
C CYS R 47 4.31 -52.95 10.65
N PRO R 48 4.74 -53.79 9.72
CA PRO R 48 4.06 -55.07 9.49
C PRO R 48 4.27 -56.05 10.63
N CYS R 49 3.24 -56.28 11.42
CA CYS R 49 3.32 -57.12 12.60
C CYS R 49 3.19 -58.61 12.30
N SER R 50 3.33 -58.99 11.04
CA SER R 50 3.17 -60.38 10.66
C SER R 50 4.26 -61.25 11.29
N PRO R 51 3.92 -62.41 11.84
CA PRO R 51 4.94 -63.25 12.46
C PRO R 51 5.90 -63.85 11.43
N ALA R 52 7.11 -64.15 11.91
CA ALA R 52 8.18 -64.76 11.13
C ALA R 52 8.59 -63.92 9.92
N ARG R 53 8.16 -62.67 9.84
CA ARG R 53 8.53 -61.81 8.73
C ARG R 53 8.88 -60.38 9.11
N ASN R 54 8.56 -59.94 10.34
CA ASN R 54 8.89 -58.57 10.74
C ASN R 54 10.39 -58.34 10.84
N TYR R 55 11.16 -59.38 11.22
CA TYR R 55 12.59 -59.20 11.37
C TYR R 55 13.25 -58.86 10.05
N LEU R 56 12.75 -59.42 8.95
CA LEU R 56 13.23 -59.02 7.62
C LEU R 56 12.90 -57.56 7.34
N TYR R 57 11.69 -57.13 7.70
CA TYR R 57 11.32 -55.72 7.51
C TYR R 57 12.19 -54.81 8.35
N GLY R 58 12.46 -55.19 9.59
CA GLY R 58 13.27 -54.35 10.46
C GLY R 58 14.67 -54.15 9.93
N LEU R 59 15.32 -55.24 9.50
CA LEU R 59 16.68 -55.14 8.98
C LEU R 59 16.73 -54.29 7.71
N ALA R 60 15.78 -54.49 6.81
CA ALA R 60 15.76 -53.72 5.56
C ALA R 60 15.46 -52.26 5.81
N ALA R 61 14.75 -51.94 6.89
CA ALA R 61 14.33 -50.57 7.16
C ALA R 61 15.41 -49.71 7.79
N ILE R 62 16.49 -50.29 8.31
CA ILE R 62 17.53 -49.49 8.96
C ILE R 62 18.85 -49.69 8.24
N GLY R 63 19.01 -50.86 7.60
CA GLY R 63 20.26 -51.20 6.96
C GLY R 63 20.39 -50.71 5.54
N VAL R 64 19.38 -51.00 4.72
CA VAL R 64 19.42 -50.58 3.31
C VAL R 64 19.46 -49.06 3.18
N PRO R 65 18.59 -48.27 3.82
CA PRO R 65 18.69 -46.81 3.67
C PRO R 65 20.00 -46.24 4.19
N ALA R 66 20.60 -46.87 5.21
CA ALA R 66 21.86 -46.36 5.74
C ALA R 66 22.98 -46.52 4.74
N LEU R 67 23.11 -47.70 4.14
CA LEU R 67 24.19 -47.93 3.18
C LEU R 67 24.00 -47.11 1.91
N VAL R 68 22.74 -46.90 1.50
CA VAL R 68 22.49 -46.05 0.32
C VAL R 68 22.99 -44.64 0.58
N LEU R 69 22.79 -44.12 1.79
CA LEU R 69 23.28 -42.79 2.10
C LEU R 69 24.81 -42.78 2.20
N PHE R 70 25.40 -43.86 2.71
CA PHE R 70 26.86 -43.98 2.64
C PHE R 70 27.31 -43.92 1.18
N ILE R 71 26.48 -44.42 0.26
CA ILE R 71 26.80 -44.35 -1.16
C ILE R 71 26.77 -42.91 -1.66
N ILE R 72 25.72 -42.16 -1.37
CA ILE R 72 25.58 -40.84 -1.99
C ILE R 72 26.72 -39.93 -1.54
N GLY R 73 27.14 -40.04 -0.29
CA GLY R 73 28.27 -39.26 0.17
C GLY R 73 29.55 -39.56 -0.61
N ILE R 74 29.78 -40.83 -0.92
CA ILE R 74 31.06 -41.20 -1.52
C ILE R 74 31.08 -40.98 -3.04
N ILE R 75 29.92 -40.89 -3.69
CA ILE R 75 29.89 -40.29 -5.03
C ILE R 75 30.27 -38.81 -4.96
N LEU R 76 29.72 -38.09 -3.99
CA LEU R 76 29.86 -36.63 -3.99
C LEU R 76 31.32 -36.20 -3.86
N ASN R 77 32.11 -36.93 -3.08
CA ASN R 77 33.52 -36.57 -2.98
C ASN R 77 34.26 -36.95 -4.25
N ASN R 78 35.41 -36.31 -4.45
CA ASN R 78 36.29 -36.62 -5.56
C ASN R 78 37.59 -37.27 -5.12
N HIS R 79 37.88 -37.29 -3.81
CA HIS R 79 39.14 -37.84 -3.32
C HIS R 79 39.19 -39.35 -3.49
N THR R 80 38.06 -40.05 -3.37
CA THR R 80 38.06 -41.50 -3.53
C THR R 80 38.46 -41.89 -4.94
N TRP R 81 38.00 -41.15 -5.95
CA TRP R 81 38.34 -41.44 -7.33
C TRP R 81 39.81 -41.17 -7.63
N ASN R 82 40.47 -40.35 -6.81
CA ASN R 82 41.89 -40.11 -6.99
C ASN R 82 42.68 -41.41 -6.78
N LEU R 83 42.33 -42.17 -5.73
CA LEU R 83 42.99 -43.45 -5.50
C LEU R 83 42.70 -44.44 -6.62
N VAL R 84 41.54 -44.32 -7.27
CA VAL R 84 41.24 -45.18 -8.41
C VAL R 84 42.21 -44.91 -9.55
N ALA R 85 42.57 -43.65 -9.75
CA ALA R 85 43.54 -43.31 -10.78
C ALA R 85 44.90 -43.91 -10.47
N GLU R 86 45.32 -43.86 -9.21
CA GLU R 86 46.63 -44.39 -8.83
C GLU R 86 46.67 -45.91 -8.95
N CYS R 87 45.65 -46.59 -8.42
CA CYS R 87 45.65 -48.05 -8.44
C CYS R 87 45.60 -48.58 -9.87
N GLN R 88 44.81 -47.96 -10.73
CA GLN R 88 44.79 -48.35 -12.14
C GLN R 88 46.15 -48.09 -12.80
N HIS R 89 46.77 -46.95 -12.48
CA HIS R 89 48.07 -46.64 -13.06
C HIS R 89 49.14 -47.62 -12.59
N ARG R 90 49.12 -47.99 -11.31
CA ARG R 90 50.11 -48.91 -10.76
C ARG R 90 49.47 -50.25 -10.42
N PRO R 99 51.93 -48.82 1.80
CA PRO R 99 51.62 -47.72 2.72
C PRO R 99 50.53 -46.79 2.18
N THR R 100 49.30 -47.30 2.11
CA THR R 100 48.18 -46.53 1.61
C THR R 100 46.92 -46.66 2.46
N PHE R 101 46.99 -47.37 3.59
CA PHE R 101 45.81 -47.54 4.43
C PHE R 101 45.44 -46.27 5.20
N LEU R 102 46.41 -45.37 5.40
CA LEU R 102 46.11 -44.13 6.13
C LEU R 102 45.12 -43.27 5.38
N LEU R 103 45.26 -43.16 4.05
CA LEU R 103 44.34 -42.35 3.27
C LEU R 103 42.99 -43.04 3.08
N LEU R 104 42.99 -44.36 2.88
CA LEU R 104 41.74 -45.06 2.57
C LEU R 104 40.74 -44.96 3.71
N SER R 105 41.21 -45.12 4.95
CA SER R 105 40.30 -44.98 6.09
C SER R 105 39.92 -43.53 6.34
N SER R 106 40.77 -42.58 5.92
CA SER R 106 40.48 -41.17 6.11
C SER R 106 39.30 -40.72 5.25
N ILE R 107 39.33 -41.05 3.95
CA ILE R 107 38.26 -40.62 3.07
C ILE R 107 36.96 -41.33 3.41
N LEU R 108 37.03 -42.60 3.82
CA LEU R 108 35.84 -43.36 4.13
C LEU R 108 35.06 -42.74 5.28
N GLY R 109 35.75 -42.31 6.32
CA GLY R 109 35.09 -41.69 7.46
C GLY R 109 34.56 -40.30 7.20
N ARG R 110 35.10 -39.61 6.20
CA ARG R 110 34.64 -38.25 5.89
C ARG R 110 33.19 -38.27 5.39
N ALA R 111 32.84 -39.24 4.56
CA ALA R 111 31.50 -39.36 4.02
C ALA R 111 30.61 -40.29 4.83
N ALA R 112 31.10 -40.83 5.94
CA ALA R 112 30.35 -41.77 6.76
C ALA R 112 29.57 -41.09 7.88
N VAL R 113 29.59 -39.76 7.94
CA VAL R 113 28.92 -39.06 9.06
C VAL R 113 27.41 -39.21 8.97
N ALA R 114 26.84 -38.99 7.78
CA ALA R 114 25.39 -38.96 7.63
C ALA R 114 24.74 -40.34 7.64
N PRO R 115 25.33 -41.40 7.08
CA PRO R 115 24.71 -42.73 7.27
C PRO R 115 24.63 -43.16 8.72
N VAL R 116 25.58 -42.72 9.56
CA VAL R 116 25.56 -43.11 10.97
C VAL R 116 24.41 -42.43 11.71
N THR R 117 24.22 -41.13 11.48
CA THR R 117 23.19 -40.41 12.22
C THR R 117 21.79 -40.94 11.89
N TRP R 118 21.58 -41.34 10.65
CA TRP R 118 20.31 -41.98 10.30
C TRP R 118 20.14 -43.31 11.04
N SER R 119 21.23 -44.06 11.18
CA SER R 119 21.18 -45.29 11.98
C SER R 119 20.90 -44.98 13.45
N VAL R 120 21.52 -43.92 13.98
CA VAL R 120 21.28 -43.55 15.37
C VAL R 120 19.86 -43.04 15.55
N ILE R 121 19.38 -42.18 14.65
CA ILE R 121 18.02 -41.67 14.74
C ILE R 121 17.00 -42.79 14.54
N SER R 122 17.40 -43.89 13.89
CA SER R 122 16.52 -45.04 13.76
C SER R 122 16.26 -45.68 15.12
N LEU R 123 17.31 -45.82 15.93
CA LEU R 123 17.17 -46.44 17.24
C LEU R 123 16.64 -45.48 18.30
N LEU R 124 16.62 -44.18 18.02
CA LEU R 124 15.99 -43.24 18.94
C LEU R 124 14.49 -43.52 19.04
N ARG R 125 13.84 -43.79 17.90
CA ARG R 125 12.45 -44.22 17.94
C ARG R 125 12.32 -45.58 18.63
N GLY R 126 13.24 -46.50 18.34
CA GLY R 126 13.30 -47.77 19.02
C GLY R 126 12.34 -48.82 18.54
N GLU R 127 11.50 -48.51 17.55
CA GLU R 127 10.51 -49.47 17.08
C GLU R 127 11.14 -50.58 16.23
N ALA R 128 12.30 -50.33 15.62
CA ALA R 128 12.92 -51.34 14.77
C ALA R 128 13.37 -52.55 15.58
N TYR R 129 13.99 -52.32 16.75
CA TYR R 129 14.52 -53.43 17.53
C TYR R 129 13.44 -54.19 18.29
N VAL R 130 12.40 -53.50 18.75
CA VAL R 130 11.37 -54.18 19.54
C VAL R 130 10.62 -55.21 18.70
N CYS R 131 10.51 -54.99 17.39
CA CYS R 131 9.81 -55.94 16.54
C CYS R 131 10.61 -57.23 16.37
N ALA R 132 11.93 -57.12 16.18
CA ALA R 132 12.74 -58.31 15.96
C ALA R 132 12.76 -59.22 17.18
N LEU R 133 12.90 -58.64 18.37
CA LEU R 133 12.94 -59.45 19.58
C LEU R 133 11.58 -60.04 19.91
N SER R 134 10.51 -59.27 19.69
CA SER R 134 9.17 -59.77 19.97
C SER R 134 8.81 -60.95 19.06
N GLU R 135 9.20 -60.87 17.78
CA GLU R 135 8.93 -61.98 16.87
C GLU R 135 9.67 -63.24 17.29
N PHE R 136 10.87 -63.11 17.85
CA PHE R 136 11.70 -64.26 18.17
C PHE R 136 11.22 -64.95 19.44
N HIS R 153 1.60 -70.91 19.73
CA HIS R 153 1.14 -69.99 18.68
C HIS R 153 1.14 -68.56 19.21
N ALA R 154 1.50 -68.39 20.48
CA ALA R 154 1.54 -67.07 21.08
C ALA R 154 2.69 -66.22 20.56
N THR R 155 3.64 -66.80 19.82
CA THR R 155 4.72 -66.02 19.24
C THR R 155 4.19 -64.98 18.25
N GLU R 156 3.17 -65.36 17.47
CA GLU R 156 2.53 -64.39 16.59
C GLU R 156 1.87 -63.27 17.38
N ILE R 157 1.26 -63.62 18.52
CA ILE R 157 0.64 -62.60 19.37
C ILE R 157 1.69 -61.63 19.88
N LEU R 158 2.89 -62.13 20.20
CA LEU R 158 3.99 -61.25 20.57
C LEU R 158 4.33 -60.30 19.42
N ALA R 159 4.37 -60.82 18.20
CA ALA R 159 4.57 -59.97 17.03
C ALA R 159 3.37 -59.05 16.80
N ARG R 160 2.18 -59.46 17.23
CA ARG R 160 0.97 -58.69 17.05
C ARG R 160 0.66 -57.75 18.21
N PHE R 161 1.56 -57.62 19.19
CA PHE R 161 1.44 -56.52 20.16
C PHE R 161 1.43 -55.14 19.52
N PRO R 162 2.43 -54.73 18.72
CA PRO R 162 2.42 -53.33 18.24
C PRO R 162 1.19 -52.99 17.41
N CYS R 163 0.64 -53.97 16.70
CA CYS R 163 -0.59 -53.74 15.93
C CYS R 163 -1.82 -54.01 16.78
N LEU R 170 -4.63 -61.36 27.70
CA LEU R 170 -3.20 -61.57 27.97
C LEU R 170 -2.47 -60.23 28.03
N SER R 171 -2.93 -59.35 28.92
CA SER R 171 -2.31 -58.03 29.02
C SER R 171 -0.97 -58.08 29.74
N ASP R 172 -0.85 -58.91 30.77
CA ASP R 172 0.37 -58.93 31.58
C ASP R 172 1.54 -59.53 30.81
N PHE R 173 1.33 -60.69 30.18
CA PHE R 173 2.43 -61.34 29.47
C PHE R 173 2.89 -60.52 28.28
N ARG R 174 1.96 -59.91 27.54
CA ARG R 174 2.35 -59.10 26.40
C ARG R 174 3.12 -57.86 26.84
N GLU R 175 2.69 -57.22 27.92
CA GLU R 175 3.40 -56.05 28.43
C GLU R 175 4.69 -56.42 29.16
N GLU R 176 4.81 -57.68 29.59
CA GLU R 176 6.05 -58.11 30.26
C GLU R 176 7.22 -58.11 29.28
N VAL R 177 7.02 -58.70 28.10
CA VAL R 177 8.09 -58.72 27.10
C VAL R 177 8.33 -57.31 26.56
N SER R 178 7.27 -56.51 26.42
CA SER R 178 7.40 -55.20 25.80
C SER R 178 8.37 -54.31 26.55
N ARG R 179 8.38 -54.40 27.89
CA ARG R 179 9.36 -53.65 28.68
C ARG R 179 10.77 -54.10 28.36
N ARG R 180 10.96 -55.41 28.17
CA ARG R 180 12.27 -55.93 27.81
C ARG R 180 12.68 -55.49 26.40
N LEU R 181 11.70 -55.35 25.49
CA LEU R 181 12.01 -54.93 24.13
C LEU R 181 12.62 -53.54 24.10
N ARG R 182 11.97 -52.58 24.78
CA ARG R 182 12.48 -51.21 24.79
C ARG R 182 13.79 -51.12 25.57
N TYR R 183 13.92 -51.90 26.64
CA TYR R 183 15.19 -51.96 27.37
C TYR R 183 16.31 -52.49 26.48
N GLU R 184 16.04 -53.55 25.72
CA GLU R 184 17.04 -54.09 24.82
C GLU R 184 17.31 -53.13 23.66
N SER R 185 16.27 -52.47 23.16
CA SER R 185 16.43 -51.56 22.03
C SER R 185 17.32 -50.38 22.40
N GLN R 186 17.06 -49.77 23.56
CA GLN R 186 17.89 -48.66 24.00
C GLN R 186 19.28 -49.12 24.45
N LEU R 187 19.45 -50.38 24.82
CA LEU R 187 20.75 -50.85 25.27
C LEU R 187 21.75 -50.99 24.11
N PHE R 188 21.27 -50.97 22.87
CA PHE R 188 22.15 -51.07 21.71
C PHE R 188 22.43 -49.72 21.06
N GLY R 189 21.55 -48.74 21.25
CA GLY R 189 21.74 -47.45 20.62
C GLY R 189 22.97 -46.71 21.09
N TRP R 190 23.26 -46.76 22.39
CA TRP R 190 24.42 -46.04 22.91
C TRP R 190 25.72 -46.80 22.66
N LEU R 191 25.65 -48.10 22.38
CA LEU R 191 26.85 -48.84 22.02
C LEU R 191 27.45 -48.31 20.73
N LEU R 192 26.61 -48.00 19.75
CA LEU R 192 27.10 -47.36 18.53
C LEU R 192 27.68 -45.98 18.82
N ILE R 193 26.99 -45.19 19.64
CA ILE R 193 27.47 -43.84 19.95
C ILE R 193 28.81 -43.92 20.68
N GLY R 194 29.01 -44.96 21.49
CA GLY R 194 30.33 -45.20 22.06
C GLY R 194 31.37 -45.51 21.00
N VAL R 195 30.99 -46.30 19.99
CA VAL R 195 31.93 -46.64 18.92
C VAL R 195 32.30 -45.39 18.12
N VAL R 196 31.32 -44.56 17.77
CA VAL R 196 31.63 -43.30 17.10
C VAL R 196 32.46 -42.40 18.00
N ALA R 197 32.11 -42.31 19.28
CA ALA R 197 32.87 -41.47 20.20
C ALA R 197 34.31 -41.97 20.32
N ILE R 198 34.49 -43.30 20.39
CA ILE R 198 35.83 -43.85 20.43
C ILE R 198 36.54 -43.63 19.09
N LEU R 199 35.81 -43.77 17.98
CA LEU R 199 36.43 -43.65 16.67
C LEU R 199 36.86 -42.22 16.40
N VAL R 200 36.01 -41.23 16.71
CA VAL R 200 36.35 -39.85 16.39
C VAL R 200 37.50 -39.35 17.27
N PHE R 201 37.59 -39.83 18.51
CA PHE R 201 38.61 -39.35 19.43
C PHE R 201 39.90 -40.17 19.33
N LEU R 202 39.82 -41.46 19.67
CA LEU R 202 41.03 -42.27 19.79
C LEU R 202 41.77 -42.40 18.46
N THR R 203 41.04 -42.72 17.39
CA THR R 203 41.69 -42.98 16.11
C THR R 203 42.31 -41.72 15.52
N LYS R 204 41.71 -40.56 15.77
CA LYS R 204 42.21 -39.34 15.16
C LYS R 204 43.55 -38.92 15.74
N CYS R 205 43.76 -39.11 17.04
CA CYS R 205 45.04 -38.71 17.63
C CYS R 205 46.17 -39.66 17.25
N LEU R 206 45.90 -40.96 17.20
CA LEU R 206 46.98 -41.91 16.93
C LEU R 206 47.55 -41.72 15.52
N LYS R 207 46.69 -41.43 14.55
CA LYS R 207 47.18 -41.20 13.19
C LYS R 207 48.01 -39.93 13.10
N HIS R 208 47.54 -38.85 13.73
CA HIS R 208 48.26 -37.58 13.63
C HIS R 208 49.56 -37.59 14.43
N TYR R 209 49.56 -38.28 15.57
CA TYR R 209 50.78 -38.36 16.38
C TYR R 209 51.87 -39.13 15.65
N CYS R 210 51.52 -40.23 14.99
CA CYS R 210 52.51 -41.05 14.31
C CYS R 210 53.08 -40.34 13.09
N SER R 211 52.27 -39.56 12.39
CA SER R 211 52.72 -38.89 11.17
C SER R 211 53.76 -37.84 11.52
N PRO R 212 54.95 -37.88 10.92
CA PRO R 212 55.96 -36.86 11.23
C PRO R 212 55.56 -35.45 10.84
N LEU R 213 54.65 -35.30 9.88
CA LEU R 213 54.21 -33.96 9.46
C LEU R 213 53.38 -33.31 10.56
N SER R 214 53.68 -32.03 10.82
CA SER R 214 52.94 -31.27 11.82
C SER R 214 51.61 -30.81 11.26
N TYR R 215 50.75 -30.28 12.14
CA TYR R 215 49.47 -29.75 11.70
C TYR R 215 49.66 -28.56 10.77
N ARG R 216 50.71 -27.75 11.01
CA ARG R 216 51.03 -26.66 10.09
C ARG R 216 51.43 -27.21 8.72
N GLN R 217 52.20 -28.29 8.71
CA GLN R 217 52.48 -28.98 7.45
C GLN R 217 51.21 -29.56 6.85
N GLU R 218 50.36 -30.17 7.68
CA GLU R 218 49.12 -30.74 7.18
C GLU R 218 48.17 -29.65 6.70
N ALA R 219 48.11 -28.52 7.42
CA ALA R 219 47.23 -27.42 7.00
C ALA R 219 47.67 -26.86 5.66
N TYR R 220 48.98 -26.71 5.45
CA TYR R 220 49.48 -26.29 4.14
C TYR R 220 49.21 -27.35 3.09
N TRP R 221 49.23 -28.63 3.48
CA TRP R 221 48.93 -29.71 2.56
C TRP R 221 47.49 -29.64 2.06
N ALA R 222 46.53 -29.60 2.99
CA ALA R 222 45.12 -29.63 2.59
C ALA R 222 44.75 -28.40 1.79
N GLN R 223 45.28 -27.24 2.19
CA GLN R 223 45.02 -26.00 1.46
C GLN R 223 45.72 -25.97 0.11
N TYR R 224 46.87 -26.63 -0.02
CA TYR R 224 47.53 -26.72 -1.31
C TYR R 224 46.65 -27.45 -2.32
N ARG R 225 46.16 -28.63 -1.95
CA ARG R 225 45.26 -29.37 -2.84
C ARG R 225 43.94 -28.64 -3.03
N ALA R 226 43.38 -28.08 -1.96
CA ALA R 226 42.06 -27.46 -2.05
C ALA R 226 42.08 -26.23 -2.94
N ASN R 227 43.14 -25.44 -2.89
CA ASN R 227 43.21 -24.25 -3.72
C ASN R 227 43.58 -24.60 -5.17
N GLU R 228 44.28 -25.70 -5.40
CA GLU R 228 44.78 -25.99 -6.74
C GLU R 228 43.66 -26.45 -7.67
N ASP R 229 42.68 -27.22 -7.17
CA ASP R 229 41.60 -27.66 -8.05
C ASP R 229 40.70 -26.49 -8.44
N GLN R 230 40.43 -25.59 -7.49
CA GLN R 230 39.63 -24.41 -7.80
C GLN R 230 40.31 -23.55 -8.86
N LEU R 231 41.63 -23.39 -8.75
CA LEU R 231 42.36 -22.69 -9.80
C LEU R 231 42.41 -23.50 -11.07
N PHE R 232 42.56 -24.83 -10.96
CA PHE R 232 42.62 -25.68 -12.14
C PHE R 232 41.30 -25.65 -12.92
N GLN R 233 40.18 -25.71 -12.21
CA GLN R 233 38.89 -25.60 -12.89
C GLN R 233 38.73 -24.22 -13.54
N ARG R 234 39.15 -23.17 -12.84
CA ARG R 234 39.25 -21.87 -13.47
C ARG R 234 40.30 -21.87 -14.58
N THR R 235 41.37 -22.65 -14.39
CA THR R 235 42.36 -22.83 -15.45
C THR R 235 41.77 -23.54 -16.65
N ALA R 236 40.98 -24.59 -16.43
CA ALA R 236 40.45 -25.37 -17.53
C ALA R 236 39.35 -24.61 -18.27
N GLU R 237 38.50 -23.89 -17.54
CA GLU R 237 37.34 -23.24 -18.15
C GLU R 237 37.75 -22.18 -19.17
N VAL R 238 38.71 -21.33 -18.80
CA VAL R 238 39.10 -20.24 -19.69
C VAL R 238 39.85 -20.78 -20.90
N HIS R 239 40.75 -21.74 -20.69
CA HIS R 239 41.50 -22.32 -21.81
C HIS R 239 40.59 -23.07 -22.76
N SER R 240 39.58 -23.77 -22.21
CA SER R 240 38.65 -24.50 -23.07
C SER R 240 37.87 -23.57 -23.98
N ARG R 241 37.45 -22.41 -23.45
CA ARG R 241 36.71 -21.46 -24.26
C ARG R 241 37.56 -20.87 -25.38
N VAL R 242 38.87 -20.77 -25.17
CA VAL R 242 39.74 -20.31 -26.25
C VAL R 242 39.82 -21.36 -27.35
N LEU R 243 39.97 -22.64 -26.97
CA LEU R 243 40.08 -23.69 -27.97
C LEU R 243 38.76 -23.92 -28.69
N ALA R 244 37.65 -23.97 -27.94
CA ALA R 244 36.35 -24.24 -28.56
C ALA R 244 35.96 -23.14 -29.53
N ALA R 245 36.19 -21.87 -29.16
CA ALA R 245 35.87 -20.77 -30.05
C ALA R 245 36.68 -20.84 -31.34
N ASN R 246 37.91 -21.36 -31.27
CA ASN R 246 38.69 -21.55 -32.48
C ASN R 246 38.06 -22.60 -33.38
N ASN R 247 37.48 -23.65 -32.78
CA ASN R 247 36.83 -24.69 -33.58
C ASN R 247 35.57 -24.16 -34.25
N VAL R 248 34.76 -23.38 -33.52
CA VAL R 248 33.52 -22.85 -34.09
C VAL R 248 33.84 -21.89 -35.23
N ARG R 249 34.84 -21.03 -35.04
CA ARG R 249 35.23 -20.10 -36.10
C ARG R 249 35.68 -20.84 -37.35
N ARG R 250 36.26 -22.03 -37.20
CA ARG R 250 36.64 -22.82 -38.37
C ARG R 250 35.42 -23.24 -39.17
N PHE R 251 34.27 -23.39 -38.53
CA PHE R 251 33.06 -23.82 -39.22
C PHE R 251 32.37 -22.66 -39.93
N PHE R 252 31.92 -21.67 -39.15
CA PHE R 252 31.13 -20.58 -39.70
C PHE R 252 31.98 -19.42 -40.22
N GLY R 253 33.08 -19.12 -39.54
CA GLY R 253 33.89 -17.96 -39.86
C GLY R 253 33.88 -16.89 -38.81
N PHE R 254 33.11 -17.06 -37.74
CA PHE R 254 33.04 -16.09 -36.65
C PHE R 254 32.45 -16.79 -35.44
N VAL R 255 32.51 -16.12 -34.29
CA VAL R 255 32.02 -16.67 -33.03
C VAL R 255 31.09 -15.65 -32.38
N ALA R 256 29.92 -16.11 -31.97
CA ALA R 256 28.94 -15.29 -31.26
C ALA R 256 29.28 -15.19 -29.78
N LEU R 257 30.55 -14.90 -29.54
CA LEU R 257 31.06 -14.65 -28.20
C LEU R 257 30.46 -13.37 -27.61
N ASN R 258 30.27 -13.38 -26.29
CA ASN R 258 29.71 -12.23 -25.60
C ASN R 258 30.79 -11.18 -25.34
N LYS R 259 30.40 -10.11 -24.63
CA LYS R 259 31.33 -9.03 -24.33
C LYS R 259 32.45 -9.51 -23.41
N ASP R 260 32.12 -10.28 -22.38
CA ASP R 260 33.16 -10.81 -21.51
C ASP R 260 34.06 -11.79 -22.25
N ASP R 261 33.47 -12.62 -23.11
CA ASP R 261 34.26 -13.55 -23.92
C ASP R 261 35.00 -12.86 -25.04
N GLU R 262 34.74 -11.56 -25.28
CA GLU R 262 35.42 -10.85 -26.36
C GLU R 262 36.91 -10.72 -26.12
N GLU R 263 37.29 -10.29 -24.91
CA GLU R 263 38.70 -10.18 -24.58
C GLU R 263 39.29 -11.50 -24.13
N LEU R 264 38.46 -12.54 -23.99
CA LEU R 264 38.98 -13.83 -23.51
C LEU R 264 39.95 -14.44 -24.51
N ILE R 265 39.63 -14.39 -25.80
CA ILE R 265 40.51 -14.98 -26.80
C ILE R 265 41.78 -14.14 -26.96
N ALA R 266 41.65 -12.81 -26.93
CA ALA R 266 42.81 -11.96 -27.08
C ALA R 266 43.70 -11.99 -25.83
N ASN R 267 43.10 -12.16 -24.65
CA ASN R 267 43.90 -12.20 -23.43
C ASN R 267 44.84 -13.39 -23.42
N PHE R 268 44.37 -14.55 -23.86
CA PHE R 268 45.15 -15.79 -23.81
C PHE R 268 45.13 -16.40 -25.21
N PRO R 269 46.10 -16.04 -26.04
CA PRO R 269 46.32 -16.80 -27.28
C PRO R 269 47.04 -18.11 -27.02
N VAL R 270 46.35 -19.24 -27.14
CA VAL R 270 46.96 -20.53 -26.86
C VAL R 270 47.95 -20.88 -27.97
N GLU R 271 49.02 -21.57 -27.58
CA GLU R 271 50.03 -22.03 -28.52
C GLU R 271 49.88 -23.50 -28.88
N GLY R 272 49.40 -24.33 -27.95
CA GLY R 272 49.22 -25.74 -28.22
C GLY R 272 48.42 -26.40 -27.11
N THR R 273 48.08 -27.66 -27.34
CA THR R 273 47.30 -28.44 -26.42
C THR R 273 48.20 -29.32 -25.55
N GLN R 274 47.61 -29.86 -24.48
CA GLN R 274 48.35 -30.69 -23.54
C GLN R 274 48.20 -32.16 -23.90
N PRO R 275 49.28 -32.88 -24.17
CA PRO R 275 49.17 -34.29 -24.55
C PRO R 275 48.67 -35.14 -23.39
N ARG R 276 48.29 -36.37 -23.73
CA ARG R 276 47.81 -37.32 -22.72
C ARG R 276 48.80 -37.57 -21.60
N PRO R 277 50.09 -37.81 -21.85
CA PRO R 277 51.02 -38.02 -20.72
C PRO R 277 51.11 -36.83 -19.77
N GLN R 278 50.96 -35.60 -20.28
CA GLN R 278 51.00 -34.44 -19.41
C GLN R 278 49.84 -34.46 -18.42
N TRP R 279 48.63 -34.80 -18.89
CA TRP R 279 47.50 -34.96 -17.99
C TRP R 279 47.71 -36.13 -17.05
N ASN R 280 48.24 -37.24 -17.57
CA ASN R 280 48.41 -38.45 -16.76
C ASN R 280 49.50 -38.26 -15.70
N ALA R 281 50.48 -37.41 -15.98
CA ALA R 281 51.58 -37.21 -15.03
C ALA R 281 51.12 -36.55 -13.74
N ILE R 282 50.11 -35.67 -13.81
CA ILE R 282 49.71 -34.90 -12.64
C ILE R 282 48.63 -35.57 -11.81
N THR R 283 48.04 -36.67 -12.29
CA THR R 283 46.93 -37.32 -11.61
C THR R 283 47.43 -38.51 -10.81
N GLY R 284 47.00 -38.60 -9.56
CA GLY R 284 47.40 -39.67 -8.67
C GLY R 284 47.53 -39.16 -7.26
N VAL R 285 47.80 -40.09 -6.34
CA VAL R 285 47.98 -39.75 -4.94
C VAL R 285 49.47 -39.51 -4.69
N TYR R 286 49.76 -38.53 -3.84
CA TYR R 286 51.13 -38.10 -3.58
C TYR R 286 51.35 -38.01 -2.08
N LEU R 287 52.47 -38.57 -1.61
CA LEU R 287 52.82 -38.52 -0.19
C LEU R 287 54.26 -38.02 -0.06
N TYR R 288 54.42 -36.70 -0.11
CA TYR R 288 55.64 -35.98 0.22
C TYR R 288 56.91 -36.68 -0.27
N ARG R 289 56.96 -36.89 -1.58
CA ARG R 289 58.17 -37.43 -2.22
C ARG R 289 59.09 -36.25 -2.52
N GLU R 290 59.74 -35.77 -1.46
CA GLU R 290 60.53 -34.55 -1.52
C GLU R 290 61.96 -34.83 -1.96
N ASN R 291 62.51 -33.94 -2.78
CA ASN R 291 63.90 -34.00 -3.20
C ASN R 291 64.47 -32.60 -3.23
N GLN R 292 65.79 -32.51 -3.05
CA GLN R 292 66.54 -31.26 -3.10
C GLN R 292 66.12 -30.26 -2.04
N GLY R 293 65.40 -30.70 -1.01
CA GLY R 293 65.01 -29.85 0.09
C GLY R 293 63.77 -29.02 -0.14
N LEU R 294 63.26 -28.94 -1.37
CA LEU R 294 62.05 -28.18 -1.65
C LEU R 294 60.83 -29.08 -1.43
N PRO R 295 59.96 -28.75 -0.49
CA PRO R 295 58.82 -29.63 -0.19
C PRO R 295 57.88 -29.76 -1.40
N LEU R 296 57.36 -30.97 -1.58
CA LEU R 296 56.40 -31.27 -2.63
C LEU R 296 55.16 -31.88 -1.99
N TYR R 297 53.99 -31.36 -2.35
CA TYR R 297 52.74 -31.73 -1.68
C TYR R 297 51.82 -32.57 -2.54
N SER R 298 51.70 -32.26 -3.83
CA SER R 298 50.80 -32.99 -4.72
C SER R 298 51.59 -33.48 -5.93
N ARG R 299 50.96 -34.40 -6.68
CA ARG R 299 51.60 -34.92 -7.88
C ARG R 299 51.78 -33.84 -8.93
N LEU R 300 50.93 -32.81 -8.93
CA LEU R 300 51.12 -31.67 -9.81
C LEU R 300 52.36 -30.88 -9.42
N HIS R 301 52.65 -30.80 -8.11
CA HIS R 301 53.87 -30.11 -7.68
C HIS R 301 55.12 -30.80 -8.20
N LYS R 302 55.16 -32.13 -8.15
CA LYS R 302 56.30 -32.86 -8.69
C LYS R 302 56.33 -32.83 -10.21
N TRP R 303 55.19 -32.55 -10.85
CA TRP R 303 55.16 -32.45 -12.31
C TRP R 303 56.04 -31.32 -12.81
N ALA R 304 56.00 -30.18 -12.14
CA ALA R 304 56.81 -29.03 -12.53
C ALA R 304 58.26 -29.21 -12.07
N LEU S 6 25.44 -4.79 16.49
CA LEU S 6 24.85 -5.87 17.27
C LEU S 6 25.63 -7.17 17.09
N ASN S 7 26.03 -7.44 15.83
CA ASN S 7 26.85 -8.61 15.57
C ASN S 7 28.21 -8.51 16.24
N ASN S 8 28.79 -7.30 16.26
CA ASN S 8 30.04 -7.09 16.97
C ASN S 8 29.89 -7.34 18.46
N ILE S 9 28.76 -6.91 19.03
CA ILE S 9 28.49 -7.17 20.45
C ILE S 9 28.40 -8.68 20.69
N VAL S 10 27.74 -9.40 19.79
CA VAL S 10 27.62 -10.85 19.93
C VAL S 10 29.00 -11.50 19.89
N SER S 11 29.85 -11.06 18.97
CA SER S 11 31.21 -11.61 18.88
C SER S 11 32.00 -11.32 20.15
N SER S 12 31.84 -10.14 20.71
CA SER S 12 32.51 -9.82 21.99
C SER S 12 32.01 -10.73 23.10
N LEU S 13 30.70 -10.99 23.13
CA LEU S 13 30.16 -11.94 24.11
C LEU S 13 30.69 -13.34 23.86
N GLN S 14 30.87 -13.73 22.60
CA GLN S 14 31.43 -15.04 22.29
C GLN S 14 32.86 -15.17 22.81
N ARG S 15 33.63 -14.08 22.71
CA ARG S 15 34.99 -14.01 23.24
C ARG S 15 35.03 -14.35 24.73
N ASN S 16 33.88 -14.28 25.40
CA ASN S 16 33.78 -14.52 26.83
C ASN S 16 33.28 -15.93 27.08
N GLY S 17 34.03 -16.71 27.86
CA GLY S 17 33.66 -18.08 28.10
C GLY S 17 32.47 -18.27 29.03
N ILE S 18 32.04 -17.20 29.71
CA ILE S 18 30.91 -17.32 30.62
C ILE S 18 29.62 -17.61 29.84
N PHE S 19 29.47 -17.02 28.65
CA PHE S 19 28.30 -17.29 27.84
C PHE S 19 28.35 -18.69 27.24
N ILE S 20 29.54 -19.16 26.90
CA ILE S 20 29.69 -20.51 26.34
C ILE S 20 29.27 -21.56 27.37
N ASN S 21 29.75 -21.41 28.60
CA ASN S 21 29.36 -22.35 29.65
C ASN S 21 27.88 -22.25 29.96
N SER S 22 27.35 -21.03 30.00
CA SER S 22 25.92 -20.85 30.29
C SER S 22 25.05 -21.47 29.21
N LEU S 23 25.43 -21.27 27.94
CA LEU S 23 24.64 -21.85 26.85
C LEU S 23 24.76 -23.37 26.85
N ILE S 24 25.97 -23.90 27.09
CA ILE S 24 26.16 -25.35 27.06
C ILE S 24 25.30 -26.01 28.14
N ALA S 25 25.26 -25.43 29.34
CA ALA S 25 24.42 -25.97 30.40
C ALA S 25 22.94 -25.93 29.99
N ALA S 26 22.51 -24.86 29.33
CA ALA S 26 21.11 -24.72 28.95
C ALA S 26 20.69 -25.80 27.94
N LEU S 27 21.53 -26.04 26.93
CA LEU S 27 21.19 -27.08 25.96
C LEU S 27 21.22 -28.47 26.59
N THR S 28 22.16 -28.72 27.51
CA THR S 28 22.19 -30.01 28.19
C THR S 28 20.93 -30.23 29.01
N ILE S 29 20.47 -29.20 29.71
CA ILE S 29 19.22 -29.31 30.46
C ILE S 29 18.05 -29.52 29.51
N GLY S 30 17.99 -28.76 28.42
CA GLY S 30 16.91 -28.92 27.46
C GLY S 30 16.92 -30.28 26.80
N GLY S 31 18.10 -30.76 26.39
CA GLY S 31 18.19 -32.09 25.80
C GLY S 31 17.87 -33.18 26.80
N GLN S 32 18.26 -32.99 28.06
CA GLN S 32 17.99 -33.98 29.10
C GLN S 32 16.50 -34.14 29.35
N GLN S 33 15.76 -33.03 29.39
CA GLN S 33 14.34 -33.11 29.73
C GLN S 33 13.56 -33.82 28.63
N LEU S 34 13.93 -33.57 27.36
CA LEU S 34 13.34 -34.32 26.25
C LEU S 34 13.72 -35.80 26.32
N PHE S 35 15.00 -36.08 26.58
CA PHE S 35 15.48 -37.46 26.52
C PHE S 35 14.96 -38.29 27.70
N SER S 36 14.80 -37.67 28.86
CA SER S 36 14.28 -38.41 30.02
C SER S 36 12.86 -38.91 29.78
N SER S 37 12.08 -38.17 29.01
CA SER S 37 10.71 -38.57 28.69
C SER S 37 10.59 -39.25 27.33
N SER S 38 11.70 -39.49 26.64
CA SER S 38 11.64 -40.04 25.29
C SER S 38 11.75 -41.57 25.29
N THR S 39 12.89 -42.09 25.75
CA THR S 39 13.14 -43.53 25.72
C THR S 39 13.84 -43.98 26.99
N PHE S 40 13.44 -43.43 28.14
CA PHE S 40 13.99 -43.88 29.41
C PHE S 40 13.10 -44.96 30.03
N SER S 41 11.85 -44.61 30.31
CA SER S 41 10.76 -45.52 30.70
C SER S 41 10.97 -46.16 32.06
N CYS S 42 12.10 -45.91 32.75
CA CYS S 42 12.45 -46.60 33.99
C CYS S 42 12.33 -48.11 33.78
N PRO S 43 13.24 -48.72 33.03
CA PRO S 43 13.07 -50.14 32.66
C PRO S 43 13.04 -51.03 33.89
N CYS S 44 12.25 -52.10 33.79
CA CYS S 44 11.77 -52.85 34.95
C CYS S 44 12.52 -54.16 35.15
N GLN S 45 13.81 -54.20 34.84
CA GLN S 45 14.60 -55.42 34.91
C GLN S 45 14.76 -55.92 36.33
N VAL S 46 14.23 -57.11 36.61
CA VAL S 46 14.41 -57.71 37.94
C VAL S 46 15.86 -58.05 38.20
N GLY S 47 16.54 -58.65 37.22
CA GLY S 47 17.88 -59.14 37.43
C GLY S 47 18.92 -58.07 37.61
N LYS S 48 19.18 -57.30 36.55
CA LYS S 48 20.23 -56.27 36.55
C LYS S 48 19.65 -54.98 35.99
N ASN S 49 19.04 -54.17 36.88
CA ASN S 49 18.54 -52.86 36.49
C ASN S 49 19.46 -51.73 36.91
N PHE S 50 20.37 -51.96 37.85
CA PHE S 50 21.32 -50.93 38.24
C PHE S 50 22.25 -50.57 37.09
N TYR S 51 22.50 -51.52 36.18
CA TYR S 51 23.35 -51.22 35.03
C TYR S 51 22.74 -50.14 34.15
N TYR S 52 21.43 -50.22 33.91
CA TYR S 52 20.76 -49.19 33.10
C TYR S 52 20.86 -47.83 33.77
N GLY S 53 20.60 -47.78 35.08
CA GLY S 53 20.70 -46.52 35.80
C GLY S 53 22.10 -45.99 35.87
N SER S 54 23.07 -46.87 36.14
CA SER S 54 24.47 -46.46 36.18
C SER S 54 24.95 -46.00 34.82
N ALA S 55 24.52 -46.68 33.75
CA ALA S 55 24.90 -46.28 32.40
C ALA S 55 24.37 -44.89 32.07
N PHE S 56 23.08 -44.65 32.34
CA PHE S 56 22.50 -43.35 32.02
C PHE S 56 23.00 -42.25 32.94
N LEU S 57 23.55 -42.59 34.11
CA LEU S 57 24.01 -41.58 35.05
C LEU S 57 25.41 -41.08 34.72
N VAL S 58 26.29 -41.98 34.26
CA VAL S 58 27.70 -41.67 34.06
C VAL S 58 28.04 -41.52 32.57
N ILE S 59 27.56 -42.47 31.74
CA ILE S 59 28.02 -42.52 30.34
C ILE S 59 27.64 -41.28 29.55
N PRO S 60 26.39 -40.79 29.56
CA PRO S 60 26.10 -39.57 28.79
C PRO S 60 26.94 -38.39 29.21
N ALA S 61 27.29 -38.31 30.51
CA ALA S 61 28.15 -37.23 30.98
C ALA S 61 29.58 -37.37 30.45
N LEU S 62 30.16 -38.56 30.54
CA LEU S 62 31.55 -38.71 30.14
C LEU S 62 31.69 -38.68 28.61
N ILE S 63 30.63 -38.97 27.88
CA ILE S 63 30.69 -38.87 26.43
C ILE S 63 30.93 -37.42 26.00
N LEU S 64 30.25 -36.47 26.65
CA LEU S 64 30.50 -35.06 26.34
C LEU S 64 31.90 -34.61 26.78
N LEU S 65 32.48 -35.26 27.79
CA LEU S 65 33.90 -35.03 28.09
C LEU S 65 34.77 -35.39 26.90
N VAL S 66 34.54 -36.56 26.30
CA VAL S 66 35.30 -36.95 25.12
C VAL S 66 35.02 -35.99 23.97
N ALA S 67 33.77 -35.54 23.85
CA ALA S 67 33.43 -34.55 22.83
C ALA S 67 34.18 -33.24 23.05
N GLY S 68 34.24 -32.78 24.31
CA GLY S 68 34.95 -31.54 24.59
C GLY S 68 36.43 -31.63 24.28
N PHE S 69 37.07 -32.74 24.66
CA PHE S 69 38.48 -32.92 24.36
C PHE S 69 38.73 -33.04 22.86
N ALA S 70 37.85 -33.75 22.16
CA ALA S 70 38.06 -33.99 20.72
C ALA S 70 37.79 -32.73 19.90
N LEU S 71 36.97 -31.81 20.40
CA LEU S 71 36.59 -30.62 19.66
C LEU S 71 37.58 -29.47 19.83
N ARG S 72 38.64 -29.65 20.60
CA ARG S 72 39.62 -28.60 20.87
C ARG S 72 40.99 -29.06 20.41
N SER S 73 41.66 -28.24 19.60
CA SER S 73 42.96 -28.59 19.04
C SER S 73 44.14 -28.20 19.92
N GLN S 74 43.92 -27.46 21.00
CA GLN S 74 45.03 -27.12 21.89
C GLN S 74 45.61 -28.36 22.56
N MET S 75 44.76 -29.31 22.93
CA MET S 75 45.25 -30.55 23.54
C MET S 75 46.14 -31.33 22.58
N TRP S 76 45.87 -31.22 21.28
CA TRP S 76 46.68 -31.92 20.28
C TRP S 76 48.12 -31.42 20.31
N THR S 77 48.32 -30.11 20.43
CA THR S 77 49.67 -29.58 20.56
C THR S 77 50.30 -29.97 21.89
N ILE S 78 49.49 -30.07 22.96
CA ILE S 78 50.02 -30.43 24.26
C ILE S 78 50.55 -31.86 24.25
N THR S 79 49.75 -32.79 23.72
CA THR S 79 50.17 -34.19 23.70
C THR S 79 51.33 -34.43 22.76
N GLY S 80 51.39 -33.70 21.64
CA GLY S 80 52.51 -33.84 20.73
C GLY S 80 53.83 -33.45 21.36
N GLU S 81 53.83 -32.33 22.10
CA GLU S 81 55.05 -31.90 22.78
C GLU S 81 55.38 -32.79 23.97
N TYR S 82 54.36 -33.31 24.65
CA TYR S 82 54.57 -34.13 25.84
C TYR S 82 54.86 -35.59 25.54
N CYS S 83 54.81 -35.99 24.27
CA CYS S 83 55.10 -37.37 23.90
C CYS S 83 56.26 -37.44 22.91
N PRO S 95 60.18 -27.43 33.62
CA PRO S 95 60.59 -26.33 32.75
C PRO S 95 59.44 -25.37 32.43
N LEU S 96 59.77 -24.23 31.82
CA LEU S 96 58.73 -23.26 31.48
C LEU S 96 57.75 -23.82 30.45
N GLU S 97 58.27 -24.56 29.46
CA GLU S 97 57.40 -25.10 28.42
C GLU S 97 56.38 -26.09 28.99
N CYS S 98 56.81 -26.96 29.90
CA CYS S 98 55.89 -27.88 30.54
C CYS S 98 54.89 -27.14 31.42
N LYS S 99 55.35 -26.11 32.11
CA LYS S 99 54.49 -25.35 33.02
C LYS S 99 53.39 -24.64 32.24
N LEU S 100 53.74 -24.07 31.08
CA LEU S 100 52.74 -23.41 30.24
C LEU S 100 51.71 -24.39 29.72
N ALA S 101 52.13 -25.63 29.45
CA ALA S 101 51.18 -26.65 29.02
C ALA S 101 50.14 -26.92 30.09
N CYS S 102 50.56 -26.93 31.36
CA CYS S 102 49.63 -27.15 32.46
C CYS S 102 48.58 -26.04 32.54
N LEU S 103 49.00 -24.79 32.37
CA LEU S 103 48.04 -23.69 32.34
C LEU S 103 47.11 -23.80 31.13
N ARG S 104 47.67 -24.15 29.98
CA ARG S 104 46.83 -24.35 28.79
C ARG S 104 45.85 -25.50 29.00
N PHE S 105 46.31 -26.58 29.64
CA PHE S 105 45.40 -27.68 29.97
C PHE S 105 44.35 -27.22 30.98
N PHE S 106 44.75 -26.42 31.97
CA PHE S 106 43.81 -25.97 33.00
C PHE S 106 42.69 -25.14 32.41
N SER S 107 43.04 -24.22 31.49
CA SER S 107 42.02 -23.39 30.87
C SER S 107 41.07 -24.23 30.01
N ILE S 108 41.61 -25.17 29.25
CA ILE S 108 40.78 -26.05 28.45
C ILE S 108 39.94 -26.96 29.34
N THR S 109 40.49 -27.37 30.48
CA THR S 109 39.77 -28.28 31.37
C THR S 109 38.47 -27.66 31.86
N GLY S 110 38.49 -26.39 32.24
CA GLY S 110 37.29 -25.76 32.78
C GLY S 110 36.12 -25.81 31.82
N ARG S 111 36.38 -25.53 30.54
CA ARG S 111 35.34 -25.66 29.53
C ARG S 111 35.10 -27.11 29.11
N ALA S 112 36.05 -28.00 29.39
CA ALA S 112 35.89 -29.39 28.97
C ALA S 112 34.90 -30.14 29.85
N VAL S 113 34.97 -29.95 31.17
CA VAL S 113 34.22 -30.77 32.11
C VAL S 113 33.00 -30.03 32.66
N ILE S 114 32.72 -28.83 32.13
CA ILE S 114 31.57 -28.06 32.62
C ILE S 114 30.26 -28.78 32.28
N ALA S 115 30.15 -29.34 31.07
CA ALA S 115 28.90 -29.95 30.66
C ALA S 115 28.49 -31.16 31.49
N PRO S 116 29.36 -32.15 31.75
CA PRO S 116 28.88 -33.34 32.50
C PRO S 116 28.36 -33.03 33.89
N LEU S 117 29.00 -32.10 34.62
CA LEU S 117 28.52 -31.76 35.95
C LEU S 117 27.13 -31.16 35.88
N THR S 118 26.85 -30.40 34.82
CA THR S 118 25.48 -29.95 34.58
C THR S 118 24.55 -31.13 34.34
N TRP S 119 24.97 -32.08 33.50
CA TRP S 119 24.15 -33.27 33.27
C TRP S 119 24.03 -34.10 34.53
N LEU S 120 25.13 -34.28 35.27
CA LEU S 120 25.08 -35.07 36.49
C LEU S 120 24.15 -34.44 37.52
N ALA S 121 24.23 -33.11 37.68
CA ALA S 121 23.38 -32.44 38.66
C ALA S 121 21.90 -32.54 38.27
N VAL S 122 21.57 -32.30 37.01
CA VAL S 122 20.18 -32.27 36.58
C VAL S 122 19.52 -33.64 36.74
N THR S 123 20.21 -34.70 36.30
CA THR S 123 19.63 -36.04 36.40
C THR S 123 19.41 -36.43 37.85
N LEU S 124 20.39 -36.14 38.71
CA LEU S 124 20.34 -36.62 40.08
C LEU S 124 19.33 -35.82 40.91
N LEU S 125 19.22 -34.51 40.65
CA LEU S 125 18.13 -33.74 41.25
C LEU S 125 16.77 -34.11 40.68
N THR S 126 16.72 -34.67 39.47
CA THR S 126 15.45 -35.15 38.95
C THR S 126 14.95 -36.33 39.77
N GLY S 127 15.85 -37.21 40.20
CA GLY S 127 15.53 -38.31 41.08
C GLY S 127 15.15 -39.59 40.37
N THR S 128 14.56 -39.49 39.16
CA THR S 128 14.07 -40.68 38.48
C THR S 128 15.20 -41.59 38.05
N TYR S 129 16.38 -41.03 37.76
CA TYR S 129 17.49 -41.86 37.32
C TYR S 129 18.04 -42.72 38.47
N TYR S 130 18.05 -42.19 39.69
CA TYR S 130 18.64 -42.95 40.79
C TYR S 130 17.60 -43.83 41.47
N GLU S 131 16.31 -43.49 41.38
CA GLU S 131 15.29 -44.41 41.90
C GLU S 131 15.27 -45.70 41.09
N CYS S 132 15.45 -45.59 39.77
CA CYS S 132 15.46 -46.74 38.89
C CYS S 132 16.83 -47.41 38.81
N ALA S 133 17.82 -46.88 39.54
CA ALA S 133 19.17 -47.44 39.58
C ALA S 133 19.46 -48.20 40.87
N ALA S 134 19.26 -47.57 42.02
CA ALA S 134 19.54 -48.18 43.31
C ALA S 134 18.29 -48.69 44.03
N SER S 135 17.23 -48.99 43.27
CA SER S 135 16.03 -49.54 43.88
C SER S 135 16.30 -50.90 44.50
N GLU S 136 17.07 -51.75 43.82
CA GLU S 136 17.36 -53.08 44.33
C GLU S 136 18.23 -53.06 45.58
N PHE S 137 18.92 -51.95 45.84
CA PHE S 137 19.76 -51.82 47.03
C PHE S 137 18.99 -51.31 48.24
N ALA S 138 17.70 -51.06 48.10
CA ALA S 138 16.90 -50.59 49.23
C ALA S 138 16.77 -51.67 50.29
N SER S 139 16.66 -51.24 51.55
CA SER S 139 16.57 -52.13 52.68
C SER S 139 15.12 -52.26 53.14
N VAL S 140 14.71 -53.48 53.43
CA VAL S 140 13.35 -53.77 53.87
C VAL S 140 13.28 -54.03 55.38
N ASP S 141 14.35 -53.74 56.11
CA ASP S 141 14.36 -53.98 57.56
C ASP S 141 13.35 -53.09 58.27
N HIS S 142 13.18 -51.85 57.81
CA HIS S 142 12.21 -50.95 58.41
C HIS S 142 10.78 -51.47 58.24
N TYR S 143 10.54 -52.29 57.23
CA TYR S 143 9.19 -52.68 56.87
C TYR S 143 8.91 -54.09 57.33
N PRO S 144 7.99 -54.29 58.30
CA PRO S 144 7.67 -55.67 58.71
C PRO S 144 6.92 -56.46 57.66
N MET S 145 6.30 -55.81 56.67
CA MET S 145 5.53 -56.55 55.67
C MET S 145 6.45 -57.30 54.71
N PHE S 146 7.58 -56.70 54.35
CA PHE S 146 8.52 -57.33 53.42
C PHE S 146 9.50 -58.25 54.16
N ASP S 147 8.93 -59.26 54.83
CA ASP S 147 9.77 -60.27 55.46
C ASP S 147 10.34 -61.22 54.41
N ASN S 148 9.47 -61.96 53.73
CA ASN S 148 9.81 -62.81 52.59
C ASN S 148 11.07 -63.65 52.87
N VAL S 149 10.92 -64.56 53.84
CA VAL S 149 12.03 -65.42 54.25
C VAL S 149 12.55 -66.26 53.10
N SER S 150 11.76 -66.45 52.04
CA SER S 150 12.23 -67.19 50.87
C SER S 150 13.33 -66.45 50.13
N ALA S 151 13.44 -65.14 50.32
CA ALA S 151 14.49 -64.31 49.73
C ALA S 151 14.48 -64.31 48.20
N SER S 152 13.34 -64.66 47.60
CA SER S 152 13.22 -64.67 46.15
C SER S 152 12.20 -63.65 45.65
N LYS S 153 10.96 -63.70 46.16
CA LYS S 153 9.94 -62.75 45.72
C LYS S 153 10.23 -61.34 46.19
N ARG S 154 10.98 -61.18 47.28
CA ARG S 154 11.25 -59.86 47.83
C ARG S 154 12.02 -59.00 46.82
N GLU S 155 13.02 -59.58 46.15
CA GLU S 155 13.80 -58.82 45.19
C GLU S 155 13.04 -58.64 43.88
N GLU S 156 12.20 -59.62 43.52
CA GLU S 156 11.35 -59.49 42.34
C GLU S 156 10.44 -58.27 42.46
N ILE S 157 9.70 -58.16 43.57
CA ILE S 157 8.79 -57.04 43.73
C ILE S 157 9.56 -55.75 43.96
N LEU S 158 10.73 -55.82 44.61
CA LEU S 158 11.53 -54.63 44.87
C LEU S 158 11.96 -53.96 43.57
N ALA S 159 12.36 -54.75 42.58
CA ALA S 159 12.65 -54.22 41.26
C ALA S 159 11.39 -54.03 40.42
N GLY S 160 10.24 -54.48 40.90
CA GLY S 160 9.01 -54.40 40.15
C GLY S 160 8.21 -53.13 40.38
N PHE S 161 7.97 -52.79 41.65
CA PHE S 161 7.12 -51.63 41.95
C PHE S 161 7.63 -50.30 41.39
N PRO S 162 8.92 -49.93 41.51
CA PRO S 162 9.30 -48.56 41.14
C PRO S 162 9.22 -48.27 39.65
N CYS S 163 9.21 -49.31 38.79
CA CYS S 163 9.28 -49.07 37.35
C CYS S 163 7.94 -48.58 36.81
N CYS S 164 6.92 -49.44 36.84
CA CYS S 164 5.56 -49.05 36.48
C CYS S 164 4.50 -49.72 37.34
N ARG S 165 4.90 -50.60 38.27
CA ARG S 165 3.96 -51.46 38.99
C ARG S 165 3.42 -50.68 40.19
N SER S 166 2.21 -50.15 40.06
CA SER S 166 1.57 -49.48 41.19
C SER S 166 1.32 -50.47 42.33
N ALA S 167 0.87 -51.67 42.00
CA ALA S 167 0.63 -52.75 42.94
C ALA S 167 -0.27 -52.30 44.09
N PRO S 168 -1.57 -52.10 43.84
CA PRO S 168 -2.46 -51.67 44.93
C PRO S 168 -2.71 -52.79 45.93
N SER S 169 -1.71 -53.10 46.75
CA SER S 169 -1.78 -54.18 47.74
C SER S 169 -1.43 -53.67 49.13
N ASP S 170 -1.77 -52.41 49.43
CA ASP S 170 -1.47 -51.77 50.71
C ASP S 170 0.03 -51.78 50.99
N VAL S 171 0.82 -51.78 49.93
CA VAL S 171 2.27 -51.68 50.00
C VAL S 171 2.77 -50.40 49.36
N ILE S 172 1.86 -49.58 48.80
CA ILE S 172 2.29 -48.36 48.14
C ILE S 172 2.95 -47.40 49.13
N LEU S 173 2.57 -47.44 50.41
CA LEU S 173 3.26 -46.60 51.38
C LEU S 173 4.75 -46.87 51.38
N VAL S 174 5.14 -48.12 51.08
CA VAL S 174 6.55 -48.47 51.03
C VAL S 174 7.27 -47.72 49.91
N ARG S 175 6.61 -47.61 48.75
CA ARG S 175 7.29 -47.05 47.58
C ARG S 175 7.46 -45.53 47.67
N ASP S 176 6.51 -44.80 48.27
CA ASP S 176 6.73 -43.36 48.40
C ASP S 176 7.89 -43.04 49.34
N GLU S 177 7.93 -43.65 50.53
CA GLU S 177 9.04 -43.39 51.44
C GLU S 177 10.36 -43.84 50.82
N ILE S 178 10.35 -44.95 50.10
CA ILE S 178 11.53 -45.34 49.32
C ILE S 178 11.84 -44.27 48.28
N ALA S 179 10.81 -43.80 47.57
CA ALA S 179 11.03 -42.74 46.58
C ALA S 179 11.46 -41.44 47.25
N LEU S 180 10.80 -41.06 48.36
CA LEU S 180 11.17 -39.82 49.05
C LEU S 180 12.56 -39.92 49.68
N LEU S 181 12.89 -41.08 50.27
CA LEU S 181 14.22 -41.26 50.81
C LEU S 181 15.27 -41.25 49.70
N HIS S 182 14.97 -41.90 48.58
CA HIS S 182 15.85 -41.81 47.42
C HIS S 182 15.93 -40.38 46.89
N ARG S 183 14.79 -39.70 46.79
CA ARG S 183 14.81 -38.34 46.28
C ARG S 183 15.65 -37.44 47.17
N TYR S 184 15.46 -37.53 48.49
CA TYR S 184 16.21 -36.66 49.40
C TYR S 184 17.71 -36.92 49.32
N GLN S 185 18.12 -38.20 49.32
CA GLN S 185 19.54 -38.51 49.22
C GLN S 185 20.11 -38.05 47.90
N SER S 186 19.28 -38.09 46.86
CA SER S 186 19.73 -37.67 45.50
C SER S 186 20.07 -36.18 45.52
N GLN S 187 19.19 -35.36 46.10
CA GLN S 187 19.45 -33.91 46.15
C GLN S 187 20.74 -33.63 46.95
N MET S 188 20.93 -34.29 48.10
CA MET S 188 22.10 -33.95 48.90
C MET S 188 23.38 -34.23 48.13
N LEU S 189 23.39 -35.29 47.31
CA LEU S 189 24.60 -35.67 46.60
C LEU S 189 25.01 -34.61 45.59
N GLY S 190 24.07 -34.14 44.77
CA GLY S 190 24.40 -33.17 43.75
C GLY S 190 24.87 -31.85 44.34
N TRP S 191 24.17 -31.37 45.36
CA TRP S 191 24.54 -30.11 46.01
C TRP S 191 25.91 -30.23 46.69
N ILE S 192 26.22 -31.40 47.24
CA ILE S 192 27.58 -31.65 47.72
C ILE S 192 28.57 -31.70 46.56
N LEU S 193 28.21 -32.41 45.49
CA LEU S 193 29.09 -32.47 44.32
C LEU S 193 29.28 -31.09 43.68
N ILE S 194 28.20 -30.31 43.58
CA ILE S 194 28.33 -28.96 43.06
C ILE S 194 29.24 -28.13 43.95
N THR S 195 29.05 -28.23 45.27
CA THR S 195 29.92 -27.52 46.20
C THR S 195 31.36 -28.01 46.09
N LEU S 196 31.55 -29.33 45.98
CA LEU S 196 32.89 -29.87 45.83
C LEU S 196 33.53 -29.39 44.52
N ALA S 197 32.76 -29.36 43.44
CA ALA S 197 33.29 -28.86 42.17
C ALA S 197 33.65 -27.39 42.27
N THR S 198 32.83 -26.59 42.96
CA THR S 198 33.12 -25.18 43.13
C THR S 198 34.41 -24.97 43.93
N ILE S 199 34.59 -25.74 45.00
CA ILE S 199 35.84 -25.65 45.77
C ILE S 199 37.01 -26.12 44.93
N ALA S 200 36.84 -27.21 44.17
CA ALA S 200 37.91 -27.67 43.29
C ALA S 200 38.25 -26.64 42.23
N ALA S 201 37.22 -25.97 41.68
CA ALA S 201 37.47 -24.88 40.74
C ALA S 201 38.21 -23.74 41.42
N LEU S 202 37.87 -23.45 42.67
CA LEU S 202 38.52 -22.35 43.39
C LEU S 202 39.99 -22.65 43.64
N VAL S 203 40.31 -23.85 44.15
CA VAL S 203 41.68 -24.17 44.50
C VAL S 203 42.54 -24.31 43.25
N SER S 204 42.01 -24.94 42.20
CA SER S 204 42.75 -25.04 40.95
C SER S 204 42.97 -23.66 40.35
N CYS S 205 41.96 -22.80 40.45
CA CYS S 205 42.13 -21.40 40.07
C CYS S 205 43.21 -20.73 40.92
N CYS S 206 43.29 -21.10 42.19
CA CYS S 206 44.33 -20.57 43.06
C CYS S 206 45.71 -21.12 42.70
N VAL S 207 45.79 -22.40 42.35
CA VAL S 207 47.08 -22.96 41.93
C VAL S 207 47.55 -22.29 40.66
N ALA S 208 46.64 -22.02 39.73
CA ALA S 208 47.01 -21.36 38.47
C ALA S 208 47.42 -19.91 38.66
N LYS S 209 47.03 -19.27 39.76
CA LYS S 209 47.44 -17.90 40.04
C LYS S 209 48.70 -17.82 40.88
N CYS S 210 49.21 -18.96 41.37
CA CYS S 210 50.40 -18.99 42.22
C CYS S 210 51.59 -19.61 41.53
N CYS S 211 51.45 -20.82 40.99
CA CYS S 211 52.56 -21.49 40.31
C CYS S 211 52.88 -20.88 38.97
N SER S 212 51.99 -20.06 38.41
CA SER S 212 52.24 -19.48 37.09
C SER S 212 53.30 -18.40 37.20
N PRO S 213 54.37 -18.48 36.40
CA PRO S 213 55.37 -17.39 36.41
C PRO S 213 54.84 -16.07 35.90
N LEU S 214 53.76 -16.07 35.13
CA LEU S 214 53.19 -14.84 34.61
C LEU S 214 52.45 -14.09 35.72
N THR S 215 52.33 -12.78 35.54
CA THR S 215 51.60 -11.95 36.48
C THR S 215 50.12 -11.94 36.13
N SER S 216 49.35 -11.13 36.86
CA SER S 216 47.92 -11.02 36.57
C SER S 216 47.67 -10.39 35.21
N LEU S 217 48.61 -9.57 34.72
CA LEU S 217 48.49 -8.95 33.41
C LEU S 217 49.37 -9.60 32.35
N GLN S 218 50.49 -10.19 32.74
CA GLN S 218 51.37 -10.84 31.77
C GLN S 218 50.73 -12.09 31.17
N HIS S 219 49.96 -12.82 31.97
CA HIS S 219 49.29 -14.02 31.44
C HIS S 219 48.31 -13.65 30.35
N CYS S 220 47.57 -12.55 30.53
CA CYS S 220 46.67 -12.09 29.48
C CYS S 220 47.44 -11.71 28.22
N TYR S 221 48.60 -11.07 28.39
CA TYR S 221 49.43 -10.74 27.23
C TYR S 221 49.88 -12.00 26.51
N TRP S 222 50.32 -13.02 27.25
CA TRP S 222 50.81 -14.23 26.62
C TRP S 222 49.69 -14.96 25.88
N THR S 223 48.51 -15.05 26.51
CA THR S 223 47.36 -15.67 25.83
C THR S 223 46.95 -14.85 24.62
N SER S 224 46.98 -13.52 24.74
CA SER S 224 46.64 -12.67 23.60
C SER S 224 47.61 -12.87 22.45
N HIS S 225 48.91 -13.00 22.76
CA HIS S 225 49.88 -13.28 21.70
C HIS S 225 49.63 -14.64 21.07
N LEU S 226 49.27 -15.64 21.87
CA LEU S 226 48.97 -16.96 21.32
C LEU S 226 47.80 -16.89 20.34
N GLN S 227 46.68 -16.31 20.77
CA GLN S 227 45.51 -16.30 19.90
C GLN S 227 45.77 -15.45 18.66
N ASN S 228 46.48 -14.34 18.80
CA ASN S 228 46.83 -13.53 17.65
C ASN S 228 47.85 -14.23 16.74
N GLU S 229 48.70 -15.11 17.31
CA GLU S 229 49.73 -15.76 16.52
C GLU S 229 49.18 -16.87 15.63
N ARG S 230 48.14 -17.59 16.08
CA ARG S 230 47.58 -18.66 15.25
C ARG S 230 46.91 -18.09 14.01
N GLU S 231 46.12 -17.03 14.17
CA GLU S 231 45.35 -16.51 13.05
C GLU S 231 46.26 -15.86 12.01
N LEU S 232 47.26 -15.08 12.46
CA LEU S 232 48.15 -14.39 11.53
C LEU S 232 48.96 -15.37 10.70
N PHE S 233 49.50 -16.42 11.33
CA PHE S 233 50.24 -17.42 10.58
C PHE S 233 49.34 -18.20 9.63
N GLU S 234 48.12 -18.55 10.08
CA GLU S 234 47.23 -19.37 9.27
C GLU S 234 46.78 -18.61 8.02
N GLN S 235 46.47 -17.32 8.15
CA GLN S 235 46.07 -16.56 6.97
C GLN S 235 47.24 -16.34 6.03
N ALA S 236 48.45 -16.14 6.58
CA ALA S 236 49.63 -16.00 5.73
C ALA S 236 49.97 -17.32 5.04
N ALA S 237 49.75 -18.44 5.73
CA ALA S 237 49.97 -19.74 5.10
C ALA S 237 49.00 -19.94 3.95
N GLU S 238 47.75 -19.51 4.10
CA GLU S 238 46.79 -19.57 3.01
C GLU S 238 47.23 -18.73 1.83
N GLN S 239 47.72 -17.52 2.10
CA GLN S 239 48.16 -16.63 1.03
C GLN S 239 49.36 -17.24 0.32
N HIS S 240 50.28 -17.83 1.09
CA HIS S 240 51.50 -18.40 0.53
C HIS S 240 51.19 -19.51 -0.47
N SER S 241 50.22 -20.37 -0.17
CA SER S 241 49.86 -21.41 -1.13
C SER S 241 49.19 -20.82 -2.36
N ARG S 242 48.14 -20.01 -2.18
CA ARG S 242 47.42 -19.45 -3.31
C ARG S 242 48.37 -18.75 -4.27
N LEU S 243 49.33 -18.02 -3.72
CA LEU S 243 50.27 -17.28 -4.54
C LEU S 243 51.12 -18.23 -5.37
N LEU S 244 51.50 -19.37 -4.79
CA LEU S 244 52.33 -20.35 -5.50
C LEU S 244 51.56 -21.03 -6.63
N MET S 245 50.28 -21.35 -6.40
CA MET S 245 49.46 -21.87 -7.49
C MET S 245 49.36 -20.88 -8.64
N MET S 246 49.30 -19.58 -8.32
CA MET S 246 49.13 -18.58 -9.37
C MET S 246 50.30 -18.58 -10.34
N HIS S 247 51.53 -18.71 -9.81
CA HIS S 247 52.67 -18.95 -10.70
C HIS S 247 52.58 -20.31 -11.37
N ARG S 248 52.20 -21.35 -10.62
CA ARG S 248 52.14 -22.69 -11.20
C ARG S 248 51.22 -22.71 -12.42
N ILE S 249 50.07 -22.03 -12.32
CA ILE S 249 49.18 -21.93 -13.47
C ILE S 249 49.83 -21.08 -14.56
N LYS S 250 50.57 -20.04 -14.17
CA LYS S 250 51.30 -19.25 -15.15
C LYS S 250 52.33 -20.10 -15.89
N LYS S 251 53.06 -20.95 -15.16
CA LYS S 251 53.96 -21.88 -15.83
C LYS S 251 53.21 -23.02 -16.52
N LEU S 252 51.95 -23.26 -16.15
CA LEU S 252 51.22 -24.39 -16.72
C LEU S 252 50.65 -24.06 -18.09
N PHE S 253 49.75 -23.07 -18.16
CA PHE S 253 49.13 -22.70 -19.42
C PHE S 253 49.57 -21.32 -19.93
N GLY S 254 50.18 -20.50 -19.09
CA GLY S 254 50.65 -19.20 -19.53
C GLY S 254 49.76 -18.02 -19.21
N PHE S 255 48.81 -18.15 -18.29
CA PHE S 255 48.00 -17.02 -17.88
C PHE S 255 48.01 -16.91 -16.36
N ILE S 256 47.70 -15.72 -15.87
CA ILE S 256 47.69 -15.47 -14.44
C ILE S 256 46.28 -15.18 -13.93
N GLN T 5 9.82 -78.72 60.48
CA GLN T 5 9.06 -79.50 61.46
C GLN T 5 7.71 -78.87 61.71
N VAL T 6 7.50 -77.66 61.17
CA VAL T 6 6.26 -76.93 61.34
C VAL T 6 5.43 -77.08 60.07
N GLN T 7 4.25 -77.69 60.19
CA GLN T 7 3.35 -77.90 59.08
C GLN T 7 2.05 -77.14 59.33
N LEU T 8 1.62 -76.36 58.34
CA LEU T 8 0.39 -75.60 58.44
C LEU T 8 -0.75 -76.40 57.82
N VAL T 9 -1.72 -76.79 58.65
CA VAL T 9 -2.88 -77.55 58.20
C VAL T 9 -4.12 -76.69 58.39
N GLU T 10 -4.88 -76.53 57.32
CA GLU T 10 -6.07 -75.68 57.31
C GLU T 10 -7.33 -76.53 57.33
N SER T 11 -8.33 -76.07 58.08
CA SER T 11 -9.60 -76.76 58.20
C SER T 11 -10.74 -75.76 58.07
N GLY T 12 -11.90 -76.27 57.68
CA GLY T 12 -13.08 -75.45 57.50
C GLY T 12 -13.55 -75.29 56.07
N GLY T 13 -12.94 -75.99 55.11
CA GLY T 13 -13.36 -75.89 53.74
C GLY T 13 -14.70 -76.57 53.49
N GLY T 14 -15.30 -76.24 52.36
CA GLY T 14 -16.58 -76.79 51.98
C GLY T 14 -17.37 -75.79 51.16
N LEU T 15 -18.69 -75.95 51.17
CA LEU T 15 -19.60 -75.10 50.44
C LEU T 15 -20.44 -74.30 51.43
N VAL T 16 -20.44 -72.97 51.26
CA VAL T 16 -21.18 -72.07 52.12
C VAL T 16 -21.97 -71.11 51.23
N GLN T 17 -23.24 -70.91 51.55
CA GLN T 17 -24.09 -70.04 50.76
C GLN T 17 -23.68 -68.58 50.95
N ALA T 18 -24.18 -67.73 50.06
CA ALA T 18 -23.85 -66.31 50.10
C ALA T 18 -24.39 -65.66 51.37
N GLY T 19 -23.58 -64.78 51.96
CA GLY T 19 -23.97 -64.07 53.17
C GLY T 19 -23.76 -64.85 54.45
N GLY T 20 -23.21 -66.06 54.39
CA GLY T 20 -23.00 -66.87 55.56
C GLY T 20 -21.66 -66.57 56.23
N SER T 21 -21.37 -67.36 57.27
CA SER T 21 -20.15 -67.22 58.05
C SER T 21 -19.39 -68.53 58.07
N LEU T 22 -18.07 -68.44 57.92
CA LEU T 22 -17.19 -69.60 57.93
C LEU T 22 -15.99 -69.30 58.80
N ARG T 23 -15.38 -70.35 59.35
CA ARG T 23 -14.15 -70.22 60.12
C ARG T 23 -13.10 -71.12 59.49
N LEU T 24 -12.00 -70.53 59.04
CA LEU T 24 -10.87 -71.27 58.47
C LEU T 24 -9.78 -71.34 59.54
N SER T 25 -9.55 -72.55 60.06
CA SER T 25 -8.61 -72.77 61.16
C SER T 25 -7.33 -73.37 60.61
N CYS T 26 -6.22 -72.65 60.77
CA CYS T 26 -4.90 -73.12 60.37
C CYS T 26 -4.06 -73.36 61.61
N ALA T 27 -3.56 -74.58 61.76
CA ALA T 27 -2.78 -74.98 62.93
C ALA T 27 -1.30 -74.99 62.58
N ALA T 28 -0.48 -74.40 63.46
CA ALA T 28 0.96 -74.36 63.28
C ALA T 28 1.61 -75.32 64.26
N SER T 29 2.45 -76.21 63.74
CA SER T 29 3.14 -77.19 64.57
C SER T 29 4.59 -76.81 64.81
N HIS T 37 3.72 -64.17 63.63
CA HIS T 37 3.88 -63.51 62.33
C HIS T 37 3.42 -64.42 61.21
N MET T 38 2.11 -64.41 60.95
CA MET T 38 1.50 -65.25 59.93
C MET T 38 0.86 -64.37 58.87
N ARG T 39 0.63 -64.95 57.70
CA ARG T 39 0.06 -64.25 56.57
C ARG T 39 -1.03 -65.10 55.95
N TRP T 40 -1.95 -64.43 55.23
CA TRP T 40 -3.06 -65.13 54.59
C TRP T 40 -3.20 -64.66 53.14
N TYR T 41 -3.36 -65.62 52.24
CA TYR T 41 -3.39 -65.43 50.80
C TYR T 41 -4.53 -66.24 50.18
N ARG T 42 -5.00 -65.78 49.01
CA ARG T 42 -6.08 -66.41 48.29
C ARG T 42 -5.75 -66.51 46.81
N GLN T 43 -6.33 -67.51 46.15
CA GLN T 43 -6.05 -67.73 44.73
C GLN T 43 -7.33 -67.97 43.94
N ARG T 49 -2.13 -66.01 43.12
CA ARG T 49 -2.26 -65.94 44.57
C ARG T 49 -2.24 -64.50 45.06
N GLU T 50 -3.27 -64.11 45.80
CA GLU T 50 -3.45 -62.74 46.26
C GLU T 50 -3.35 -62.67 47.78
N TRP T 51 -2.61 -61.68 48.27
CA TRP T 51 -2.49 -61.48 49.71
C TRP T 51 -3.81 -61.05 50.32
N VAL T 52 -4.12 -61.58 51.51
CA VAL T 52 -5.39 -61.30 52.16
C VAL T 52 -5.16 -60.55 53.47
N ALA T 53 -4.43 -61.18 54.40
CA ALA T 53 -4.27 -60.60 55.72
C ALA T 53 -2.90 -60.95 56.27
N ALA T 54 -2.45 -60.15 57.24
CA ALA T 54 -1.18 -60.37 57.92
C ALA T 54 -1.36 -60.11 59.41
N ILE T 55 -0.73 -60.95 60.23
CA ILE T 55 -0.80 -60.85 61.68
C ILE T 55 0.61 -61.01 62.24
N TYR T 56 0.79 -60.56 63.48
CA TYR T 56 2.07 -60.69 64.15
C TYR T 56 2.04 -61.84 65.17
N ALA T 60 -0.76 -58.26 68.55
CA ALA T 60 -2.00 -58.75 67.95
C ALA T 60 -2.46 -57.83 66.82
N GLY T 61 -1.52 -57.13 66.22
CA GLY T 61 -1.85 -56.24 65.12
C GLY T 61 -2.27 -57.03 63.89
N THR T 62 -3.37 -56.61 63.27
CA THR T 62 -3.91 -57.27 62.09
C THR T 62 -4.01 -56.28 60.94
N HIS T 63 -3.79 -56.79 59.73
CA HIS T 63 -3.87 -55.99 58.52
C HIS T 63 -4.73 -56.72 57.50
N TYR T 64 -5.45 -55.95 56.69
CA TYR T 64 -6.32 -56.52 55.67
C TYR T 64 -6.21 -55.70 54.39
N ALA T 65 -6.44 -56.35 53.26
CA ALA T 65 -6.54 -55.65 51.99
C ALA T 65 -7.88 -54.92 51.91
N ASP T 66 -7.91 -53.86 51.09
CA ASP T 66 -9.13 -53.09 50.93
C ASP T 66 -10.26 -53.90 50.33
N SER T 67 -9.95 -54.97 49.61
CA SER T 67 -11.00 -55.85 49.10
C SER T 67 -11.75 -56.52 50.24
N VAL T 68 -11.04 -56.96 51.28
CA VAL T 68 -11.63 -57.64 52.41
C VAL T 68 -11.55 -56.78 53.68
N LYS T 69 -11.35 -55.48 53.53
CA LYS T 69 -11.28 -54.60 54.69
C LYS T 69 -12.65 -54.48 55.34
N GLY T 70 -12.71 -54.77 56.65
CA GLY T 70 -13.95 -54.75 57.37
C GLY T 70 -14.82 -55.97 57.18
N ARG T 71 -14.39 -56.95 56.39
CA ARG T 71 -15.13 -58.17 56.13
C ARG T 71 -14.54 -59.36 56.87
N PHE T 72 -13.24 -59.62 56.69
CA PHE T 72 -12.57 -60.75 57.30
C PHE T 72 -11.89 -60.33 58.60
N THR T 73 -11.85 -61.25 59.55
CA THR T 73 -11.19 -61.02 60.83
C THR T 73 -10.22 -62.17 61.12
N ILE T 74 -8.97 -61.83 61.39
CA ILE T 74 -7.92 -62.82 61.64
C ILE T 74 -7.48 -62.71 63.10
N SER T 75 -7.45 -63.85 63.79
CA SER T 75 -7.04 -63.90 65.19
C SER T 75 -6.22 -65.16 65.42
N ARG T 76 -5.10 -65.00 66.13
CA ARG T 76 -4.23 -66.11 66.49
C ARG T 76 -4.19 -66.28 68.00
N ASP T 77 -3.96 -67.50 68.45
CA ASP T 77 -3.80 -67.81 69.86
C ASP T 77 -2.65 -68.77 70.04
N ASN T 78 -1.73 -68.43 70.95
CA ASN T 78 -0.58 -69.29 71.21
C ASN T 78 -0.95 -70.53 72.02
N ALA T 79 -2.09 -70.52 72.69
CA ALA T 79 -2.51 -71.70 73.45
C ALA T 79 -2.76 -72.89 72.53
N LYS T 80 -3.41 -72.64 71.38
CA LYS T 80 -3.70 -73.70 70.43
C LYS T 80 -2.78 -73.69 69.22
N ASN T 81 -1.92 -72.68 69.08
CA ASN T 81 -1.03 -72.53 67.93
C ASN T 81 -1.82 -72.56 66.62
N THR T 82 -2.98 -71.89 66.62
CA THR T 82 -3.88 -71.85 65.48
C THR T 82 -4.18 -70.41 65.11
N VAL T 83 -4.47 -70.20 63.83
CA VAL T 83 -4.88 -68.89 63.32
C VAL T 83 -6.27 -69.03 62.72
N TYR T 84 -7.20 -68.20 63.19
CA TYR T 84 -8.58 -68.22 62.74
C TYR T 84 -8.87 -67.00 61.90
N LEU T 85 -9.45 -67.22 60.71
CA LEU T 85 -9.97 -66.15 59.86
C LEU T 85 -11.47 -66.29 59.85
N GLN T 86 -12.17 -65.19 60.10
CA GLN T 86 -13.62 -65.16 60.02
C GLN T 86 -14.06 -64.59 58.68
N MET T 87 -14.79 -65.38 57.89
CA MET T 87 -15.37 -64.90 56.64
C MET T 87 -16.81 -64.47 56.90
N ASN T 88 -17.06 -63.18 56.78
CA ASN T 88 -18.38 -62.60 56.91
C ASN T 88 -18.81 -61.97 55.58
N SER T 89 -20.12 -61.93 55.37
CA SER T 89 -20.71 -61.38 54.15
C SER T 89 -20.15 -62.04 52.89
N LEU T 90 -20.06 -63.35 52.92
CA LEU T 90 -19.51 -64.09 51.79
C LEU T 90 -20.41 -63.97 50.55
N LYS T 91 -19.78 -63.93 49.39
CA LYS T 91 -20.44 -63.81 48.11
C LYS T 91 -19.80 -64.78 47.14
N PRO T 92 -20.50 -65.18 46.08
CA PRO T 92 -19.89 -66.06 45.08
C PRO T 92 -18.71 -65.43 44.35
N GLU T 93 -18.60 -64.11 44.36
CA GLU T 93 -17.51 -63.44 43.65
C GLU T 93 -16.15 -63.71 44.29
N ASP T 94 -16.11 -64.04 45.58
CA ASP T 94 -14.85 -64.30 46.28
C ASP T 94 -14.55 -65.79 46.39
N THR T 95 -15.10 -66.60 45.49
CA THR T 95 -14.84 -68.03 45.49
C THR T 95 -13.39 -68.29 45.08
N ALA T 96 -12.58 -68.80 45.99
CA ALA T 96 -11.18 -69.07 45.72
C ALA T 96 -10.67 -70.08 46.75
N VAL T 97 -9.36 -70.28 46.77
CA VAL T 97 -8.70 -71.19 47.71
C VAL T 97 -7.77 -70.37 48.58
N TYR T 98 -7.88 -70.54 49.90
CA TYR T 98 -7.17 -69.73 50.88
C TYR T 98 -5.94 -70.48 51.39
N TYR T 99 -4.79 -69.82 51.40
CA TYR T 99 -3.53 -70.39 51.83
C TYR T 99 -3.00 -69.64 53.04
N CYS T 100 -2.11 -70.29 53.78
CA CYS T 100 -1.50 -69.71 54.97
C CYS T 100 0.02 -69.65 54.83
N PHE T 101 0.62 -68.63 55.45
CA PHE T 101 2.02 -68.30 55.29
C PHE T 101 2.60 -67.73 56.57
N VAL T 102 3.85 -68.08 56.85
CA VAL T 102 4.54 -67.65 58.06
C VAL T 102 5.56 -66.55 57.74
N TYR T 108 7.20 -70.72 54.42
CA TYR T 108 6.43 -71.95 54.26
C TYR T 108 5.02 -71.70 53.74
N ILE T 109 4.67 -72.44 52.70
CA ILE T 109 3.43 -72.24 51.97
C ILE T 109 2.41 -73.24 52.48
N GLY T 110 1.25 -72.74 52.90
CA GLY T 110 0.18 -73.63 53.31
C GLY T 110 -0.46 -74.33 52.13
N GLN T 111 -0.91 -75.57 52.37
CA GLN T 111 -1.58 -76.32 51.32
C GLN T 111 -2.91 -75.69 50.94
N GLY T 112 -3.67 -75.25 51.93
CA GLY T 112 -4.88 -74.50 51.69
C GLY T 112 -6.09 -75.39 51.41
N THR T 113 -7.27 -74.77 51.50
CA THR T 113 -8.54 -75.43 51.23
C THR T 113 -9.37 -74.56 50.29
N GLN T 114 -10.06 -75.22 49.37
CA GLN T 114 -10.92 -74.52 48.41
C GLN T 114 -12.30 -74.29 49.01
N VAL T 115 -12.76 -73.04 48.97
CA VAL T 115 -14.05 -72.65 49.49
C VAL T 115 -14.90 -72.17 48.32
N THR T 116 -16.06 -72.80 48.13
CA THR T 116 -16.96 -72.47 47.04
C THR T 116 -18.25 -71.89 47.60
N VAL T 117 -18.70 -70.78 47.02
CA VAL T 117 -19.91 -70.09 47.45
C VAL T 117 -20.89 -70.07 46.28
N SER T 118 -22.11 -70.51 46.53
CA SER T 118 -23.15 -70.53 45.51
C SER T 118 -24.28 -69.56 45.85
N GLN U 5 1.05 76.27 29.58
CA GLN U 5 0.57 77.41 30.35
C GLN U 5 1.74 78.36 30.60
N VAL U 6 2.86 77.78 31.02
CA VAL U 6 4.07 78.54 31.35
C VAL U 6 5.10 78.27 30.27
N GLN U 7 5.62 79.33 29.68
CA GLN U 7 6.60 79.24 28.60
C GLN U 7 7.89 79.89 29.06
N LEU U 8 9.02 79.28 28.70
CA LEU U 8 10.32 79.72 29.17
C LEU U 8 11.12 80.23 27.97
N VAL U 9 11.52 81.51 28.02
CA VAL U 9 12.20 82.17 26.90
C VAL U 9 13.63 82.47 27.31
N GLU U 10 14.58 82.10 26.45
CA GLU U 10 16.00 82.27 26.74
C GLU U 10 16.68 83.01 25.61
N SER U 11 17.69 83.80 25.96
CA SER U 11 18.45 84.57 24.99
C SER U 11 19.85 84.81 25.53
N GLY U 12 20.75 85.19 24.63
CA GLY U 12 22.13 85.47 24.98
C GLY U 12 23.16 84.50 24.46
N GLY U 13 22.78 83.57 23.59
CA GLY U 13 23.73 82.62 23.05
C GLY U 13 24.73 83.28 22.12
N GLY U 14 25.87 82.60 21.95
CA GLY U 14 26.91 83.13 21.09
C GLY U 14 28.13 82.23 21.11
N SER U 15 29.22 82.74 20.55
CA SER U 15 30.48 82.03 20.47
C SER U 15 31.54 82.81 21.24
N VAL U 16 32.03 82.22 22.33
CA VAL U 16 33.04 82.84 23.18
C VAL U 16 34.15 81.83 23.42
N GLN U 17 35.40 82.28 23.30
CA GLN U 17 36.55 81.40 23.50
C GLN U 17 36.62 80.97 24.97
N ALA U 18 37.60 80.10 25.25
CA ALA U 18 37.78 79.58 26.60
C ALA U 18 38.15 80.69 27.57
N GLY U 19 37.66 80.59 28.80
CA GLY U 19 37.94 81.57 29.82
C GLY U 19 37.04 82.79 29.81
N GLY U 20 36.09 82.86 28.89
CA GLY U 20 35.20 84.00 28.80
C GLY U 20 34.09 83.96 29.82
N SER U 21 33.30 85.03 29.84
CA SER U 21 32.15 85.16 30.72
C SER U 21 30.89 85.31 29.88
N LEU U 22 29.90 84.47 30.16
CA LEU U 22 28.62 84.50 29.46
C LEU U 22 27.48 84.46 30.45
N ARG U 23 26.40 85.14 30.10
CA ARG U 23 25.20 85.20 30.94
C ARG U 23 23.99 84.91 30.07
N LEU U 24 23.26 83.86 30.41
CA LEU U 24 22.07 83.45 29.67
C LEU U 24 20.82 83.79 30.47
N SER U 25 19.88 84.46 29.82
CA SER U 25 18.60 84.76 30.44
C SER U 25 17.63 83.61 30.18
N CYS U 26 16.63 83.50 31.05
CA CYS U 26 15.64 82.42 30.94
C CYS U 26 14.33 82.98 31.51
N ALA U 27 13.49 83.53 30.63
CA ALA U 27 12.33 84.30 31.04
C ALA U 27 11.12 83.40 31.22
N ALA U 28 10.46 83.52 32.37
CA ALA U 28 9.28 82.73 32.70
C ALA U 28 8.05 83.62 32.67
N SER U 29 7.01 83.16 31.96
CA SER U 29 5.75 83.87 31.89
C SER U 29 4.61 82.89 32.12
N GLY U 30 3.70 83.25 33.03
CA GLY U 30 2.56 82.40 33.35
C GLY U 30 2.39 82.16 34.83
N ASN U 31 1.88 80.98 35.21
CA ASN U 31 1.72 80.62 36.61
C ASN U 31 3.06 80.13 37.15
N ILE U 32 3.87 81.08 37.61
CA ILE U 32 5.17 80.77 38.19
C ILE U 32 5.09 80.61 39.71
N ARG U 33 3.92 80.88 40.31
CA ARG U 33 3.80 80.74 41.76
C ARG U 33 3.97 79.29 42.19
N ASN U 34 3.29 78.35 41.51
CA ASN U 34 3.38 76.94 41.86
C ASN U 34 4.77 76.36 41.60
N ILE U 35 5.59 77.02 40.79
CA ILE U 35 6.86 76.44 40.36
C ILE U 35 7.85 76.49 41.51
N SER U 36 8.41 75.32 41.86
CA SER U 36 9.41 75.19 42.91
C SER U 36 10.80 74.87 42.39
N TYR U 37 11.00 74.85 41.07
CA TYR U 37 12.26 74.45 40.46
C TYR U 37 12.63 75.45 39.35
N LEU U 38 13.85 75.99 39.42
CA LEU U 38 14.43 76.81 38.35
C LEU U 38 15.91 76.45 38.21
N GLY U 39 16.31 76.04 37.02
CA GLY U 39 17.68 75.59 36.79
C GLY U 39 17.97 75.43 35.32
N TRP U 40 19.10 74.81 35.02
CA TRP U 40 19.58 74.69 33.65
C TRP U 40 20.01 73.26 33.33
N PHE U 41 19.84 72.89 32.06
CA PHE U 41 20.27 71.60 31.54
C PHE U 41 21.03 71.79 30.24
N ARG U 42 21.99 70.89 29.99
CA ARG U 42 22.77 70.93 28.76
C ARG U 42 22.84 69.55 28.13
N GLN U 43 22.80 69.53 26.79
CA GLN U 43 22.95 68.30 26.02
C GLN U 43 23.82 68.58 24.81
N ALA U 44 24.75 67.67 24.54
CA ALA U 44 25.64 67.75 23.40
C ALA U 44 25.46 66.55 22.50
N PRO U 45 25.76 66.66 21.20
CA PRO U 45 25.55 65.53 20.29
C PRO U 45 26.38 64.32 20.70
N GLY U 46 25.79 63.14 20.53
CA GLY U 46 26.44 61.90 20.89
C GLY U 46 26.38 61.52 22.35
N LYS U 47 25.67 62.29 23.17
CA LYS U 47 25.58 61.98 24.60
C LYS U 47 24.26 62.53 25.14
N GLU U 48 23.94 62.12 26.36
CA GLU U 48 22.64 62.43 26.97
C GLU U 48 22.67 63.85 27.54
N ARG U 49 21.59 64.22 28.24
CA ARG U 49 21.41 65.56 28.78
C ARG U 49 21.58 65.53 30.28
N GLU U 50 22.41 66.43 30.81
CA GLU U 50 22.66 66.55 32.23
C GLU U 50 22.24 67.92 32.72
N GLY U 51 22.29 68.10 34.03
CA GLY U 51 21.93 69.36 34.68
C GLY U 51 23.15 69.98 35.36
N VAL U 52 23.27 71.30 35.26
CA VAL U 52 24.38 72.01 35.85
C VAL U 52 24.03 72.56 37.24
N ALA U 53 22.98 73.36 37.33
CA ALA U 53 22.58 73.98 38.59
C ALA U 53 21.07 74.12 38.64
N ALA U 54 20.54 74.13 39.86
CA ALA U 54 19.10 74.18 40.08
C ALA U 54 18.87 74.62 41.51
N LEU U 55 17.63 75.03 41.81
CA LEU U 55 17.31 75.53 43.13
C LEU U 55 15.89 75.18 43.55
N TRP U 56 15.76 74.64 44.77
CA TRP U 56 14.48 74.56 45.50
C TRP U 56 14.11 75.97 45.93
N THR U 57 13.23 76.63 45.17
CA THR U 57 12.79 77.95 45.60
C THR U 57 12.06 77.89 46.94
N THR U 58 11.33 76.80 47.21
CA THR U 58 10.59 76.71 48.45
C THR U 58 11.53 76.63 49.65
N GLN U 59 12.63 75.87 49.53
CA GLN U 59 13.55 75.66 50.63
C GLN U 59 14.78 76.55 50.57
N GLY U 60 15.26 76.88 49.37
CA GLY U 60 16.36 77.82 49.20
C GLY U 60 17.71 77.20 48.90
N GLN U 61 17.89 75.90 49.14
CA GLN U 61 19.16 75.28 48.82
C GLN U 61 19.33 75.12 47.31
N THR U 62 20.58 75.08 46.88
CA THR U 62 20.92 75.01 45.47
C THR U 62 21.85 73.82 45.22
N TYR U 63 21.91 73.41 43.95
CA TYR U 63 22.75 72.31 43.50
C TYR U 63 23.66 72.80 42.39
N TYR U 64 24.87 72.25 42.34
CA TYR U 64 25.82 72.54 41.28
C TYR U 64 26.49 71.24 40.86
N ALA U 65 26.66 71.06 39.54
CA ALA U 65 27.28 69.86 39.03
C ALA U 65 28.78 69.85 39.35
N ASP U 66 29.38 68.67 39.27
CA ASP U 66 30.79 68.53 39.61
C ASP U 66 31.68 69.32 38.65
N SER U 67 31.38 69.29 37.36
CA SER U 67 32.08 70.12 36.40
C SER U 67 31.64 71.57 36.44
N VAL U 68 30.92 71.96 37.50
CA VAL U 68 30.31 73.28 37.59
C VAL U 68 30.84 73.99 38.82
N LYS U 69 31.19 73.22 39.86
CA LYS U 69 31.61 73.78 41.13
C LYS U 69 32.85 74.66 40.95
N GLY U 70 32.76 75.90 41.44
CA GLY U 70 33.85 76.84 41.33
C GLY U 70 34.01 77.47 39.96
N ARG U 71 33.11 77.18 39.02
CA ARG U 71 33.24 77.65 37.65
C ARG U 71 32.04 78.51 37.24
N PHE U 72 30.83 78.09 37.58
CA PHE U 72 29.62 78.84 37.26
C PHE U 72 28.76 79.02 38.50
N THR U 73 27.92 80.05 38.48
CA THR U 73 26.86 80.24 39.45
C THR U 73 25.57 80.59 38.72
N VAL U 74 24.44 80.35 39.39
CA VAL U 74 23.13 80.67 38.84
C VAL U 74 22.41 81.59 39.82
N SER U 75 21.90 82.71 39.32
CA SER U 75 21.24 83.71 40.13
C SER U 75 19.77 83.80 39.75
N LEU U 76 18.94 84.06 40.75
CA LEU U 76 17.48 84.06 40.61
C LEU U 76 16.91 85.39 41.09
N ASP U 77 16.06 86.00 40.27
CA ASP U 77 15.47 87.31 40.54
C ASP U 77 13.97 87.14 40.74
N ASN U 78 13.49 87.43 41.95
CA ASN U 78 12.06 87.35 42.21
C ASN U 78 11.28 88.36 41.39
N ALA U 79 11.76 89.61 41.32
CA ALA U 79 11.01 90.67 40.65
C ALA U 79 10.86 90.37 39.16
N LYS U 80 11.93 89.90 38.52
CA LYS U 80 11.87 89.59 37.11
C LYS U 80 11.25 88.22 36.84
N ASN U 81 11.18 87.35 37.84
CA ASN U 81 10.71 85.97 37.67
C ASN U 81 11.48 85.27 36.56
N THR U 82 12.78 85.49 36.52
CA THR U 82 13.67 84.93 35.52
C THR U 82 14.85 84.25 36.21
N VAL U 83 15.65 83.54 35.42
CA VAL U 83 16.84 82.84 35.91
C VAL U 83 18.04 83.27 35.08
N TYR U 84 19.13 83.60 35.76
CA TYR U 84 20.36 84.04 35.12
C TYR U 84 21.52 83.18 35.63
N LEU U 85 22.46 82.88 34.72
CA LEU U 85 23.67 82.15 35.07
C LEU U 85 24.88 82.99 34.69
N GLN U 86 25.99 82.72 35.37
CA GLN U 86 27.27 83.35 35.06
C GLN U 86 28.28 82.26 34.72
N MET U 87 28.49 82.07 33.42
CA MET U 87 29.37 81.01 32.90
C MET U 87 30.78 81.58 32.81
N ASN U 88 31.66 81.16 33.72
CA ASN U 88 33.02 81.69 33.78
C ASN U 88 34.04 80.60 33.53
N SER U 89 35.19 81.01 32.99
CA SER U 89 36.31 80.12 32.66
C SER U 89 35.85 78.99 31.73
N LEU U 90 35.39 79.39 30.54
CA LEU U 90 34.79 78.46 29.62
C LEU U 90 35.81 77.44 29.10
N LYS U 91 35.30 76.29 28.68
CA LYS U 91 36.10 75.22 28.11
C LYS U 91 35.42 74.70 26.86
N PRO U 92 36.15 74.02 25.97
CA PRO U 92 35.50 73.40 24.81
C PRO U 92 34.50 72.31 25.17
N GLU U 93 34.57 71.76 26.38
CA GLU U 93 33.60 70.76 26.81
C GLU U 93 32.20 71.33 26.98
N ASP U 94 32.05 72.65 26.96
CA ASP U 94 30.76 73.31 27.10
C ASP U 94 30.04 73.53 25.77
N THR U 95 30.59 73.01 24.67
CA THR U 95 29.92 73.17 23.38
C THR U 95 28.69 72.27 23.32
N ALA U 96 27.54 72.82 23.71
CA ALA U 96 26.32 72.03 23.81
C ALA U 96 25.12 72.96 23.87
N LEU U 97 23.96 72.41 23.53
CA LEU U 97 22.71 73.12 23.72
C LEU U 97 22.42 73.29 25.20
N TYR U 98 21.79 74.40 25.56
CA TYR U 98 21.48 74.72 26.94
C TYR U 98 19.98 74.98 27.08
N TYR U 99 19.40 74.43 28.14
CA TYR U 99 17.97 74.53 28.41
C TYR U 99 17.77 74.87 29.88
N CYS U 100 16.72 75.64 30.17
CA CYS U 100 16.28 75.83 31.54
C CYS U 100 14.90 75.20 31.70
N ALA U 101 14.69 74.55 32.84
CA ALA U 101 13.49 73.77 33.07
C ALA U 101 12.82 74.23 34.36
N ALA U 102 11.60 73.72 34.58
CA ALA U 102 10.82 74.06 35.75
C ALA U 102 10.05 72.83 36.21
N ALA U 103 9.70 72.81 37.49
CA ALA U 103 9.01 71.69 38.09
C ALA U 103 8.24 72.14 39.33
N THR U 104 7.30 71.32 39.76
CA THR U 104 6.38 71.68 40.84
C THR U 104 6.50 70.79 42.07
N SER U 105 7.51 69.91 42.12
CA SER U 105 7.71 68.99 43.24
C SER U 105 6.47 68.12 43.46
N GLY U 106 6.20 67.29 42.45
CA GLY U 106 4.95 66.56 42.41
C GLY U 106 4.83 65.55 43.53
N GLN U 107 3.57 65.25 43.89
CA GLN U 107 3.27 64.30 44.93
C GLN U 107 3.55 62.87 44.46
N TYR U 108 3.36 61.90 45.36
CA TYR U 108 3.64 60.50 45.07
C TYR U 108 2.55 59.64 45.72
N ASN U 109 1.53 59.31 44.94
CA ASN U 109 0.72 58.29 45.58
C ASN U 109 1.28 56.91 45.26
N PRO U 110 1.32 56.00 46.24
CA PRO U 110 2.03 54.73 46.03
C PRO U 110 1.44 53.84 44.95
N LEU U 111 0.19 54.06 44.56
CA LEU U 111 -0.45 53.19 43.59
C LEU U 111 -0.20 53.65 42.14
N ARG U 112 -0.35 54.94 41.88
CA ARG U 112 -0.18 55.46 40.52
C ARG U 112 1.27 55.86 40.23
N GLY U 113 1.82 56.76 41.03
CA GLY U 113 3.19 57.18 40.88
C GLY U 113 3.31 58.68 40.96
N TYR U 114 4.52 59.18 40.70
CA TYR U 114 4.77 60.61 40.72
C TYR U 114 4.00 61.31 39.61
N HIS U 115 3.36 62.42 39.95
CA HIS U 115 2.70 63.27 38.97
C HIS U 115 3.05 64.72 39.27
N TYR U 116 3.51 65.44 38.26
CA TYR U 116 3.97 66.82 38.44
C TYR U 116 3.78 67.58 37.14
N ASN U 117 4.28 68.81 37.11
CA ASN U 117 4.24 69.68 35.94
C ASN U 117 5.65 70.10 35.59
N GLU U 118 5.98 70.08 34.30
CA GLU U 118 7.33 70.33 33.84
C GLU U 118 7.30 71.18 32.59
N TYR U 119 8.29 72.07 32.46
CA TYR U 119 8.37 73.03 31.37
C TYR U 119 9.81 73.16 30.91
N TRP U 120 9.99 73.60 29.66
CA TRP U 120 11.31 73.68 29.06
C TRP U 120 11.43 74.87 28.13
N GLY U 121 12.68 75.25 27.88
CA GLY U 121 13.00 76.23 26.86
C GLY U 121 14.28 75.82 26.16
N GLN U 122 14.43 76.27 24.92
CA GLN U 122 15.50 75.83 24.04
C GLN U 122 16.51 76.96 23.82
N GLY U 123 17.78 76.68 24.09
CA GLY U 123 18.84 77.64 23.86
C GLY U 123 20.12 76.94 23.43
N THR U 124 21.09 77.76 23.00
CA THR U 124 22.36 77.26 22.47
C THR U 124 23.53 78.02 23.08
N GLN U 125 24.67 77.33 23.19
CA GLN U 125 25.90 77.95 23.68
C GLN U 125 27.07 77.12 23.17
N VAL U 126 27.83 77.65 22.22
CA VAL U 126 28.97 76.96 21.62
C VAL U 126 30.21 77.82 21.82
N THR U 127 31.29 77.20 22.29
CA THR U 127 32.56 77.89 22.48
C THR U 127 33.51 77.53 21.35
N VAL U 128 34.10 78.54 20.73
CA VAL U 128 35.02 78.31 19.62
C VAL U 128 36.26 77.56 20.09
N SER U 129 36.87 78.03 21.18
CA SER U 129 38.08 77.42 21.71
C SER U 129 38.28 77.80 23.16
C1 PLC V . -25.06 39.65 14.03
C2 PLC V . -25.63 38.49 13.24
C3 PLC V . -24.63 37.67 12.46
C4 PLC V . -23.63 42.63 12.50
C5 PLC V . -23.00 41.73 11.45
C6 PLC V . -20.89 40.98 10.40
C7 PLC V . -21.68 39.97 12.45
C8 PLC V . -20.78 42.21 12.49
C' PLC V . -27.57 37.97 14.52
C1' PLC V . -28.04 37.08 15.64
C2' PLC V . -27.55 35.65 15.54
C3' PLC V . -28.65 34.65 15.88
C4' PLC V . -28.56 34.12 17.31
C5' PLC V . -29.22 35.03 18.34
C6' PLC V . -30.67 35.37 18.01
C7' PLC V . -31.39 36.06 19.16
C8' PLC V . -31.63 35.16 20.35
C9' PLC V . -32.87 34.28 20.21
CA' PLC V . -34.16 35.08 20.16
CB' PLC V . -35.40 34.20 20.11
CB PLC V . -23.70 35.52 12.56
C1B PLC V . -24.07 34.06 12.60
C2B PLC V . -24.60 33.54 11.28
C3B PLC V . -24.65 32.02 11.24
C4B PLC V . -25.49 31.42 12.37
C5B PLC V . -25.54 29.90 12.33
C6B PLC V . -25.96 29.28 13.66
C7B PLC V . -25.72 27.78 13.75
C8B PLC V . -24.58 27.30 12.87
C9B PLC V . -23.65 26.32 13.58
CAA PLC V . -22.73 26.98 14.59
CBA PLC V . -21.68 26.03 15.15
O' PLC V . -28.20 38.89 14.06
OB PLC V . -22.58 35.95 12.37
O2 PLC V . -26.36 37.59 14.09
O3 PLC V . -24.76 36.29 12.77
O1P PLC V . -25.28 42.40 15.85
O2P PLC V . -26.11 43.26 13.56
O3P PLC V . -25.97 40.73 14.04
O4P PLC V . -23.93 41.94 13.69
N PLC V . -21.58 41.24 11.69
P PLC V . -25.40 42.22 14.37
C1 PLC W . -33.20 29.29 -12.47
C2 PLC W . -33.15 27.78 -12.52
C3 PLC W . -31.89 27.15 -12.00
C4 PLC W . -32.11 32.58 -13.77
C5 PLC W . -31.30 31.62 -14.60
C6 PLC W . -29.24 30.33 -15.03
C7 PLC W . -29.90 30.89 -12.77
C8 PLC W . -29.05 32.62 -14.24
C' PLC W . -35.44 27.12 -12.37
C1' PLC W . -36.42 26.42 -11.47
C2' PLC W . -35.83 26.00 -10.14
C3' PLC W . -36.60 24.83 -9.53
C4' PLC W . -37.22 25.17 -8.19
C5' PLC W . -38.51 25.96 -8.30
C6' PLC W . -39.66 25.14 -8.87
C7' PLC W . -41.03 25.75 -8.58
C8' PLC W . -41.45 25.60 -7.12
C9' PLC W . -42.35 24.39 -6.87
CA' PLC W . -43.66 24.45 -7.63
CB' PLC W . -44.62 23.32 -7.26
CB PLC W . -31.45 24.84 -11.88
C1B PLC W . -32.13 23.54 -11.54
C2B PLC W . -31.48 22.32 -12.21
C3B PLC W . -30.27 21.83 -11.43
C4B PLC W . -30.62 21.40 -10.01
C5B PLC W . -31.66 20.29 -9.94
C6B PLC W . -32.17 20.04 -8.53
C7B PLC W . -31.85 18.65 -8.00
C8B PLC W . -30.35 18.34 -7.99
C9B PLC W . -29.72 18.42 -6.60
CAA PLC W . -29.47 19.85 -6.13
CBA PLC W . -28.84 19.91 -4.74
O' PLC W . -35.70 27.57 -13.46
OB PLC W . -30.40 24.96 -12.45
O2 PLC W . -34.24 27.20 -11.80
O3 PLC W . -32.18 25.87 -11.46
O1P PLC W . -35.52 31.41 -12.59
O2P PLC W . -34.56 31.92 -14.92
O3P PLC W . -33.81 29.81 -13.64
O4P PLC W . -33.01 31.93 -12.90
N PLC W . -29.87 31.37 -14.18
P PLC W . -34.39 31.34 -13.56
C1 PLC X . -30.95 9.29 -33.86
C2 PLC X . -30.38 7.94 -33.46
C3 PLC X . -29.06 7.96 -32.74
C4 PLC X . -28.31 10.65 -36.05
C5 PLC X . -27.16 10.20 -35.17
C6 PLC X . -25.12 10.75 -33.89
C7 PLC X . -27.30 11.56 -33.18
C8 PLC X . -26.25 12.51 -35.12
C' PLC X . -32.28 6.50 -33.24
C1' PLC X . -32.81 5.44 -32.32
C2' PLC X . -32.61 5.74 -30.84
C3' PLC X . -33.05 4.58 -29.97
C4' PLC X . -34.09 4.97 -28.94
C5' PLC X . -35.34 5.59 -29.56
C6' PLC X . -36.19 4.61 -30.35
C7' PLC X . -37.64 5.05 -30.50
C8' PLC X . -38.35 5.19 -29.17
C9' PLC X . -38.95 3.87 -28.66
CA' PLC X . -40.15 3.40 -29.47
CB' PLC X . -40.91 2.27 -28.80
CB PLC X . -28.35 6.26 -31.27
C1B PLC X . -28.70 5.54 -30.01
C2B PLC X . -28.36 4.06 -30.02
C3B PLC X . -26.94 3.80 -29.57
C4B PLC X . -26.81 3.74 -28.04
C5B PLC X . -27.82 2.79 -27.41
C6B PLC X . -27.65 2.68 -25.90
C7B PLC X . -26.47 1.81 -25.47
C8B PLC X . -25.75 2.31 -24.22
C9B PLC X . -26.66 2.45 -23.01
CAA PLC X . -26.89 3.90 -22.59
CBA PLC X . -26.59 4.15 -21.11
O' PLC X . -32.68 6.72 -34.35
OB PLC X . -27.44 5.98 -32.01
O2 PLC X . -31.30 7.19 -32.66
O3 PLC X . -29.18 7.28 -31.49
O1P PLC X . -31.83 11.65 -36.08
O2P PLC X . -30.56 9.93 -37.53
O3P PLC X . -31.40 9.27 -35.19
O4P PLC X . -29.53 10.76 -35.34
N PLC X . -26.44 11.25 -34.36
P PLC X . -30.91 10.47 -36.18
C1 PLC Y . -16.20 -15.50 -42.56
C2 PLC Y . -15.83 -16.57 -41.54
C3 PLC Y . -14.72 -16.20 -40.59
C4 PLC Y . -14.03 -13.24 -44.52
C5 PLC Y . -12.95 -13.70 -43.56
C6 PLC Y . -11.37 -13.27 -41.71
C7 PLC Y . -13.73 -12.76 -41.49
C8 PLC Y . -12.33 -11.39 -42.90
C' PLC Y . -17.80 -17.89 -41.24
C1' PLC Y . -18.44 -18.66 -40.12
C2' PLC Y . -18.48 -17.91 -38.80
C3' PLC Y . -18.91 -18.82 -37.66
C4' PLC Y . -20.24 -18.43 -37.04
C5' PLC Y . -21.39 -18.44 -38.02
C6' PLC Y . -21.66 -19.81 -38.64
C7' PLC Y . -22.97 -19.87 -39.41
C8' PLC Y . -24.20 -19.72 -38.53
C9' PLC Y . -24.70 -21.04 -37.95
CA' PLC Y . -25.28 -21.98 -39.01
CB' PLC Y . -25.98 -23.18 -38.42
CB PLC Y . -14.47 -15.88 -38.28
C1B PLC Y . -14.82 -16.46 -36.93
C2B PLC Y . -13.83 -17.52 -36.46
C3B PLC Y . -12.99 -17.04 -35.29
C4B PLC Y . -13.82 -16.79 -34.03
C5B PLC Y . -14.54 -18.04 -33.54
C6B PLC Y . -15.83 -17.72 -32.81
C7B PLC Y . -15.84 -18.14 -31.34
C8B PLC Y . -14.70 -17.50 -30.54
C9B PLC Y . -15.19 -16.76 -29.30
CAA PLC Y . -15.96 -15.48 -29.63
CBA PLC Y . -16.34 -14.69 -28.39
O' PLC Y . -18.01 -18.07 -42.41
OB PLC Y . -13.73 -14.95 -38.45
O2 PLC Y . -16.96 -16.96 -40.77
O3 PLC Y . -15.10 -16.52 -39.25
O1P PLC Y . -17.34 -14.53 -45.52
O2P PLC Y . -14.95 -15.32 -46.12
O3P PLC Y . -16.02 -16.00 -43.87
O4P PLC Y . -15.30 -13.72 -44.15
N PLC Y . -12.58 -12.78 -42.43
P PLC Y . -15.95 -14.90 -45.09
C1 PLC Z . 5.05 -35.48 -36.13
C2 PLC Z . 5.16 -35.87 -34.66
C3 PLC Z . 5.55 -34.75 -33.73
C4 PLC Z . 7.58 -34.20 -38.35
C5 PLC Z . 7.90 -33.35 -37.15
C6 PLC Z . 8.45 -31.12 -36.22
C7 PLC Z . 6.26 -31.58 -37.12
C8 PLC Z . 8.14 -31.35 -38.62
C' PLC Z . 3.60 -37.69 -34.50
C1' PLC Z . 2.51 -38.20 -33.61
C2' PLC Z . 1.95 -37.18 -32.63
C3' PLC Z . 1.26 -37.86 -31.45
C4' PLC Z . -0.26 -37.71 -31.47
C5' PLC Z . -0.93 -38.49 -32.60
C6' PLC Z . -0.60 -39.97 -32.59
C7' PLC Z . -1.39 -40.76 -33.64
C8' PLC Z . -2.90 -40.71 -33.41
C9' PLC Z . -3.35 -41.48 -32.17
CA' PLC Z . -3.25 -42.98 -32.32
CB' PLC Z . -3.95 -43.74 -31.18
CB PLC Z . 4.89 -33.82 -31.67
C1B PLC Z . 4.30 -34.18 -30.34
C2B PLC Z . 5.29 -34.13 -29.19
C3B PLC Z . 5.11 -32.89 -28.34
C4B PLC Z . 3.78 -32.86 -27.61
C5B PLC Z . 3.68 -33.87 -26.48
C6B PLC Z . 2.25 -34.09 -25.99
C7B PLC Z . 2.17 -34.85 -24.68
C8B PLC Z . 2.51 -34.01 -23.46
C9B PLC Z . 1.35 -33.16 -22.95
CAA PLC Z . 1.45 -31.70 -23.35
CBA PLC Z . 0.23 -30.88 -22.95
O' PLC Z . 4.11 -38.32 -35.39
OB PLC Z . 5.36 -32.75 -31.96
O2 PLC Z . 3.95 -36.45 -34.18
O3 PLC Z . 4.83 -34.84 -32.52
O1P PLC Z . 4.42 -36.28 -39.05
O2P PLC Z . 6.94 -36.86 -39.21
O3P PLC Z . 5.87 -36.33 -36.92
O4P PLC Z . 6.22 -34.52 -38.45
N PLC Z . 7.71 -31.85 -37.28
P PLC Z . 5.82 -36.11 -38.54
C1 PLC AA . 24.76 -44.59 -16.56
C2 PLC AA . 24.49 -44.38 -15.09
C3 PLC AA . 24.31 -42.95 -14.67
C4 PLC AA . 27.30 -43.97 -19.06
C5 PLC AA . 27.44 -42.65 -18.33
C6 PLC AA . 27.59 -40.19 -18.28
C7 PLC AA . 25.99 -41.30 -19.71
C8 PLC AA . 28.35 -41.38 -20.25
C' PLC AA . 23.42 -46.45 -14.57
C1' PLC AA . 22.06 -47.08 -14.52
C2' PLC AA . 20.96 -46.12 -14.12
C3' PLC AA . 20.39 -46.49 -12.74
C4' PLC AA . 18.87 -46.67 -12.76
C5' PLC AA . 18.42 -47.79 -13.69
C6' PLC AA . 18.95 -49.17 -13.32
C7' PLC AA . 18.79 -50.19 -14.44
C8' PLC AA . 17.34 -50.45 -14.82
C9' PLC AA . 16.54 -51.15 -13.73
CA' PLC AA . 17.14 -52.49 -13.34
CB' PLC AA . 16.38 -53.17 -12.20
CB PLC AA . 23.03 -41.73 -13.14
C1B PLC AA . 22.73 -41.61 -11.67
C2B PLC AA . 23.19 -40.30 -11.05
C3B PLC AA . 22.27 -39.14 -11.41
C4B PLC AA . 20.81 -39.43 -11.09
C5B PLC AA . 20.53 -39.49 -9.59
C6B PLC AA . 19.14 -40.03 -9.26
C7B PLC AA . 18.57 -39.46 -7.96
C8B PLC AA . 18.33 -37.96 -8.02
C9B PLC AA . 17.02 -37.58 -8.69
CAA PLC AA . 17.17 -37.13 -10.13
CBA PLC AA . 15.84 -36.92 -10.85
O' PLC AA . 24.46 -47.05 -14.56
OB PLC AA . 22.74 -40.93 -13.99
O2 PLC AA . 23.34 -45.12 -14.66
O3 PLC AA . 23.67 -42.85 -13.41
O1P PLC AA . 24.78 -46.81 -18.75
O2P PLC AA . 27.35 -46.71 -18.43
O3P PLC AA . 25.76 -45.56 -16.74
O4P PLC AA . 26.03 -44.55 -18.88
N PLC AA . 27.37 -41.38 -19.13
P PLC AA . 25.99 -46.08 -18.27
#